data_3HBL
#
_entry.id   3HBL
#
_cell.length_a   96.532
_cell.length_b   257.154
_cell.length_c   130.318
_cell.angle_alpha   90.000
_cell.angle_beta   114.350
_cell.angle_gamma   90.000
#
_symmetry.space_group_name_H-M   'P 1 21 1'
#
loop_
_entity.id
_entity.type
_entity.pdbx_description
1 polymer 'Pyruvate carboxylase'
2 non-polymer 5-(HEXAHYDRO-2-OXO-1H-THIENO[3,4-D]IMIDAZOL-6-YL)PENTANAL
3 non-polymer 'MANGANESE (II) ION'
4 non-polymer "ADENOSINE-5'-DIPHOSPHATE"
#
_entity_poly.entity_id   1
_entity_poly.type   'polypeptide(L)'
_entity_poly.pdbx_seq_one_letter_code
;MKQIKKLLVANRGEIAIRIFRAAAELDISTVAIYSNEDKSSLHRYKADESYLVGSDLGPAESYLNIERIIDVAKQANVDA
IHPGYGFLSENEQFARRCAEEGIKFIGPHLEHLDMFGDKVKARTTAIKADLPVIPGTDGPIKSYELAKEFAEEAGFPLMI
KATSGGGGKGMRIVREESELEDAFHRAKSEAEKSFGNSEVYIERYIDNPKHIEVQVIGDEHGNIVHLFERDCSVQRRHQK
VVEVAPSVGLSPTLRQRICDAAIQLMENIKYVNAGTVEFLVSGDEFFFIEVNPRVQVEHTITEMVTGIDIVKTQILVAAG
ADLFGEEINMPQQKDITTLGYAIQCRITTEDPLNDFMPDTGTIIAYRSSGGFGVRLDAGDGFQGAEISPYYDSLLVKLST
HAISFKQAEEKMVRSLREMRIRGVKTNIPFLINVMKNKKFTSGDYTTKFIEETPELFDIQPSLDRGTKTLEYIGNVTING
FPNVEKRPKPDYELASIPTVSSSKIASFSGTKQLLDEVGPKGVAEWVKKQDDVLLTDTTFRDAHQSLLATRVRTKDMINI
ASKTADVFKDGFSLEMWGGATFDVAYNFLKENPWERLERLRKAIPNVLFQMLLRASNAVGYKNYPDNVIHKFVQESAKAG
IDVFRIFDSLNWVDQMKVANEAVQEAGKISEGTICYTGDILNPERSNIYTLEYYVKLAKELEREGFHILAIKDMAGLLKP
KAAYELIGELKSAVDLPIHLHTHDTSGNGLLTYKQAIDAGVDIIDTAVASMSGLTSQPSANSLYYALNGFPRHLRTDIEG
MESLSHYWSTVRTYYSDFESDIKSPNTEIYQHEMPGGQYSNLSQQAKSLGLGERFDEVKDMYRRVNFLFGDIVKVAPSSK
VVGDMALYMVQNDLDEQSVITDGYKLDFPESVVSFFKGEIGQPVNGFNKDLQAVILKGQEALTARPGEYLEPVDFEKVRE
LLEEEQQGPVTEQDIISYVLYPKVYEQYIQTRNQYGNLSLLDTPTFFFGMRNGETVEIEIDKGKRLIIKLETISEPDENG
NRTIYYAMNGQARRIYIKDENVHTNANVKPKADKSNPSHIGAQMPGSVTEVKVSVGETVKANQPLLITEAMKMETTIQAP
FDGVIKQVTVNNGDTIATGDLLIEIEKATD
;
_entity_poly.pdbx_strand_id   A,B,C,D
#
loop_
_chem_comp.id
_chem_comp.type
_chem_comp.name
_chem_comp.formula
ADP non-polymer ADENOSINE-5'-DIPHOSPHATE 'C10 H15 N5 O10 P2'
BTI non-polymer 5-(HEXAHYDRO-2-OXO-1H-THIENO[3,4-D]IMIDAZOL-6-YL)PENTANAL 'C10 H16 N2 O2 S'
MN non-polymer 'MANGANESE (II) ION' 'Mn 2'
#
# COMPACT_ATOMS: atom_id res chain seq x y z
N GLN A 3 -37.34 -2.00 -54.53
CA GLN A 3 -36.87 -3.43 -54.57
C GLN A 3 -35.52 -3.64 -53.89
N ILE A 4 -35.08 -2.63 -53.12
CA ILE A 4 -33.82 -2.70 -52.38
C ILE A 4 -34.10 -2.83 -50.88
N LYS A 5 -34.08 -4.07 -50.38
CA LYS A 5 -34.33 -4.34 -48.97
C LYS A 5 -33.08 -4.00 -48.17
N LYS A 6 -31.95 -4.57 -48.56
CA LYS A 6 -30.72 -4.52 -47.78
C LYS A 6 -29.55 -4.01 -48.61
N LEU A 7 -28.79 -3.08 -48.04
CA LEU A 7 -27.74 -2.36 -48.77
C LEU A 7 -26.36 -2.57 -48.16
N LEU A 8 -25.35 -2.77 -48.99
CA LEU A 8 -23.98 -2.87 -48.53
C LEU A 8 -23.17 -1.69 -49.06
N VAL A 9 -22.33 -1.11 -48.20
CA VAL A 9 -21.37 -0.11 -48.66
C VAL A 9 -20.00 -0.73 -48.78
N ALA A 10 -19.43 -0.65 -49.97
CA ALA A 10 -18.10 -1.17 -50.25
C ALA A 10 -17.08 -0.05 -50.06
N ASN A 11 -17.12 0.56 -48.88
CA ASN A 11 -16.25 1.67 -48.56
C ASN A 11 -16.06 1.84 -47.06
N ARG A 12 -15.54 3.00 -46.68
CA ARG A 12 -15.23 3.33 -45.30
C ARG A 12 -15.33 4.84 -45.13
N GLY A 13 -15.25 5.30 -43.90
CA GLY A 13 -15.09 6.72 -43.60
C GLY A 13 -16.37 7.51 -43.73
N GLU A 14 -16.22 8.80 -44.04
CA GLU A 14 -17.35 9.72 -44.12
C GLU A 14 -18.40 9.23 -45.10
N ILE A 15 -17.94 8.69 -46.24
CA ILE A 15 -18.86 8.33 -47.31
C ILE A 15 -19.75 7.15 -46.92
N ALA A 16 -19.16 6.14 -46.29
CA ALA A 16 -19.92 4.99 -45.80
C ALA A 16 -21.02 5.48 -44.86
N ILE A 17 -20.62 6.28 -43.88
CA ILE A 17 -21.54 6.88 -42.93
C ILE A 17 -22.69 7.59 -43.65
N ARG A 18 -22.36 8.47 -44.58
CA ARG A 18 -23.33 9.26 -45.32
C ARG A 18 -24.38 8.36 -46.01
N ILE A 19 -23.91 7.31 -46.66
CA ILE A 19 -24.77 6.36 -47.32
C ILE A 19 -25.66 5.64 -46.29
N PHE A 20 -25.08 5.23 -45.17
CA PHE A 20 -25.84 4.52 -44.15
C PHE A 20 -27.03 5.35 -43.66
N ARG A 21 -26.76 6.63 -43.40
CA ARG A 21 -27.80 7.62 -43.10
C ARG A 21 -28.87 7.64 -44.20
N ALA A 22 -28.44 7.77 -45.46
CA ALA A 22 -29.36 7.88 -46.57
C ALA A 22 -30.27 6.65 -46.68
N ALA A 23 -29.68 5.47 -46.57
CA ALA A 23 -30.43 4.25 -46.72
C ALA A 23 -31.40 4.06 -45.56
N ALA A 24 -31.03 4.55 -44.38
CA ALA A 24 -31.89 4.48 -43.20
C ALA A 24 -33.14 5.35 -43.35
N GLU A 25 -32.97 6.50 -44.00
CA GLU A 25 -34.07 7.40 -44.31
C GLU A 25 -35.05 6.72 -45.27
N LEU A 26 -34.51 5.88 -46.15
CA LEU A 26 -35.33 5.12 -47.07
C LEU A 26 -35.77 3.77 -46.50
N ASP A 27 -35.58 3.57 -45.19
CA ASP A 27 -35.98 2.31 -44.53
C ASP A 27 -35.15 1.10 -44.91
N ILE A 28 -34.10 1.31 -45.69
CA ILE A 28 -33.27 0.24 -46.22
C ILE A 28 -32.23 -0.16 -45.18
N SER A 29 -32.19 -1.44 -44.85
CA SER A 29 -31.21 -1.99 -43.92
C SER A 29 -29.80 -1.87 -44.49
N THR A 30 -28.83 -1.60 -43.62
CA THR A 30 -27.43 -1.38 -44.04
C THR A 30 -26.43 -2.40 -43.51
N VAL A 31 -25.35 -2.59 -44.27
CA VAL A 31 -24.26 -3.50 -43.94
C VAL A 31 -22.93 -2.79 -44.21
N ALA A 32 -22.04 -2.77 -43.23
CA ALA A 32 -20.72 -2.18 -43.40
C ALA A 32 -19.64 -3.25 -43.50
N ILE A 33 -18.60 -2.95 -44.27
CA ILE A 33 -17.42 -3.82 -44.29
C ILE A 33 -16.24 -3.09 -43.68
N TYR A 34 -15.33 -3.85 -43.08
CA TYR A 34 -14.13 -3.27 -42.50
C TYR A 34 -12.94 -4.22 -42.62
N SER A 35 -11.75 -3.62 -42.67
CA SER A 35 -10.50 -4.35 -42.60
C SER A 35 -10.09 -4.51 -41.15
N ASN A 36 -9.02 -5.27 -40.91
CA ASN A 36 -8.47 -5.47 -39.57
C ASN A 36 -7.92 -4.19 -38.94
N GLU A 37 -7.29 -3.35 -39.76
CA GLU A 37 -6.77 -2.05 -39.29
C GLU A 37 -7.87 -0.97 -39.22
N ASP A 38 -9.10 -1.37 -39.55
CA ASP A 38 -10.26 -0.50 -39.42
C ASP A 38 -11.21 -1.00 -38.33
N LYS A 39 -10.76 -1.99 -37.57
CA LYS A 39 -11.57 -2.58 -36.50
C LYS A 39 -12.12 -1.51 -35.58
N SER A 40 -11.51 -0.32 -35.62
CA SER A 40 -11.95 0.83 -34.82
C SER A 40 -12.09 2.09 -35.69
N SER A 41 -13.09 2.08 -36.56
CA SER A 41 -13.46 3.24 -37.38
C SER A 41 -14.97 3.42 -37.31
N LEU A 42 -15.42 4.64 -37.04
CA LEU A 42 -16.84 4.92 -36.77
C LEU A 42 -17.82 4.17 -37.69
N HIS A 43 -17.56 4.23 -39.00
CA HIS A 43 -18.49 3.68 -39.99
C HIS A 43 -18.90 2.24 -39.70
N ARG A 44 -17.96 1.44 -39.21
CA ARG A 44 -18.22 0.08 -38.73
C ARG A 44 -19.42 0.00 -37.81
N TYR A 45 -19.63 1.04 -37.01
CA TYR A 45 -20.65 1.03 -35.98
C TYR A 45 -21.97 1.70 -36.39
N LYS A 46 -22.03 2.18 -37.64
CA LYS A 46 -23.17 2.97 -38.10
C LYS A 46 -24.16 2.22 -38.99
N ALA A 47 -23.74 1.07 -39.50
CA ALA A 47 -24.64 0.19 -40.24
C ALA A 47 -25.36 -0.73 -39.28
N ASP A 48 -26.43 -1.36 -39.75
CA ASP A 48 -27.21 -2.29 -38.93
C ASP A 48 -26.39 -3.53 -38.66
N GLU A 49 -25.61 -3.93 -39.66
CA GLU A 49 -24.70 -5.06 -39.55
C GLU A 49 -23.31 -4.65 -39.99
N SER A 50 -22.31 -5.47 -39.66
CA SER A 50 -20.94 -5.23 -40.12
C SER A 50 -20.17 -6.54 -40.18
N TYR A 51 -19.22 -6.62 -41.11
CA TYR A 51 -18.40 -7.82 -41.27
C TYR A 51 -16.95 -7.51 -41.60
N LEU A 52 -16.04 -8.23 -40.95
CA LEU A 52 -14.64 -8.20 -41.33
C LEU A 52 -14.51 -8.86 -42.70
N VAL A 53 -13.83 -8.18 -43.62
CA VAL A 53 -13.70 -8.69 -45.00
C VAL A 53 -12.88 -9.98 -45.03
N GLY A 54 -11.69 -9.93 -44.45
CA GLY A 54 -10.83 -11.10 -44.37
C GLY A 54 -9.40 -10.76 -44.01
N SER A 55 -8.91 -11.40 -42.95
CA SER A 55 -7.53 -11.22 -42.50
C SER A 55 -6.54 -12.00 -43.36
N ASP A 56 -6.97 -12.39 -44.56
CA ASP A 56 -6.10 -13.05 -45.55
C ASP A 56 -5.38 -12.02 -46.41
N LEU A 57 -5.99 -10.84 -46.55
CA LEU A 57 -5.44 -9.75 -47.34
C LEU A 57 -5.13 -8.51 -46.50
N GLY A 58 -4.11 -7.76 -46.94
CA GLY A 58 -3.69 -6.54 -46.27
C GLY A 58 -4.76 -5.47 -46.27
N PRO A 59 -4.67 -4.50 -45.33
CA PRO A 59 -5.63 -3.41 -45.18
C PRO A 59 -5.91 -2.66 -46.49
N ALA A 60 -4.85 -2.45 -47.29
CA ALA A 60 -4.98 -1.78 -48.58
C ALA A 60 -5.92 -2.53 -49.53
N GLU A 61 -5.72 -3.85 -49.62
CA GLU A 61 -6.44 -4.72 -50.55
C GLU A 61 -7.75 -5.28 -49.98
N SER A 62 -8.03 -4.99 -48.71
CA SER A 62 -9.22 -5.50 -48.03
C SER A 62 -10.51 -4.81 -48.49
N TYR A 63 -10.37 -3.63 -49.11
CA TYR A 63 -11.49 -2.92 -49.70
C TYR A 63 -11.47 -3.00 -51.23
N LEU A 64 -10.45 -3.67 -51.77
CA LEU A 64 -10.29 -3.81 -53.22
C LEU A 64 -10.60 -5.23 -53.70
N ASN A 65 -10.55 -6.19 -52.78
CA ASN A 65 -10.78 -7.60 -53.10
C ASN A 65 -12.22 -7.86 -53.52
N ILE A 66 -12.44 -7.80 -54.83
CA ILE A 66 -13.78 -7.88 -55.43
C ILE A 66 -14.59 -9.11 -54.96
N GLU A 67 -13.97 -10.28 -55.02
CA GLU A 67 -14.70 -11.54 -54.80
C GLU A 67 -15.28 -11.73 -53.40
N ARG A 68 -14.46 -11.56 -52.38
CA ARG A 68 -14.90 -11.83 -51.01
C ARG A 68 -15.84 -10.77 -50.44
N ILE A 69 -15.86 -9.58 -51.03
CA ILE A 69 -16.83 -8.55 -50.66
C ILE A 69 -18.23 -8.98 -51.12
N ILE A 70 -18.31 -9.51 -52.34
CA ILE A 70 -19.53 -10.13 -52.85
C ILE A 70 -19.95 -11.28 -51.94
N ASP A 71 -18.99 -12.12 -51.56
CA ASP A 71 -19.25 -13.27 -50.70
C ASP A 71 -20.00 -12.88 -49.43
N VAL A 72 -19.59 -11.75 -48.86
CA VAL A 72 -20.18 -11.22 -47.63
C VAL A 72 -21.61 -10.73 -47.90
N ALA A 73 -21.77 -10.02 -49.01
CA ALA A 73 -23.07 -9.50 -49.43
C ALA A 73 -24.08 -10.62 -49.69
N LYS A 74 -23.62 -11.69 -50.35
CA LYS A 74 -24.47 -12.87 -50.60
C LYS A 74 -24.90 -13.48 -49.28
N GLN A 75 -23.93 -13.80 -48.44
CA GLN A 75 -24.16 -14.43 -47.15
C GLN A 75 -25.06 -13.57 -46.24
N ALA A 76 -25.15 -12.28 -46.55
CA ALA A 76 -25.99 -11.38 -45.79
C ALA A 76 -27.32 -11.04 -46.48
N ASN A 77 -27.56 -11.62 -47.66
CA ASN A 77 -28.77 -11.35 -48.44
C ASN A 77 -28.88 -9.86 -48.83
N VAL A 78 -27.88 -9.38 -49.57
CA VAL A 78 -27.81 -7.99 -49.98
C VAL A 78 -28.37 -7.81 -51.39
N ASP A 79 -29.21 -6.81 -51.58
CA ASP A 79 -29.78 -6.47 -52.88
C ASP A 79 -28.85 -5.57 -53.69
N ALA A 80 -28.13 -4.69 -52.99
CA ALA A 80 -27.43 -3.60 -53.65
C ALA A 80 -26.18 -3.18 -52.92
N ILE A 81 -25.14 -2.92 -53.70
CA ILE A 81 -23.89 -2.38 -53.19
C ILE A 81 -23.67 -0.95 -53.70
N HIS A 82 -23.42 -0.04 -52.76
CA HIS A 82 -23.01 1.33 -53.08
C HIS A 82 -21.49 1.42 -52.90
N PRO A 83 -20.75 1.62 -54.00
CA PRO A 83 -19.29 1.57 -53.93
C PRO A 83 -18.68 2.89 -53.43
N GLY A 84 -19.51 3.92 -53.25
CA GLY A 84 -19.05 5.23 -52.80
C GLY A 84 -18.16 5.89 -53.84
N TYR A 85 -17.05 6.46 -53.40
CA TYR A 85 -16.05 7.02 -54.29
C TYR A 85 -14.65 6.45 -54.00
N GLY A 86 -13.80 6.46 -55.02
CA GLY A 86 -12.38 6.18 -54.87
C GLY A 86 -11.92 4.79 -54.48
N PHE A 87 -12.74 3.77 -54.72
CA PHE A 87 -12.30 2.40 -54.49
C PHE A 87 -12.65 1.45 -55.62
N LEU A 88 -13.90 1.01 -55.63
CA LEU A 88 -14.38 0.13 -56.68
C LEU A 88 -15.42 0.89 -57.47
N SER A 89 -15.63 2.13 -57.06
CA SER A 89 -16.59 3.07 -57.62
C SER A 89 -16.62 3.06 -59.14
N GLU A 90 -15.44 2.93 -59.74
CA GLU A 90 -15.27 3.04 -61.19
C GLU A 90 -14.85 1.72 -61.84
N ASN A 91 -14.63 0.71 -60.99
CA ASN A 91 -14.14 -0.60 -61.44
C ASN A 91 -15.20 -1.44 -62.17
N GLU A 92 -14.99 -1.67 -63.45
CA GLU A 92 -15.91 -2.45 -64.27
C GLU A 92 -16.10 -3.87 -63.73
N GLN A 93 -14.99 -4.55 -63.47
CA GLN A 93 -14.99 -5.93 -62.97
C GLN A 93 -15.92 -6.15 -61.78
N PHE A 94 -15.97 -5.16 -60.88
CA PHE A 94 -16.81 -5.25 -59.69
C PHE A 94 -18.30 -5.10 -60.01
N ALA A 95 -18.63 -4.13 -60.87
CA ALA A 95 -20.03 -3.90 -61.26
C ALA A 95 -20.57 -5.04 -62.12
N ARG A 96 -19.67 -5.80 -62.74
CA ARG A 96 -20.06 -6.96 -63.53
C ARG A 96 -20.39 -8.14 -62.63
N ARG A 97 -19.58 -8.33 -61.59
CA ARG A 97 -19.77 -9.45 -60.67
C ARG A 97 -21.02 -9.26 -59.82
N CYS A 98 -21.27 -8.01 -59.41
CA CYS A 98 -22.48 -7.67 -58.66
C CYS A 98 -23.70 -8.16 -59.42
N ALA A 99 -23.82 -7.68 -60.66
CA ALA A 99 -24.91 -8.04 -61.53
C ALA A 99 -25.00 -9.55 -61.68
N GLU A 100 -23.84 -10.21 -61.73
CA GLU A 100 -23.74 -11.67 -61.90
C GLU A 100 -24.31 -12.49 -60.73
N GLU A 101 -24.37 -11.89 -59.55
CA GLU A 101 -24.96 -12.56 -58.39
C GLU A 101 -26.29 -11.91 -57.99
N GLY A 102 -26.91 -11.22 -58.94
CA GLY A 102 -28.21 -10.57 -58.71
C GLY A 102 -28.17 -9.33 -57.84
N ILE A 103 -26.98 -8.79 -57.62
CA ILE A 103 -26.81 -7.59 -56.79
C ILE A 103 -26.79 -6.33 -57.66
N LYS A 104 -27.69 -5.40 -57.35
CA LYS A 104 -27.78 -4.13 -58.06
C LYS A 104 -26.61 -3.22 -57.68
N PHE A 105 -25.67 -3.06 -58.61
CA PHE A 105 -24.59 -2.10 -58.44
C PHE A 105 -25.21 -0.72 -58.53
N ILE A 106 -24.96 0.10 -57.51
CA ILE A 106 -25.52 1.44 -57.49
C ILE A 106 -24.58 2.40 -58.20
N GLY A 107 -24.90 2.64 -59.47
CA GLY A 107 -24.12 3.52 -60.33
C GLY A 107 -24.63 3.46 -61.76
N PRO A 108 -23.81 3.94 -62.71
CA PRO A 108 -24.17 3.85 -64.12
C PRO A 108 -23.99 2.43 -64.65
N HIS A 109 -24.30 2.21 -65.92
CA HIS A 109 -24.17 0.87 -66.52
C HIS A 109 -22.73 0.54 -66.83
N LEU A 110 -22.48 -0.76 -67.00
CA LEU A 110 -21.17 -1.30 -67.32
C LEU A 110 -20.48 -0.52 -68.46
N GLU A 111 -21.21 -0.28 -69.53
CA GLU A 111 -20.72 0.52 -70.67
C GLU A 111 -20.26 1.92 -70.27
N HIS A 112 -20.94 2.54 -69.30
CA HIS A 112 -20.54 3.87 -68.82
C HIS A 112 -19.23 3.83 -68.05
N LEU A 113 -18.94 2.72 -67.41
CA LEU A 113 -17.68 2.54 -66.70
C LEU A 113 -16.55 2.12 -67.66
N ASP A 114 -16.93 1.44 -68.74
CA ASP A 114 -16.00 1.04 -69.79
C ASP A 114 -15.61 2.26 -70.61
N MET A 115 -16.64 2.86 -71.21
CA MET A 115 -16.61 4.18 -71.83
C MET A 115 -15.68 5.17 -71.13
N PHE A 116 -15.91 5.42 -69.84
CA PHE A 116 -15.23 6.51 -69.13
C PHE A 116 -14.07 6.10 -68.20
N GLY A 117 -13.76 4.81 -68.15
CA GLY A 117 -12.64 4.33 -67.35
C GLY A 117 -11.35 4.70 -68.03
N ASP A 118 -11.34 4.54 -69.35
CA ASP A 118 -10.18 4.81 -70.19
C ASP A 118 -10.24 6.23 -70.74
N LYS A 119 -9.21 7.03 -70.48
CA LYS A 119 -9.18 8.44 -70.88
C LYS A 119 -9.16 8.67 -72.39
N VAL A 120 -8.70 7.68 -73.16
CA VAL A 120 -8.80 7.73 -74.62
C VAL A 120 -10.24 7.42 -75.03
N LYS A 121 -10.79 6.32 -74.50
CA LYS A 121 -12.16 5.93 -74.76
C LYS A 121 -13.14 7.06 -74.43
N ALA A 122 -12.85 7.79 -73.36
CA ALA A 122 -13.67 8.92 -72.92
C ALA A 122 -13.54 10.11 -73.87
N ARG A 123 -12.30 10.38 -74.29
CA ARG A 123 -12.03 11.42 -75.28
C ARG A 123 -12.80 11.14 -76.56
N THR A 124 -12.66 9.91 -77.05
CA THR A 124 -13.38 9.45 -78.23
C THR A 124 -14.88 9.70 -78.04
N THR A 125 -15.39 9.30 -76.89
CA THR A 125 -16.79 9.47 -76.51
C THR A 125 -17.22 10.95 -76.52
N ALA A 126 -16.31 11.82 -76.10
CA ALA A 126 -16.56 13.26 -76.03
C ALA A 126 -16.67 13.88 -77.43
N ILE A 127 -15.65 13.65 -78.25
CA ILE A 127 -15.65 14.13 -79.64
C ILE A 127 -16.87 13.57 -80.37
N LYS A 128 -17.22 12.32 -80.07
CA LYS A 128 -18.39 11.68 -80.67
C LYS A 128 -19.68 12.41 -80.28
N ALA A 129 -19.72 12.91 -79.04
CA ALA A 129 -20.85 13.70 -78.58
C ALA A 129 -20.68 15.17 -78.97
N ASP A 130 -19.64 15.43 -79.76
CA ASP A 130 -19.25 16.77 -80.22
C ASP A 130 -18.95 17.76 -79.07
N LEU A 131 -18.08 17.34 -78.15
CA LEU A 131 -17.60 18.23 -77.11
C LEU A 131 -16.19 18.71 -77.44
N PRO A 132 -15.88 19.98 -77.14
CA PRO A 132 -14.53 20.50 -77.32
C PRO A 132 -13.53 19.71 -76.48
N VAL A 133 -12.38 19.42 -77.07
CA VAL A 133 -11.42 18.49 -76.49
C VAL A 133 -10.00 19.06 -76.43
N ILE A 134 -9.27 18.69 -75.39
CA ILE A 134 -7.87 19.06 -75.22
C ILE A 134 -7.06 18.41 -76.34
N PRO A 135 -6.49 19.24 -77.24
CA PRO A 135 -5.76 18.70 -78.39
C PRO A 135 -4.65 17.75 -77.98
N GLY A 136 -4.68 16.56 -78.57
CA GLY A 136 -3.74 15.48 -78.24
C GLY A 136 -3.94 14.30 -79.18
N THR A 137 -3.15 13.25 -78.97
CA THR A 137 -3.16 12.08 -79.85
C THR A 137 -4.54 11.42 -79.98
N ASP A 138 -5.03 11.32 -81.22
CA ASP A 138 -6.31 10.68 -81.55
C ASP A 138 -6.47 9.29 -80.91
N GLY A 139 -5.34 8.61 -80.74
CA GLY A 139 -5.28 7.32 -80.07
C GLY A 139 -4.09 7.27 -79.13
N PRO A 140 -3.67 6.06 -78.74
CA PRO A 140 -2.52 5.93 -77.84
C PRO A 140 -1.19 5.82 -78.57
N ILE A 141 -0.11 6.22 -77.90
CA ILE A 141 1.26 6.10 -78.44
C ILE A 141 2.07 5.06 -77.64
N LYS A 142 3.32 4.80 -78.05
CA LYS A 142 4.09 3.70 -77.46
C LYS A 142 5.56 3.98 -77.08
N SER A 143 6.47 3.87 -78.04
CA SER A 143 7.90 3.73 -77.73
C SER A 143 8.85 4.80 -78.32
N TYR A 144 10.12 4.71 -77.89
CA TYR A 144 11.20 5.63 -78.27
C TYR A 144 10.85 7.10 -77.99
N GLU A 145 11.43 8.02 -78.75
CA GLU A 145 11.05 9.42 -78.65
C GLU A 145 9.70 9.59 -79.34
N LEU A 146 8.68 8.98 -78.73
CA LEU A 146 7.30 9.01 -79.22
C LEU A 146 6.75 10.44 -79.28
N ALA A 147 7.51 11.37 -78.71
CA ALA A 147 7.18 12.80 -78.69
C ALA A 147 7.44 13.48 -80.03
N LYS A 148 8.54 13.08 -80.69
CA LYS A 148 8.96 13.66 -81.98
C LYS A 148 7.83 13.66 -83.01
N GLU A 149 6.91 12.71 -82.87
CA GLU A 149 5.74 12.61 -83.76
C GLU A 149 4.47 13.24 -83.15
N PHE A 150 4.66 14.21 -82.24
CA PHE A 150 3.56 15.08 -81.77
C PHE A 150 4.01 16.48 -81.35
N ALA A 151 5.14 16.56 -80.64
CA ALA A 151 5.64 17.80 -80.04
C ALA A 151 5.72 18.98 -81.01
N GLU A 152 6.32 18.74 -82.17
CA GLU A 152 6.59 19.76 -83.18
C GLU A 152 5.40 19.91 -84.14
N GLU A 153 4.30 19.27 -83.76
CA GLU A 153 3.08 19.23 -84.56
C GLU A 153 1.92 19.77 -83.72
N ALA A 154 2.25 20.44 -82.62
CA ALA A 154 1.26 20.88 -81.65
C ALA A 154 1.47 22.31 -81.13
N GLY A 155 2.47 22.51 -80.28
CA GLY A 155 2.70 23.80 -79.62
C GLY A 155 3.79 23.80 -78.56
N PHE A 156 3.94 24.93 -77.88
CA PHE A 156 5.05 25.17 -76.93
C PHE A 156 4.88 24.46 -75.58
N PRO A 157 3.77 24.71 -74.85
CA PRO A 157 3.60 23.97 -73.60
C PRO A 157 2.82 22.66 -73.81
N LEU A 158 3.38 21.56 -73.32
CA LEU A 158 2.75 20.25 -73.48
C LEU A 158 2.64 19.49 -72.15
N MET A 159 1.98 18.34 -72.18
CA MET A 159 1.83 17.49 -70.99
C MET A 159 1.68 16.01 -71.30
N ILE A 160 2.55 15.21 -70.69
CA ILE A 160 2.46 13.74 -70.74
C ILE A 160 1.47 13.24 -69.68
N LYS A 161 0.51 12.44 -70.12
CA LYS A 161 -0.49 11.81 -69.23
C LYS A 161 -0.70 10.33 -69.57
N ALA A 162 -0.83 9.51 -68.54
CA ALA A 162 -1.02 8.07 -68.70
C ALA A 162 -2.50 7.76 -69.01
N THR A 163 -3.15 7.04 -68.10
CA THR A 163 -4.58 6.75 -68.18
C THR A 163 -5.12 6.29 -66.81
N SER A 164 -5.62 7.26 -66.04
CA SER A 164 -6.14 7.04 -64.68
C SER A 164 -7.27 6.01 -64.66
N ARG A 172 3.83 15.82 -64.71
CA ARG A 172 5.09 16.29 -65.31
C ARG A 172 4.81 17.13 -66.55
N ILE A 173 4.77 18.46 -66.36
CA ILE A 173 4.51 19.41 -67.44
C ILE A 173 5.75 19.58 -68.29
N VAL A 174 5.60 19.43 -69.60
CA VAL A 174 6.73 19.42 -70.53
C VAL A 174 6.93 20.77 -71.25
N ARG A 175 7.97 21.50 -70.83
CA ARG A 175 8.44 22.70 -71.51
C ARG A 175 9.15 22.32 -72.82
N GLU A 176 9.72 21.10 -72.83
CA GLU A 176 10.11 20.38 -74.06
C GLU A 176 11.51 20.74 -74.65
N GLU A 177 11.71 20.38 -75.92
CA GLU A 177 12.94 20.62 -76.71
C GLU A 177 14.21 19.90 -76.24
N SER A 178 14.57 18.84 -76.99
CA SER A 178 15.84 18.09 -76.88
C SER A 178 16.39 17.94 -75.45
N GLU A 179 16.19 16.76 -74.88
CA GLU A 179 16.14 16.54 -73.42
C GLU A 179 14.76 17.03 -73.01
N LEU A 180 13.85 16.06 -72.84
CA LEU A 180 12.42 16.30 -72.78
C LEU A 180 11.79 14.99 -72.34
N GLU A 181 12.13 13.93 -73.07
CA GLU A 181 11.69 12.56 -72.82
C GLU A 181 12.07 12.05 -71.41
N ASP A 182 12.78 12.89 -70.66
CA ASP A 182 13.14 12.62 -69.26
C ASP A 182 11.89 12.36 -68.40
N ALA A 183 10.80 13.05 -68.73
CA ALA A 183 9.52 12.82 -68.07
C ALA A 183 9.02 11.40 -68.40
N PHE A 184 9.19 11.01 -69.66
CA PHE A 184 8.87 9.65 -70.12
C PHE A 184 9.82 8.61 -69.50
N HIS A 185 11.03 9.05 -69.17
CA HIS A 185 12.06 8.18 -68.56
C HIS A 185 11.52 7.42 -67.34
N ARG A 186 10.95 8.14 -66.38
CA ARG A 186 10.35 7.50 -65.20
C ARG A 186 8.82 7.62 -65.10
N ALA A 187 8.18 7.95 -66.23
CA ALA A 187 6.74 7.78 -66.38
C ALA A 187 6.43 6.52 -67.20
N LYS A 188 7.24 5.49 -66.96
CA LYS A 188 7.04 4.15 -67.52
C LYS A 188 6.58 3.19 -66.42
N SER A 189 7.13 3.37 -65.22
CA SER A 189 6.84 2.51 -64.08
C SER A 189 5.80 3.12 -63.13
N GLU A 190 5.55 4.42 -63.27
CA GLU A 190 4.58 5.15 -62.43
C GLU A 190 3.12 4.77 -62.70
N ALA A 191 2.88 4.08 -63.82
CA ALA A 191 1.55 3.59 -64.17
C ALA A 191 1.30 2.16 -63.67
N GLU A 192 2.38 1.40 -63.51
CA GLU A 192 2.28 0.00 -63.07
C GLU A 192 2.39 -0.12 -61.56
N GLU A 199 -0.20 1.96 -71.02
CA GLU A 199 -0.37 2.77 -72.23
C GLU A 199 -0.51 4.26 -71.89
N VAL A 200 -0.10 5.12 -72.82
CA VAL A 200 -0.03 6.58 -72.61
C VAL A 200 -0.55 7.42 -73.78
N TYR A 201 -0.70 8.72 -73.54
CA TYR A 201 -0.97 9.72 -74.59
C TYR A 201 -0.44 11.10 -74.16
N ILE A 202 -0.73 12.14 -74.94
CA ILE A 202 -0.19 13.48 -74.68
C ILE A 202 -1.15 14.61 -75.04
N GLU A 203 -1.06 15.73 -74.31
CA GLU A 203 -1.99 16.87 -74.47
C GLU A 203 -1.28 18.21 -74.34
N ARG A 204 -1.80 19.21 -75.04
CA ARG A 204 -1.24 20.57 -74.97
C ARG A 204 -1.55 21.19 -73.63
N TYR A 205 -0.52 21.39 -72.81
CA TYR A 205 -0.72 21.97 -71.47
C TYR A 205 -1.38 23.34 -71.56
N ILE A 206 -2.67 23.38 -71.30
CA ILE A 206 -3.41 24.62 -71.23
C ILE A 206 -3.01 25.34 -69.95
N ASP A 207 -2.22 26.40 -70.10
CA ASP A 207 -1.67 27.12 -68.96
C ASP A 207 -2.72 28.01 -68.30
N ASN A 208 -2.61 28.16 -66.99
CA ASN A 208 -3.50 29.02 -66.19
C ASN A 208 -5.01 28.71 -66.35
N PRO A 209 -5.38 27.40 -66.31
CA PRO A 209 -6.79 27.05 -66.55
C PRO A 209 -7.65 27.18 -65.30
N LYS A 210 -8.96 27.26 -65.49
CA LYS A 210 -9.89 27.26 -64.37
C LYS A 210 -10.60 25.92 -64.39
N HIS A 211 -10.63 25.23 -63.25
CA HIS A 211 -11.28 23.93 -63.19
C HIS A 211 -12.76 24.07 -62.80
N ILE A 212 -13.64 23.69 -63.72
CA ILE A 212 -15.08 23.70 -63.50
C ILE A 212 -15.65 22.35 -63.88
N GLU A 213 -16.49 21.81 -63.01
CA GLU A 213 -17.10 20.50 -63.24
C GLU A 213 -18.61 20.50 -62.99
N VAL A 214 -19.36 19.76 -63.82
CA VAL A 214 -20.82 19.75 -63.73
C VAL A 214 -21.35 18.47 -63.12
N GLN A 215 -22.31 18.61 -62.21
CA GLN A 215 -22.97 17.47 -61.58
C GLN A 215 -24.20 17.09 -62.37
N VAL A 216 -24.31 15.81 -62.69
CA VAL A 216 -25.34 15.28 -63.56
C VAL A 216 -25.96 14.05 -62.90
N ILE A 217 -27.28 13.91 -62.96
CA ILE A 217 -27.96 12.71 -62.49
C ILE A 217 -29.00 12.31 -63.52
N GLY A 218 -29.07 11.01 -63.80
CA GLY A 218 -30.08 10.48 -64.70
C GLY A 218 -30.75 9.30 -64.06
N ASP A 219 -32.05 9.11 -64.32
CA ASP A 219 -32.73 7.93 -63.84
C ASP A 219 -32.55 6.78 -64.83
N GLU A 220 -33.33 5.71 -64.67
CA GLU A 220 -33.28 4.57 -65.57
C GLU A 220 -34.24 4.73 -66.75
N HIS A 221 -34.98 5.84 -66.78
CA HIS A 221 -36.05 6.02 -67.76
C HIS A 221 -35.75 7.06 -68.84
N GLY A 222 -34.48 7.48 -68.94
CA GLY A 222 -34.10 8.44 -69.96
C GLY A 222 -34.12 9.90 -69.51
N ASN A 223 -34.42 10.13 -68.23
CA ASN A 223 -34.41 11.48 -67.68
C ASN A 223 -33.05 11.80 -67.11
N ILE A 224 -32.48 12.91 -67.57
CA ILE A 224 -31.20 13.39 -67.07
C ILE A 224 -31.36 14.85 -66.69
N VAL A 225 -30.72 15.26 -65.60
CA VAL A 225 -30.59 16.67 -65.25
C VAL A 225 -29.17 16.95 -64.75
N HIS A 226 -28.81 18.23 -64.73
CA HIS A 226 -27.63 18.64 -64.00
C HIS A 226 -28.02 19.41 -62.76
N LEU A 227 -27.13 19.45 -61.78
CA LEU A 227 -27.35 20.24 -60.57
C LEU A 227 -26.28 21.33 -60.46
N PHE A 228 -25.99 21.94 -61.61
CA PHE A 228 -25.01 23.03 -61.76
C PHE A 228 -23.57 22.58 -61.58
N GLU A 229 -22.67 23.55 -61.42
CA GLU A 229 -21.24 23.28 -61.49
C GLU A 229 -20.53 23.50 -60.15
N ARG A 230 -19.30 22.98 -60.07
CA ARG A 230 -18.43 23.23 -58.93
C ARG A 230 -17.08 23.72 -59.43
N ASP A 231 -16.63 24.83 -58.88
CA ASP A 231 -15.29 25.36 -59.14
C ASP A 231 -14.28 24.59 -58.28
N CYS A 232 -13.35 23.91 -58.94
CA CYS A 232 -12.31 23.17 -58.25
C CYS A 232 -10.92 23.74 -58.54
N SER A 233 -10.84 25.06 -58.70
CA SER A 233 -9.60 25.71 -59.14
C SER A 233 -8.56 25.90 -58.04
N VAL A 234 -8.96 25.87 -56.78
CA VAL A 234 -8.01 25.90 -55.67
C VAL A 234 -7.42 24.50 -55.43
N GLN A 235 -6.20 24.29 -55.92
CA GLN A 235 -5.51 22.99 -55.84
C GLN A 235 -4.00 23.18 -56.01
N ARG A 236 -3.21 22.20 -55.58
CA ARG A 236 -1.74 22.37 -55.56
C ARG A 236 -0.95 21.70 -56.69
N ARG A 237 -1.15 20.39 -56.88
CA ARG A 237 -0.39 19.64 -57.88
C ARG A 237 -1.25 18.61 -58.56
N HIS A 238 -1.62 17.57 -57.81
CA HIS A 238 -2.54 16.54 -58.29
C HIS A 238 -3.78 16.53 -57.38
N GLN A 239 -3.82 17.45 -56.44
CA GLN A 239 -4.73 17.38 -55.30
C GLN A 239 -5.74 18.54 -55.23
N LYS A 240 -7.03 18.21 -55.27
CA LYS A 240 -8.10 19.19 -55.07
C LYS A 240 -8.11 19.70 -53.62
N VAL A 241 -8.13 21.02 -53.45
CA VAL A 241 -8.02 21.61 -52.12
C VAL A 241 -9.32 22.27 -51.65
N VAL A 242 -9.76 23.32 -52.34
CA VAL A 242 -11.03 24.00 -52.02
C VAL A 242 -11.93 24.04 -53.24
N GLU A 243 -13.16 23.57 -53.07
CA GLU A 243 -14.16 23.61 -54.14
C GLU A 243 -15.32 24.50 -53.74
N VAL A 244 -15.82 25.29 -54.70
CA VAL A 244 -16.89 26.24 -54.44
C VAL A 244 -18.14 25.89 -55.26
N ALA A 245 -19.32 26.32 -54.77
CA ALA A 245 -20.60 26.16 -55.46
C ALA A 245 -20.66 27.07 -56.69
N PRO A 246 -21.84 27.65 -57.03
CA PRO A 246 -21.84 28.35 -58.30
C PRO A 246 -20.61 29.26 -58.38
N SER A 247 -19.66 28.87 -59.23
CA SER A 247 -18.40 29.60 -59.36
C SER A 247 -18.66 31.07 -59.51
N VAL A 248 -18.03 31.87 -58.65
CA VAL A 248 -18.17 33.31 -58.74
C VAL A 248 -17.25 33.80 -59.84
N GLY A 249 -17.69 34.82 -60.56
CA GLY A 249 -16.90 35.39 -61.65
C GLY A 249 -17.39 34.96 -63.02
N LEU A 250 -17.68 33.68 -63.17
CA LEU A 250 -18.12 33.14 -64.46
C LEU A 250 -19.44 33.74 -64.92
N SER A 251 -19.41 34.33 -66.11
CA SER A 251 -20.63 34.85 -66.73
C SER A 251 -21.60 33.69 -67.00
N PRO A 252 -22.92 33.94 -66.90
CA PRO A 252 -23.93 32.91 -67.12
C PRO A 252 -23.80 32.24 -68.48
N THR A 253 -23.32 32.99 -69.46
CA THR A 253 -23.09 32.44 -70.80
C THR A 253 -22.10 31.30 -70.75
N LEU A 254 -20.96 31.53 -70.09
CA LEU A 254 -19.93 30.51 -69.96
C LEU A 254 -20.46 29.30 -69.18
N ARG A 255 -21.26 29.58 -68.15
CA ARG A 255 -21.89 28.56 -67.31
C ARG A 255 -22.89 27.70 -68.08
N GLN A 256 -23.80 28.37 -68.79
CA GLN A 256 -24.80 27.67 -69.58
C GLN A 256 -24.13 26.73 -70.56
N ARG A 257 -23.16 27.27 -71.31
CA ARG A 257 -22.42 26.53 -72.33
C ARG A 257 -21.80 25.26 -71.74
N ILE A 258 -21.17 25.40 -70.58
CA ILE A 258 -20.50 24.28 -69.89
C ILE A 258 -21.52 23.23 -69.42
N CYS A 259 -22.55 23.68 -68.71
CA CYS A 259 -23.63 22.77 -68.29
C CYS A 259 -24.27 22.08 -69.49
N ASP A 260 -24.50 22.85 -70.55
CA ASP A 260 -25.03 22.31 -71.81
C ASP A 260 -24.15 21.20 -72.38
N ALA A 261 -22.85 21.47 -72.46
CA ALA A 261 -21.89 20.48 -72.93
C ALA A 261 -21.95 19.19 -72.11
N ALA A 262 -22.15 19.34 -70.81
CA ALA A 262 -22.30 18.18 -69.92
C ALA A 262 -23.56 17.38 -70.20
N ILE A 263 -24.69 18.07 -70.35
CA ILE A 263 -25.96 17.39 -70.62
C ILE A 263 -25.88 16.75 -71.99
N GLN A 264 -25.31 17.48 -72.94
CA GLN A 264 -25.17 16.99 -74.30
C GLN A 264 -24.41 15.68 -74.33
N LEU A 265 -23.36 15.58 -73.52
CA LEU A 265 -22.54 14.37 -73.49
C LEU A 265 -23.28 13.23 -72.82
N MET A 266 -23.80 13.52 -71.63
CA MET A 266 -24.44 12.51 -70.81
C MET A 266 -25.74 12.00 -71.43
N GLU A 267 -26.43 12.87 -72.15
CA GLU A 267 -27.61 12.45 -72.95
C GLU A 267 -27.22 11.54 -74.11
N ASN A 268 -26.11 11.87 -74.77
CA ASN A 268 -25.71 11.19 -75.98
C ASN A 268 -25.39 9.70 -75.77
N ILE A 269 -25.01 9.35 -74.55
CA ILE A 269 -24.67 7.97 -74.22
C ILE A 269 -25.60 7.41 -73.15
N LYS A 270 -26.73 8.07 -72.94
CA LYS A 270 -27.79 7.59 -72.05
C LYS A 270 -27.21 7.27 -70.68
N TYR A 271 -26.58 8.27 -70.06
CA TYR A 271 -25.99 8.11 -68.74
C TYR A 271 -27.08 7.92 -67.68
N VAL A 272 -26.77 7.05 -66.71
CA VAL A 272 -27.70 6.69 -65.66
C VAL A 272 -27.02 6.89 -64.30
N ASN A 273 -27.81 7.38 -63.34
CA ASN A 273 -27.35 7.64 -61.98
C ASN A 273 -26.48 8.90 -61.88
N ALA A 274 -25.82 9.13 -60.74
CA ALA A 274 -24.96 10.32 -60.57
C ALA A 274 -23.63 10.17 -61.30
N GLY A 275 -23.22 11.25 -61.94
CA GLY A 275 -21.94 11.33 -62.61
C GLY A 275 -21.48 12.77 -62.72
N THR A 276 -20.18 12.96 -62.96
CA THR A 276 -19.62 14.30 -63.13
C THR A 276 -18.89 14.44 -64.45
N VAL A 277 -19.15 15.55 -65.14
CA VAL A 277 -18.40 15.93 -66.33
C VAL A 277 -17.40 17.03 -65.96
N GLU A 278 -16.13 16.82 -66.28
CA GLU A 278 -15.05 17.73 -65.82
C GLU A 278 -14.45 18.56 -66.94
N PHE A 279 -14.39 19.86 -66.73
CA PHE A 279 -13.91 20.80 -67.74
C PHE A 279 -12.74 21.64 -67.25
N LEU A 280 -11.95 22.12 -68.21
CA LEU A 280 -10.94 23.15 -67.95
C LEU A 280 -11.31 24.36 -68.81
N VAL A 281 -11.33 25.54 -68.21
CA VAL A 281 -11.88 26.72 -68.87
C VAL A 281 -10.86 27.84 -69.00
N SER A 282 -10.84 28.48 -70.16
CA SER A 282 -9.91 29.58 -70.45
C SER A 282 -10.58 30.61 -71.35
N GLY A 283 -10.76 31.83 -70.82
CA GLY A 283 -11.50 32.87 -71.53
C GLY A 283 -12.95 32.44 -71.68
N ASP A 284 -13.39 32.29 -72.94
CA ASP A 284 -14.71 31.73 -73.23
C ASP A 284 -14.63 30.30 -73.75
N GLU A 285 -13.43 29.85 -74.09
CA GLU A 285 -13.24 28.46 -74.48
C GLU A 285 -13.19 27.53 -73.28
N PHE A 286 -13.86 26.39 -73.39
CA PHE A 286 -13.73 25.31 -72.43
C PHE A 286 -13.39 24.00 -73.11
N PHE A 287 -12.89 23.04 -72.34
CA PHE A 287 -12.46 21.75 -72.86
C PHE A 287 -12.81 20.61 -71.90
N PHE A 288 -13.35 19.54 -72.47
CA PHE A 288 -13.67 18.33 -71.73
C PHE A 288 -12.40 17.67 -71.25
N ILE A 289 -12.42 17.18 -70.01
CA ILE A 289 -11.26 16.57 -69.36
C ILE A 289 -11.48 15.08 -69.09
N GLU A 290 -12.44 14.80 -68.21
CA GLU A 290 -12.82 13.42 -67.88
C GLU A 290 -14.27 13.34 -67.36
N VAL A 291 -14.76 12.12 -67.19
CA VAL A 291 -15.98 11.87 -66.48
C VAL A 291 -15.67 11.01 -65.26
N ASN A 292 -16.28 11.36 -64.14
CA ASN A 292 -16.28 10.53 -62.95
C ASN A 292 -17.66 9.91 -62.77
N PRO A 293 -17.79 8.62 -63.13
CA PRO A 293 -19.05 7.87 -63.10
C PRO A 293 -19.43 7.37 -61.70
N ARG A 294 -19.66 8.30 -60.78
CA ARG A 294 -19.94 8.01 -59.38
C ARG A 294 -20.07 9.30 -58.59
N VAL A 295 -20.33 9.21 -57.28
CA VAL A 295 -20.20 10.38 -56.41
C VAL A 295 -18.75 10.78 -56.29
N GLN A 296 -18.52 12.03 -55.92
CA GLN A 296 -17.20 12.50 -55.55
C GLN A 296 -17.23 12.99 -54.11
N VAL A 297 -16.05 13.20 -53.53
CA VAL A 297 -15.93 13.81 -52.20
C VAL A 297 -16.70 15.12 -52.09
N GLU A 298 -16.58 15.96 -53.12
CA GLU A 298 -17.02 17.35 -53.07
C GLU A 298 -18.52 17.54 -53.31
N HIS A 299 -19.25 16.44 -53.43
CA HIS A 299 -20.69 16.47 -53.77
C HIS A 299 -21.56 17.26 -52.79
N THR A 300 -21.09 17.41 -51.55
CA THR A 300 -21.88 18.08 -50.52
C THR A 300 -22.19 19.50 -50.92
N ILE A 301 -21.20 20.15 -51.52
CA ILE A 301 -21.29 21.53 -52.00
C ILE A 301 -22.57 21.74 -52.81
N THR A 302 -22.75 20.91 -53.84
CA THR A 302 -23.87 20.97 -54.75
C THR A 302 -25.20 20.75 -54.03
N GLU A 303 -25.20 19.77 -53.12
CA GLU A 303 -26.40 19.43 -52.37
C GLU A 303 -26.94 20.63 -51.63
N MET A 304 -26.04 21.36 -50.98
CA MET A 304 -26.44 22.51 -50.18
C MET A 304 -27.07 23.62 -51.03
N VAL A 305 -26.54 23.87 -52.22
CA VAL A 305 -27.06 24.96 -53.07
C VAL A 305 -28.25 24.59 -53.94
N THR A 306 -28.37 23.30 -54.27
CA THR A 306 -29.49 22.84 -55.08
C THR A 306 -30.58 22.19 -54.25
N GLY A 307 -30.24 21.77 -53.02
CA GLY A 307 -31.20 21.19 -52.09
C GLY A 307 -31.57 19.75 -52.39
N ILE A 308 -30.80 19.11 -53.25
CA ILE A 308 -31.07 17.74 -53.64
C ILE A 308 -30.12 16.79 -52.93
N ASP A 309 -30.67 15.69 -52.43
CA ASP A 309 -29.88 14.63 -51.82
C ASP A 309 -29.35 13.70 -52.92
N ILE A 310 -28.16 14.03 -53.43
CA ILE A 310 -27.53 13.26 -54.49
C ILE A 310 -27.42 11.80 -54.12
N VAL A 311 -26.93 11.54 -52.91
CA VAL A 311 -26.65 10.18 -52.45
C VAL A 311 -27.93 9.38 -52.34
N LYS A 312 -28.93 9.93 -51.65
CA LYS A 312 -30.23 9.29 -51.57
C LYS A 312 -30.76 9.02 -52.97
N THR A 313 -30.67 10.02 -53.86
CA THR A 313 -31.12 9.86 -55.24
C THR A 313 -30.44 8.67 -55.94
N GLN A 314 -29.13 8.48 -55.73
CA GLN A 314 -28.41 7.32 -56.25
C GLN A 314 -29.06 5.97 -55.90
N ILE A 315 -29.53 5.84 -54.64
CA ILE A 315 -30.15 4.62 -54.16
C ILE A 315 -31.51 4.44 -54.82
N LEU A 316 -32.29 5.52 -54.85
CA LEU A 316 -33.60 5.52 -55.52
C LEU A 316 -33.51 5.27 -57.04
N VAL A 317 -32.46 5.78 -57.68
CA VAL A 317 -32.29 5.55 -59.12
C VAL A 317 -31.96 4.09 -59.37
N ALA A 318 -31.13 3.50 -58.53
CA ALA A 318 -30.79 2.09 -58.66
C ALA A 318 -32.02 1.19 -58.40
N ALA A 319 -32.95 1.67 -57.58
CA ALA A 319 -34.15 0.90 -57.24
C ALA A 319 -35.20 0.94 -58.34
N GLY A 320 -35.00 1.83 -59.31
CA GLY A 320 -35.89 1.93 -60.47
C GLY A 320 -36.72 3.20 -60.47
N ALA A 321 -36.45 4.11 -59.54
CA ALA A 321 -37.27 5.30 -59.37
C ALA A 321 -37.08 6.32 -60.49
N ASP A 322 -38.19 6.82 -60.99
CA ASP A 322 -38.20 7.89 -61.96
C ASP A 322 -37.84 9.20 -61.26
N LEU A 323 -37.04 10.04 -61.91
CA LEU A 323 -36.61 11.30 -61.31
C LEU A 323 -37.80 12.12 -60.86
N PHE A 324 -38.80 12.22 -61.73
CA PHE A 324 -39.92 13.12 -61.48
C PHE A 324 -41.08 12.44 -60.77
N GLY A 325 -40.84 11.23 -60.27
CA GLY A 325 -41.83 10.49 -59.48
C GLY A 325 -41.94 11.03 -58.07
N GLU A 326 -42.49 10.24 -57.17
CA GLU A 326 -42.76 10.73 -55.83
C GLU A 326 -41.65 10.51 -54.80
N GLU A 327 -40.60 9.77 -55.14
CA GLU A 327 -39.51 9.55 -54.18
C GLU A 327 -38.44 10.60 -54.31
N ILE A 328 -37.91 10.75 -55.52
CA ILE A 328 -36.83 11.67 -55.81
C ILE A 328 -37.30 13.12 -55.85
N ASN A 329 -38.49 13.34 -56.42
CA ASN A 329 -39.06 14.69 -56.61
C ASN A 329 -38.14 15.73 -57.27
N MET A 330 -37.29 15.29 -58.20
CA MET A 330 -36.41 16.21 -58.91
C MET A 330 -37.22 17.37 -59.46
N PRO A 331 -36.84 18.61 -59.12
CA PRO A 331 -37.45 19.71 -59.85
C PRO A 331 -37.08 19.57 -61.31
N GLN A 332 -37.94 20.08 -62.19
CA GLN A 332 -37.64 20.07 -63.62
C GLN A 332 -36.47 21.02 -63.83
N GLN A 333 -35.66 20.79 -64.86
CA GLN A 333 -34.35 21.46 -65.00
C GLN A 333 -34.33 22.98 -64.73
N LYS A 334 -35.19 23.74 -65.40
CA LYS A 334 -35.19 25.18 -65.23
C LYS A 334 -35.76 25.63 -63.86
N ASP A 335 -36.19 24.67 -63.05
CA ASP A 335 -36.63 24.94 -61.68
C ASP A 335 -35.55 24.58 -60.65
N ILE A 336 -34.49 23.91 -61.11
CA ILE A 336 -33.31 23.70 -60.29
C ILE A 336 -32.44 24.97 -60.35
N THR A 337 -32.21 25.57 -59.19
CA THR A 337 -31.32 26.74 -59.08
C THR A 337 -30.25 26.54 -58.03
N THR A 338 -29.52 27.62 -57.76
CA THR A 338 -28.59 27.65 -56.66
C THR A 338 -29.08 28.70 -55.67
N LEU A 339 -29.03 28.34 -54.38
CA LEU A 339 -29.43 29.23 -53.31
C LEU A 339 -28.19 29.66 -52.54
N GLY A 340 -27.64 30.81 -52.89
CA GLY A 340 -26.39 31.28 -52.31
C GLY A 340 -25.22 30.44 -52.77
N TYR A 341 -24.17 30.42 -51.96
CA TYR A 341 -22.92 29.76 -52.31
C TYR A 341 -22.49 28.81 -51.19
N ALA A 342 -21.77 27.77 -51.58
CA ALA A 342 -21.32 26.72 -50.67
C ALA A 342 -19.84 26.41 -50.88
N ILE A 343 -19.12 26.23 -49.77
CA ILE A 343 -17.68 25.97 -49.82
C ILE A 343 -17.34 24.69 -49.06
N GLN A 344 -16.47 23.87 -49.64
CA GLN A 344 -15.87 22.76 -48.91
C GLN A 344 -14.34 22.87 -48.86
N CYS A 345 -13.77 22.35 -47.78
CA CYS A 345 -12.33 22.06 -47.70
C CYS A 345 -12.10 20.81 -46.85
N ARG A 346 -10.87 20.32 -46.86
CA ARG A 346 -10.56 19.06 -46.19
C ARG A 346 -9.51 19.18 -45.11
N ILE A 347 -9.67 18.42 -44.05
CA ILE A 347 -8.69 18.35 -42.96
C ILE A 347 -7.91 17.04 -43.09
N THR A 348 -6.62 17.17 -43.33
CA THR A 348 -5.77 16.02 -43.64
C THR A 348 -4.59 15.96 -42.68
N THR A 349 -4.11 14.74 -42.42
CA THR A 349 -2.94 14.53 -41.56
C THR A 349 -1.66 15.03 -42.25
N GLU A 350 -1.83 15.58 -43.45
CA GLU A 350 -0.74 16.19 -44.19
C GLU A 350 -0.23 17.39 -43.43
N ASP A 351 1.09 17.44 -43.23
CA ASP A 351 1.74 18.57 -42.58
C ASP A 351 2.29 19.49 -43.66
N PRO A 352 1.67 20.68 -43.82
CA PRO A 352 2.10 21.70 -44.79
C PRO A 352 3.57 22.13 -44.64
N LEU A 353 4.18 21.86 -43.49
CA LEU A 353 5.55 22.27 -43.20
C LEU A 353 6.61 21.23 -43.59
N ASN A 354 6.20 20.21 -44.34
CA ASN A 354 7.09 19.13 -44.77
C ASN A 354 6.65 18.51 -46.10
N ASP A 355 6.24 19.36 -47.04
CA ASP A 355 5.76 18.94 -48.37
C ASP A 355 4.54 18.00 -48.28
N PHE A 356 3.63 18.31 -47.35
CA PHE A 356 2.38 17.57 -47.14
C PHE A 356 2.57 16.08 -46.85
N MET A 357 3.33 15.79 -45.80
CA MET A 357 3.58 14.41 -45.38
C MET A 357 2.58 13.96 -44.31
N PRO A 358 1.70 13.01 -44.68
CA PRO A 358 0.56 12.56 -43.87
C PRO A 358 0.99 11.91 -42.56
N ASP A 359 1.09 12.72 -41.51
CA ASP A 359 1.53 12.30 -40.18
C ASP A 359 0.71 11.12 -39.65
N THR A 360 1.40 10.12 -39.11
CA THR A 360 0.74 8.95 -38.53
C THR A 360 0.93 8.95 -37.01
N GLY A 361 -0.19 9.10 -36.30
CA GLY A 361 -0.18 9.12 -34.84
C GLY A 361 -1.55 8.83 -34.28
N THR A 362 -1.81 9.34 -33.08
CA THR A 362 -3.09 9.14 -32.39
C THR A 362 -3.75 10.49 -32.10
N ILE A 363 -5.08 10.54 -32.28
CA ILE A 363 -5.87 11.68 -31.85
C ILE A 363 -6.13 11.55 -30.35
N ILE A 364 -5.74 12.58 -29.59
CA ILE A 364 -5.93 12.61 -28.14
C ILE A 364 -6.87 13.75 -27.72
N ALA A 365 -7.23 14.59 -28.70
CA ALA A 365 -8.14 15.71 -28.50
C ALA A 365 -8.75 16.11 -29.84
N TYR A 366 -10.08 16.15 -29.89
CA TYR A 366 -10.80 16.54 -31.09
C TYR A 366 -12.00 17.44 -30.77
N ARG A 367 -11.94 18.67 -31.26
CA ARG A 367 -13.05 19.62 -31.13
C ARG A 367 -13.58 20.05 -32.50
N SER A 368 -14.70 19.45 -32.91
CA SER A 368 -15.40 19.87 -34.12
C SER A 368 -16.23 21.12 -33.80
N SER A 369 -16.64 21.86 -34.83
CA SER A 369 -17.28 23.16 -34.64
C SER A 369 -18.80 23.11 -34.48
N GLY A 370 -19.48 22.67 -35.53
CA GLY A 370 -20.94 22.76 -35.59
C GLY A 370 -21.43 24.16 -35.89
N GLY A 371 -22.61 24.26 -36.50
CA GLY A 371 -23.24 25.53 -36.78
C GLY A 371 -24.33 25.45 -37.81
N PHE A 372 -25.23 26.43 -37.80
CA PHE A 372 -26.26 26.53 -38.82
C PHE A 372 -25.61 26.85 -40.17
N GLY A 373 -25.92 26.01 -41.16
CA GLY A 373 -25.29 26.12 -42.48
C GLY A 373 -23.90 25.51 -42.51
N VAL A 374 -23.55 24.77 -41.47
CA VAL A 374 -22.26 24.09 -41.39
C VAL A 374 -22.50 22.58 -41.50
N ARG A 375 -21.61 21.89 -42.21
CA ARG A 375 -21.76 20.46 -42.43
C ARG A 375 -20.45 19.73 -42.17
N LEU A 376 -20.48 18.80 -41.21
CA LEU A 376 -19.33 17.96 -40.85
C LEU A 376 -19.53 16.51 -41.28
N ASP A 377 -18.59 16.00 -42.06
CA ASP A 377 -18.55 14.57 -42.41
C ASP A 377 -17.27 13.95 -41.85
N ALA A 378 -17.37 13.37 -40.66
CA ALA A 378 -16.21 12.87 -39.90
C ALA A 378 -15.64 11.54 -40.39
N GLY A 379 -14.35 11.53 -40.75
CA GLY A 379 -13.70 10.35 -41.31
C GLY A 379 -12.78 9.59 -40.35
N ASP A 380 -11.55 10.06 -40.25
CA ASP A 380 -10.55 9.48 -39.35
C ASP A 380 -10.35 10.32 -38.09
N GLY A 381 -11.23 11.29 -37.87
CA GLY A 381 -11.09 12.24 -36.76
C GLY A 381 -12.17 12.13 -35.69
N PHE A 382 -11.81 11.50 -34.57
CA PHE A 382 -12.68 11.39 -33.40
C PHE A 382 -11.83 11.30 -32.13
N GLN A 383 -12.49 11.10 -30.99
CA GLN A 383 -11.81 11.08 -29.68
C GLN A 383 -10.61 10.16 -29.59
N GLY A 384 -10.81 8.88 -29.94
CA GLY A 384 -9.84 7.84 -29.63
C GLY A 384 -8.94 7.35 -30.73
N ALA A 385 -9.40 6.31 -31.44
CA ALA A 385 -8.56 5.49 -32.31
C ALA A 385 -7.57 6.22 -33.22
N GLU A 386 -6.37 5.65 -33.31
CA GLU A 386 -5.23 6.20 -34.07
C GLU A 386 -5.38 6.04 -35.58
N ILE A 387 -4.46 6.65 -36.33
CA ILE A 387 -4.53 6.66 -37.79
C ILE A 387 -3.45 5.78 -38.43
N SER A 388 -3.90 4.92 -39.35
CA SER A 388 -3.00 4.08 -40.15
C SER A 388 -2.55 4.84 -41.40
N PRO A 389 -1.31 4.59 -41.86
CA PRO A 389 -0.81 5.24 -43.08
C PRO A 389 -1.24 4.56 -44.39
N TYR A 390 -2.12 3.57 -44.30
CA TYR A 390 -2.49 2.74 -45.46
C TYR A 390 -3.70 3.26 -46.26
N TYR A 391 -4.38 4.27 -45.73
CA TYR A 391 -5.46 4.94 -46.46
C TYR A 391 -5.19 6.44 -46.51
N ASP A 392 -5.67 7.09 -47.57
CA ASP A 392 -5.51 8.55 -47.69
C ASP A 392 -6.09 9.29 -46.49
N SER A 393 -5.31 10.24 -45.98
CA SER A 393 -5.62 10.98 -44.75
C SER A 393 -6.84 11.88 -44.87
N LEU A 394 -7.97 11.45 -44.30
CA LEU A 394 -9.17 12.28 -44.20
C LEU A 394 -9.66 12.35 -42.75
N LEU A 395 -9.36 13.47 -42.09
CA LEU A 395 -9.77 13.69 -40.71
C LEU A 395 -11.23 14.11 -40.63
N VAL A 396 -11.55 15.26 -41.24
CA VAL A 396 -12.94 15.69 -41.40
C VAL A 396 -13.11 16.47 -42.67
N LYS A 397 -14.24 16.27 -43.31
CA LYS A 397 -14.68 17.06 -44.45
C LYS A 397 -15.62 18.16 -43.94
N LEU A 398 -15.25 19.41 -44.21
CA LEU A 398 -15.97 20.57 -43.67
C LEU A 398 -16.65 21.35 -44.78
N SER A 399 -17.92 21.71 -44.58
CA SER A 399 -18.71 22.39 -45.62
C SER A 399 -19.59 23.52 -45.07
N THR A 400 -19.54 24.69 -45.70
CA THR A 400 -20.33 25.86 -45.24
C THR A 400 -21.26 26.41 -46.31
N HIS A 401 -22.34 27.07 -45.88
CA HIS A 401 -23.45 27.47 -46.76
C HIS A 401 -24.20 28.71 -46.25
N ALA A 402 -24.29 29.73 -47.09
CA ALA A 402 -25.04 30.96 -46.77
C ALA A 402 -25.32 31.84 -48.00
N ILE A 403 -26.25 32.79 -47.83
CA ILE A 403 -26.74 33.71 -48.87
C ILE A 403 -25.70 34.17 -49.89
N SER A 404 -24.48 34.41 -49.42
CA SER A 404 -23.43 34.98 -50.27
C SER A 404 -22.08 34.35 -50.03
N PHE A 405 -21.19 34.49 -51.01
CA PHE A 405 -19.83 33.97 -50.94
C PHE A 405 -19.09 34.61 -49.76
N LYS A 406 -19.42 35.86 -49.46
CA LYS A 406 -18.86 36.55 -48.30
C LYS A 406 -19.27 35.91 -46.98
N GLN A 407 -20.53 35.50 -46.87
CA GLN A 407 -21.07 34.97 -45.62
C GLN A 407 -20.68 33.52 -45.37
N ALA A 408 -20.61 32.73 -46.44
CA ALA A 408 -20.17 31.33 -46.37
C ALA A 408 -18.66 31.26 -46.12
N GLU A 409 -17.93 32.20 -46.73
CA GLU A 409 -16.50 32.34 -46.52
C GLU A 409 -16.16 32.61 -45.06
N GLU A 410 -16.92 33.51 -44.43
CA GLU A 410 -16.71 33.87 -43.03
C GLU A 410 -17.38 32.87 -42.08
N LYS A 411 -18.19 31.98 -42.66
CA LYS A 411 -18.74 30.85 -41.91
C LYS A 411 -17.68 29.77 -41.84
N MET A 412 -16.89 29.65 -42.90
CA MET A 412 -15.83 28.67 -42.99
C MET A 412 -14.66 28.95 -42.05
N VAL A 413 -14.09 30.15 -42.10
CA VAL A 413 -12.96 30.50 -41.22
C VAL A 413 -13.36 30.41 -39.75
N ARG A 414 -14.63 30.69 -39.45
CA ARG A 414 -15.12 30.62 -38.08
C ARG A 414 -15.09 29.19 -37.57
N SER A 415 -15.61 28.26 -38.38
CA SER A 415 -15.60 26.86 -38.03
C SER A 415 -14.18 26.28 -38.06
N LEU A 416 -13.36 26.78 -38.97
CA LEU A 416 -11.94 26.42 -39.01
C LEU A 416 -11.19 26.84 -37.75
N ARG A 417 -11.50 28.03 -37.24
CA ARG A 417 -10.82 28.56 -36.06
C ARG A 417 -11.24 27.86 -34.76
N GLU A 418 -12.47 27.35 -34.73
CA GLU A 418 -12.95 26.52 -33.63
C GLU A 418 -12.35 25.11 -33.66
N MET A 419 -12.00 24.64 -34.86
CA MET A 419 -11.41 23.31 -35.04
C MET A 419 -10.12 23.17 -34.23
N ARG A 420 -10.04 22.11 -33.43
CA ARG A 420 -8.84 21.81 -32.66
C ARG A 420 -8.56 20.31 -32.62
N ILE A 421 -7.43 19.93 -33.23
CA ILE A 421 -6.98 18.54 -33.29
C ILE A 421 -5.54 18.47 -32.77
N ARG A 422 -5.24 17.40 -32.03
CA ARG A 422 -3.91 17.22 -31.42
C ARG A 422 -3.46 15.76 -31.41
N GLY A 423 -2.14 15.57 -31.35
CA GLY A 423 -1.54 14.24 -31.47
C GLY A 423 -0.97 14.05 -32.87
N VAL A 424 -1.54 14.80 -33.82
CA VAL A 424 -1.06 14.86 -35.20
C VAL A 424 -1.13 16.29 -35.71
N LYS A 425 -0.41 16.56 -36.80
CA LYS A 425 -0.38 17.90 -37.41
C LYS A 425 -1.41 17.99 -38.54
N THR A 426 -1.97 19.18 -38.75
CA THR A 426 -3.07 19.36 -39.72
C THR A 426 -2.82 20.46 -40.76
N ASN A 427 -3.63 20.45 -41.82
CA ASN A 427 -3.58 21.51 -42.84
C ASN A 427 -4.54 22.68 -42.54
N ILE A 428 -4.92 22.84 -41.27
CA ILE A 428 -5.93 23.81 -40.84
C ILE A 428 -5.52 25.28 -41.05
N PRO A 429 -4.36 25.70 -40.52
CA PRO A 429 -4.02 27.11 -40.69
C PRO A 429 -3.84 27.48 -42.16
N PHE A 430 -3.43 26.50 -42.97
CA PHE A 430 -3.27 26.67 -44.41
C PHE A 430 -4.56 27.17 -45.05
N LEU A 431 -5.62 26.37 -44.88
CA LEU A 431 -6.95 26.71 -45.40
C LEU A 431 -7.44 28.05 -44.87
N ILE A 432 -7.17 28.33 -43.59
CA ILE A 432 -7.54 29.61 -42.98
C ILE A 432 -6.97 30.74 -43.81
N ASN A 433 -5.67 30.68 -44.10
CA ASN A 433 -5.00 31.66 -44.98
C ASN A 433 -5.65 31.74 -46.36
N VAL A 434 -6.01 30.58 -46.92
CA VAL A 434 -6.68 30.49 -48.21
C VAL A 434 -8.00 31.27 -48.20
N MET A 435 -8.87 30.97 -47.24
CA MET A 435 -10.18 31.60 -47.12
C MET A 435 -10.07 33.12 -46.95
N LYS A 436 -9.25 33.54 -45.99
CA LYS A 436 -9.00 34.97 -45.71
C LYS A 436 -8.53 35.74 -46.94
N ASN A 437 -7.84 35.05 -47.85
CA ASN A 437 -7.22 35.69 -49.01
C ASN A 437 -8.23 36.41 -49.91
N LYS A 438 -7.96 37.69 -50.15
CA LYS A 438 -8.82 38.58 -50.95
C LYS A 438 -8.99 38.10 -52.38
N LYS A 439 -7.96 37.44 -52.92
CA LYS A 439 -8.01 36.91 -54.30
C LYS A 439 -8.90 35.66 -54.41
N PHE A 440 -9.01 34.91 -53.31
CA PHE A 440 -9.93 33.80 -53.23
C PHE A 440 -11.36 34.31 -53.12
N THR A 441 -11.57 35.30 -52.25
CA THR A 441 -12.90 35.90 -52.07
C THR A 441 -13.31 36.66 -53.33
N SER A 442 -12.32 37.15 -54.07
CA SER A 442 -12.53 37.79 -55.38
C SER A 442 -13.26 36.88 -56.37
N GLY A 443 -12.87 35.60 -56.41
CA GLY A 443 -13.49 34.62 -57.32
C GLY A 443 -12.74 34.42 -58.63
N ASP A 444 -11.82 35.33 -58.93
CA ASP A 444 -11.11 35.36 -60.21
C ASP A 444 -10.00 34.31 -60.33
N TYR A 445 -9.80 33.51 -59.28
CA TYR A 445 -8.67 32.60 -59.15
C TYR A 445 -8.63 31.45 -60.17
N THR A 446 -7.43 30.91 -60.38
CA THR A 446 -7.22 29.75 -61.26
C THR A 446 -6.51 28.62 -60.49
N THR A 447 -6.14 27.56 -61.21
CA THR A 447 -5.40 26.44 -60.64
C THR A 447 -4.03 26.86 -60.10
N LYS A 448 -3.42 27.85 -60.76
CA LYS A 448 -2.11 28.36 -60.37
C LYS A 448 -2.15 29.18 -59.09
N PHE A 449 -3.30 29.17 -58.40
CA PHE A 449 -3.53 30.02 -57.23
C PHE A 449 -2.55 29.77 -56.09
N ILE A 450 -2.23 28.51 -55.84
CA ILE A 450 -1.34 28.15 -54.73
C ILE A 450 0.14 28.47 -55.03
N GLU A 451 0.58 28.14 -56.23
CA GLU A 451 1.97 28.38 -56.67
C GLU A 451 2.31 29.87 -56.80
N GLU A 452 1.30 30.70 -57.07
CA GLU A 452 1.48 32.14 -57.26
C GLU A 452 1.29 32.95 -55.97
N THR A 453 0.69 32.33 -54.96
CA THR A 453 0.37 33.02 -53.71
C THR A 453 1.20 32.46 -52.54
N PRO A 454 2.39 33.03 -52.30
CA PRO A 454 3.38 32.49 -51.34
C PRO A 454 3.04 32.73 -49.87
N GLU A 455 2.04 33.55 -49.59
CA GLU A 455 1.61 33.84 -48.21
C GLU A 455 0.93 32.63 -47.55
N LEU A 456 0.43 31.71 -48.38
CA LEU A 456 -0.36 30.57 -47.91
C LEU A 456 0.44 29.50 -47.15
N PHE A 457 1.77 29.55 -47.24
CA PHE A 457 2.63 28.60 -46.54
C PHE A 457 3.37 29.28 -45.38
N ASP A 458 2.91 30.46 -45.04
CA ASP A 458 3.46 31.26 -43.95
C ASP A 458 2.43 31.31 -42.82
N ILE A 459 2.36 30.21 -42.07
CA ILE A 459 1.38 30.06 -40.99
C ILE A 459 1.98 30.37 -39.62
N GLN A 460 1.19 31.00 -38.76
CA GLN A 460 1.67 31.41 -37.43
C GLN A 460 1.45 30.29 -36.41
N PRO A 461 2.38 30.14 -35.45
CA PRO A 461 2.29 29.08 -34.44
C PRO A 461 1.02 29.18 -33.59
N SER A 462 0.51 28.02 -33.16
CA SER A 462 -0.72 27.98 -32.38
C SER A 462 -0.51 27.50 -30.94
N LEU A 463 -0.32 28.45 -30.04
CA LEU A 463 -0.29 28.17 -28.59
C LEU A 463 -1.72 27.83 -28.11
N ASP A 464 -1.79 27.19 -26.94
CA ASP A 464 -3.08 26.97 -26.28
C ASP A 464 -2.98 27.27 -24.80
N ARG A 465 -3.52 28.43 -24.42
CA ARG A 465 -3.57 28.87 -23.04
C ARG A 465 -4.06 27.74 -22.13
N GLY A 466 -5.23 27.19 -22.45
CA GLY A 466 -5.92 26.20 -21.62
C GLY A 466 -5.17 24.89 -21.40
N THR A 467 -4.59 24.34 -22.45
CA THR A 467 -3.85 23.08 -22.34
C THR A 467 -2.65 23.21 -21.41
N LYS A 468 -1.90 24.30 -21.58
CA LYS A 468 -0.71 24.56 -20.79
C LYS A 468 -1.04 24.72 -19.32
N THR A 469 -2.23 25.25 -19.03
CA THR A 469 -2.70 25.39 -17.66
C THR A 469 -2.97 24.00 -17.07
N LEU A 470 -3.59 23.14 -17.89
CA LEU A 470 -3.86 21.76 -17.50
C LEU A 470 -2.57 21.00 -17.31
N GLU A 471 -1.62 21.21 -18.22
CA GLU A 471 -0.27 20.65 -18.11
C GLU A 471 0.45 21.02 -16.79
N TYR A 472 0.42 22.30 -16.42
CA TYR A 472 1.03 22.71 -15.17
C TYR A 472 0.39 21.99 -13.98
N ILE A 473 -0.91 22.21 -13.79
CA ILE A 473 -1.63 21.61 -12.68
C ILE A 473 -1.38 20.10 -12.61
N GLY A 474 -1.32 19.46 -13.76
CA GLY A 474 -1.10 18.01 -13.81
C GLY A 474 0.25 17.63 -13.25
N ASN A 475 1.27 18.38 -13.63
CA ASN A 475 2.64 18.13 -13.24
C ASN A 475 2.78 18.24 -11.72
N VAL A 476 2.37 19.39 -11.19
CA VAL A 476 2.48 19.70 -9.76
C VAL A 476 1.66 18.75 -8.92
N THR A 477 0.47 18.39 -9.42
CA THR A 477 -0.41 17.44 -8.76
C THR A 477 0.27 16.09 -8.57
N ILE A 478 0.98 15.63 -9.61
CA ILE A 478 1.57 14.31 -9.59
C ILE A 478 2.97 14.31 -8.97
N ASN A 479 3.77 15.35 -9.25
CA ASN A 479 5.18 15.35 -8.89
C ASN A 479 5.58 16.47 -7.92
N GLY A 480 4.58 17.14 -7.36
CA GLY A 480 4.82 18.15 -6.35
C GLY A 480 5.56 19.38 -6.82
N PHE A 481 5.89 20.25 -5.87
CA PHE A 481 6.49 21.54 -6.12
C PHE A 481 7.79 21.64 -5.29
N PRO A 482 8.87 22.21 -5.87
CA PRO A 482 10.15 22.32 -5.13
C PRO A 482 10.09 23.08 -3.77
N ASN A 483 10.65 22.45 -2.73
CA ASN A 483 10.63 22.97 -1.35
C ASN A 483 9.25 23.01 -0.67
N VAL A 484 8.25 22.41 -1.30
CA VAL A 484 6.92 22.33 -0.70
C VAL A 484 6.67 20.89 -0.28
N GLU A 485 6.48 20.69 1.02
CA GLU A 485 6.34 19.34 1.57
C GLU A 485 5.20 18.63 0.86
N LYS A 486 5.57 17.65 0.03
CA LYS A 486 4.62 16.82 -0.68
C LYS A 486 3.52 16.34 0.28
N ARG A 487 2.39 17.02 0.24
CA ARG A 487 1.22 16.69 1.06
C ARG A 487 -0.04 16.97 0.23
N PRO A 488 -1.14 16.24 0.51
CA PRO A 488 -2.40 16.56 -0.17
C PRO A 488 -2.78 18.03 0.04
N LYS A 489 -3.28 18.66 -1.02
CA LYS A 489 -3.67 20.07 -1.01
C LYS A 489 -4.53 20.37 0.21
N PRO A 490 -4.04 21.27 1.08
CA PRO A 490 -4.69 21.54 2.35
C PRO A 490 -6.02 22.28 2.20
N ASP A 491 -6.93 21.99 3.12
CA ASP A 491 -8.21 22.71 3.21
C ASP A 491 -8.07 23.88 4.19
N TYR A 492 -7.62 25.01 3.65
CA TYR A 492 -7.42 26.25 4.42
C TYR A 492 -8.74 26.88 4.86
N GLU A 493 -8.64 27.76 5.86
CA GLU A 493 -9.73 28.66 6.23
C GLU A 493 -10.16 29.43 4.99
N LEU A 494 -11.47 29.54 4.78
CA LEU A 494 -11.99 30.28 3.64
C LEU A 494 -11.52 31.73 3.73
N ALA A 495 -12.06 32.44 4.72
CA ALA A 495 -11.70 33.86 4.96
C ALA A 495 -11.81 34.71 3.68
N SER A 496 -13.05 35.05 3.34
CA SER A 496 -13.35 35.83 2.14
C SER A 496 -12.77 37.24 2.20
N ILE A 497 -12.52 37.80 1.03
CA ILE A 497 -11.66 38.95 0.83
C ILE A 497 -12.45 40.26 0.83
N PRO A 498 -12.00 41.26 1.62
CA PRO A 498 -12.63 42.58 1.60
C PRO A 498 -12.18 43.37 0.38
N THR A 499 -13.14 43.99 -0.31
CA THR A 499 -12.87 44.75 -1.53
C THR A 499 -13.48 46.14 -1.41
N VAL A 500 -13.00 47.09 -2.23
CA VAL A 500 -13.59 48.44 -2.31
C VAL A 500 -13.84 48.83 -3.77
N SER A 501 -14.99 49.43 -4.05
CA SER A 501 -15.38 49.82 -5.41
C SER A 501 -14.33 50.71 -6.07
N SER A 502 -14.04 50.43 -7.34
CA SER A 502 -12.95 51.12 -8.03
C SER A 502 -13.30 52.58 -8.31
N SER A 503 -14.59 52.88 -8.39
CA SER A 503 -15.03 54.26 -8.59
C SER A 503 -14.79 55.09 -7.34
N LYS A 504 -14.87 54.45 -6.17
CA LYS A 504 -14.54 55.12 -4.92
C LYS A 504 -13.05 55.40 -4.87
N ILE A 505 -12.23 54.38 -5.16
CA ILE A 505 -10.78 54.54 -5.18
C ILE A 505 -10.35 55.68 -6.12
N ALA A 506 -10.95 55.70 -7.32
CA ALA A 506 -10.66 56.75 -8.30
C ALA A 506 -10.93 58.15 -7.77
N SER A 507 -11.79 58.26 -6.76
CA SER A 507 -12.07 59.55 -6.13
C SER A 507 -11.08 59.93 -5.04
N PHE A 508 -10.18 59.01 -4.67
CA PHE A 508 -9.22 59.32 -3.61
C PHE A 508 -8.08 60.16 -4.16
N SER A 509 -7.66 61.12 -3.36
CA SER A 509 -6.52 61.96 -3.65
C SER A 509 -5.58 61.83 -2.48
N GLY A 510 -4.55 61.01 -2.65
CA GLY A 510 -3.53 60.77 -1.64
C GLY A 510 -2.17 61.30 -2.07
N THR A 511 -1.10 60.69 -1.59
CA THR A 511 0.25 61.21 -1.82
C THR A 511 0.75 61.07 -3.27
N LYS A 512 0.11 60.18 -4.03
CA LYS A 512 0.41 60.02 -5.46
C LYS A 512 -0.08 61.24 -6.23
N GLN A 513 -1.31 61.66 -5.95
CA GLN A 513 -1.87 62.85 -6.53
C GLN A 513 -1.07 64.07 -6.11
N LEU A 514 -0.43 63.98 -4.95
CA LEU A 514 0.43 65.05 -4.45
C LEU A 514 1.77 65.14 -5.20
N LEU A 515 2.32 64.00 -5.63
CA LEU A 515 3.55 64.02 -6.43
C LEU A 515 3.28 64.64 -7.80
N ASP A 516 2.22 64.19 -8.45
CA ASP A 516 1.76 64.75 -9.71
C ASP A 516 1.47 66.24 -9.57
N GLU A 517 1.04 66.66 -8.38
CA GLU A 517 0.71 68.05 -8.14
C GLU A 517 1.91 68.96 -7.88
N VAL A 518 2.71 68.65 -6.87
CA VAL A 518 3.76 69.59 -6.41
C VAL A 518 5.22 69.15 -6.65
N GLY A 519 5.42 68.01 -7.31
CA GLY A 519 6.76 67.50 -7.56
C GLY A 519 7.40 66.89 -6.32
N PRO A 520 8.62 66.34 -6.46
CA PRO A 520 9.30 65.60 -5.39
C PRO A 520 9.80 66.52 -4.27
N LYS A 521 10.19 67.74 -4.62
CA LYS A 521 10.62 68.74 -3.63
C LYS A 521 9.43 69.16 -2.77
N GLY A 522 8.25 69.25 -3.40
CA GLY A 522 7.03 69.66 -2.73
C GLY A 522 6.40 68.60 -1.85
N VAL A 523 6.60 67.32 -2.19
CA VAL A 523 6.10 66.25 -1.35
C VAL A 523 6.86 66.28 -0.03
N ALA A 524 8.17 66.54 -0.13
CA ALA A 524 9.06 66.59 1.03
C ALA A 524 8.66 67.71 2.01
N GLU A 525 8.44 68.91 1.47
CA GLU A 525 7.97 70.06 2.25
C GLU A 525 6.62 69.80 2.93
N TRP A 526 5.75 69.06 2.25
CA TRP A 526 4.47 68.65 2.79
C TRP A 526 4.66 67.71 3.96
N VAL A 527 5.62 66.79 3.84
CA VAL A 527 5.84 65.79 4.87
C VAL A 527 6.26 66.47 6.17
N LYS A 528 7.30 67.29 6.12
CA LYS A 528 7.83 67.94 7.32
C LYS A 528 6.84 68.89 8.01
N LYS A 529 5.72 69.16 7.33
CA LYS A 529 4.67 70.00 7.88
C LYS A 529 3.66 69.17 8.68
N GLN A 530 3.58 67.87 8.40
CA GLN A 530 2.61 66.99 9.02
C GLN A 530 2.92 66.69 10.49
N ASP A 531 2.00 67.06 11.36
CA ASP A 531 2.12 66.81 12.78
C ASP A 531 2.01 65.32 13.08
N ASP A 532 1.05 64.67 12.41
CA ASP A 532 0.90 63.23 12.50
C ASP A 532 2.13 62.48 11.97
N VAL A 533 2.34 61.28 12.47
CA VAL A 533 3.40 60.41 11.98
C VAL A 533 2.86 59.69 10.75
N LEU A 534 3.60 59.77 9.66
CA LEU A 534 3.18 59.12 8.43
C LEU A 534 3.79 57.73 8.36
N LEU A 535 3.03 56.76 7.87
CA LEU A 535 3.54 55.40 7.79
C LEU A 535 3.76 54.92 6.38
N THR A 536 4.78 54.09 6.22
CA THR A 536 4.99 53.34 5.01
C THR A 536 4.68 51.90 5.38
N ASP A 537 3.85 51.27 4.59
CA ASP A 537 3.56 49.87 4.79
C ASP A 537 4.53 49.03 3.98
N THR A 538 4.97 47.92 4.57
CA THR A 538 5.99 47.07 3.99
C THR A 538 5.49 45.64 3.72
N THR A 539 4.18 45.46 3.87
CA THR A 539 3.55 44.15 3.72
C THR A 539 3.82 43.52 2.34
N PHE A 540 3.80 44.34 1.29
CA PHE A 540 4.00 43.85 -0.07
C PHE A 540 5.47 43.54 -0.42
N ARG A 541 6.40 43.84 0.47
CA ARG A 541 7.79 43.62 0.13
C ARG A 541 8.68 43.12 1.28
N ASP A 542 9.14 44.02 2.14
CA ASP A 542 10.04 43.64 3.22
C ASP A 542 9.42 42.66 4.19
N ALA A 543 8.13 42.86 4.49
CA ALA A 543 7.50 42.04 5.51
C ALA A 543 7.63 40.57 5.18
N HIS A 544 7.31 40.19 3.94
CA HIS A 544 7.39 38.80 3.54
C HIS A 544 8.78 38.42 3.04
N GLN A 545 9.61 39.40 2.73
CA GLN A 545 11.00 39.09 2.41
C GLN A 545 11.68 38.58 3.68
N SER A 546 11.23 39.08 4.82
CA SER A 546 11.81 38.63 6.07
C SER A 546 11.20 37.30 6.49
N LEU A 547 9.87 37.24 6.61
CA LEU A 547 9.22 36.09 7.21
C LEU A 547 8.95 34.90 6.27
N LEU A 548 9.00 35.12 4.96
CA LEU A 548 8.55 34.08 4.02
C LEU A 548 9.43 33.91 2.78
N ALA A 549 10.73 34.19 2.92
CA ALA A 549 11.72 34.11 1.83
C ALA A 549 11.25 34.78 0.52
N THR A 550 10.46 35.85 0.68
CA THR A 550 9.93 36.68 -0.42
C THR A 550 9.01 35.94 -1.39
N ARG A 551 8.36 34.89 -0.92
CA ARG A 551 7.52 34.05 -1.79
C ARG A 551 6.10 34.57 -2.02
N VAL A 552 5.71 35.68 -1.39
CA VAL A 552 4.32 36.10 -1.55
C VAL A 552 4.03 36.50 -3.02
N ARG A 553 3.08 35.80 -3.63
CA ARG A 553 2.76 35.98 -5.04
C ARG A 553 1.88 37.19 -5.32
N THR A 554 2.03 37.73 -6.53
CA THR A 554 1.20 38.81 -7.04
C THR A 554 -0.29 38.58 -6.79
N LYS A 555 -0.72 37.33 -6.93
CA LYS A 555 -2.11 36.95 -6.84
C LYS A 555 -2.74 37.37 -5.52
N ASP A 556 -2.00 37.18 -4.43
CA ASP A 556 -2.49 37.50 -3.09
C ASP A 556 -2.40 38.99 -2.82
N MET A 557 -1.48 39.65 -3.51
CA MET A 557 -1.31 41.09 -3.37
C MET A 557 -2.43 41.78 -4.13
N ILE A 558 -2.64 41.37 -5.38
CA ILE A 558 -3.68 41.96 -6.18
C ILE A 558 -5.06 41.77 -5.56
N ASN A 559 -5.23 40.65 -4.85
CA ASN A 559 -6.51 40.37 -4.19
C ASN A 559 -6.92 41.41 -3.15
N ILE A 560 -5.97 41.99 -2.42
CA ILE A 560 -6.30 43.00 -1.40
C ILE A 560 -5.94 44.41 -1.82
N ALA A 561 -5.57 44.58 -3.07
CA ALA A 561 -5.05 45.85 -3.54
C ALA A 561 -6.07 46.96 -3.29
N SER A 562 -7.31 46.70 -3.67
CA SER A 562 -8.39 47.67 -3.52
C SER A 562 -8.72 48.00 -2.04
N LYS A 563 -8.70 46.99 -1.17
CA LYS A 563 -8.87 47.23 0.26
C LYS A 563 -7.70 48.05 0.80
N THR A 564 -6.49 47.65 0.42
CA THR A 564 -5.27 48.35 0.82
C THR A 564 -5.30 49.82 0.43
N ALA A 565 -5.77 50.11 -0.79
CA ALA A 565 -5.87 51.49 -1.27
C ALA A 565 -6.68 52.40 -0.35
N ASP A 566 -7.83 51.89 0.10
CA ASP A 566 -8.69 52.56 1.09
C ASP A 566 -8.00 52.63 2.46
N VAL A 567 -7.50 51.49 2.96
CA VAL A 567 -6.85 51.43 4.27
C VAL A 567 -5.70 52.44 4.41
N PHE A 568 -4.81 52.48 3.42
CA PHE A 568 -3.64 53.37 3.47
C PHE A 568 -3.79 54.65 2.66
N LYS A 569 -5.04 55.06 2.43
CA LYS A 569 -5.37 56.34 1.77
C LYS A 569 -4.59 57.57 2.24
N ASP A 570 -4.16 57.59 3.50
CA ASP A 570 -3.40 58.72 4.02
C ASP A 570 -1.98 58.32 4.30
N GLY A 571 -1.59 57.14 3.84
CA GLY A 571 -0.25 56.63 4.06
C GLY A 571 0.75 57.40 3.24
N PHE A 572 2.02 57.35 3.65
CA PHE A 572 3.04 58.03 2.86
C PHE A 572 3.31 57.27 1.56
N SER A 573 3.52 55.95 1.67
CA SER A 573 3.84 55.12 0.52
C SER A 573 3.72 53.64 0.84
N LEU A 574 3.51 52.83 -0.18
CA LEU A 574 3.55 51.39 0.00
C LEU A 574 4.85 50.84 -0.57
N GLU A 575 5.58 50.08 0.24
CA GLU A 575 6.80 49.45 -0.25
C GLU A 575 6.47 48.11 -0.87
N MET A 576 6.50 48.06 -2.19
CA MET A 576 6.04 46.90 -2.93
C MET A 576 6.96 46.44 -4.06
N TRP A 577 8.23 46.85 -4.04
CA TRP A 577 9.16 46.47 -5.12
C TRP A 577 10.61 46.61 -4.66
N GLY A 578 11.53 45.98 -5.38
CA GLY A 578 12.95 46.00 -4.99
C GLY A 578 13.26 44.92 -3.98
N GLY A 579 14.37 45.11 -3.24
CA GLY A 579 14.95 44.04 -2.44
C GLY A 579 15.07 42.80 -3.31
N ALA A 580 14.64 41.66 -2.79
CA ALA A 580 14.71 40.38 -3.49
C ALA A 580 13.54 40.08 -4.42
N THR A 581 12.55 40.99 -4.48
CA THR A 581 11.29 40.69 -5.21
C THR A 581 11.52 40.52 -6.69
N PHE A 582 12.41 41.31 -7.25
CA PHE A 582 12.70 41.21 -8.67
C PHE A 582 13.18 39.80 -8.98
N ASP A 583 14.29 39.43 -8.34
CA ASP A 583 14.94 38.14 -8.49
C ASP A 583 13.96 37.00 -8.25
N VAL A 584 13.30 37.06 -7.09
CA VAL A 584 12.48 35.95 -6.61
C VAL A 584 11.24 35.79 -7.46
N ALA A 585 10.66 36.91 -7.89
CA ALA A 585 9.50 36.87 -8.78
C ALA A 585 9.75 36.03 -10.04
N TYR A 586 10.77 36.40 -10.81
CA TYR A 586 11.14 35.74 -12.06
C TYR A 586 11.59 34.29 -11.89
N ASN A 587 12.36 34.03 -10.82
CA ASN A 587 13.05 32.76 -10.64
C ASN A 587 12.21 31.72 -9.93
N PHE A 588 11.80 32.02 -8.71
CA PHE A 588 11.09 31.06 -7.90
C PHE A 588 9.62 30.99 -8.24
N LEU A 589 8.95 32.14 -8.23
CA LEU A 589 7.50 32.19 -8.43
C LEU A 589 7.17 32.20 -9.91
N LYS A 590 8.18 32.46 -10.72
CA LYS A 590 8.03 32.42 -12.17
C LYS A 590 6.96 33.41 -12.66
N GLU A 591 6.96 34.61 -12.09
CA GLU A 591 6.03 35.65 -12.49
C GLU A 591 6.77 36.93 -12.74
N ASN A 592 6.23 37.76 -13.63
CA ASN A 592 6.85 39.01 -14.02
C ASN A 592 6.68 40.08 -12.95
N PRO A 593 7.79 40.52 -12.34
CA PRO A 593 7.68 41.57 -11.34
C PRO A 593 7.11 42.86 -11.91
N TRP A 594 7.32 43.08 -13.20
CA TRP A 594 6.79 44.27 -13.86
C TRP A 594 5.27 44.22 -13.91
N GLU A 595 4.73 43.02 -14.09
CA GLU A 595 3.27 42.83 -14.04
C GLU A 595 2.75 43.17 -12.65
N ARG A 596 3.47 42.73 -11.62
CA ARG A 596 3.07 43.01 -10.24
C ARG A 596 3.03 44.52 -10.01
N LEU A 597 4.05 45.23 -10.45
CA LEU A 597 4.09 46.68 -10.32
C LEU A 597 2.91 47.32 -11.05
N GLU A 598 2.73 46.92 -12.30
CA GLU A 598 1.74 47.53 -13.18
C GLU A 598 0.32 47.30 -12.70
N ARG A 599 0.03 46.09 -12.23
CA ARG A 599 -1.31 45.76 -11.80
C ARG A 599 -1.65 46.43 -10.47
N LEU A 600 -0.72 46.38 -9.53
CA LEU A 600 -0.89 47.10 -8.27
C LEU A 600 -1.05 48.61 -8.53
N ARG A 601 -0.30 49.13 -9.49
CA ARG A 601 -0.43 50.52 -9.93
C ARG A 601 -1.87 50.94 -10.27
N LYS A 602 -2.54 50.17 -11.15
CA LYS A 602 -3.92 50.47 -11.52
C LYS A 602 -4.87 50.37 -10.32
N ALA A 603 -4.62 49.39 -9.46
CA ALA A 603 -5.55 49.07 -8.37
C ALA A 603 -5.39 50.02 -7.18
N ILE A 604 -4.18 50.52 -6.98
CA ILE A 604 -3.88 51.46 -5.89
C ILE A 604 -3.33 52.75 -6.48
N PRO A 605 -4.19 53.56 -7.13
CA PRO A 605 -3.67 54.73 -7.82
C PRO A 605 -3.51 56.00 -6.98
N ASN A 606 -3.63 55.91 -5.65
CA ASN A 606 -3.68 57.10 -4.82
C ASN A 606 -2.52 57.28 -3.82
N VAL A 607 -1.83 56.19 -3.51
CA VAL A 607 -0.70 56.21 -2.58
C VAL A 607 0.62 56.08 -3.35
N LEU A 608 1.67 56.70 -2.84
CA LEU A 608 2.99 56.62 -3.44
C LEU A 608 3.53 55.19 -3.39
N PHE A 609 4.09 54.73 -4.50
CA PHE A 609 4.75 53.43 -4.53
C PHE A 609 6.23 53.65 -4.26
N GLN A 610 6.78 52.78 -3.41
CA GLN A 610 8.18 52.87 -3.00
C GLN A 610 8.91 51.57 -3.25
N MET A 611 10.14 51.67 -3.71
CA MET A 611 11.00 50.52 -3.85
C MET A 611 12.35 50.78 -3.18
N LEU A 612 13.04 49.69 -2.83
CA LEU A 612 14.37 49.77 -2.28
C LEU A 612 15.39 49.55 -3.40
N LEU A 613 16.29 50.52 -3.57
CA LEU A 613 17.26 50.49 -4.66
C LEU A 613 18.67 50.48 -4.11
N ARG A 614 19.45 49.46 -4.48
CA ARG A 614 20.83 49.37 -4.04
C ARG A 614 21.72 50.15 -5.02
N ALA A 615 22.46 51.10 -4.48
CA ALA A 615 23.15 52.11 -5.27
C ALA A 615 24.04 51.58 -6.39
N SER A 616 24.63 50.41 -6.17
CA SER A 616 25.63 49.88 -7.12
C SER A 616 24.98 49.18 -8.28
N ASN A 617 23.88 48.50 -8.04
CA ASN A 617 23.33 47.61 -9.06
C ASN A 617 21.80 47.50 -9.03
N ALA A 618 21.14 48.58 -8.62
CA ALA A 618 19.68 48.67 -8.54
C ALA A 618 19.03 47.50 -7.81
N VAL A 619 18.89 46.36 -8.50
CA VAL A 619 18.21 45.17 -7.99
C VAL A 619 18.87 43.87 -8.50
N GLY A 620 20.00 44.01 -9.18
CA GLY A 620 20.79 42.88 -9.69
C GLY A 620 21.61 42.12 -8.67
N TYR A 621 22.56 41.33 -9.18
CA TYR A 621 23.35 40.36 -8.41
C TYR A 621 24.86 40.53 -8.62
N LYS A 622 25.23 41.40 -9.56
CA LYS A 622 26.63 41.67 -9.87
C LYS A 622 26.84 43.18 -10.01
N ASN A 623 27.91 43.61 -10.68
CA ASN A 623 28.08 45.03 -11.01
C ASN A 623 27.55 45.40 -12.40
N TYR A 624 27.18 46.66 -12.60
CA TYR A 624 26.69 47.13 -13.91
C TYR A 624 27.19 48.52 -14.30
N PRO A 625 27.36 48.74 -15.61
CA PRO A 625 27.62 50.11 -16.10
C PRO A 625 26.46 51.03 -15.77
N ASP A 626 26.76 52.32 -15.67
CA ASP A 626 25.78 53.32 -15.23
C ASP A 626 24.49 53.35 -16.06
N ASN A 627 24.61 53.12 -17.37
CA ASN A 627 23.44 53.11 -18.24
C ASN A 627 22.43 51.97 -17.96
N VAL A 628 22.84 50.98 -17.18
CA VAL A 628 21.92 49.93 -16.73
C VAL A 628 21.09 50.40 -15.53
N ILE A 629 21.72 51.17 -14.65
CA ILE A 629 21.03 51.79 -13.53
C ILE A 629 19.97 52.75 -14.08
N HIS A 630 20.41 53.66 -14.94
CA HIS A 630 19.54 54.66 -15.58
C HIS A 630 18.33 54.07 -16.26
N LYS A 631 18.55 53.10 -17.13
CA LYS A 631 17.46 52.42 -17.82
C LYS A 631 16.45 51.90 -16.82
N PHE A 632 16.91 51.11 -15.86
CA PHE A 632 16.03 50.47 -14.90
C PHE A 632 15.22 51.48 -14.12
N VAL A 633 15.84 52.60 -13.76
CA VAL A 633 15.14 53.67 -13.05
C VAL A 633 14.07 54.29 -13.96
N GLN A 634 14.49 54.78 -15.13
CA GLN A 634 13.53 55.34 -16.09
C GLN A 634 12.31 54.42 -16.25
N GLU A 635 12.56 53.11 -16.46
CA GLU A 635 11.47 52.15 -16.68
C GLU A 635 10.71 51.77 -15.41
N SER A 636 11.36 51.86 -14.26
CA SER A 636 10.67 51.68 -12.97
C SER A 636 9.74 52.85 -12.70
N ALA A 637 10.21 54.06 -12.99
CA ALA A 637 9.41 55.26 -12.81
C ALA A 637 8.17 55.24 -13.69
N LYS A 638 8.33 54.75 -14.91
CA LYS A 638 7.25 54.74 -15.88
C LYS A 638 6.15 53.78 -15.50
N ALA A 639 6.52 52.66 -14.89
CA ALA A 639 5.58 51.62 -14.56
C ALA A 639 4.92 51.83 -13.18
N GLY A 640 5.33 52.88 -12.48
CA GLY A 640 4.62 53.32 -11.27
C GLY A 640 5.40 53.54 -9.98
N ILE A 641 6.72 53.41 -10.02
CA ILE A 641 7.52 53.68 -8.85
C ILE A 641 7.71 55.18 -8.65
N ASP A 642 7.39 55.66 -7.46
CA ASP A 642 7.48 57.09 -7.13
C ASP A 642 8.60 57.44 -6.17
N VAL A 643 8.86 56.56 -5.20
CA VAL A 643 9.84 56.81 -4.16
C VAL A 643 10.89 55.71 -4.23
N PHE A 644 12.14 56.12 -4.48
CA PHE A 644 13.26 55.19 -4.53
C PHE A 644 14.13 55.37 -3.28
N ARG A 645 14.13 54.38 -2.40
CA ARG A 645 15.05 54.38 -1.26
C ARG A 645 16.41 53.87 -1.73
N ILE A 646 17.35 54.78 -1.87
CA ILE A 646 18.69 54.47 -2.35
C ILE A 646 19.64 54.28 -1.18
N PHE A 647 20.34 53.14 -1.16
CA PHE A 647 21.32 52.84 -0.12
C PHE A 647 22.57 52.16 -0.70
N ASP A 648 23.73 52.49 -0.13
CA ASP A 648 24.96 51.74 -0.36
C ASP A 648 25.27 50.82 0.83
N SER A 649 25.65 49.58 0.55
CA SER A 649 25.92 48.63 1.62
C SER A 649 27.20 48.94 2.40
N LEU A 650 27.91 50.01 2.05
CA LEU A 650 28.99 50.51 2.92
C LEU A 650 28.80 51.97 3.35
N ASN A 651 27.62 52.52 3.08
CA ASN A 651 27.35 53.95 3.28
C ASN A 651 28.34 54.84 2.50
N TRP A 652 28.81 54.35 1.35
CA TRP A 652 29.71 55.08 0.47
C TRP A 652 28.93 55.98 -0.48
N VAL A 653 28.95 57.27 -0.21
CA VAL A 653 28.14 58.22 -0.97
C VAL A 653 28.47 58.20 -2.44
N ASP A 654 29.75 58.14 -2.79
CA ASP A 654 30.14 58.20 -4.21
C ASP A 654 29.48 57.11 -5.09
N GLN A 655 29.15 55.97 -4.49
CA GLN A 655 28.48 54.91 -5.25
C GLN A 655 26.98 55.15 -5.33
N MET A 656 26.51 56.26 -4.77
CA MET A 656 25.09 56.59 -4.73
C MET A 656 24.69 57.70 -5.72
N LYS A 657 25.69 58.23 -6.46
CA LYS A 657 25.48 59.35 -7.39
C LYS A 657 24.62 58.97 -8.60
N VAL A 658 24.95 57.86 -9.25
CA VAL A 658 24.22 57.37 -10.42
C VAL A 658 22.71 57.18 -10.17
N ALA A 659 22.35 56.30 -9.25
CA ALA A 659 20.94 56.11 -8.88
C ALA A 659 20.26 57.45 -8.59
N ASN A 660 20.91 58.29 -7.78
CA ASN A 660 20.37 59.60 -7.46
C ASN A 660 20.01 60.39 -8.71
N GLU A 661 21.02 60.66 -9.55
CA GLU A 661 20.82 61.40 -10.80
C GLU A 661 19.66 60.83 -11.59
N ALA A 662 19.73 59.52 -11.84
CA ALA A 662 18.72 58.82 -12.64
C ALA A 662 17.32 59.09 -12.12
N VAL A 663 17.13 58.93 -10.81
CA VAL A 663 15.84 59.13 -10.18
C VAL A 663 15.38 60.58 -10.39
N GLN A 664 16.32 61.53 -10.26
CA GLN A 664 16.04 62.95 -10.48
C GLN A 664 15.61 63.28 -11.92
N GLU A 665 16.21 62.60 -12.90
CA GLU A 665 15.86 62.79 -14.31
C GLU A 665 14.46 62.26 -14.58
N ALA A 666 14.00 61.34 -13.73
CA ALA A 666 12.69 60.74 -13.86
C ALA A 666 11.63 61.56 -13.14
N GLY A 667 12.08 62.60 -12.44
CA GLY A 667 11.20 63.48 -11.67
C GLY A 667 10.49 62.78 -10.52
N LYS A 668 11.13 61.78 -9.93
CA LYS A 668 10.56 61.02 -8.84
C LYS A 668 11.26 61.32 -7.51
N ILE A 669 10.68 60.89 -6.40
CA ILE A 669 11.27 61.13 -5.08
C ILE A 669 12.43 60.18 -4.79
N SER A 670 13.61 60.76 -4.55
CA SER A 670 14.83 60.02 -4.26
C SER A 670 15.14 60.12 -2.78
N GLU A 671 15.16 58.96 -2.13
CA GLU A 671 15.34 58.86 -0.69
C GLU A 671 16.77 58.40 -0.40
N GLY A 672 17.56 59.28 0.22
CA GLY A 672 18.97 59.00 0.48
C GLY A 672 19.17 58.33 1.81
N THR A 673 19.87 57.19 1.81
CA THR A 673 19.84 56.30 2.97
C THR A 673 21.16 56.11 3.72
N ILE A 674 21.07 56.27 5.03
CA ILE A 674 22.11 55.92 5.96
C ILE A 674 21.77 54.57 6.58
N CYS A 675 22.66 53.59 6.44
CA CYS A 675 22.49 52.34 7.19
C CYS A 675 23.10 52.46 8.59
N TYR A 676 22.38 51.93 9.59
CA TYR A 676 22.84 52.00 10.98
C TYR A 676 23.65 50.78 11.40
N THR A 677 24.80 51.00 12.03
CA THR A 677 25.50 49.97 12.83
C THR A 677 26.10 50.63 14.06
N GLY A 678 26.71 49.80 14.90
CA GLY A 678 27.30 50.29 16.12
C GLY A 678 26.18 50.69 17.05
N ASP A 679 26.50 51.57 18.00
CA ASP A 679 25.64 51.91 19.09
C ASP A 679 26.07 53.26 19.61
N ILE A 680 25.47 54.32 19.08
CA ILE A 680 25.85 55.68 19.48
C ILE A 680 25.73 55.94 20.98
N LEU A 681 25.03 55.07 21.71
CA LEU A 681 24.91 55.16 23.17
C LEU A 681 26.18 54.73 23.88
N ASN A 682 26.95 53.88 23.22
CA ASN A 682 28.11 53.25 23.85
C ASN A 682 29.41 53.66 23.15
N PRO A 683 30.19 54.55 23.80
CA PRO A 683 31.44 55.10 23.24
C PRO A 683 32.55 54.07 23.04
N GLU A 684 32.39 52.87 23.61
CA GLU A 684 33.40 51.83 23.47
C GLU A 684 33.18 50.97 22.23
N ARG A 685 31.99 51.11 21.63
CA ARG A 685 31.60 50.32 20.46
C ARG A 685 32.43 50.67 19.22
N SER A 686 32.43 51.95 18.84
CA SER A 686 33.32 52.40 17.77
C SER A 686 33.70 53.85 17.98
N ASN A 687 34.89 54.21 17.52
CA ASN A 687 35.31 55.61 17.36
C ASN A 687 34.85 56.17 16.00
N ILE A 688 34.25 55.31 15.20
CA ILE A 688 33.85 55.66 13.85
C ILE A 688 32.33 55.92 13.76
N TYR A 689 31.52 54.92 14.09
CA TYR A 689 30.06 55.04 13.94
C TYR A 689 29.43 55.79 15.10
N THR A 690 29.77 57.08 15.18
CA THR A 690 29.30 57.95 16.25
C THR A 690 28.24 58.91 15.73
N LEU A 691 27.56 59.58 16.66
CA LEU A 691 26.60 60.61 16.35
C LEU A 691 27.12 61.62 15.31
N GLU A 692 28.40 61.97 15.40
CA GLU A 692 28.98 62.94 14.47
C GLU A 692 29.21 62.37 13.06
N TYR A 693 29.40 61.06 12.98
CA TYR A 693 29.52 60.39 11.69
C TYR A 693 28.20 60.46 10.90
N TYR A 694 27.09 60.19 11.59
CA TYR A 694 25.77 60.15 10.96
C TYR A 694 25.28 61.53 10.54
N VAL A 695 25.51 62.52 11.40
CA VAL A 695 25.31 63.94 11.10
C VAL A 695 26.11 64.36 9.85
N LYS A 696 27.41 64.09 9.85
CA LYS A 696 28.26 64.46 8.71
C LYS A 696 27.70 63.84 7.43
N LEU A 697 27.51 62.52 7.46
CA LEU A 697 26.94 61.76 6.35
C LEU A 697 25.56 62.28 5.88
N ALA A 698 24.67 62.56 6.83
CA ALA A 698 23.36 63.11 6.52
C ALA A 698 23.44 64.40 5.73
N LYS A 699 24.31 65.34 6.15
CA LYS A 699 24.50 66.63 5.48
C LYS A 699 25.09 66.49 4.07
N GLU A 700 25.90 65.47 3.86
CA GLU A 700 26.44 65.18 2.53
C GLU A 700 25.32 64.69 1.60
N LEU A 701 24.40 63.88 2.14
CA LEU A 701 23.25 63.41 1.37
C LEU A 701 22.29 64.56 1.05
N GLU A 702 22.19 65.50 1.97
CA GLU A 702 21.41 66.72 1.74
C GLU A 702 22.01 67.59 0.62
N ARG A 703 23.33 67.79 0.62
CA ARG A 703 23.97 68.56 -0.44
C ARG A 703 23.93 67.82 -1.77
N GLU A 704 23.84 66.49 -1.70
CA GLU A 704 23.60 65.65 -2.88
C GLU A 704 22.19 65.78 -3.40
N GLY A 705 21.30 66.36 -2.59
CA GLY A 705 19.96 66.71 -3.05
C GLY A 705 18.96 65.57 -3.09
N PHE A 706 19.10 64.62 -2.17
CA PHE A 706 18.05 63.64 -1.91
C PHE A 706 16.92 64.40 -1.24
N HIS A 707 15.68 64.07 -1.60
CA HIS A 707 14.52 64.75 -1.07
C HIS A 707 14.21 64.31 0.37
N ILE A 708 14.62 63.09 0.71
CA ILE A 708 14.31 62.48 2.01
C ILE A 708 15.50 61.70 2.53
N LEU A 709 15.65 61.70 3.86
CA LEU A 709 16.70 60.95 4.51
C LEU A 709 16.11 59.70 5.11
N ALA A 710 16.64 58.56 4.71
CA ALA A 710 16.22 57.30 5.30
C ALA A 710 17.30 56.76 6.22
N ILE A 711 16.88 56.26 7.37
CA ILE A 711 17.74 55.47 8.20
C ILE A 711 17.31 54.00 8.05
N LYS A 712 18.23 53.20 7.55
CA LYS A 712 18.00 51.78 7.33
C LYS A 712 18.74 51.06 8.44
N ASP A 713 17.97 50.59 9.41
CA ASP A 713 18.50 49.81 10.49
C ASP A 713 18.26 48.34 10.15
N MET A 714 19.00 47.83 9.17
CA MET A 714 18.73 46.49 8.62
C MET A 714 18.88 45.34 9.58
N ALA A 715 19.54 45.57 10.71
CA ALA A 715 19.73 44.54 11.74
C ALA A 715 19.01 44.84 13.07
N GLY A 716 18.21 45.90 13.10
CA GLY A 716 17.46 46.27 14.31
C GLY A 716 18.38 46.63 15.46
N LEU A 717 19.41 47.42 15.15
CA LEU A 717 20.43 47.80 16.12
C LEU A 717 20.12 49.10 16.87
N LEU A 718 19.21 49.90 16.31
CA LEU A 718 18.88 51.20 16.85
C LEU A 718 18.06 51.04 18.13
N LYS A 719 18.74 51.17 19.26
CA LYS A 719 18.11 51.02 20.58
C LYS A 719 17.27 52.25 20.86
N PRO A 720 16.16 52.07 21.60
CA PRO A 720 15.22 53.15 21.93
C PRO A 720 15.85 54.52 22.18
N LYS A 721 16.75 54.63 23.15
CA LYS A 721 17.39 55.92 23.46
C LYS A 721 18.23 56.38 22.28
N ALA A 722 18.88 55.45 21.60
CA ALA A 722 19.69 55.78 20.43
C ALA A 722 18.83 56.44 19.38
N ALA A 723 17.62 55.92 19.20
CA ALA A 723 16.68 56.43 18.22
C ALA A 723 16.39 57.89 18.49
N TYR A 724 16.01 58.18 19.73
CA TYR A 724 15.67 59.54 20.18
C TYR A 724 16.83 60.51 20.03
N GLU A 725 18.04 60.05 20.31
CA GLU A 725 19.18 60.92 20.16
C GLU A 725 19.59 61.11 18.71
N LEU A 726 19.45 60.06 17.91
CA LEU A 726 19.90 60.10 16.50
C LEU A 726 18.97 60.99 15.66
N ILE A 727 17.67 60.83 15.87
CA ILE A 727 16.67 61.55 15.09
C ILE A 727 16.68 63.01 15.45
N GLY A 728 16.66 63.28 16.76
CA GLY A 728 16.72 64.64 17.30
C GLY A 728 17.83 65.45 16.67
N GLU A 729 19.04 64.89 16.68
CA GLU A 729 20.24 65.48 16.07
C GLU A 729 20.07 65.66 14.57
N LEU A 730 19.52 64.62 13.94
CA LEU A 730 19.32 64.65 12.50
C LEU A 730 18.29 65.70 12.11
N LYS A 731 17.27 65.93 12.93
CA LYS A 731 16.30 67.00 12.68
C LYS A 731 17.00 68.37 12.67
N SER A 732 17.82 68.63 13.70
CA SER A 732 18.56 69.88 13.79
C SER A 732 19.61 70.06 12.68
N ALA A 733 20.30 68.99 12.32
CA ALA A 733 21.42 69.09 11.37
C ALA A 733 20.98 69.30 9.92
N VAL A 734 20.00 68.54 9.47
CA VAL A 734 19.49 68.70 8.11
C VAL A 734 18.03 69.15 8.08
N ASP A 735 17.61 69.72 6.95
CA ASP A 735 16.23 70.16 6.77
C ASP A 735 15.31 69.14 6.09
N LEU A 736 15.91 68.08 5.54
CA LEU A 736 15.18 66.97 4.94
C LEU A 736 14.25 66.26 5.94
N PRO A 737 13.09 65.77 5.47
CA PRO A 737 12.29 64.91 6.36
C PRO A 737 12.94 63.54 6.57
N ILE A 738 12.79 63.00 7.76
CA ILE A 738 13.47 61.75 8.14
C ILE A 738 12.53 60.56 8.07
N HIS A 739 12.97 59.55 7.33
CA HIS A 739 12.18 58.35 7.11
C HIS A 739 12.90 57.15 7.74
N LEU A 740 12.29 56.53 8.74
CA LEU A 740 12.96 55.52 9.56
C LEU A 740 12.50 54.08 9.29
N HIS A 741 13.46 53.22 9.00
CA HIS A 741 13.17 51.82 8.74
C HIS A 741 13.92 50.95 9.74
N THR A 742 13.17 50.16 10.51
CA THR A 742 13.79 49.21 11.43
C THR A 742 13.20 47.81 11.33
N HIS A 743 13.92 46.82 11.85
CA HIS A 743 13.39 45.45 11.98
C HIS A 743 13.15 45.19 13.48
N ASP A 744 12.26 44.27 13.82
CA ASP A 744 11.79 44.09 15.21
C ASP A 744 12.50 42.90 15.81
N THR A 745 13.64 42.54 15.23
CA THR A 745 14.33 41.30 15.60
C THR A 745 14.82 41.20 17.04
N SER A 746 15.04 42.34 17.69
CA SER A 746 15.41 42.35 19.11
C SER A 746 14.17 42.28 19.99
N GLY A 747 13.04 42.69 19.43
CA GLY A 747 11.80 42.78 20.18
C GLY A 747 11.55 44.18 20.71
N ASN A 748 12.51 45.10 20.53
CA ASN A 748 12.37 46.49 20.98
C ASN A 748 11.91 47.43 19.86
N GLY A 749 11.51 46.87 18.72
CA GLY A 749 11.06 47.64 17.57
C GLY A 749 10.09 48.78 17.85
N LEU A 750 8.94 48.47 18.47
CA LEU A 750 7.95 49.53 18.77
C LEU A 750 8.50 50.63 19.70
N LEU A 751 9.22 50.23 20.74
CA LEU A 751 9.90 51.21 21.58
C LEU A 751 10.77 52.18 20.78
N THR A 752 11.44 51.64 19.75
CA THR A 752 12.36 52.44 18.93
C THR A 752 11.58 53.48 18.14
N TYR A 753 10.55 53.03 17.41
CA TYR A 753 9.58 53.92 16.78
C TYR A 753 8.96 54.96 17.72
N LYS A 754 8.53 54.53 18.90
CA LYS A 754 7.91 55.43 19.85
C LYS A 754 8.88 56.53 20.23
N GLN A 755 10.14 56.16 20.44
CA GLN A 755 11.18 57.12 20.77
C GLN A 755 11.50 58.03 19.58
N ALA A 756 11.48 57.43 18.39
CA ALA A 756 11.75 58.17 17.14
C ALA A 756 10.68 59.22 16.92
N ILE A 757 9.42 58.81 17.13
CA ILE A 757 8.27 59.69 17.07
C ILE A 757 8.41 60.86 18.05
N ASP A 758 8.84 60.57 19.28
CA ASP A 758 9.05 61.57 20.31
C ASP A 758 10.09 62.59 19.84
N ALA A 759 11.12 62.09 19.16
CA ALA A 759 12.21 62.92 18.68
C ALA A 759 11.85 63.66 17.39
N GLY A 760 10.68 63.34 16.83
CA GLY A 760 10.14 64.12 15.72
C GLY A 760 10.21 63.49 14.33
N VAL A 761 10.43 62.18 14.27
CA VAL A 761 10.60 61.51 12.97
C VAL A 761 9.35 61.68 12.13
N ASP A 762 9.55 61.80 10.81
CA ASP A 762 8.46 62.09 9.89
C ASP A 762 7.76 60.83 9.43
N ILE A 763 8.52 59.81 9.07
CA ILE A 763 7.92 58.58 8.51
C ILE A 763 8.58 57.32 9.09
N ILE A 764 7.78 56.29 9.35
CA ILE A 764 8.30 55.01 9.80
C ILE A 764 7.75 53.86 8.97
N ASP A 765 8.50 52.75 8.93
CA ASP A 765 8.07 51.58 8.17
C ASP A 765 7.37 50.54 9.06
N THR A 766 6.13 50.22 8.71
CA THR A 766 5.35 49.30 9.53
C THR A 766 4.80 48.18 8.67
N ALA A 767 4.31 47.12 9.31
CA ALA A 767 3.58 46.10 8.60
C ALA A 767 2.27 45.78 9.35
N VAL A 768 1.30 45.19 8.67
CA VAL A 768 0.10 44.73 9.34
C VAL A 768 0.47 43.65 10.34
N ALA A 769 -0.26 43.65 11.46
CA ALA A 769 0.04 42.82 12.63
C ALA A 769 0.55 41.42 12.28
N SER A 770 -0.21 40.71 11.46
CA SER A 770 0.02 39.31 11.14
C SER A 770 1.23 39.09 10.25
N MET A 771 1.79 40.18 9.74
CA MET A 771 2.96 40.12 8.89
C MET A 771 4.07 40.93 9.52
N SER A 772 3.96 41.14 10.83
CA SER A 772 4.92 41.97 11.56
C SER A 772 5.69 41.20 12.61
N GLY A 773 6.64 41.89 13.25
CA GLY A 773 7.33 41.36 14.42
C GLY A 773 8.62 40.66 14.04
N LEU A 774 9.40 40.24 15.05
CA LEU A 774 10.64 39.53 14.79
C LEU A 774 11.45 40.18 13.65
N THR A 775 11.93 39.41 12.67
CA THR A 775 12.76 40.01 11.60
C THR A 775 12.03 40.97 10.66
N SER A 776 10.74 41.17 10.89
CA SER A 776 9.91 42.01 10.05
C SER A 776 9.84 43.40 10.66
N GLN A 777 9.04 44.28 10.07
CA GLN A 777 8.80 45.59 10.64
C GLN A 777 7.96 45.49 11.92
N PRO A 778 8.09 46.51 12.78
CA PRO A 778 7.14 46.65 13.87
C PRO A 778 5.72 46.71 13.34
N SER A 779 4.80 46.14 14.11
CA SER A 779 3.38 46.14 13.81
C SER A 779 2.74 47.53 13.81
N ALA A 780 2.01 47.84 12.74
CA ALA A 780 1.32 49.11 12.63
C ALA A 780 0.12 49.15 13.59
N ASN A 781 -0.59 48.03 13.65
CA ASN A 781 -1.77 47.90 14.48
C ASN A 781 -1.48 48.30 15.92
N SER A 782 -0.35 47.85 16.45
CA SER A 782 -0.04 48.09 17.87
C SER A 782 0.66 49.42 18.11
N LEU A 783 1.44 49.86 17.14
CA LEU A 783 2.00 51.19 17.20
C LEU A 783 0.87 52.19 17.34
N TYR A 784 -0.18 51.99 16.55
CA TYR A 784 -1.36 52.82 16.64
C TYR A 784 -1.78 53.02 18.10
N TYR A 785 -2.08 51.91 18.77
CA TYR A 785 -2.55 51.93 20.16
C TYR A 785 -1.46 52.26 21.18
N ALA A 786 -0.22 51.88 20.90
CA ALA A 786 0.89 52.22 21.77
C ALA A 786 0.98 53.73 21.98
N LEU A 787 0.58 54.49 20.96
CA LEU A 787 0.68 55.95 20.96
C LEU A 787 -0.43 56.68 21.73
N ASN A 788 -1.50 55.96 22.08
CA ASN A 788 -2.62 56.55 22.82
C ASN A 788 -2.17 57.37 24.02
N GLY A 789 -2.61 58.62 24.10
CA GLY A 789 -2.29 59.49 25.22
C GLY A 789 -0.94 60.21 25.12
N PHE A 790 -0.17 59.89 24.08
CA PHE A 790 1.07 60.60 23.77
C PHE A 790 0.77 61.72 22.75
N PRO A 791 1.65 62.74 22.66
CA PRO A 791 1.38 63.97 21.89
C PRO A 791 1.36 63.86 20.36
N ARG A 792 1.47 62.65 19.81
CA ARG A 792 1.53 62.50 18.36
C ARG A 792 0.79 61.25 17.90
N HIS A 793 -0.01 61.41 16.85
CA HIS A 793 -0.91 60.36 16.38
C HIS A 793 -0.36 59.71 15.11
N LEU A 794 -0.48 58.38 15.02
CA LEU A 794 -0.13 57.64 13.81
C LEU A 794 -1.29 57.70 12.81
N ARG A 795 -1.10 58.42 11.71
CA ARG A 795 -2.17 58.69 10.76
C ARG A 795 -2.51 57.50 9.87
N THR A 796 -3.53 56.76 10.29
CA THR A 796 -4.01 55.62 9.53
C THR A 796 -5.39 55.19 10.00
N ASP A 797 -5.90 54.15 9.35
CA ASP A 797 -7.16 53.51 9.68
C ASP A 797 -6.91 52.14 10.34
N ILE A 798 -6.99 52.08 11.67
CA ILE A 798 -6.86 50.81 12.39
C ILE A 798 -7.90 49.79 12.00
N GLU A 799 -9.16 50.19 11.99
CA GLU A 799 -10.25 49.32 11.60
C GLU A 799 -9.83 48.56 10.36
N GLY A 800 -9.40 49.32 9.34
CA GLY A 800 -8.85 48.75 8.11
C GLY A 800 -7.69 47.80 8.32
N MET A 801 -6.75 48.19 9.18
CA MET A 801 -5.56 47.40 9.46
C MET A 801 -5.88 46.08 10.11
N GLU A 802 -6.88 46.07 10.99
CA GLU A 802 -7.32 44.82 11.62
C GLU A 802 -7.79 43.89 10.52
N SER A 803 -8.55 44.45 9.59
CA SER A 803 -9.09 43.67 8.51
C SER A 803 -7.96 43.17 7.61
N LEU A 804 -7.04 44.06 7.23
CA LEU A 804 -5.88 43.65 6.46
C LEU A 804 -5.11 42.55 7.18
N SER A 805 -4.99 42.69 8.50
CA SER A 805 -4.26 41.74 9.29
C SER A 805 -4.89 40.36 9.21
N HIS A 806 -6.23 40.30 9.32
CA HIS A 806 -6.94 39.04 9.21
C HIS A 806 -6.70 38.40 7.87
N TYR A 807 -6.82 39.18 6.79
CA TYR A 807 -6.59 38.68 5.45
C TYR A 807 -5.17 38.11 5.34
N TRP A 808 -4.18 38.84 5.83
CA TRP A 808 -2.82 38.39 5.70
C TRP A 808 -2.51 37.17 6.57
N SER A 809 -3.30 36.96 7.60
CA SER A 809 -3.09 35.82 8.48
C SER A 809 -3.51 34.52 7.80
N THR A 810 -4.64 34.53 7.10
CA THR A 810 -5.09 33.35 6.38
C THR A 810 -4.17 33.05 5.20
N VAL A 811 -3.80 34.10 4.45
CA VAL A 811 -2.94 33.98 3.28
C VAL A 811 -1.56 33.47 3.66
N ARG A 812 -1.07 33.90 4.82
CA ARG A 812 0.26 33.49 5.24
C ARG A 812 0.27 31.97 5.36
N THR A 813 -0.88 31.41 5.68
CA THR A 813 -1.03 29.98 5.80
C THR A 813 -0.55 29.23 4.53
N TYR A 814 -0.77 29.83 3.35
CA TYR A 814 -0.39 29.21 2.08
C TYR A 814 1.13 29.06 1.96
N TYR A 815 1.86 29.85 2.76
CA TYR A 815 3.28 29.96 2.61
C TYR A 815 4.02 29.27 3.74
N SER A 816 3.35 28.31 4.38
CA SER A 816 3.90 27.67 5.59
C SER A 816 5.25 26.99 5.35
N ASP A 817 5.45 26.45 4.16
CA ASP A 817 6.73 25.84 3.77
C ASP A 817 7.91 26.83 3.71
N PHE A 818 7.63 28.13 3.68
CA PHE A 818 8.69 29.13 3.61
C PHE A 818 8.83 29.99 4.88
N GLU A 819 8.22 29.52 5.96
CA GLU A 819 8.32 30.18 7.26
C GLU A 819 9.75 30.18 7.78
N SER A 820 10.13 31.31 8.38
CA SER A 820 11.42 31.41 9.03
C SER A 820 11.54 30.48 10.23
N ASP A 821 12.77 29.99 10.38
CA ASP A 821 13.27 29.29 11.54
C ASP A 821 12.97 30.09 12.84
N ILE A 822 13.27 31.39 12.79
CA ILE A 822 13.12 32.30 13.94
C ILE A 822 11.70 32.41 14.48
N LYS A 823 11.50 32.10 15.76
CA LYS A 823 10.21 32.28 16.41
C LYS A 823 10.27 33.14 17.70
N SER A 824 11.39 33.83 17.91
CA SER A 824 11.64 34.52 19.18
C SER A 824 12.59 35.72 19.04
N PRO A 825 12.37 36.77 19.85
CA PRO A 825 13.30 37.90 19.89
C PRO A 825 14.73 37.47 20.24
N ASN A 826 15.71 38.21 19.78
CA ASN A 826 17.10 37.81 19.95
C ASN A 826 17.97 39.03 20.18
N THR A 827 18.48 39.18 21.40
CA THR A 827 19.27 40.36 21.74
C THR A 827 20.78 40.18 21.52
N GLU A 828 21.21 38.99 21.13
CA GLU A 828 22.61 38.75 20.72
C GLU A 828 22.90 39.47 19.42
N ILE A 829 21.83 39.98 18.82
CA ILE A 829 21.89 40.90 17.70
C ILE A 829 22.88 42.02 17.99
N TYR A 830 22.82 42.54 19.21
CA TYR A 830 23.60 43.70 19.65
C TYR A 830 25.12 43.50 19.73
N GLN A 831 25.58 42.25 19.57
CA GLN A 831 27.02 42.00 19.54
C GLN A 831 27.55 41.56 18.16
N HIS A 832 26.82 40.67 17.49
CA HIS A 832 27.27 40.16 16.19
C HIS A 832 26.70 40.95 14.99
N GLU A 833 25.56 41.61 15.19
CA GLU A 833 24.98 42.57 14.22
C GLU A 833 24.59 41.98 12.87
N MET A 834 24.34 40.68 12.82
CA MET A 834 23.86 40.03 11.60
C MET A 834 22.52 40.64 11.20
N PRO A 835 22.44 41.16 9.97
CA PRO A 835 21.18 41.75 9.51
C PRO A 835 20.08 40.71 9.28
N GLY A 836 18.86 41.24 9.12
CA GLY A 836 17.67 40.47 8.76
C GLY A 836 17.74 39.00 9.13
N GLY A 837 17.66 38.16 8.11
CA GLY A 837 17.52 36.73 8.27
C GLY A 837 18.76 36.02 8.76
N GLN A 838 19.92 36.47 8.29
CA GLN A 838 21.18 35.73 8.35
C GLN A 838 21.47 34.87 9.57
N TYR A 839 21.14 35.33 10.79
CA TYR A 839 21.52 34.51 11.96
C TYR A 839 20.85 33.12 12.00
N SER A 840 19.97 32.86 11.03
CA SER A 840 19.43 31.52 10.83
C SER A 840 20.06 30.91 9.58
N ASN A 841 20.05 31.67 8.48
CA ASN A 841 20.72 31.24 7.25
C ASN A 841 22.12 30.71 7.55
N LEU A 842 22.85 31.44 8.39
CA LEU A 842 24.24 31.13 8.69
C LEU A 842 24.35 29.93 9.61
N SER A 843 23.32 29.72 10.44
CA SER A 843 23.24 28.53 11.28
C SER A 843 22.99 27.29 10.41
N GLN A 844 22.10 27.44 9.42
CA GLN A 844 21.86 26.41 8.44
C GLN A 844 23.19 26.09 7.78
N GLN A 845 23.85 27.14 7.31
CA GLN A 845 25.12 27.03 6.62
C GLN A 845 26.22 26.43 7.51
N ALA A 846 26.18 26.77 8.80
CA ALA A 846 27.17 26.26 9.74
C ALA A 846 26.94 24.80 10.06
N LYS A 847 25.69 24.37 9.99
CA LYS A 847 25.34 22.96 10.21
C LYS A 847 25.79 22.12 9.03
N SER A 848 25.71 22.69 7.82
CA SER A 848 26.18 22.05 6.60
C SER A 848 27.66 21.68 6.65
N LEU A 849 28.46 22.52 7.31
CA LEU A 849 29.90 22.29 7.42
C LEU A 849 30.24 21.53 8.71
N GLY A 850 29.21 21.09 9.42
CA GLY A 850 29.37 20.31 10.65
C GLY A 850 29.81 21.08 11.87
N LEU A 851 29.54 22.40 11.87
CA LEU A 851 29.87 23.28 13.00
C LEU A 851 28.62 23.61 13.83
N GLY A 852 27.57 22.80 13.65
CA GLY A 852 26.27 22.96 14.31
C GLY A 852 26.38 23.05 15.82
N GLU A 853 27.30 22.29 16.40
CA GLU A 853 27.55 22.34 17.84
C GLU A 853 28.41 23.51 18.27
N ARG A 854 28.98 24.24 17.30
CA ARG A 854 29.93 25.31 17.59
C ARG A 854 29.48 26.65 16.99
N PHE A 855 28.17 26.88 16.96
CA PHE A 855 27.65 28.11 16.38
C PHE A 855 28.03 29.36 17.20
N ASP A 856 28.20 29.19 18.50
CA ASP A 856 28.61 30.32 19.34
C ASP A 856 29.97 30.88 18.90
N GLU A 857 30.88 29.98 18.52
CA GLU A 857 32.19 30.37 18.00
C GLU A 857 32.05 31.06 16.65
N VAL A 858 31.09 30.60 15.86
CA VAL A 858 30.80 31.22 14.57
C VAL A 858 30.30 32.65 14.77
N LYS A 859 29.36 32.81 15.71
CA LYS A 859 28.81 34.11 16.06
C LYS A 859 29.89 34.99 16.66
N ASP A 860 30.80 34.36 17.40
CA ASP A 860 31.93 35.08 17.99
C ASP A 860 32.85 35.55 16.89
N MET A 861 33.07 34.69 15.89
CA MET A 861 34.01 34.95 14.81
C MET A 861 33.45 36.02 13.88
N TYR A 862 32.16 35.93 13.60
CA TYR A 862 31.46 36.94 12.81
C TYR A 862 31.78 38.33 13.35
N ARG A 863 31.68 38.50 14.67
CA ARG A 863 31.95 39.77 15.32
C ARG A 863 33.41 40.17 15.16
N ARG A 864 34.33 39.21 15.23
CA ARG A 864 35.75 39.50 15.11
C ARG A 864 36.12 39.87 13.68
N VAL A 865 35.59 39.10 12.73
CA VAL A 865 35.73 39.40 11.31
C VAL A 865 35.33 40.84 11.02
N ASN A 866 34.27 41.31 11.67
CA ASN A 866 33.84 42.68 11.50
C ASN A 866 34.95 43.67 11.85
N PHE A 867 35.63 43.42 12.96
CA PHE A 867 36.73 44.29 13.35
C PHE A 867 37.98 44.01 12.54
N LEU A 868 38.19 42.75 12.16
CA LEU A 868 39.31 42.36 11.30
C LEU A 868 39.28 43.08 9.96
N PHE A 869 38.08 43.32 9.46
CA PHE A 869 37.87 43.98 8.17
C PHE A 869 37.70 45.47 8.35
N GLY A 870 37.80 45.92 9.61
CA GLY A 870 37.84 47.34 9.92
C GLY A 870 36.56 47.96 10.46
N ASP A 871 35.61 47.12 10.84
CA ASP A 871 34.30 47.57 11.34
C ASP A 871 33.46 48.17 10.21
N ILE A 872 32.66 47.31 9.56
CA ILE A 872 31.95 47.67 8.36
C ILE A 872 30.44 47.56 8.54
N VAL A 873 29.71 48.33 7.73
CA VAL A 873 28.27 48.23 7.65
C VAL A 873 27.97 46.88 7.03
N LYS A 874 27.04 46.17 7.63
CA LYS A 874 26.74 44.80 7.24
C LYS A 874 25.31 44.64 6.73
N VAL A 875 25.13 44.88 5.43
CA VAL A 875 23.92 44.56 4.68
C VAL A 875 24.39 43.84 3.42
N ALA A 876 23.51 43.04 2.81
CA ALA A 876 23.80 42.37 1.55
C ALA A 876 24.44 43.38 0.61
N PRO A 877 25.59 43.02 0.00
CA PRO A 877 26.30 41.76 0.13
C PRO A 877 27.49 41.79 1.12
N SER A 878 27.68 42.89 1.85
CA SER A 878 28.80 42.99 2.78
C SER A 878 28.69 42.00 3.92
N SER A 879 27.47 41.84 4.47
CA SER A 879 27.22 40.86 5.53
C SER A 879 27.45 39.41 5.09
N LYS A 880 27.29 39.13 3.81
CA LYS A 880 27.63 37.82 3.25
C LYS A 880 29.15 37.58 3.34
N VAL A 881 29.92 38.60 3.00
CA VAL A 881 31.37 38.58 3.12
C VAL A 881 31.82 38.17 4.52
N VAL A 882 31.22 38.78 5.56
CA VAL A 882 31.67 38.56 6.92
C VAL A 882 31.29 37.16 7.38
N GLY A 883 30.10 36.72 7.01
CA GLY A 883 29.62 35.39 7.31
C GLY A 883 30.45 34.31 6.67
N ASP A 884 30.77 34.52 5.40
CA ASP A 884 31.66 33.62 4.65
C ASP A 884 33.04 33.53 5.31
N MET A 885 33.58 34.68 5.68
CA MET A 885 34.90 34.74 6.31
C MET A 885 34.86 34.06 7.64
N ALA A 886 33.77 34.26 8.36
CA ALA A 886 33.65 33.69 9.69
C ALA A 886 33.57 32.16 9.60
N LEU A 887 32.63 31.65 8.81
CA LEU A 887 32.56 30.23 8.53
C LEU A 887 33.96 29.70 8.21
N TYR A 888 34.65 30.40 7.30
CA TYR A 888 35.94 29.99 6.80
C TYR A 888 37.00 29.91 7.90
N MET A 889 36.97 30.87 8.82
CA MET A 889 37.98 30.92 9.86
C MET A 889 37.78 29.83 10.91
N VAL A 890 36.53 29.61 11.33
CA VAL A 890 36.23 28.56 12.31
C VAL A 890 36.55 27.20 11.70
N GLN A 891 36.09 26.98 10.47
CA GLN A 891 36.35 25.72 9.79
C GLN A 891 37.85 25.42 9.67
N ASN A 892 38.65 26.47 9.47
CA ASN A 892 40.09 26.33 9.30
C ASN A 892 40.95 26.69 10.53
N ASP A 893 40.35 26.68 11.72
CA ASP A 893 41.09 26.94 12.97
C ASP A 893 41.97 28.18 12.87
N LEU A 894 41.42 29.24 12.27
CA LEU A 894 42.16 30.45 11.97
C LEU A 894 41.74 31.61 12.87
N ASP A 895 42.72 32.38 13.35
CA ASP A 895 42.43 33.63 14.04
C ASP A 895 43.00 34.83 13.25
N GLU A 896 43.02 36.01 13.87
CA GLU A 896 43.48 37.25 13.23
C GLU A 896 44.97 37.27 12.87
N GLN A 897 45.77 36.53 13.63
CA GLN A 897 47.21 36.45 13.40
C GLN A 897 47.56 35.43 12.31
N SER A 898 46.99 34.22 12.41
CA SER A 898 47.28 33.14 11.46
C SER A 898 46.75 33.43 10.05
N VAL A 899 45.68 34.23 9.98
CA VAL A 899 45.06 34.59 8.69
C VAL A 899 46.04 35.41 7.87
N ILE A 900 46.95 36.09 8.55
CA ILE A 900 47.99 36.87 7.91
C ILE A 900 49.25 36.04 7.71
N THR A 901 49.62 35.25 8.73
CA THR A 901 50.81 34.39 8.68
C THR A 901 50.71 33.32 7.59
N ASP A 902 49.62 32.56 7.59
CA ASP A 902 49.43 31.46 6.64
C ASP A 902 48.76 31.90 5.33
N GLY A 903 48.27 33.13 5.29
CA GLY A 903 47.53 33.68 4.14
C GLY A 903 48.05 33.43 2.73
N TYR A 904 49.35 33.18 2.60
CA TYR A 904 49.96 32.89 1.30
C TYR A 904 49.52 31.53 0.75
N LYS A 905 49.14 30.63 1.65
CA LYS A 905 48.69 29.28 1.28
C LYS A 905 47.21 29.04 1.60
N LEU A 906 46.44 30.11 1.63
CA LEU A 906 45.00 30.03 1.91
C LEU A 906 44.16 30.57 0.75
N ASP A 907 43.15 29.79 0.39
CA ASP A 907 42.20 30.15 -0.64
C ASP A 907 41.03 30.77 0.08
N PHE A 908 41.06 32.10 0.22
CA PHE A 908 40.01 32.83 0.89
C PHE A 908 38.75 32.81 0.04
N PRO A 909 37.56 32.76 0.67
CA PRO A 909 36.28 32.73 -0.07
C PRO A 909 36.17 33.84 -1.11
N GLU A 910 35.64 33.52 -2.28
CA GLU A 910 35.47 34.49 -3.37
C GLU A 910 34.83 35.82 -2.95
N SER A 911 33.98 35.80 -1.94
CA SER A 911 33.26 36.99 -1.54
C SER A 911 34.19 37.96 -0.83
N VAL A 912 35.13 37.45 -0.05
CA VAL A 912 36.06 38.34 0.63
C VAL A 912 37.10 38.92 -0.33
N VAL A 913 37.70 38.08 -1.18
CA VAL A 913 38.66 38.57 -2.16
C VAL A 913 38.00 39.63 -3.04
N SER A 914 36.78 39.34 -3.46
CA SER A 914 35.95 40.29 -4.22
C SER A 914 35.80 41.60 -3.45
N PHE A 915 35.45 41.49 -2.17
CA PHE A 915 35.30 42.65 -1.29
C PHE A 915 36.60 43.43 -1.14
N PHE A 916 37.72 42.71 -1.10
CA PHE A 916 39.04 43.33 -0.99
C PHE A 916 39.61 43.78 -2.32
N LYS A 917 38.87 43.54 -3.40
CA LYS A 917 39.28 43.99 -4.72
C LYS A 917 38.64 45.35 -5.05
N GLY A 918 37.68 45.75 -4.23
CA GLY A 918 36.96 47.01 -4.40
C GLY A 918 35.61 46.89 -5.08
N GLU A 919 35.02 45.69 -5.06
CA GLU A 919 33.88 45.34 -5.92
C GLU A 919 32.48 45.57 -5.33
N ILE A 920 32.42 45.80 -4.02
CA ILE A 920 31.20 46.25 -3.35
C ILE A 920 31.37 47.75 -3.07
N GLY A 921 32.57 48.26 -3.35
CA GLY A 921 32.92 49.64 -3.05
C GLY A 921 33.91 49.78 -1.90
N GLN A 922 34.05 51.02 -1.41
CA GLN A 922 35.00 51.35 -0.36
C GLN A 922 34.36 51.36 1.02
N PRO A 923 34.90 50.55 1.96
CA PRO A 923 34.45 50.62 3.35
C PRO A 923 34.97 51.89 4.01
N VAL A 924 34.21 52.42 4.96
CA VAL A 924 34.53 53.70 5.60
C VAL A 924 36.01 53.86 5.98
N ASN A 925 36.57 52.85 6.65
CA ASN A 925 37.93 52.95 7.20
C ASN A 925 39.03 52.55 6.22
N GLY A 926 38.64 52.11 5.03
CA GLY A 926 39.57 51.60 4.03
C GLY A 926 39.90 50.13 4.27
N PHE A 927 40.88 49.63 3.53
CA PHE A 927 41.35 48.26 3.70
C PHE A 927 42.66 48.26 4.46
N ASN A 928 42.82 47.31 5.38
CA ASN A 928 44.13 47.05 5.98
C ASN A 928 45.04 46.55 4.89
N LYS A 929 46.17 47.22 4.71
CA LYS A 929 47.05 46.94 3.58
C LYS A 929 47.62 45.52 3.55
N ASP A 930 48.04 45.01 4.71
CA ASP A 930 48.62 43.67 4.79
C ASP A 930 47.56 42.55 4.65
N LEU A 931 46.38 42.80 5.22
CA LEU A 931 45.26 41.85 5.10
C LEU A 931 44.75 41.81 3.66
N GLN A 932 44.64 42.97 3.03
CA GLN A 932 44.32 43.08 1.61
C GLN A 932 45.29 42.26 0.78
N ALA A 933 46.58 42.44 1.07
CA ALA A 933 47.63 41.78 0.31
C ALA A 933 47.41 40.28 0.35
N VAL A 934 47.30 39.73 1.55
CA VAL A 934 47.29 38.29 1.77
C VAL A 934 46.08 37.60 1.08
N ILE A 935 45.02 38.37 0.92
CA ILE A 935 43.78 37.86 0.36
C ILE A 935 43.81 37.97 -1.16
N LEU A 936 44.43 39.03 -1.67
CA LEU A 936 44.44 39.33 -3.09
C LEU A 936 45.47 38.54 -3.89
N LYS A 937 46.46 37.98 -3.19
CA LYS A 937 47.59 37.27 -3.81
C LYS A 937 48.09 37.97 -5.07
N GLY A 938 48.25 39.29 -5.00
CA GLY A 938 48.86 40.06 -6.09
C GLY A 938 47.92 40.63 -7.16
N GLN A 939 46.63 40.37 -7.03
CA GLN A 939 45.65 40.93 -7.96
C GLN A 939 45.48 42.40 -7.65
N GLU A 940 45.30 43.21 -8.68
CA GLU A 940 45.00 44.62 -8.48
C GLU A 940 43.62 44.81 -7.86
N ALA A 941 43.49 45.88 -7.07
CA ALA A 941 42.19 46.28 -6.55
C ALA A 941 41.76 47.49 -7.35
N LEU A 942 40.45 47.75 -7.37
CA LEU A 942 39.90 48.90 -8.06
C LEU A 942 40.37 50.17 -7.37
N THR A 943 40.51 51.24 -8.16
CA THR A 943 40.93 52.55 -7.64
C THR A 943 39.76 53.55 -7.72
N ALA A 944 38.56 53.00 -7.92
CA ALA A 944 37.34 53.78 -8.12
C ALA A 944 36.10 52.86 -8.02
N ARG A 945 34.89 53.44 -8.01
CA ARG A 945 33.66 52.63 -7.88
C ARG A 945 33.54 51.62 -9.04
N PRO A 946 33.09 50.39 -8.74
CA PRO A 946 32.95 49.32 -9.73
C PRO A 946 32.36 49.75 -11.09
N GLY A 947 31.39 50.68 -11.05
CA GLY A 947 30.74 51.24 -12.25
C GLY A 947 31.64 51.76 -13.35
N GLU A 948 32.58 52.66 -13.02
CA GLU A 948 33.41 53.35 -14.03
C GLU A 948 34.31 52.42 -14.87
N TYR A 949 34.36 51.14 -14.51
CA TYR A 949 35.22 50.17 -15.20
C TYR A 949 34.59 49.53 -16.44
N LEU A 950 33.26 49.47 -16.45
CA LEU A 950 32.51 48.67 -17.43
C LEU A 950 32.00 49.50 -18.63
N GLU A 951 31.95 48.86 -19.79
CA GLU A 951 31.40 49.48 -21.00
C GLU A 951 29.89 49.68 -20.85
N PRO A 952 29.35 50.80 -21.39
CA PRO A 952 27.90 50.92 -21.47
C PRO A 952 27.35 49.71 -22.21
N VAL A 953 26.22 49.18 -21.77
CA VAL A 953 25.59 48.04 -22.46
C VAL A 953 24.91 48.49 -23.77
N ASP A 954 25.17 47.78 -24.86
CA ASP A 954 24.50 48.06 -26.13
C ASP A 954 23.11 47.43 -26.11
N PHE A 955 22.10 48.26 -25.84
CA PHE A 955 20.72 47.79 -25.66
C PHE A 955 20.05 47.40 -26.98
N GLU A 956 20.49 48.00 -28.08
CA GLU A 956 19.98 47.63 -29.39
C GLU A 956 20.34 46.17 -29.68
N LYS A 957 21.59 45.81 -29.37
CA LYS A 957 22.06 44.44 -29.46
C LYS A 957 21.23 43.51 -28.58
N VAL A 958 20.88 43.97 -27.39
CA VAL A 958 20.05 43.18 -26.48
C VAL A 958 18.70 42.90 -27.12
N ARG A 959 18.06 43.95 -27.63
CA ARG A 959 16.80 43.82 -28.38
C ARG A 959 16.93 42.87 -29.58
N GLU A 960 17.96 43.06 -30.39
CA GLU A 960 18.24 42.17 -31.51
C GLU A 960 18.21 40.69 -31.09
N LEU A 961 18.95 40.36 -30.04
CA LEU A 961 19.04 38.97 -29.56
C LEU A 961 17.70 38.43 -29.08
N LEU A 962 16.99 39.24 -28.30
CA LEU A 962 15.73 38.79 -27.73
C LEU A 962 14.68 38.54 -28.80
N GLU A 963 14.55 39.48 -29.73
CA GLU A 963 13.58 39.35 -30.82
C GLU A 963 13.82 38.14 -31.70
N GLU A 964 15.10 37.83 -31.94
CA GLU A 964 15.46 36.59 -32.63
C GLU A 964 15.08 35.36 -31.78
N GLU A 965 15.56 35.31 -30.54
CA GLU A 965 15.26 34.19 -29.64
C GLU A 965 13.77 33.94 -29.43
N GLN A 966 12.99 35.01 -29.31
CA GLN A 966 11.55 34.91 -29.07
C GLN A 966 10.72 35.14 -30.33
N GLN A 967 9.43 35.39 -30.14
CA GLN A 967 8.52 35.73 -31.24
C GLN A 967 8.87 37.08 -31.89
N GLY A 968 8.33 38.17 -31.34
CA GLY A 968 8.49 39.51 -31.88
C GLY A 968 8.21 40.64 -30.89
N PRO A 969 7.09 40.57 -30.14
CA PRO A 969 6.72 41.64 -29.18
C PRO A 969 7.66 41.78 -27.97
N VAL A 970 8.77 42.51 -28.14
CA VAL A 970 9.70 42.78 -27.02
C VAL A 970 9.73 44.24 -26.57
N THR A 971 9.86 44.45 -25.25
CA THR A 971 9.75 45.77 -24.62
C THR A 971 11.03 46.19 -23.90
N GLU A 972 11.05 47.40 -23.38
CA GLU A 972 12.20 47.87 -22.60
C GLU A 972 12.30 47.12 -21.28
N GLN A 973 11.16 46.86 -20.66
CA GLN A 973 11.11 46.05 -19.43
C GLN A 973 11.66 44.65 -19.63
N ASP A 974 11.44 44.07 -20.81
CA ASP A 974 12.07 42.81 -21.18
C ASP A 974 13.58 43.01 -21.25
N ILE A 975 13.99 44.12 -21.89
CA ILE A 975 15.41 44.41 -22.17
C ILE A 975 16.29 44.51 -20.92
N ILE A 976 15.96 45.39 -19.97
CA ILE A 976 16.76 45.50 -18.73
C ILE A 976 16.61 44.27 -17.85
N SER A 977 15.48 43.59 -17.96
CA SER A 977 15.27 42.39 -17.16
C SER A 977 16.29 41.35 -17.62
N TYR A 978 16.44 41.21 -18.93
CA TYR A 978 17.48 40.36 -19.45
C TYR A 978 18.85 40.82 -18.95
N VAL A 979 19.16 42.10 -19.15
CA VAL A 979 20.47 42.64 -18.75
C VAL A 979 20.76 42.32 -17.28
N LEU A 980 19.83 42.69 -16.40
CA LEU A 980 19.99 42.50 -14.96
C LEU A 980 20.05 41.03 -14.56
N TYR A 981 19.17 40.20 -15.14
CA TYR A 981 19.14 38.78 -14.79
C TYR A 981 19.06 37.88 -16.01
N PRO A 982 20.19 37.77 -16.77
CA PRO A 982 20.24 37.04 -18.02
C PRO A 982 19.70 35.62 -17.91
N LYS A 983 20.36 34.78 -17.13
CA LYS A 983 20.02 33.37 -17.04
C LYS A 983 18.63 33.17 -16.45
N VAL A 984 18.31 33.91 -15.40
CA VAL A 984 17.00 33.84 -14.77
C VAL A 984 15.93 34.24 -15.78
N TYR A 985 16.08 35.41 -16.39
CA TYR A 985 15.09 35.86 -17.38
C TYR A 985 14.87 34.82 -18.48
N GLU A 986 15.95 34.29 -19.05
CA GLU A 986 15.86 33.23 -20.08
C GLU A 986 15.01 32.05 -19.59
N GLN A 987 15.13 31.72 -18.31
CA GLN A 987 14.37 30.62 -17.72
C GLN A 987 12.90 30.99 -17.51
N TYR A 988 12.64 32.23 -17.11
CA TYR A 988 11.26 32.73 -17.00
C TYR A 988 10.49 32.50 -18.29
N ILE A 989 11.16 32.79 -19.42
CA ILE A 989 10.59 32.67 -20.75
C ILE A 989 10.28 31.21 -21.08
N GLN A 990 11.27 30.32 -20.95
CA GLN A 990 11.05 28.88 -21.19
C GLN A 990 9.88 28.37 -20.36
N THR A 991 9.64 28.99 -19.21
CA THR A 991 8.49 28.66 -18.37
C THR A 991 7.20 29.29 -18.89
N ARG A 992 7.26 30.56 -19.30
CA ARG A 992 6.09 31.23 -19.90
C ARG A 992 5.59 30.47 -21.13
N ASN A 993 6.52 30.07 -21.99
CA ASN A 993 6.17 29.32 -23.19
C ASN A 993 5.47 27.99 -22.91
N GLN A 994 5.97 27.29 -21.90
CA GLN A 994 5.50 25.95 -21.56
C GLN A 994 4.19 25.95 -20.80
N TYR A 995 4.01 26.93 -19.91
CA TYR A 995 2.90 26.91 -18.96
C TYR A 995 2.00 28.15 -18.92
N GLY A 996 2.40 29.22 -19.62
CA GLY A 996 1.59 30.43 -19.64
C GLY A 996 1.75 31.30 -18.41
N ASN A 997 0.73 32.09 -18.09
CA ASN A 997 0.84 33.02 -16.98
C ASN A 997 0.45 32.39 -15.64
N LEU A 998 1.43 31.75 -15.01
CA LEU A 998 1.25 31.12 -13.71
C LEU A 998 0.80 32.06 -12.60
N SER A 999 1.11 33.35 -12.75
CA SER A 999 0.75 34.36 -11.75
C SER A 999 -0.75 34.56 -11.58
N LEU A 1000 -1.53 33.95 -12.45
CA LEU A 1000 -2.98 34.09 -12.37
C LEU A 1000 -3.61 32.94 -11.58
N LEU A 1001 -2.80 31.94 -11.25
CA LEU A 1001 -3.26 30.85 -10.42
C LEU A 1001 -3.42 31.32 -9.00
N ASP A 1002 -4.45 30.86 -8.31
CA ASP A 1002 -4.54 31.10 -6.88
C ASP A 1002 -3.39 30.31 -6.26
N THR A 1003 -2.88 30.79 -5.13
CA THR A 1003 -1.67 30.21 -4.54
C THR A 1003 -1.76 28.73 -4.13
N PRO A 1004 -2.85 28.31 -3.47
CA PRO A 1004 -2.92 26.87 -3.21
C PRO A 1004 -2.74 26.02 -4.48
N THR A 1005 -3.44 26.38 -5.56
CA THR A 1005 -3.34 25.64 -6.83
C THR A 1005 -1.92 25.66 -7.41
N PHE A 1006 -1.28 26.82 -7.33
CA PHE A 1006 0.10 27.00 -7.79
C PHE A 1006 1.11 26.07 -7.10
N PHE A 1007 0.89 25.76 -5.83
CA PHE A 1007 1.84 24.98 -5.04
C PHE A 1007 1.46 23.50 -4.92
N PHE A 1008 0.20 23.18 -5.16
CA PHE A 1008 -0.32 21.83 -4.90
C PHE A 1008 -1.04 21.20 -6.07
N GLY A 1009 -1.43 22.04 -7.02
CA GLY A 1009 -2.27 21.60 -8.12
C GLY A 1009 -3.67 21.34 -7.60
N MET A 1010 -4.16 20.13 -7.86
CA MET A 1010 -5.57 19.82 -7.66
C MET A 1010 -5.76 18.40 -7.18
N ARG A 1011 -6.81 18.17 -6.41
CA ARG A 1011 -7.17 16.84 -5.96
C ARG A 1011 -8.37 16.31 -6.74
N ASN A 1012 -8.70 15.03 -6.53
CA ASN A 1012 -9.76 14.38 -7.27
C ASN A 1012 -11.12 14.97 -6.93
N GLY A 1013 -11.88 15.32 -7.97
CA GLY A 1013 -13.23 15.85 -7.79
C GLY A 1013 -13.28 17.36 -7.56
N GLU A 1014 -12.11 17.98 -7.44
CA GLU A 1014 -12.05 19.40 -7.17
C GLU A 1014 -12.34 20.23 -8.40
N THR A 1015 -12.97 21.38 -8.21
CA THR A 1015 -13.11 22.36 -9.29
C THR A 1015 -12.43 23.66 -8.90
N VAL A 1016 -11.56 24.16 -9.78
CA VAL A 1016 -10.92 25.43 -9.53
C VAL A 1016 -11.27 26.42 -10.65
N GLU A 1017 -11.24 27.71 -10.31
CA GLU A 1017 -11.78 28.76 -11.17
C GLU A 1017 -10.72 29.82 -11.40
N ILE A 1018 -10.04 29.74 -12.54
CA ILE A 1018 -8.90 30.60 -12.81
C ILE A 1018 -9.28 31.86 -13.59
N GLU A 1019 -9.13 33.00 -12.92
CA GLU A 1019 -9.40 34.30 -13.49
C GLU A 1019 -8.30 34.66 -14.49
N ILE A 1020 -8.66 34.73 -15.77
CA ILE A 1020 -7.72 35.19 -16.80
C ILE A 1020 -7.87 36.70 -16.99
N ASP A 1021 -9.12 37.15 -17.04
CA ASP A 1021 -9.44 38.55 -17.23
C ASP A 1021 -10.89 38.81 -16.79
N LYS A 1022 -11.30 40.07 -16.80
CA LYS A 1022 -12.69 40.41 -16.48
C LYS A 1022 -13.60 39.75 -17.50
N GLY A 1023 -14.37 38.77 -17.02
CA GLY A 1023 -15.31 38.02 -17.86
C GLY A 1023 -14.72 36.77 -18.46
N LYS A 1024 -13.41 36.61 -18.37
CA LYS A 1024 -12.72 35.44 -18.93
C LYS A 1024 -12.13 34.59 -17.80
N ARG A 1025 -12.68 33.39 -17.63
CA ARG A 1025 -12.19 32.45 -16.62
C ARG A 1025 -12.25 30.99 -17.04
N LEU A 1026 -11.27 30.21 -16.59
CA LEU A 1026 -11.20 28.77 -16.85
C LEU A 1026 -11.73 28.02 -15.62
N ILE A 1027 -12.80 27.28 -15.81
CA ILE A 1027 -13.33 26.37 -14.81
C ILE A 1027 -12.77 24.99 -15.13
N ILE A 1028 -11.90 24.48 -14.26
CA ILE A 1028 -11.27 23.18 -14.44
C ILE A 1028 -11.72 22.23 -13.36
N LYS A 1029 -12.13 21.03 -13.76
CA LYS A 1029 -12.43 19.97 -12.81
C LYS A 1029 -11.51 18.78 -13.07
N LEU A 1030 -10.77 18.37 -12.05
CA LEU A 1030 -9.97 17.16 -12.14
C LEU A 1030 -10.88 16.03 -11.75
N GLU A 1031 -11.07 15.08 -12.67
CA GLU A 1031 -12.00 13.99 -12.46
C GLU A 1031 -11.30 12.80 -11.82
N THR A 1032 -10.26 12.30 -12.49
CA THR A 1032 -9.41 11.22 -11.97
C THR A 1032 -8.06 11.20 -12.68
N ILE A 1033 -7.09 10.54 -12.05
CA ILE A 1033 -5.79 10.26 -12.64
C ILE A 1033 -5.65 8.74 -12.74
N SER A 1034 -5.28 8.27 -13.92
CA SER A 1034 -5.07 6.85 -14.16
C SER A 1034 -3.73 6.37 -13.62
N GLU A 1035 -3.56 5.05 -13.55
CA GLU A 1035 -2.26 4.45 -13.29
C GLU A 1035 -1.32 4.82 -14.45
N PRO A 1036 0.01 4.80 -14.23
CA PRO A 1036 0.91 5.12 -15.34
C PRO A 1036 1.02 3.97 -16.33
N ASP A 1037 1.21 4.29 -17.61
CA ASP A 1037 1.46 3.27 -18.64
C ASP A 1037 2.91 2.77 -18.58
N GLU A 1038 3.31 2.00 -19.58
CA GLU A 1038 4.65 1.41 -19.63
C GLU A 1038 5.78 2.43 -19.78
N ASN A 1039 5.45 3.71 -19.72
CA ASN A 1039 6.43 4.80 -19.82
C ASN A 1039 6.43 5.70 -18.60
N GLY A 1040 5.60 5.35 -17.62
CA GLY A 1040 5.43 6.18 -16.43
C GLY A 1040 4.55 7.38 -16.69
N ASN A 1041 3.91 7.39 -17.86
CA ASN A 1041 2.98 8.45 -18.24
C ASN A 1041 1.59 8.17 -17.71
N ARG A 1042 1.08 9.09 -16.90
CA ARG A 1042 -0.26 8.98 -16.33
C ARG A 1042 -1.22 9.82 -17.15
N THR A 1043 -2.47 9.39 -17.20
CA THR A 1043 -3.51 10.10 -17.95
C THR A 1043 -4.44 10.82 -16.98
N ILE A 1044 -4.49 12.15 -17.09
CA ILE A 1044 -5.40 12.95 -16.28
C ILE A 1044 -6.68 13.25 -17.06
N TYR A 1045 -7.82 12.97 -16.42
CA TYR A 1045 -9.12 13.26 -17.00
C TYR A 1045 -9.63 14.56 -16.43
N TYR A 1046 -9.64 15.60 -17.27
CA TYR A 1046 -10.15 16.90 -16.88
C TYR A 1046 -11.46 17.21 -17.57
N ALA A 1047 -12.23 18.11 -16.96
CA ALA A 1047 -13.23 18.88 -17.67
C ALA A 1047 -12.78 20.35 -17.62
N MET A 1048 -12.52 20.93 -18.79
CA MET A 1048 -12.25 22.37 -18.90
C MET A 1048 -13.47 23.10 -19.44
N ASN A 1049 -14.20 23.69 -18.50
CA ASN A 1049 -15.46 24.39 -18.75
C ASN A 1049 -16.29 23.84 -19.90
N GLY A 1050 -17.04 22.78 -19.58
CA GLY A 1050 -17.99 22.16 -20.50
C GLY A 1050 -17.42 21.07 -21.38
N GLN A 1051 -16.10 20.98 -21.47
CA GLN A 1051 -15.43 20.09 -22.42
C GLN A 1051 -14.64 18.99 -21.74
N ALA A 1052 -14.79 17.77 -22.23
CA ALA A 1052 -13.96 16.64 -21.81
C ALA A 1052 -12.54 16.89 -22.27
N ARG A 1053 -11.56 16.48 -21.47
CA ARG A 1053 -10.18 16.76 -21.82
C ARG A 1053 -9.20 15.81 -21.15
N ARG A 1054 -8.23 15.36 -21.94
CA ARG A 1054 -7.24 14.40 -21.46
C ARG A 1054 -5.82 14.90 -21.68
N ILE A 1055 -5.01 14.79 -20.63
CA ILE A 1055 -3.64 15.29 -20.62
C ILE A 1055 -2.70 14.21 -20.09
N TYR A 1056 -1.46 14.23 -20.57
CA TYR A 1056 -0.44 13.23 -20.19
C TYR A 1056 0.70 13.88 -19.46
N ILE A 1057 1.16 13.22 -18.40
CA ILE A 1057 2.27 13.70 -17.59
C ILE A 1057 3.13 12.52 -17.13
N LYS A 1058 4.45 12.64 -17.33
CA LYS A 1058 5.40 11.63 -16.86
C LYS A 1058 5.55 11.72 -15.35
N ASP A 1059 5.35 10.58 -14.69
CA ASP A 1059 5.44 10.49 -13.24
C ASP A 1059 6.79 9.92 -12.78
N GLU A 1060 7.57 10.75 -12.08
CA GLU A 1060 8.82 10.28 -11.47
C GLU A 1060 8.50 9.48 -10.21
N ASN A 1061 8.41 8.17 -10.37
CA ASN A 1061 7.90 7.28 -9.33
C ASN A 1061 8.71 7.30 -8.03
N VAL A 1062 10.02 7.51 -8.17
CA VAL A 1062 11.02 7.16 -7.14
C VAL A 1062 11.03 5.63 -7.06
N HIS A 1063 11.95 5.02 -7.80
CA HIS A 1063 11.95 3.58 -8.11
C HIS A 1063 10.92 3.29 -9.20
N THR A 1064 11.07 2.15 -9.89
CA THR A 1064 10.12 1.76 -10.94
C THR A 1064 9.67 0.31 -10.79
N ASN A 1065 8.36 0.13 -10.57
CA ASN A 1065 7.72 -1.19 -10.51
C ASN A 1065 6.20 -1.12 -10.68
N ALA A 1066 5.65 0.09 -10.47
CA ALA A 1066 4.19 0.31 -10.47
C ALA A 1066 3.59 0.57 -11.86
N ASN A 1067 4.42 0.48 -12.90
CA ASN A 1067 3.98 0.73 -14.27
C ASN A 1067 3.06 -0.36 -14.83
N VAL A 1068 1.97 0.07 -15.45
CA VAL A 1068 0.99 -0.85 -16.04
C VAL A 1068 1.39 -1.23 -17.46
N LYS A 1069 1.73 -2.51 -17.65
CA LYS A 1069 2.13 -3.03 -18.95
C LYS A 1069 0.90 -3.39 -19.76
N PRO A 1070 0.93 -3.12 -21.07
CA PRO A 1070 -0.14 -3.57 -21.97
C PRO A 1070 -0.17 -5.09 -22.08
N LYS A 1071 -1.35 -5.65 -22.21
CA LYS A 1071 -1.51 -7.09 -22.40
C LYS A 1071 -1.16 -7.46 -23.84
N ALA A 1072 -0.28 -8.45 -23.98
CA ALA A 1072 0.14 -8.93 -25.30
C ALA A 1072 -1.03 -9.48 -26.10
N ASP A 1073 -1.08 -9.16 -27.40
CA ASP A 1073 -2.02 -9.77 -28.30
C ASP A 1073 -1.50 -11.19 -28.55
N LYS A 1074 -2.29 -12.18 -28.14
CA LYS A 1074 -1.84 -13.57 -28.16
C LYS A 1074 -1.72 -14.15 -29.56
N SER A 1075 -2.70 -13.89 -30.42
CA SER A 1075 -2.65 -14.31 -31.82
C SER A 1075 -1.94 -13.27 -32.69
N ASN A 1076 -0.79 -12.80 -32.21
CA ASN A 1076 0.08 -11.90 -32.95
C ASN A 1076 1.54 -12.35 -32.84
N PRO A 1077 2.13 -12.81 -33.97
CA PRO A 1077 3.47 -13.40 -33.98
C PRO A 1077 4.57 -12.44 -33.52
N SER A 1078 4.36 -11.14 -33.75
CA SER A 1078 5.32 -10.11 -33.36
C SER A 1078 5.40 -9.94 -31.84
N HIS A 1079 4.23 -9.90 -31.21
CA HIS A 1079 4.12 -9.67 -29.77
C HIS A 1079 4.64 -10.86 -28.96
N ILE A 1080 5.70 -10.61 -28.21
CA ILE A 1080 6.20 -11.56 -27.21
C ILE A 1080 5.61 -11.16 -25.86
N GLY A 1081 5.06 -12.14 -25.14
CA GLY A 1081 4.47 -11.89 -23.83
C GLY A 1081 5.24 -12.56 -22.70
N ALA A 1082 4.83 -12.24 -21.46
CA ALA A 1082 5.38 -12.87 -20.27
C ALA A 1082 4.59 -14.14 -19.94
N GLN A 1083 5.31 -15.23 -19.70
CA GLN A 1083 4.70 -16.52 -19.39
C GLN A 1083 4.38 -16.62 -17.89
N MET A 1084 5.14 -15.89 -17.08
CA MET A 1084 5.02 -15.96 -15.62
C MET A 1084 5.15 -14.59 -14.94
N PRO A 1085 4.62 -14.48 -13.70
CA PRO A 1085 4.95 -13.32 -12.87
C PRO A 1085 6.41 -13.37 -12.47
N GLY A 1086 7.08 -12.22 -12.52
CA GLY A 1086 8.49 -12.14 -12.17
C GLY A 1086 9.06 -10.74 -12.14
N SER A 1087 10.38 -10.66 -12.25
CA SER A 1087 11.09 -9.39 -12.30
C SER A 1087 11.94 -9.33 -13.55
N VAL A 1088 12.29 -8.11 -13.96
CA VAL A 1088 13.23 -7.92 -15.06
C VAL A 1088 14.63 -7.82 -14.47
N THR A 1089 15.36 -8.92 -14.54
CA THR A 1089 16.72 -8.97 -13.99
C THR A 1089 17.69 -8.12 -14.82
N GLU A 1090 17.64 -8.29 -16.14
CA GLU A 1090 18.52 -7.57 -17.07
C GLU A 1090 17.84 -7.31 -18.40
N VAL A 1091 18.06 -6.10 -18.94
CA VAL A 1091 17.62 -5.75 -20.29
C VAL A 1091 18.83 -5.84 -21.25
N LYS A 1092 18.63 -6.51 -22.39
CA LYS A 1092 19.73 -6.76 -23.34
C LYS A 1092 19.53 -6.11 -24.72
N VAL A 1093 18.32 -5.62 -24.98
CA VAL A 1093 17.98 -4.98 -26.25
C VAL A 1093 17.19 -3.67 -26.07
N SER A 1094 17.25 -2.81 -27.08
CA SER A 1094 16.46 -1.58 -27.11
C SER A 1094 15.84 -1.40 -28.51
N VAL A 1095 15.16 -0.27 -28.73
CA VAL A 1095 14.49 0.00 -30.01
C VAL A 1095 15.50 0.15 -31.16
N GLY A 1096 15.53 -0.85 -32.04
CA GLY A 1096 16.37 -0.82 -33.24
C GLY A 1096 17.63 -1.68 -33.16
N GLU A 1097 17.47 -2.92 -32.69
CA GLU A 1097 18.58 -3.88 -32.63
C GLU A 1097 18.27 -5.13 -33.44
N THR A 1098 19.25 -5.55 -34.25
CA THR A 1098 19.05 -6.64 -35.21
C THR A 1098 20.04 -7.78 -34.99
N VAL A 1099 19.59 -8.82 -34.30
CA VAL A 1099 20.39 -10.04 -34.14
C VAL A 1099 19.54 -11.28 -34.44
N LYS A 1100 20.21 -12.36 -34.85
CA LYS A 1100 19.57 -13.60 -35.31
C LYS A 1100 18.63 -14.27 -34.28
N ALA A 1101 17.93 -15.31 -34.72
CA ALA A 1101 17.05 -16.08 -33.84
C ALA A 1101 17.85 -16.72 -32.70
N ASN A 1102 17.19 -16.87 -31.55
CA ASN A 1102 17.78 -17.49 -30.35
C ASN A 1102 18.67 -16.55 -29.52
N GLN A 1103 18.67 -15.26 -29.84
CA GLN A 1103 19.45 -14.29 -29.07
C GLN A 1103 18.86 -14.05 -27.68
N PRO A 1104 19.70 -14.17 -26.62
CA PRO A 1104 19.26 -13.96 -25.23
C PRO A 1104 18.95 -12.48 -24.91
N LEU A 1105 17.75 -12.04 -25.29
CA LEU A 1105 17.40 -10.61 -25.30
C LEU A 1105 16.78 -10.02 -24.01
N LEU A 1106 16.42 -10.88 -23.05
CA LEU A 1106 15.83 -10.42 -21.78
C LEU A 1106 15.91 -11.49 -20.69
N ILE A 1107 16.54 -11.16 -19.56
CA ILE A 1107 16.65 -12.09 -18.43
C ILE A 1107 15.63 -11.78 -17.34
N THR A 1108 14.83 -12.78 -16.99
CA THR A 1108 13.79 -12.63 -15.97
C THR A 1108 14.09 -13.41 -14.69
N GLU A 1109 13.25 -13.18 -13.69
CA GLU A 1109 13.31 -13.89 -12.41
C GLU A 1109 11.90 -14.42 -12.11
N ALA A 1110 11.73 -15.73 -12.18
CA ALA A 1110 10.43 -16.35 -11.92
C ALA A 1110 10.13 -16.34 -10.41
N MET A 1111 10.79 -17.23 -9.67
CA MET A 1111 10.74 -17.20 -8.20
C MET A 1111 12.07 -17.73 -7.62
N LYS A 1112 13.07 -16.86 -7.69
CA LYS A 1112 14.49 -17.19 -7.41
C LYS A 1112 15.12 -18.01 -8.53
N MET A 1113 14.54 -17.91 -9.72
CA MET A 1113 14.97 -18.69 -10.89
C MET A 1113 15.11 -17.81 -12.12
N GLU A 1114 16.28 -17.84 -12.75
CA GLU A 1114 16.52 -17.05 -13.96
C GLU A 1114 16.19 -17.81 -15.25
N THR A 1115 15.33 -17.22 -16.07
CA THR A 1115 15.00 -17.76 -17.39
C THR A 1115 15.37 -16.74 -18.47
N THR A 1116 16.20 -17.17 -19.41
CA THR A 1116 16.67 -16.30 -20.50
C THR A 1116 15.74 -16.34 -21.73
N ILE A 1117 14.97 -15.26 -21.90
CA ILE A 1117 14.00 -15.13 -23.00
C ILE A 1117 14.71 -14.95 -24.35
N GLN A 1118 14.35 -15.80 -25.31
CA GLN A 1118 14.99 -15.80 -26.63
C GLN A 1118 14.02 -15.46 -27.75
N ALA A 1119 14.54 -14.87 -28.82
CA ALA A 1119 13.76 -14.48 -29.99
C ALA A 1119 13.34 -15.67 -30.85
N PRO A 1120 12.08 -15.67 -31.34
CA PRO A 1120 11.56 -16.74 -32.18
C PRO A 1120 12.12 -16.71 -33.61
N PHE A 1121 12.51 -15.53 -34.07
CA PHE A 1121 12.99 -15.35 -35.45
C PHE A 1121 14.01 -14.21 -35.59
N ASP A 1122 14.76 -14.24 -36.69
CA ASP A 1122 15.62 -13.12 -37.09
C ASP A 1122 14.74 -11.91 -37.37
N GLY A 1123 15.06 -10.79 -36.72
CA GLY A 1123 14.27 -9.57 -36.89
C GLY A 1123 14.76 -8.35 -36.13
N VAL A 1124 13.87 -7.36 -36.01
CA VAL A 1124 14.18 -6.06 -35.39
C VAL A 1124 13.21 -5.74 -34.25
N ILE A 1125 13.77 -5.24 -33.14
CA ILE A 1125 12.95 -4.89 -31.98
C ILE A 1125 12.28 -3.54 -32.18
N LYS A 1126 10.95 -3.53 -32.09
CA LYS A 1126 10.16 -2.31 -32.22
C LYS A 1126 9.93 -1.61 -30.87
N GLN A 1127 9.54 -2.38 -29.85
CA GLN A 1127 9.32 -1.85 -28.50
C GLN A 1127 9.83 -2.77 -27.38
N VAL A 1128 10.49 -2.16 -26.39
CA VAL A 1128 10.88 -2.85 -25.16
C VAL A 1128 10.06 -2.26 -24.01
N THR A 1129 9.12 -3.05 -23.50
CA THR A 1129 8.11 -2.58 -22.55
C THR A 1129 8.63 -2.46 -21.11
N VAL A 1130 9.84 -2.94 -20.86
CA VAL A 1130 10.38 -2.98 -19.50
C VAL A 1130 11.83 -2.48 -19.34
N ASN A 1131 12.16 -2.02 -18.15
CA ASN A 1131 13.54 -1.74 -17.76
C ASN A 1131 13.94 -2.60 -16.55
N ASN A 1132 15.24 -2.71 -16.29
CA ASN A 1132 15.78 -3.55 -15.22
C ASN A 1132 15.08 -3.33 -13.86
N GLY A 1133 14.45 -4.38 -13.35
CA GLY A 1133 13.84 -4.36 -12.02
C GLY A 1133 12.34 -4.15 -11.99
N ASP A 1134 11.71 -4.12 -13.16
CA ASP A 1134 10.26 -3.97 -13.24
C ASP A 1134 9.55 -5.29 -12.96
N THR A 1135 8.49 -5.23 -12.15
CA THR A 1135 7.65 -6.40 -11.88
C THR A 1135 6.80 -6.69 -13.10
N ILE A 1136 6.71 -7.97 -13.46
CA ILE A 1136 5.90 -8.41 -14.60
C ILE A 1136 4.79 -9.38 -14.16
N ALA A 1137 3.74 -9.49 -14.96
CA ALA A 1137 2.62 -10.39 -14.68
C ALA A 1137 2.36 -11.35 -15.84
N THR A 1138 1.54 -12.36 -15.60
CA THR A 1138 1.20 -13.37 -16.62
C THR A 1138 0.45 -12.73 -17.80
N GLY A 1139 1.05 -12.82 -18.98
CA GLY A 1139 0.42 -12.33 -20.21
C GLY A 1139 0.70 -10.87 -20.55
N ASP A 1140 1.72 -10.32 -19.89
CA ASP A 1140 2.17 -8.95 -20.13
C ASP A 1140 3.08 -8.88 -21.35
N LEU A 1141 2.84 -7.90 -22.23
CA LEU A 1141 3.69 -7.66 -23.39
C LEU A 1141 5.05 -7.13 -22.97
N LEU A 1142 6.10 -7.69 -23.55
CA LEU A 1142 7.46 -7.27 -23.22
C LEU A 1142 8.20 -6.79 -24.47
N ILE A 1143 8.17 -7.62 -25.50
CA ILE A 1143 8.97 -7.41 -26.70
C ILE A 1143 8.10 -7.54 -27.94
N GLU A 1144 8.35 -6.70 -28.94
CA GLU A 1144 7.78 -6.89 -30.26
C GLU A 1144 8.90 -6.93 -31.28
N ILE A 1145 8.92 -7.99 -32.10
CA ILE A 1145 9.93 -8.17 -33.15
C ILE A 1145 9.28 -8.48 -34.50
N GLU A 1146 9.73 -7.78 -35.55
CA GLU A 1146 9.27 -8.01 -36.92
C GLU A 1146 9.74 -9.35 -37.46
N GLN B 3 37.48 0.27 58.29
CA GLN B 3 37.29 1.76 58.27
C GLN B 3 37.19 2.34 56.85
N ILE B 4 36.74 1.51 55.89
CA ILE B 4 36.49 1.95 54.51
C ILE B 4 34.98 2.01 54.25
N LYS B 5 34.53 3.16 53.75
CA LYS B 5 33.11 3.38 53.48
C LYS B 5 32.74 3.12 52.02
N LYS B 6 33.51 3.68 51.08
CA LYS B 6 33.27 3.41 49.64
C LYS B 6 34.52 3.32 48.75
N LEU B 7 34.46 2.35 47.83
CA LEU B 7 35.58 1.93 47.00
C LEU B 7 35.40 2.38 45.54
N LEU B 8 36.46 2.28 44.73
CA LEU B 8 36.37 2.69 43.32
C LEU B 8 36.59 1.57 42.30
N VAL B 9 37.83 1.12 42.14
CA VAL B 9 38.24 0.25 41.04
C VAL B 9 38.51 1.07 39.79
N ALA B 10 39.79 1.35 39.55
CA ALA B 10 40.22 2.02 38.33
C ALA B 10 40.43 0.95 37.26
N ASN B 11 39.32 0.32 36.86
CA ASN B 11 39.38 -0.84 35.96
C ASN B 11 38.03 -1.17 35.32
N ARG B 12 38.00 -2.33 34.68
CA ARG B 12 36.84 -2.85 33.95
C ARG B 12 36.86 -4.38 33.99
N GLY B 13 36.06 -5.01 33.14
CA GLY B 13 36.07 -6.47 32.96
C GLY B 13 35.83 -7.33 34.18
N GLU B 14 36.32 -8.57 34.14
CA GLU B 14 36.09 -9.54 35.21
C GLU B 14 36.64 -9.10 36.56
N ILE B 15 37.79 -8.42 36.53
CA ILE B 15 38.48 -8.05 37.76
C ILE B 15 37.66 -7.03 38.57
N ALA B 16 37.13 -6.02 37.89
CA ALA B 16 36.25 -5.04 38.50
C ALA B 16 35.10 -5.73 39.21
N ILE B 17 34.36 -6.56 38.49
CA ILE B 17 33.22 -7.32 39.00
C ILE B 17 33.60 -8.09 40.28
N ARG B 18 34.76 -8.75 40.23
CA ARG B 18 35.26 -9.51 41.35
C ARG B 18 35.51 -8.60 42.56
N ILE B 19 36.03 -7.39 42.31
CA ILE B 19 36.28 -6.43 43.40
C ILE B 19 34.97 -5.95 44.03
N PHE B 20 34.03 -5.53 43.20
CA PHE B 20 32.74 -5.01 43.68
C PHE B 20 32.01 -6.00 44.56
N ARG B 21 32.16 -7.29 44.24
CA ARG B 21 31.58 -8.36 45.01
C ARG B 21 32.23 -8.44 46.38
N ALA B 22 33.57 -8.53 46.39
CA ALA B 22 34.34 -8.61 47.63
C ALA B 22 34.02 -7.44 48.56
N ALA B 23 33.89 -6.25 47.97
CA ALA B 23 33.64 -5.03 48.73
C ALA B 23 32.22 -4.94 49.26
N ALA B 24 31.24 -5.41 48.48
CA ALA B 24 29.84 -5.44 48.92
C ALA B 24 29.66 -6.38 50.12
N GLU B 25 30.45 -7.45 50.15
CA GLU B 25 30.43 -8.41 51.25
C GLU B 25 30.89 -7.80 52.59
N LEU B 26 31.34 -6.56 52.53
CA LEU B 26 31.83 -5.85 53.70
C LEU B 26 31.12 -4.51 53.87
N ASP B 27 29.90 -4.43 53.34
CA ASP B 27 29.10 -3.19 53.35
C ASP B 27 29.94 -1.98 52.91
N ILE B 28 30.62 -2.13 51.79
CA ILE B 28 31.39 -1.04 51.20
C ILE B 28 30.70 -0.63 49.90
N SER B 29 30.22 0.62 49.88
CA SER B 29 29.66 1.22 48.68
C SER B 29 30.68 1.15 47.56
N THR B 30 30.20 0.90 46.34
CA THR B 30 31.10 0.65 45.22
C THR B 30 30.83 1.61 44.06
N VAL B 31 31.91 2.18 43.54
CA VAL B 31 31.82 3.06 42.38
C VAL B 31 32.53 2.42 41.20
N ALA B 32 32.00 2.60 40.00
CA ALA B 32 32.62 2.09 38.79
C ALA B 32 32.98 3.22 37.83
N ILE B 33 34.08 3.05 37.12
CA ILE B 33 34.45 3.97 36.05
C ILE B 33 34.39 3.29 34.69
N TYR B 34 33.76 3.95 33.72
CA TYR B 34 33.66 3.41 32.37
C TYR B 34 34.14 4.39 31.29
N SER B 35 34.29 3.88 30.07
CA SER B 35 34.80 4.64 28.93
C SER B 35 33.74 4.76 27.83
N ASN B 36 34.03 5.53 26.79
CA ASN B 36 33.10 5.71 25.66
C ASN B 36 32.72 4.40 24.99
N GLU B 37 33.71 3.54 24.76
CA GLU B 37 33.47 2.24 24.14
C GLU B 37 33.22 1.12 25.16
N ASP B 38 33.25 1.49 26.44
CA ASP B 38 32.91 0.57 27.52
C ASP B 38 31.58 0.93 28.19
N LYS B 39 30.78 1.75 27.51
CA LYS B 39 29.44 2.10 27.97
C LYS B 39 28.58 0.87 28.18
N SER B 40 28.90 -0.21 27.46
CA SER B 40 28.13 -1.45 27.50
C SER B 40 28.81 -2.57 28.31
N SER B 41 29.94 -2.26 28.94
CA SER B 41 30.67 -3.23 29.74
C SER B 41 29.90 -3.63 31.00
N LEU B 42 29.88 -4.94 31.26
CA LEU B 42 29.08 -5.53 32.33
C LEU B 42 29.27 -4.85 33.69
N HIS B 43 30.50 -4.41 33.95
CA HIS B 43 30.88 -3.89 35.26
C HIS B 43 30.22 -2.55 35.62
N ARG B 44 29.87 -1.77 34.61
CA ARG B 44 29.16 -0.50 34.80
C ARG B 44 27.95 -0.64 35.73
N TYR B 45 27.33 -1.82 35.72
CA TYR B 45 26.07 -2.02 36.42
C TYR B 45 26.18 -2.82 37.72
N LYS B 46 27.30 -3.48 37.93
CA LYS B 46 27.49 -4.30 39.14
C LYS B 46 27.81 -3.49 40.40
N ALA B 47 28.23 -2.24 40.22
CA ALA B 47 28.49 -1.34 41.33
C ALA B 47 27.25 -0.53 41.70
N ASP B 48 27.36 0.24 42.78
CA ASP B 48 26.27 1.10 43.27
C ASP B 48 26.27 2.47 42.60
N GLU B 49 27.45 2.91 42.16
CA GLU B 49 27.60 4.19 41.47
C GLU B 49 28.41 4.06 40.18
N SER B 50 28.01 4.80 39.15
CA SER B 50 28.68 4.74 37.86
C SER B 50 28.96 6.13 37.29
N TYR B 51 30.15 6.31 36.71
CA TYR B 51 30.58 7.60 36.17
C TYR B 51 31.48 7.51 34.94
N LEU B 52 31.33 8.46 34.03
CA LEU B 52 32.08 8.47 32.76
C LEU B 52 33.48 9.05 32.90
N VAL B 53 34.47 8.29 32.43
CA VAL B 53 35.84 8.76 32.39
C VAL B 53 36.17 9.27 30.99
N GLY B 54 36.57 10.54 30.93
CA GLY B 54 36.96 11.18 29.68
C GLY B 54 35.84 11.22 28.66
N SER B 55 34.99 12.23 28.78
CA SER B 55 33.91 12.46 27.81
C SER B 55 34.50 12.83 26.45
N ASP B 56 35.67 13.46 26.48
CA ASP B 56 36.42 13.82 25.27
C ASP B 56 37.54 12.81 24.97
N LEU B 57 38.14 12.28 26.03
CA LEU B 57 39.33 11.44 25.91
C LEU B 57 39.00 10.04 25.41
N GLY B 58 39.46 9.73 24.19
CA GLY B 58 39.21 8.45 23.54
C GLY B 58 39.62 7.24 24.37
N PRO B 59 38.86 6.13 24.27
CA PRO B 59 39.04 4.85 24.96
C PRO B 59 40.48 4.32 25.07
N ALA B 60 41.36 4.78 24.18
CA ALA B 60 42.78 4.44 24.25
C ALA B 60 43.46 5.11 25.45
N GLU B 61 43.05 6.34 25.72
CA GLU B 61 43.63 7.17 26.78
C GLU B 61 42.85 7.09 28.10
N SER B 62 41.68 6.45 28.06
CA SER B 62 40.66 6.61 29.13
C SER B 62 41.09 6.13 30.52
N TYR B 63 41.38 4.84 30.65
CA TYR B 63 41.76 4.26 31.95
C TYR B 63 43.17 4.66 32.38
N LEU B 64 44.09 4.73 31.41
CA LEU B 64 45.50 5.03 31.68
C LEU B 64 45.77 6.46 32.15
N ASN B 65 44.80 7.36 31.96
CA ASN B 65 44.92 8.73 32.44
C ASN B 65 44.61 8.83 33.92
N ILE B 66 45.54 9.44 34.66
CA ILE B 66 45.45 9.49 36.11
C ILE B 66 44.44 10.53 36.58
N GLU B 67 44.68 11.79 36.25
CA GLU B 67 43.93 12.94 36.77
C GLU B 67 42.42 12.75 36.93
N ARG B 68 41.76 12.39 35.83
CA ARG B 68 40.30 12.35 35.78
C ARG B 68 39.70 11.29 36.69
N ILE B 69 40.41 10.20 36.91
CA ILE B 69 39.95 9.14 37.80
C ILE B 69 39.79 9.66 39.24
N ILE B 70 40.80 10.40 39.71
CA ILE B 70 40.77 11.02 41.04
C ILE B 70 39.63 12.04 41.16
N ASP B 71 39.43 12.82 40.09
CA ASP B 71 38.34 13.80 40.03
C ASP B 71 36.97 13.19 40.34
N VAL B 72 36.76 11.97 39.85
CA VAL B 72 35.54 11.22 40.14
C VAL B 72 35.58 10.76 41.60
N ALA B 73 36.66 10.07 41.98
CA ALA B 73 36.82 9.59 43.35
C ALA B 73 36.47 10.68 44.37
N LYS B 74 36.99 11.89 44.13
CA LYS B 74 36.71 13.06 44.96
C LYS B 74 35.23 13.38 44.99
N GLN B 75 34.61 13.44 43.82
CA GLN B 75 33.23 13.91 43.67
C GLN B 75 32.20 12.94 44.27
N ALA B 76 32.64 11.74 44.63
CA ALA B 76 31.70 10.72 45.12
C ALA B 76 31.99 10.24 46.54
N ASN B 77 32.93 10.89 47.22
CA ASN B 77 33.36 10.50 48.58
C ASN B 77 34.10 9.16 48.68
N VAL B 78 34.81 8.81 47.61
CA VAL B 78 35.57 7.56 47.58
C VAL B 78 36.84 7.72 48.39
N ASP B 79 37.06 6.81 49.32
CA ASP B 79 38.22 6.85 50.20
C ASP B 79 39.23 5.74 49.90
N ALA B 80 38.86 4.85 48.98
CA ALA B 80 39.73 3.73 48.61
C ALA B 80 39.59 3.35 47.14
N ILE B 81 40.72 3.14 46.48
CA ILE B 81 40.73 2.70 45.07
C ILE B 81 41.51 1.40 44.91
N HIS B 82 40.83 0.39 44.36
CA HIS B 82 41.48 -0.84 43.94
C HIS B 82 41.89 -0.67 42.48
N PRO B 83 43.20 -0.80 42.20
CA PRO B 83 43.67 -0.59 40.82
C PRO B 83 43.34 -1.75 39.88
N GLY B 84 43.08 -2.94 40.43
CA GLY B 84 42.87 -4.13 39.61
C GLY B 84 44.21 -4.68 39.16
N TYR B 85 44.37 -4.87 37.85
CA TYR B 85 45.66 -5.25 37.28
C TYR B 85 45.89 -4.69 35.88
N GLY B 86 47.11 -4.24 35.63
CA GLY B 86 47.56 -3.89 34.29
C GLY B 86 46.95 -2.65 33.67
N PHE B 87 46.86 -1.57 34.46
CA PHE B 87 46.52 -0.26 33.91
C PHE B 87 47.35 0.76 34.65
N LEU B 88 46.96 1.04 35.89
CA LEU B 88 47.71 1.92 36.76
C LEU B 88 48.14 1.15 38.00
N SER B 89 47.97 -0.16 37.95
CA SER B 89 48.30 -1.06 39.05
C SER B 89 49.77 -1.00 39.48
N GLU B 90 50.65 -0.65 38.53
CA GLU B 90 52.08 -0.53 38.80
C GLU B 90 52.57 0.91 38.59
N ASN B 91 51.65 1.86 38.61
CA ASN B 91 51.99 3.26 38.41
C ASN B 91 52.31 3.98 39.72
N GLU B 92 53.50 4.57 39.76
CA GLU B 92 53.95 5.32 40.95
C GLU B 92 53.17 6.61 41.14
N GLN B 93 52.99 7.36 40.05
CA GLN B 93 52.33 8.67 40.10
C GLN B 93 50.89 8.56 40.60
N PHE B 94 50.18 7.54 40.14
CA PHE B 94 48.76 7.35 40.46
C PHE B 94 48.53 7.06 41.94
N ALA B 95 49.31 6.14 42.51
CA ALA B 95 49.19 5.79 43.92
C ALA B 95 49.56 6.97 44.82
N ARG B 96 50.61 7.69 44.43
CA ARG B 96 51.06 8.88 45.12
C ARG B 96 49.92 9.88 45.27
N ARG B 97 49.25 10.15 44.15
CA ARG B 97 48.18 11.14 44.08
C ARG B 97 46.97 10.78 44.94
N CYS B 98 46.75 9.48 45.17
CA CYS B 98 45.63 9.02 45.98
C CYS B 98 45.75 9.44 47.43
N ALA B 99 46.88 9.11 48.05
CA ALA B 99 47.13 9.46 49.44
C ALA B 99 47.39 10.95 49.63
N GLU B 100 47.79 11.62 48.54
CA GLU B 100 47.92 13.08 48.52
C GLU B 100 46.53 13.73 48.51
N GLU B 101 45.51 12.90 48.32
CA GLU B 101 44.13 13.33 48.29
C GLU B 101 43.31 12.71 49.42
N GLY B 102 43.97 11.95 50.29
CA GLY B 102 43.31 11.28 51.40
C GLY B 102 42.48 10.09 50.97
N ILE B 103 42.91 9.45 49.88
CA ILE B 103 42.28 8.23 49.37
C ILE B 103 43.26 7.07 49.45
N LYS B 104 42.80 5.94 49.98
CA LYS B 104 43.66 4.77 50.15
C LYS B 104 43.84 3.99 48.84
N PHE B 105 45.10 3.72 48.51
CA PHE B 105 45.45 2.93 47.34
C PHE B 105 45.59 1.47 47.74
N ILE B 106 44.72 0.62 47.21
CA ILE B 106 44.71 -0.81 47.57
C ILE B 106 45.88 -1.56 46.92
N GLY B 107 47.04 -1.39 47.54
CA GLY B 107 48.28 -2.04 47.13
C GLY B 107 49.39 -1.70 48.12
N PRO B 108 50.65 -2.00 47.76
CA PRO B 108 51.79 -1.65 48.60
C PRO B 108 52.05 -0.14 48.69
N HIS B 109 53.01 0.25 49.52
CA HIS B 109 53.36 1.67 49.68
C HIS B 109 54.17 2.18 48.49
N LEU B 110 54.34 3.50 48.44
CA LEU B 110 54.99 4.20 47.32
C LEU B 110 56.37 3.65 46.93
N GLU B 111 57.20 3.35 47.92
CA GLU B 111 58.55 2.88 47.64
C GLU B 111 58.55 1.46 47.08
N HIS B 112 57.48 0.70 47.35
CA HIS B 112 57.34 -0.67 46.87
C HIS B 112 57.14 -0.73 45.37
N LEU B 113 56.34 0.20 44.85
CA LEU B 113 56.07 0.29 43.42
C LEU B 113 57.27 0.78 42.65
N ASP B 114 57.96 1.77 43.22
CA ASP B 114 59.21 2.28 42.67
C ASP B 114 60.28 1.19 42.67
N MET B 115 60.25 0.38 43.72
CA MET B 115 61.23 -0.69 43.97
C MET B 115 61.32 -1.70 42.83
N PHE B 116 60.17 -2.15 42.33
CA PHE B 116 60.10 -3.22 41.33
C PHE B 116 59.61 -2.79 39.96
N GLY B 117 59.29 -1.50 39.81
CA GLY B 117 58.87 -0.94 38.53
C GLY B 117 60.00 -1.01 37.50
N ASP B 118 61.13 -0.42 37.85
CA ASP B 118 62.36 -0.51 37.07
C ASP B 118 62.92 -1.93 37.20
N LYS B 119 63.42 -2.47 36.09
CA LYS B 119 64.05 -3.79 36.09
C LYS B 119 65.47 -3.71 36.66
N VAL B 120 66.06 -2.51 36.56
CA VAL B 120 67.39 -2.23 37.11
C VAL B 120 67.33 -2.18 38.64
N LYS B 121 66.30 -1.51 39.17
CA LYS B 121 66.10 -1.36 40.61
C LYS B 121 65.81 -2.68 41.29
N ALA B 122 64.98 -3.51 40.66
CA ALA B 122 64.58 -4.81 41.20
C ALA B 122 65.74 -5.79 41.34
N ARG B 123 66.73 -5.68 40.44
CA ARG B 123 67.95 -6.47 40.53
C ARG B 123 68.72 -6.21 41.81
N THR B 124 68.82 -4.92 42.18
CA THR B 124 69.57 -4.49 43.35
C THR B 124 68.91 -4.90 44.67
N THR B 125 67.59 -4.98 44.67
CA THR B 125 66.81 -5.31 45.86
C THR B 125 66.88 -6.80 46.21
N ALA B 126 66.99 -7.64 45.18
CA ALA B 126 67.12 -9.08 45.35
C ALA B 126 68.51 -9.49 45.83
N ILE B 127 69.49 -8.61 45.62
CA ILE B 127 70.86 -8.78 46.13
C ILE B 127 70.85 -8.77 47.65
N LYS B 128 70.12 -7.82 48.23
CA LYS B 128 69.85 -7.82 49.68
C LYS B 128 68.80 -8.88 50.04
N ALA B 129 69.02 -10.08 49.52
CA ALA B 129 68.21 -11.28 49.80
C ALA B 129 68.96 -12.49 49.23
N ASP B 130 70.14 -12.21 48.66
CA ASP B 130 70.94 -13.15 47.86
C ASP B 130 70.13 -14.21 47.08
N LEU B 131 69.36 -13.72 46.12
CA LEU B 131 68.61 -14.57 45.19
C LEU B 131 69.18 -14.36 43.78
N PRO B 132 69.62 -15.46 43.13
CA PRO B 132 70.47 -15.39 41.92
C PRO B 132 69.73 -15.00 40.64
N VAL B 133 70.43 -14.33 39.71
CA VAL B 133 69.86 -13.93 38.43
C VAL B 133 70.80 -14.16 37.22
N ILE B 134 72.03 -13.63 37.31
CA ILE B 134 73.04 -13.68 36.22
C ILE B 134 73.19 -15.05 35.53
N PRO B 135 73.42 -15.06 34.19
CA PRO B 135 73.56 -16.32 33.45
C PRO B 135 74.79 -17.13 33.86
N ILE B 206 69.48 -21.24 31.73
CA ILE B 206 69.38 -20.89 30.32
C ILE B 206 68.43 -21.87 29.60
N ASP B 207 68.86 -23.12 29.47
CA ASP B 207 68.11 -24.14 28.72
C ASP B 207 66.88 -24.65 29.48
N ASN B 208 65.88 -25.11 28.73
CA ASN B 208 64.56 -25.58 29.23
C ASN B 208 64.16 -25.18 30.66
N PRO B 209 63.87 -23.88 30.89
CA PRO B 209 63.53 -23.41 32.23
C PRO B 209 62.03 -23.49 32.54
N LYS B 210 61.73 -23.73 33.81
CA LYS B 210 60.34 -23.78 34.29
C LYS B 210 59.98 -22.44 34.93
N HIS B 211 58.76 -21.96 34.66
CA HIS B 211 58.30 -20.69 35.23
C HIS B 211 57.42 -20.91 36.45
N ILE B 212 57.85 -20.37 37.58
CA ILE B 212 57.16 -20.52 38.85
C ILE B 212 57.04 -19.16 39.52
N GLU B 213 55.87 -18.90 40.10
CA GLU B 213 55.67 -17.65 40.85
C GLU B 213 54.92 -17.91 42.16
N VAL B 214 55.43 -17.32 43.24
CA VAL B 214 54.88 -17.53 44.58
C VAL B 214 53.95 -16.39 44.93
N GLN B 215 52.75 -16.73 45.40
CA GLN B 215 51.79 -15.74 45.88
C GLN B 215 52.13 -15.32 47.32
N VAL B 216 51.99 -14.02 47.60
CA VAL B 216 52.28 -13.49 48.93
C VAL B 216 51.29 -12.39 49.30
N ILE B 217 50.92 -12.33 50.57
CA ILE B 217 50.10 -11.24 51.09
C ILE B 217 50.77 -10.71 52.34
N GLY B 218 50.87 -9.38 52.44
CA GLY B 218 51.43 -8.74 53.63
C GLY B 218 50.47 -7.70 54.17
N ASP B 219 50.31 -7.65 55.49
CA ASP B 219 49.43 -6.63 56.07
C ASP B 219 50.20 -5.35 56.41
N GLU B 220 49.53 -4.42 57.10
CA GLU B 220 50.17 -3.19 57.55
C GLU B 220 50.69 -3.29 58.99
N HIS B 221 50.49 -4.45 59.61
CA HIS B 221 50.91 -4.71 60.98
C HIS B 221 52.19 -5.57 61.03
N GLY B 222 52.90 -5.63 59.90
CA GLY B 222 54.18 -6.34 59.84
C GLY B 222 54.07 -7.85 59.71
N ASN B 223 52.88 -8.33 59.38
CA ASN B 223 52.66 -9.76 59.13
C ASN B 223 52.61 -10.03 57.64
N ILE B 224 53.43 -10.97 57.18
CA ILE B 224 53.46 -11.32 55.76
C ILE B 224 53.51 -12.84 55.61
N VAL B 225 52.60 -13.39 54.81
CA VAL B 225 52.53 -14.84 54.56
C VAL B 225 52.37 -15.19 53.09
N HIS B 226 52.80 -16.39 52.72
CA HIS B 226 52.65 -16.87 51.34
C HIS B 226 51.53 -17.90 51.16
N LEU B 227 51.03 -17.99 49.94
CA LEU B 227 50.01 -18.97 49.58
C LEU B 227 50.51 -19.86 48.45
N PHE B 228 51.72 -20.39 48.61
CA PHE B 228 52.33 -21.31 47.65
C PHE B 228 52.49 -20.72 46.25
N GLU B 229 52.71 -21.57 45.27
CA GLU B 229 53.18 -21.13 43.96
C GLU B 229 52.27 -21.55 42.81
N ARG B 230 52.55 -21.04 41.61
CA ARG B 230 51.82 -21.40 40.40
C ARG B 230 52.81 -21.77 39.31
N ASP B 231 52.52 -22.85 38.59
CA ASP B 231 53.35 -23.31 37.48
C ASP B 231 52.89 -22.69 36.15
N CYS B 232 53.53 -21.59 35.77
CA CYS B 232 53.15 -20.84 34.57
C CYS B 232 53.98 -21.19 33.34
N SER B 233 54.46 -22.43 33.27
CA SER B 233 55.38 -22.82 32.20
C SER B 233 54.68 -22.98 30.84
N VAL B 234 53.39 -23.27 30.83
CA VAL B 234 52.63 -23.26 29.58
C VAL B 234 52.40 -21.80 29.17
N GLN B 235 53.28 -21.31 28.30
CA GLN B 235 53.17 -19.96 27.74
C GLN B 235 53.75 -19.90 26.33
N ARG B 236 53.16 -19.06 25.48
CA ARG B 236 53.63 -18.88 24.11
C ARG B 236 54.98 -18.17 24.13
N ARG B 237 54.96 -16.90 24.51
CA ARG B 237 56.16 -16.13 24.76
C ARG B 237 55.83 -15.12 25.87
N HIS B 238 55.58 -13.87 25.49
CA HIS B 238 55.21 -12.84 26.45
C HIS B 238 53.71 -12.91 26.78
N GLN B 239 53.16 -14.12 26.75
CA GLN B 239 51.76 -14.36 27.09
C GLN B 239 51.56 -15.72 27.77
N LYS B 240 51.16 -15.67 29.04
CA LYS B 240 50.83 -16.85 29.84
C LYS B 240 49.56 -17.50 29.30
N VAL B 241 49.57 -18.82 29.15
CA VAL B 241 48.45 -19.53 28.51
C VAL B 241 47.68 -20.47 29.45
N VAL B 242 48.39 -21.38 30.12
CA VAL B 242 47.80 -22.32 31.08
C VAL B 242 48.61 -22.36 32.38
N GLU B 243 47.99 -21.96 33.47
CA GLU B 243 48.62 -22.00 34.78
C GLU B 243 48.16 -23.21 35.58
N VAL B 244 49.00 -23.69 36.50
CA VAL B 244 48.67 -24.82 37.37
C VAL B 244 49.15 -24.54 38.80
N ALA B 245 48.24 -24.66 39.76
CA ALA B 245 48.61 -24.48 41.17
C ALA B 245 48.03 -25.58 42.06
N PRO B 246 48.86 -26.20 42.90
CA PRO B 246 50.30 -25.98 42.99
C PRO B 246 51.05 -26.56 41.79
N SER B 247 52.37 -26.39 41.77
CA SER B 247 53.21 -26.95 40.71
C SER B 247 53.33 -28.46 40.90
N VAL B 248 52.89 -29.21 39.88
CA VAL B 248 52.96 -30.67 39.91
C VAL B 248 54.24 -31.12 39.22
N GLY B 249 55.06 -31.88 39.94
CA GLY B 249 56.32 -32.38 39.38
C GLY B 249 57.55 -32.01 40.19
N LEU B 250 57.52 -30.83 40.81
CA LEU B 250 58.61 -30.37 41.67
C LEU B 250 58.54 -31.03 43.04
N SER B 251 59.63 -31.69 43.43
CA SER B 251 59.73 -32.42 44.69
C SER B 251 59.46 -31.53 45.93
N PRO B 252 58.96 -32.13 47.04
CA PRO B 252 58.61 -31.41 48.27
C PRO B 252 59.54 -30.24 48.66
N THR B 253 60.81 -30.54 48.94
CA THR B 253 61.76 -29.52 49.43
C THR B 253 62.20 -28.50 48.36
N LEU B 254 62.03 -28.85 47.09
CA LEU B 254 62.39 -27.97 45.97
C LEU B 254 61.56 -26.70 45.98
N ARG B 255 60.24 -26.86 46.11
CA ARG B 255 59.30 -25.75 46.13
C ARG B 255 59.37 -24.96 47.45
N GLN B 256 59.67 -25.66 48.54
CA GLN B 256 59.76 -25.08 49.88
C GLN B 256 60.77 -23.93 49.96
N ARG B 257 61.92 -24.13 49.33
CA ARG B 257 62.98 -23.13 49.32
C ARG B 257 62.60 -21.94 48.44
N ILE B 258 61.90 -22.23 47.35
CA ILE B 258 61.42 -21.19 46.44
C ILE B 258 60.38 -20.31 47.14
N CYS B 259 59.52 -20.93 47.95
CA CYS B 259 58.59 -20.21 48.83
C CYS B 259 59.33 -19.32 49.83
N ASP B 260 60.30 -19.91 50.53
CA ASP B 260 61.10 -19.19 51.50
C ASP B 260 61.89 -18.06 50.85
N ALA B 261 62.35 -18.29 49.62
CA ALA B 261 63.06 -17.27 48.84
C ALA B 261 62.22 -16.01 48.66
N ALA B 262 60.93 -16.21 48.37
CA ALA B 262 59.99 -15.11 48.21
C ALA B 262 59.80 -14.35 49.52
N ILE B 263 59.54 -15.07 50.59
CA ILE B 263 59.37 -14.49 51.93
C ILE B 263 60.62 -13.71 52.34
N GLN B 264 61.78 -14.32 52.08
CA GLN B 264 63.07 -13.70 52.38
C GLN B 264 63.18 -12.33 51.74
N LEU B 265 62.71 -12.22 50.50
CA LEU B 265 62.70 -10.95 49.78
C LEU B 265 61.67 -9.98 50.37
N MET B 266 60.41 -10.41 50.42
CA MET B 266 59.29 -9.54 50.78
C MET B 266 59.30 -9.09 52.24
N GLU B 267 59.52 -10.02 53.16
CA GLU B 267 59.59 -9.71 54.59
C GLU B 267 60.73 -8.72 54.86
N ASN B 268 61.80 -8.85 54.09
CA ASN B 268 62.95 -7.94 54.19
C ASN B 268 62.61 -6.51 53.82
N ILE B 269 61.78 -6.33 52.79
CA ILE B 269 61.52 -5.02 52.22
C ILE B 269 60.25 -4.33 52.76
N LYS B 270 59.68 -4.88 53.82
CA LYS B 270 58.50 -4.33 54.50
C LYS B 270 57.26 -4.36 53.60
N TYR B 271 57.05 -5.49 52.93
CA TYR B 271 56.00 -5.57 51.91
C TYR B 271 54.57 -5.55 52.47
N VAL B 272 53.76 -4.67 51.88
CA VAL B 272 52.39 -4.48 52.29
C VAL B 272 51.46 -4.85 51.14
N ASN B 273 50.34 -5.48 51.49
CA ASN B 273 49.31 -5.93 50.54
C ASN B 273 49.75 -7.08 49.62
N ALA B 274 48.91 -7.43 48.65
CA ALA B 274 49.17 -8.62 47.83
C ALA B 274 50.17 -8.38 46.71
N GLY B 275 51.19 -9.24 46.66
CA GLY B 275 52.21 -9.20 45.62
C GLY B 275 52.66 -10.58 45.20
N THR B 276 53.39 -10.65 44.09
CA THR B 276 53.85 -11.93 43.56
C THR B 276 55.33 -11.87 43.19
N VAL B 277 56.08 -12.89 43.60
CA VAL B 277 57.49 -13.01 43.26
C VAL B 277 57.69 -14.09 42.19
N GLU B 278 58.01 -13.66 40.97
CA GLU B 278 58.30 -14.58 39.87
C GLU B 278 59.69 -15.20 40.00
N PHE B 279 59.84 -16.38 39.41
CA PHE B 279 61.12 -17.08 39.41
C PHE B 279 61.39 -17.77 38.06
N LEU B 280 62.48 -18.53 38.03
CA LEU B 280 62.83 -19.39 36.91
C LEU B 280 63.53 -20.60 37.49
N VAL B 281 63.03 -21.80 37.17
CA VAL B 281 63.53 -23.03 37.79
C VAL B 281 64.26 -23.91 36.77
N SER B 282 65.44 -24.38 37.16
CA SER B 282 66.23 -25.32 36.37
C SER B 282 66.99 -26.23 37.34
N GLY B 283 66.74 -27.54 37.21
CA GLY B 283 67.32 -28.53 38.11
C GLY B 283 66.81 -28.34 39.53
N ASP B 284 67.72 -27.97 40.43
CA ASP B 284 67.37 -27.69 41.82
C ASP B 284 67.84 -26.31 42.26
N GLU B 285 67.72 -25.33 41.36
CA GLU B 285 68.08 -23.94 41.68
C GLU B 285 67.06 -22.91 41.20
N PHE B 286 66.71 -22.00 42.12
CA PHE B 286 65.83 -20.87 41.84
C PHE B 286 66.59 -19.73 41.16
N PHE B 287 65.86 -18.87 40.46
CA PHE B 287 66.40 -17.64 39.89
C PHE B 287 65.32 -16.55 39.87
N PHE B 288 65.55 -15.49 40.62
CA PHE B 288 64.60 -14.38 40.73
C PHE B 288 64.47 -13.63 39.42
N ILE B 289 63.25 -13.55 38.91
CA ILE B 289 62.97 -12.84 37.66
C ILE B 289 62.39 -11.45 37.90
N GLU B 290 61.25 -11.38 38.61
CA GLU B 290 60.56 -10.10 38.85
C GLU B 290 59.56 -10.16 40.00
N VAL B 291 59.03 -9.00 40.35
CA VAL B 291 57.93 -8.89 41.30
C VAL B 291 56.73 -8.17 40.66
N ASN B 292 55.55 -8.76 40.81
CA ASN B 292 54.31 -8.13 40.39
C ASN B 292 53.59 -7.54 41.61
N PRO B 293 53.69 -6.21 41.77
CA PRO B 293 53.20 -5.50 42.95
C PRO B 293 51.68 -5.26 42.94
N ARG B 294 50.92 -6.32 42.69
CA ARG B 294 49.45 -6.28 42.60
C ARG B 294 48.87 -7.69 42.52
N VAL B 295 47.55 -7.79 42.31
CA VAL B 295 46.93 -9.08 42.00
C VAL B 295 47.22 -9.48 40.57
N GLN B 296 47.33 -10.78 40.34
CA GLN B 296 47.48 -11.33 39.00
C GLN B 296 46.16 -11.90 38.53
N VAL B 297 45.99 -11.91 37.21
CA VAL B 297 44.82 -12.53 36.57
C VAL B 297 44.62 -13.96 37.10
N GLU B 298 45.72 -14.65 37.33
CA GLU B 298 45.69 -16.05 37.73
C GLU B 298 45.51 -16.29 39.23
N HIS B 299 45.14 -15.24 39.97
CA HIS B 299 45.01 -15.32 41.44
C HIS B 299 44.07 -16.42 41.94
N THR B 300 42.96 -16.64 41.22
CA THR B 300 41.90 -17.56 41.66
C THR B 300 42.39 -19.00 41.84
N ILE B 301 43.29 -19.40 40.95
CA ILE B 301 43.88 -20.74 40.96
C ILE B 301 44.51 -21.04 42.34
N THR B 302 45.06 -19.99 42.96
CA THR B 302 45.70 -20.10 44.25
C THR B 302 44.67 -20.05 45.37
N GLU B 303 43.66 -19.20 45.19
CA GLU B 303 42.53 -19.09 46.10
C GLU B 303 41.76 -20.40 46.26
N MET B 304 41.69 -21.19 45.20
CA MET B 304 40.90 -22.41 45.19
C MET B 304 41.57 -23.55 45.95
N VAL B 305 42.89 -23.66 45.81
CA VAL B 305 43.66 -24.67 46.54
C VAL B 305 43.97 -24.27 47.99
N THR B 306 44.16 -22.97 48.25
CA THR B 306 44.46 -22.50 49.60
C THR B 306 43.21 -22.12 50.38
N GLY B 307 42.15 -21.75 49.67
CA GLY B 307 40.88 -21.40 50.30
C GLY B 307 40.81 -19.99 50.84
N ILE B 308 41.75 -19.14 50.42
CA ILE B 308 41.76 -17.73 50.85
C ILE B 308 41.24 -16.82 49.74
N ASP B 309 40.36 -15.89 50.11
CA ASP B 309 39.94 -14.84 49.17
C ASP B 309 41.00 -13.74 49.18
N ILE B 310 41.80 -13.70 48.12
CA ILE B 310 42.92 -12.78 47.98
C ILE B 310 42.46 -11.33 47.82
N VAL B 311 41.52 -11.12 46.91
CA VAL B 311 40.97 -9.78 46.64
C VAL B 311 40.36 -9.18 47.90
N LYS B 312 39.54 -9.97 48.59
CA LYS B 312 38.93 -9.56 49.85
C LYS B 312 40.03 -9.08 50.80
N THR B 313 41.04 -9.92 50.97
CA THR B 313 42.16 -9.64 51.88
C THR B 313 42.87 -8.33 51.52
N GLN B 314 43.01 -8.05 50.23
CA GLN B 314 43.58 -6.79 49.77
C GLN B 314 42.85 -5.61 50.40
N ILE B 315 41.54 -5.56 50.19
CA ILE B 315 40.67 -4.50 50.73
C ILE B 315 40.91 -4.32 52.22
N LEU B 316 40.89 -5.44 52.96
CA LEU B 316 41.01 -5.44 54.41
C LEU B 316 42.38 -4.93 54.88
N VAL B 317 43.43 -5.34 54.19
CA VAL B 317 44.80 -4.86 54.47
C VAL B 317 44.88 -3.34 54.26
N ALA B 318 44.28 -2.86 53.17
CA ALA B 318 44.17 -1.43 52.89
C ALA B 318 43.33 -0.71 53.94
N ALA B 319 42.33 -1.41 54.47
CA ALA B 319 41.50 -0.91 55.57
C ALA B 319 42.26 -0.84 56.89
N GLY B 320 43.41 -1.52 56.95
CA GLY B 320 44.30 -1.49 58.13
C GLY B 320 44.11 -2.64 59.09
N ALA B 321 43.43 -3.70 58.63
CA ALA B 321 43.08 -4.85 59.46
C ALA B 321 44.23 -5.86 59.60
N ASP B 322 44.22 -6.57 60.72
CA ASP B 322 45.26 -7.55 61.03
C ASP B 322 45.16 -8.81 60.19
N LEU B 323 46.32 -9.34 59.80
CA LEU B 323 46.43 -10.51 58.95
C LEU B 323 45.86 -11.77 59.61
N PHE B 324 46.01 -11.87 60.93
CA PHE B 324 45.56 -13.07 61.67
C PHE B 324 44.40 -12.82 62.63
N GLY B 325 43.66 -11.72 62.41
CA GLY B 325 42.51 -11.37 63.25
C GLY B 325 41.20 -11.97 62.77
N GLU B 326 40.13 -11.74 63.54
CA GLU B 326 38.79 -12.23 63.20
C GLU B 326 38.20 -11.55 61.96
N GLU B 327 39.05 -10.84 61.22
CA GLU B 327 38.64 -10.07 60.05
C GLU B 327 39.09 -10.77 58.77
N ILE B 328 40.40 -10.90 58.60
CA ILE B 328 41.01 -11.61 57.47
C ILE B 328 40.96 -13.14 57.69
N ASN B 329 40.96 -13.55 58.96
CA ASN B 329 40.86 -14.96 59.37
C ASN B 329 41.92 -15.88 58.74
N MET B 330 43.02 -15.27 58.30
CA MET B 330 44.15 -16.01 57.71
C MET B 330 44.71 -17.03 58.71
N PRO B 331 45.00 -18.25 58.24
CA PRO B 331 45.62 -19.24 59.10
C PRO B 331 47.11 -19.00 59.24
N GLN B 332 47.73 -19.62 60.24
CA GLN B 332 49.17 -19.57 60.46
C GLN B 332 49.91 -20.17 59.27
N GLN B 333 51.09 -19.65 58.97
CA GLN B 333 51.88 -20.12 57.83
C GLN B 333 52.02 -21.65 57.80
N LYS B 334 52.19 -22.25 58.98
CA LYS B 334 52.24 -23.72 59.11
C LYS B 334 50.89 -24.38 58.82
N ASP B 335 49.81 -23.66 59.10
CA ASP B 335 48.45 -24.17 58.88
C ASP B 335 47.91 -23.85 57.48
N ILE B 336 48.59 -22.98 56.74
CA ILE B 336 48.21 -22.69 55.36
C ILE B 336 48.74 -23.82 54.45
N THR B 337 47.81 -24.49 53.78
CA THR B 337 48.14 -25.61 52.88
C THR B 337 47.32 -25.59 51.61
N THR B 338 47.62 -26.54 50.73
CA THR B 338 46.89 -26.75 49.49
C THR B 338 45.88 -27.88 49.66
N LEU B 339 44.72 -27.72 49.03
CA LEU B 339 43.74 -28.81 48.87
C LEU B 339 43.53 -29.08 47.39
N GLY B 340 44.01 -30.22 46.92
CA GLY B 340 43.88 -30.61 45.52
C GLY B 340 44.75 -29.83 44.56
N TYR B 341 44.28 -29.70 43.32
CA TYR B 341 44.99 -28.97 42.28
C TYR B 341 44.02 -28.05 41.54
N ALA B 342 44.55 -26.96 40.99
CA ALA B 342 43.75 -26.03 40.20
C ALA B 342 44.41 -25.66 38.88
N ILE B 343 43.60 -25.51 37.84
CA ILE B 343 44.08 -25.13 36.51
C ILE B 343 43.35 -23.86 36.05
N GLN B 344 44.04 -23.01 35.31
CA GLN B 344 43.39 -21.88 34.63
C GLN B 344 43.77 -21.82 33.16
N CYS B 345 42.75 -21.63 32.32
CA CYS B 345 42.92 -21.52 30.86
C CYS B 345 42.44 -20.16 30.36
N ARG B 346 43.17 -19.61 29.39
CA ARG B 346 42.81 -18.33 28.77
C ARG B 346 41.95 -18.52 27.52
N ILE B 347 40.86 -17.75 27.46
CA ILE B 347 40.03 -17.69 26.26
C ILE B 347 40.06 -16.26 25.72
N THR B 348 40.57 -16.12 24.50
CA THR B 348 40.68 -14.82 23.81
C THR B 348 40.05 -14.84 22.42
N THR B 349 39.88 -13.65 21.84
CA THR B 349 39.34 -13.50 20.48
C THR B 349 40.28 -14.04 19.40
N GLU B 350 41.58 -14.04 19.71
CA GLU B 350 42.62 -14.54 18.80
C GLU B 350 42.57 -16.06 18.63
N ASP B 351 43.21 -16.55 17.56
CA ASP B 351 43.15 -17.96 17.19
C ASP B 351 44.41 -18.46 16.49
N PRO B 352 44.69 -19.79 16.59
CA PRO B 352 45.77 -20.42 15.83
C PRO B 352 45.50 -20.46 14.33
N LEU B 353 44.24 -20.26 13.94
CA LEU B 353 43.82 -20.19 12.55
C LEU B 353 44.25 -18.89 11.88
N ASN B 354 44.43 -17.84 12.70
CA ASN B 354 44.78 -16.51 12.19
C ASN B 354 45.96 -15.88 12.94
N ASP B 355 47.05 -16.65 13.08
CA ASP B 355 48.32 -16.19 13.68
C ASP B 355 48.19 -15.37 14.97
N PHE B 356 47.24 -15.78 15.82
CA PHE B 356 46.93 -15.08 17.09
C PHE B 356 46.67 -13.57 16.92
N MET B 357 45.54 -13.25 16.29
CA MET B 357 45.12 -11.86 16.05
C MET B 357 43.76 -11.58 16.70
N PRO B 358 43.72 -10.64 17.67
CA PRO B 358 42.48 -10.25 18.36
C PRO B 358 41.46 -9.58 17.44
N ASP B 359 40.42 -10.32 17.08
CA ASP B 359 39.39 -9.82 16.18
C ASP B 359 38.29 -9.04 16.91
N THR B 360 37.60 -8.18 16.16
CA THR B 360 36.50 -7.36 16.68
C THR B 360 35.23 -8.21 16.77
N GLY B 361 34.17 -7.80 16.06
CA GLY B 361 32.95 -8.60 15.92
C GLY B 361 32.02 -8.65 17.11
N THR B 362 30.73 -8.84 16.82
CA THR B 362 29.69 -9.02 17.82
C THR B 362 29.56 -10.51 18.19
N ILE B 363 29.46 -10.80 19.49
CA ILE B 363 29.32 -12.17 19.98
C ILE B 363 27.85 -12.58 19.93
N ILE B 364 27.50 -13.45 18.98
CA ILE B 364 26.09 -13.80 18.72
C ILE B 364 25.44 -14.62 19.85
N ALA B 365 26.25 -15.40 20.55
CA ALA B 365 25.79 -16.22 21.66
C ALA B 365 26.88 -16.39 22.71
N TYR B 366 26.47 -16.33 23.98
CA TYR B 366 27.36 -16.59 25.12
C TYR B 366 26.81 -17.73 25.95
N ARG B 367 27.67 -18.69 26.28
CA ARG B 367 27.27 -19.90 26.98
C ARG B 367 28.24 -20.29 28.11
N SER B 368 27.76 -20.13 29.34
CA SER B 368 28.52 -20.53 30.53
C SER B 368 28.28 -22.01 30.89
N SER B 369 28.76 -22.42 32.05
CA SER B 369 28.48 -23.76 32.57
C SER B 369 28.32 -23.77 34.10
N GLY B 370 29.27 -24.38 34.80
CA GLY B 370 29.20 -24.54 36.25
C GLY B 370 29.65 -25.91 36.73
N GLY B 371 29.90 -26.01 38.04
CA GLY B 371 30.39 -27.24 38.66
C GLY B 371 31.25 -26.94 39.88
N PHE B 372 31.39 -27.91 40.77
CA PHE B 372 32.28 -27.78 41.93
C PHE B 372 33.70 -27.49 41.45
N GLY B 373 34.21 -26.32 41.80
CA GLY B 373 35.51 -25.86 41.32
C GLY B 373 35.52 -25.61 39.82
N VAL B 374 34.48 -24.95 39.33
CA VAL B 374 34.42 -24.49 37.95
C VAL B 374 34.01 -23.03 37.93
N ARG B 375 35.00 -22.15 37.89
CA ARG B 375 34.79 -20.71 37.91
C ARG B 375 34.89 -20.11 36.51
N LEU B 376 33.81 -19.42 36.11
CA LEU B 376 33.79 -18.64 34.87
C LEU B 376 33.78 -17.14 35.17
N ASP B 377 34.97 -16.54 35.28
CA ASP B 377 35.11 -15.10 35.45
C ASP B 377 34.73 -14.35 34.17
N ALA B 378 33.43 -14.04 34.02
CA ALA B 378 32.91 -13.34 32.85
C ALA B 378 33.55 -11.94 32.69
N GLY B 379 34.11 -11.69 31.51
CA GLY B 379 34.79 -10.43 31.21
C GLY B 379 34.31 -9.80 29.91
N ASP B 380 35.11 -9.96 28.86
CA ASP B 380 34.81 -9.37 27.54
C ASP B 380 33.62 -10.00 26.81
N GLY B 381 33.30 -11.26 27.14
CA GLY B 381 32.18 -11.97 26.53
C GLY B 381 30.98 -12.08 27.46
N PHE B 382 29.91 -11.36 27.13
CA PHE B 382 28.67 -11.42 27.91
C PHE B 382 27.41 -11.69 27.08
N GLN B 383 27.23 -10.94 25.99
CA GLN B 383 26.08 -11.13 25.10
C GLN B 383 26.38 -10.56 23.70
N GLY B 384 25.37 -9.94 23.09
CA GLY B 384 25.48 -9.38 21.74
C GLY B 384 25.91 -7.92 21.70
N ALA B 385 26.87 -7.56 22.55
CA ALA B 385 27.47 -6.22 22.55
C ALA B 385 28.90 -6.31 22.02
N GLU B 386 29.17 -5.56 20.94
CA GLU B 386 30.46 -5.63 20.22
C GLU B 386 31.63 -5.05 21.01
N ILE B 387 32.73 -5.79 21.06
CA ILE B 387 33.92 -5.40 21.82
C ILE B 387 35.05 -4.85 20.95
N SER B 388 35.79 -3.89 21.51
CA SER B 388 36.84 -3.15 20.80
C SER B 388 38.24 -3.80 20.93
N PRO B 389 39.03 -3.80 19.84
CA PRO B 389 40.37 -4.41 19.84
C PRO B 389 41.47 -3.56 20.48
N TYR B 390 41.12 -2.36 20.94
CA TYR B 390 42.08 -1.48 21.62
C TYR B 390 42.43 -1.97 23.04
N TYR B 391 41.48 -2.64 23.69
CA TYR B 391 41.72 -3.27 25.00
C TYR B 391 42.12 -4.74 24.82
N ASP B 392 42.83 -5.29 25.81
CA ASP B 392 43.16 -6.71 25.84
C ASP B 392 41.87 -7.54 25.75
N SER B 393 41.59 -8.08 24.57
CA SER B 393 40.36 -8.83 24.31
C SER B 393 40.38 -10.23 24.94
N LEU B 394 40.47 -10.26 26.27
CA LEU B 394 40.45 -11.49 27.03
C LEU B 394 38.99 -11.85 27.30
N LEU B 395 38.47 -12.78 26.49
CA LEU B 395 37.07 -13.19 26.55
C LEU B 395 36.71 -13.90 27.85
N VAL B 396 37.27 -15.09 28.08
CA VAL B 396 36.91 -15.86 29.26
C VAL B 396 38.11 -16.37 30.06
N LYS B 397 38.00 -16.23 31.37
CA LYS B 397 38.91 -16.84 32.33
C LYS B 397 38.25 -18.14 32.78
N LEU B 398 38.91 -19.26 32.49
CA LEU B 398 38.33 -20.57 32.78
C LEU B 398 39.21 -21.40 33.72
N SER B 399 38.72 -21.64 34.93
CA SER B 399 39.51 -22.35 35.95
C SER B 399 38.76 -23.48 36.64
N THR B 400 39.46 -24.58 36.87
CA THR B 400 38.88 -25.77 37.52
C THR B 400 39.67 -26.21 38.75
N HIS B 401 39.01 -26.99 39.61
CA HIS B 401 39.55 -27.40 40.91
C HIS B 401 38.92 -28.70 41.41
N ALA B 402 39.78 -29.63 41.83
CA ALA B 402 39.39 -30.92 42.38
C ALA B 402 40.58 -31.51 43.14
N ILE B 403 40.37 -32.66 43.81
CA ILE B 403 41.46 -33.33 44.54
C ILE B 403 42.57 -33.88 43.64
N SER B 404 42.20 -34.39 42.47
CA SER B 404 43.17 -34.95 41.54
C SER B 404 43.63 -33.92 40.50
N PHE B 405 44.70 -34.26 39.77
CA PHE B 405 45.12 -33.48 38.61
C PHE B 405 44.38 -33.96 37.36
N LYS B 406 44.26 -35.29 37.24
CA LYS B 406 43.48 -35.91 36.15
C LYS B 406 42.01 -35.53 36.25
N GLN B 407 41.51 -35.39 37.49
CA GLN B 407 40.13 -35.04 37.76
C GLN B 407 39.85 -33.57 37.42
N ALA B 408 40.79 -32.69 37.76
CA ALA B 408 40.69 -31.27 37.42
C ALA B 408 40.92 -31.06 35.93
N GLU B 409 41.76 -31.92 35.36
CA GLU B 409 42.04 -31.94 33.94
C GLU B 409 40.75 -32.15 33.14
N GLU B 410 40.01 -33.21 33.49
CA GLU B 410 38.75 -33.53 32.82
C GLU B 410 37.58 -32.62 33.22
N LYS B 411 37.75 -31.87 34.32
CA LYS B 411 36.80 -30.81 34.66
C LYS B 411 36.99 -29.62 33.72
N MET B 412 38.23 -29.42 33.28
CA MET B 412 38.55 -28.37 32.33
C MET B 412 38.15 -28.80 30.93
N VAL B 413 38.35 -30.07 30.61
CA VAL B 413 37.95 -30.62 29.31
C VAL B 413 36.46 -30.40 29.07
N ARG B 414 35.65 -30.78 30.05
CA ARG B 414 34.20 -30.67 29.94
C ARG B 414 33.77 -29.21 29.77
N SER B 415 34.37 -28.32 30.54
CA SER B 415 34.09 -26.89 30.45
C SER B 415 34.46 -26.29 29.09
N LEU B 416 35.56 -26.77 28.52
CA LEU B 416 35.99 -26.33 27.19
C LEU B 416 35.12 -26.92 26.08
N ARG B 417 34.66 -28.16 26.27
CA ARG B 417 33.78 -28.82 25.30
C ARG B 417 32.33 -28.30 25.41
N GLU B 418 31.95 -27.87 26.61
CA GLU B 418 30.60 -27.34 26.86
C GLU B 418 30.46 -25.90 26.39
N MET B 419 31.60 -25.24 26.17
CA MET B 419 31.57 -23.85 25.70
C MET B 419 31.45 -23.75 24.20
N ARG B 420 30.61 -22.82 23.76
CA ARG B 420 30.48 -22.47 22.36
C ARG B 420 30.39 -20.95 22.25
N ILE B 421 31.36 -20.35 21.57
CA ILE B 421 31.40 -18.90 21.38
C ILE B 421 31.55 -18.58 19.90
N ARG B 422 30.53 -17.93 19.34
CA ARG B 422 30.51 -17.61 17.91
C ARG B 422 30.69 -16.11 17.64
N GLY B 423 31.00 -15.80 16.39
CA GLY B 423 31.42 -14.46 15.99
C GLY B 423 32.91 -14.47 15.69
N VAL B 424 33.65 -15.18 16.52
CA VAL B 424 35.11 -15.35 16.38
C VAL B 424 35.50 -16.84 16.31
N LYS B 425 36.80 -17.11 16.20
CA LYS B 425 37.33 -18.47 16.29
C LYS B 425 38.29 -18.54 17.48
N THR B 426 38.10 -19.53 18.34
CA THR B 426 38.75 -19.54 19.67
C THR B 426 39.96 -20.48 19.82
N ASN B 427 40.60 -20.38 20.97
CA ASN B 427 41.78 -21.19 21.32
C ASN B 427 41.37 -22.60 21.77
N ILE B 428 40.08 -22.78 22.02
CA ILE B 428 39.50 -23.99 22.60
C ILE B 428 40.06 -25.34 22.10
N PRO B 429 39.97 -25.61 20.77
CA PRO B 429 40.35 -26.95 20.28
C PRO B 429 41.81 -27.32 20.57
N PHE B 430 42.67 -26.29 20.64
CA PHE B 430 44.05 -26.46 21.02
C PHE B 430 44.18 -26.74 22.51
N LEU B 431 43.41 -26.00 23.32
CA LEU B 431 43.46 -26.12 24.77
C LEU B 431 43.03 -27.49 25.30
N ILE B 432 42.11 -28.14 24.59
CA ILE B 432 41.65 -29.48 24.97
C ILE B 432 42.78 -30.51 24.82
N ASN B 433 43.55 -30.39 23.74
CA ASN B 433 44.74 -31.23 23.52
C ASN B 433 45.79 -31.05 24.62
N VAL B 434 45.90 -29.82 25.13
CA VAL B 434 46.79 -29.50 26.24
C VAL B 434 46.37 -30.28 27.48
N MET B 435 45.06 -30.25 27.77
CA MET B 435 44.48 -30.99 28.89
C MET B 435 44.59 -32.50 28.69
N LYS B 436 44.44 -32.93 27.44
CA LYS B 436 44.59 -34.35 27.09
C LYS B 436 46.01 -34.66 26.60
N ASN B 437 47.01 -34.23 27.37
CA ASN B 437 48.41 -34.42 27.00
C ASN B 437 49.20 -35.19 28.06
N LYS B 438 49.83 -36.27 27.62
CA LYS B 438 50.63 -37.15 28.50
C LYS B 438 51.75 -36.40 29.22
N LYS B 439 52.45 -35.53 28.49
CA LYS B 439 53.56 -34.75 29.08
C LYS B 439 53.10 -33.54 29.88
N PHE B 440 51.84 -33.14 29.71
CA PHE B 440 51.25 -32.13 30.57
C PHE B 440 50.75 -32.76 31.87
N THR B 441 50.06 -33.89 31.73
CA THR B 441 49.54 -34.63 32.89
C THR B 441 50.69 -35.13 33.78
N SER B 442 51.76 -35.60 33.15
CA SER B 442 52.94 -36.11 33.85
C SER B 442 53.55 -35.10 34.82
N GLY B 443 53.47 -33.81 34.45
CA GLY B 443 53.93 -32.73 35.32
C GLY B 443 55.22 -32.05 34.89
N ASP B 444 56.13 -32.81 34.31
CA ASP B 444 57.40 -32.26 33.84
C ASP B 444 57.25 -31.62 32.46
N TYR B 445 57.15 -30.30 32.47
CA TYR B 445 57.12 -29.49 31.25
C TYR B 445 57.76 -28.14 31.53
N THR B 446 58.42 -27.59 30.52
CA THR B 446 59.10 -26.31 30.64
C THR B 446 58.42 -25.28 29.74
N THR B 447 58.99 -24.07 29.67
CA THR B 447 58.45 -23.02 28.80
C THR B 447 58.60 -23.36 27.31
N LYS B 448 59.31 -24.45 27.03
CA LYS B 448 59.51 -24.90 25.66
C LYS B 448 58.46 -25.92 25.21
N PHE B 449 57.53 -26.24 26.11
CA PHE B 449 56.50 -27.26 25.85
C PHE B 449 55.71 -27.02 24.58
N ILE B 450 55.16 -25.81 24.42
CA ILE B 450 54.34 -25.47 23.26
C ILE B 450 55.13 -25.48 21.96
N GLU B 451 56.31 -24.85 21.99
CA GLU B 451 57.17 -24.71 20.82
C GLU B 451 57.60 -26.06 20.22
N GLU B 452 57.94 -27.02 21.08
CA GLU B 452 58.39 -28.34 20.61
C GLU B 452 57.33 -29.44 20.73
N THR B 453 56.05 -29.04 20.78
CA THR B 453 54.94 -29.97 20.61
C THR B 453 54.07 -29.41 19.47
N PRO B 454 54.44 -29.73 18.22
CA PRO B 454 53.75 -29.16 17.06
C PRO B 454 52.35 -29.73 16.81
N GLU B 455 52.04 -30.87 17.42
CA GLU B 455 50.73 -31.52 17.21
C GLU B 455 49.57 -30.90 18.01
N LEU B 456 49.85 -29.81 18.73
CA LEU B 456 48.83 -29.09 19.48
C LEU B 456 48.12 -28.02 18.65
N PHE B 457 48.57 -27.86 17.41
CA PHE B 457 47.92 -26.97 16.44
C PHE B 457 47.02 -27.77 15.49
N ASP B 458 46.85 -29.06 15.79
CA ASP B 458 46.05 -29.97 14.98
C ASP B 458 44.56 -29.65 15.14
N ILE B 459 44.02 -28.88 14.19
CA ILE B 459 42.64 -28.40 14.23
C ILE B 459 41.65 -29.51 13.90
N GLN B 460 40.70 -29.74 14.82
CA GLN B 460 39.64 -30.73 14.63
C GLN B 460 38.38 -30.04 14.08
N PRO B 461 37.83 -30.56 12.96
CA PRO B 461 36.62 -29.99 12.35
C PRO B 461 35.40 -30.02 13.27
N SER B 462 35.17 -28.93 13.99
CA SER B 462 34.07 -28.80 14.93
C SER B 462 32.84 -28.17 14.27
N LEU B 463 31.99 -29.01 13.69
CA LEU B 463 30.76 -28.57 13.04
C LEU B 463 29.69 -28.23 14.09
N ASP B 464 28.80 -27.30 13.73
CA ASP B 464 27.71 -26.88 14.62
C ASP B 464 26.34 -27.08 13.97
N ARG B 465 25.85 -28.33 13.98
CA ARG B 465 24.55 -28.70 13.43
C ARG B 465 23.44 -27.72 13.80
N GLY B 466 23.43 -27.28 15.06
CA GLY B 466 22.42 -26.37 15.58
C GLY B 466 22.36 -25.07 14.81
N THR B 467 23.41 -24.26 14.95
CA THR B 467 23.52 -22.96 14.29
C THR B 467 23.19 -23.02 12.79
N LYS B 468 23.77 -24.01 12.10
CA LYS B 468 23.57 -24.19 10.67
C LYS B 468 22.10 -24.34 10.28
N THR B 469 21.36 -25.10 11.08
CA THR B 469 19.92 -25.28 10.89
C THR B 469 19.18 -23.96 11.06
N LEU B 470 19.60 -23.17 12.04
CA LEU B 470 18.99 -21.87 12.29
C LEU B 470 19.27 -20.89 11.15
N GLU B 471 20.45 -21.00 10.56
CA GLU B 471 20.80 -20.18 9.41
C GLU B 471 20.04 -20.58 8.14
N TYR B 472 19.79 -21.88 7.98
CA TYR B 472 19.03 -22.36 6.83
C TYR B 472 17.61 -21.82 6.88
N ILE B 473 16.92 -22.10 7.98
CA ILE B 473 15.54 -21.67 8.15
C ILE B 473 15.45 -20.15 8.00
N GLY B 474 16.35 -19.44 8.66
CA GLY B 474 16.38 -18.00 8.60
C GLY B 474 16.43 -17.48 7.18
N ASN B 475 17.27 -18.11 6.36
CA ASN B 475 17.47 -17.73 4.98
C ASN B 475 16.21 -17.95 4.14
N VAL B 476 15.66 -19.15 4.22
CA VAL B 476 14.42 -19.48 3.53
C VAL B 476 13.26 -18.59 3.96
N THR B 477 13.04 -18.48 5.27
CA THR B 477 11.93 -17.69 5.81
C THR B 477 11.92 -16.29 5.22
N ILE B 478 13.11 -15.72 5.07
CA ILE B 478 13.26 -14.33 4.65
C ILE B 478 13.33 -14.23 3.13
N ASN B 479 14.12 -15.12 2.52
CA ASN B 479 14.43 -15.01 1.11
C ASN B 479 13.67 -15.98 0.23
N GLY B 480 12.77 -16.77 0.81
CA GLY B 480 11.99 -17.74 0.05
C GLY B 480 12.82 -18.90 -0.46
N PHE B 481 12.21 -19.72 -1.30
CA PHE B 481 12.82 -20.95 -1.80
C PHE B 481 12.65 -21.02 -3.33
N PRO B 482 13.70 -21.47 -4.06
CA PRO B 482 13.63 -21.62 -5.52
C PRO B 482 12.48 -22.52 -5.98
N ASN B 483 11.71 -22.04 -6.95
CA ASN B 483 10.55 -22.78 -7.49
C ASN B 483 9.34 -22.91 -6.56
N VAL B 484 9.38 -22.23 -5.42
CA VAL B 484 8.25 -22.24 -4.47
C VAL B 484 7.62 -20.85 -4.40
N GLU B 485 6.29 -20.82 -4.45
CA GLU B 485 5.55 -19.55 -4.41
C GLU B 485 5.45 -19.06 -2.97
N LYS B 486 5.82 -17.80 -2.75
CA LYS B 486 5.72 -17.17 -1.43
C LYS B 486 4.28 -17.18 -0.92
N ARG B 487 3.91 -18.25 -0.22
CA ARG B 487 2.55 -18.47 0.30
C ARG B 487 2.57 -18.92 1.77
N PRO B 488 1.40 -18.96 2.45
CA PRO B 488 1.39 -19.44 3.84
C PRO B 488 1.81 -20.91 3.99
N LYS B 489 2.58 -21.17 5.03
CA LYS B 489 3.13 -22.50 5.31
C LYS B 489 2.03 -23.57 5.38
N PRO B 490 2.29 -24.77 4.81
CA PRO B 490 1.40 -25.92 5.00
C PRO B 490 1.49 -26.49 6.42
N ASP B 491 1.62 -27.80 6.53
CA ASP B 491 1.29 -28.55 7.76
C ASP B 491 0.04 -27.87 8.33
N TYR B 492 -0.90 -27.61 7.42
CA TYR B 492 -2.20 -27.06 7.76
C TYR B 492 -3.13 -28.27 7.92
N GLU B 493 -2.92 -29.28 7.06
CA GLU B 493 -3.56 -30.58 7.18
C GLU B 493 -2.73 -31.45 8.14
N LEU B 494 -3.08 -31.37 9.42
CA LEU B 494 -2.44 -32.13 10.49
C LEU B 494 -2.94 -33.58 10.47
N ALA B 495 -2.53 -34.34 9.45
CA ALA B 495 -2.90 -35.75 9.34
C ALA B 495 -1.89 -36.64 10.06
N SER B 496 -2.34 -37.36 11.08
CA SER B 496 -1.49 -38.20 11.90
C SER B 496 -1.01 -39.45 11.15
N ILE B 497 0.31 -39.66 11.13
CA ILE B 497 0.98 -40.68 10.31
C ILE B 497 0.82 -42.09 10.88
N PRO B 498 0.23 -43.02 10.10
CA PRO B 498 0.05 -44.39 10.57
C PRO B 498 1.41 -45.06 10.76
N THR B 499 1.53 -45.91 11.78
CA THR B 499 2.80 -46.56 12.05
C THR B 499 2.66 -48.01 12.46
N VAL B 500 3.74 -48.78 12.24
CA VAL B 500 3.81 -50.18 12.66
C VAL B 500 5.12 -50.43 13.42
N SER B 501 5.00 -51.14 14.54
CA SER B 501 6.13 -51.53 15.38
C SER B 501 7.28 -52.14 14.58
N SER B 502 8.52 -51.81 14.98
CA SER B 502 9.69 -52.39 14.35
C SER B 502 9.90 -53.83 14.79
N SER B 503 9.38 -54.16 15.98
CA SER B 503 9.44 -55.53 16.49
C SER B 503 8.84 -56.50 15.49
N LYS B 504 7.62 -56.22 15.04
CA LYS B 504 6.94 -57.12 14.10
C LYS B 504 7.49 -57.06 12.68
N ILE B 505 8.10 -55.93 12.31
CA ILE B 505 8.79 -55.79 11.02
C ILE B 505 10.01 -56.72 10.94
N ALA B 506 10.74 -56.80 12.04
CA ALA B 506 11.92 -57.66 12.14
C ALA B 506 11.55 -59.13 12.05
N SER B 507 10.27 -59.42 12.23
CA SER B 507 9.75 -60.78 12.19
C SER B 507 9.12 -61.14 10.84
N PHE B 508 8.93 -60.13 9.99
CA PHE B 508 8.39 -60.35 8.65
C PHE B 508 9.39 -61.08 7.76
N SER B 509 8.87 -62.08 7.04
CA SER B 509 9.68 -62.89 6.15
C SER B 509 9.14 -62.81 4.73
N GLY B 510 9.50 -61.72 4.04
CA GLY B 510 9.06 -61.49 2.67
C GLY B 510 10.12 -61.79 1.62
N THR B 511 10.00 -61.13 0.46
CA THR B 511 10.84 -61.41 -0.71
C THR B 511 12.33 -61.09 -0.53
N LYS B 512 12.65 -60.15 0.35
CA LYS B 512 14.06 -59.86 0.68
C LYS B 512 14.72 -61.10 1.24
N GLN B 513 14.07 -61.69 2.26
CA GLN B 513 14.54 -62.89 2.92
C GLN B 513 14.69 -64.05 1.93
N LEU B 514 13.73 -64.18 1.02
CA LEU B 514 13.76 -65.23 0.01
C LEU B 514 15.01 -65.13 -0.87
N LEU B 515 15.44 -63.91 -1.19
CA LEU B 515 16.67 -63.71 -1.94
C LEU B 515 17.89 -64.18 -1.14
N ASP B 516 17.89 -63.88 0.15
CA ASP B 516 18.94 -64.35 1.06
C ASP B 516 18.94 -65.88 1.11
N GLU B 517 17.77 -66.49 0.97
CA GLU B 517 17.62 -67.96 1.05
C GLU B 517 18.12 -68.67 -0.20
N VAL B 518 17.45 -68.44 -1.32
CA VAL B 518 17.65 -69.24 -2.54
C VAL B 518 18.53 -68.60 -3.62
N GLY B 519 18.71 -67.28 -3.54
CA GLY B 519 19.49 -66.56 -4.54
C GLY B 519 18.61 -66.06 -5.69
N PRO B 520 19.20 -65.30 -6.64
CA PRO B 520 18.50 -64.61 -7.72
C PRO B 520 17.74 -65.55 -8.65
N LYS B 521 18.38 -66.66 -9.02
CA LYS B 521 17.75 -67.70 -9.83
C LYS B 521 16.52 -68.27 -9.10
N GLY B 522 16.64 -68.43 -7.79
CA GLY B 522 15.55 -68.96 -6.97
C GLY B 522 14.30 -68.11 -6.98
N VAL B 523 14.47 -66.81 -6.78
CA VAL B 523 13.35 -65.86 -6.76
C VAL B 523 12.56 -65.90 -8.06
N ALA B 524 13.28 -66.00 -9.18
CA ALA B 524 12.67 -66.15 -10.50
C ALA B 524 11.79 -67.40 -10.55
N GLU B 525 12.32 -68.52 -10.04
CA GLU B 525 11.58 -69.79 -9.95
C GLU B 525 10.36 -69.64 -9.04
N TRP B 526 10.51 -68.90 -7.95
CA TRP B 526 9.40 -68.65 -7.03
C TRP B 526 8.25 -67.95 -7.75
N VAL B 527 8.51 -66.75 -8.26
CA VAL B 527 7.53 -65.91 -8.95
C VAL B 527 6.63 -66.67 -9.92
N LYS B 528 7.22 -67.52 -10.74
CA LYS B 528 6.44 -68.36 -11.66
C LYS B 528 5.34 -69.15 -10.94
N LYS B 529 5.73 -69.94 -9.93
CA LYS B 529 4.81 -70.78 -9.14
C LYS B 529 3.63 -70.00 -8.58
N GLN B 530 3.83 -68.70 -8.34
CA GLN B 530 2.80 -67.84 -7.76
C GLN B 530 1.64 -67.61 -8.73
N ASP B 531 0.44 -67.94 -8.27
CA ASP B 531 -0.78 -67.76 -9.06
C ASP B 531 -1.27 -66.31 -9.02
N ASP B 532 -1.35 -65.75 -7.81
CA ASP B 532 -1.67 -64.35 -7.60
C ASP B 532 -0.71 -63.45 -8.37
N VAL B 533 -1.22 -62.31 -8.82
CA VAL B 533 -0.38 -61.28 -9.44
C VAL B 533 0.40 -60.57 -8.34
N LEU B 534 1.72 -60.53 -8.48
CA LEU B 534 2.57 -59.81 -7.53
C LEU B 534 2.74 -58.36 -7.99
N LEU B 535 2.82 -57.44 -7.05
CA LEU B 535 2.99 -56.04 -7.44
C LEU B 535 4.29 -55.40 -7.00
N THR B 536 4.72 -54.41 -7.77
CA THR B 536 5.81 -53.54 -7.39
C THR B 536 5.20 -52.16 -7.15
N ASP B 537 5.51 -51.58 -6.00
CA ASP B 537 5.14 -50.20 -5.73
C ASP B 537 6.23 -49.26 -6.20
N THR B 538 5.80 -48.16 -6.82
CA THR B 538 6.73 -47.21 -7.42
C THR B 538 6.57 -45.85 -6.80
N THR B 539 5.70 -45.76 -5.79
CA THR B 539 5.37 -44.51 -5.11
C THR B 539 6.62 -43.76 -4.64
N PHE B 540 7.57 -44.51 -4.09
CA PHE B 540 8.85 -43.95 -3.62
C PHE B 540 9.79 -43.54 -4.76
N ARG B 541 9.56 -44.02 -5.98
CA ARG B 541 10.40 -43.59 -7.10
C ARG B 541 9.65 -43.03 -8.31
N ASP B 542 9.13 -43.91 -9.16
CA ASP B 542 8.59 -43.47 -10.45
C ASP B 542 7.36 -42.58 -10.29
N ALA B 543 6.52 -42.88 -9.32
CA ALA B 543 5.24 -42.18 -9.17
C ALA B 543 5.43 -40.67 -9.09
N HIS B 544 6.42 -40.20 -8.32
CA HIS B 544 6.62 -38.77 -8.15
C HIS B 544 7.53 -38.16 -9.22
N GLN B 545 8.38 -39.00 -9.82
CA GLN B 545 9.21 -38.55 -10.92
C GLN B 545 8.33 -38.08 -12.09
N SER B 546 7.16 -38.70 -12.22
CA SER B 546 6.19 -38.27 -13.22
C SER B 546 5.38 -37.05 -12.75
N LEU B 547 4.84 -37.12 -11.54
CA LEU B 547 3.81 -36.18 -11.09
C LEU B 547 4.35 -34.90 -10.45
N LEU B 548 5.40 -35.05 -9.66
CA LEU B 548 5.89 -33.97 -8.82
C LEU B 548 7.35 -33.65 -9.12
N ALA B 549 7.78 -33.92 -10.35
CA ALA B 549 9.13 -33.59 -10.81
C ALA B 549 10.24 -34.18 -9.93
N THR B 550 9.96 -35.35 -9.35
CA THR B 550 10.93 -36.14 -8.57
C THR B 550 11.35 -35.46 -7.26
N ARG B 551 10.57 -34.49 -6.80
CA ARG B 551 10.96 -33.67 -5.66
C ARG B 551 10.68 -34.28 -4.28
N VAL B 552 10.05 -35.46 -4.23
CA VAL B 552 9.70 -36.05 -2.95
C VAL B 552 10.94 -36.39 -2.11
N ARG B 553 11.00 -35.80 -0.92
CA ARG B 553 12.16 -35.90 -0.04
C ARG B 553 12.17 -37.17 0.79
N THR B 554 13.37 -37.58 1.21
CA THR B 554 13.56 -38.78 2.05
C THR B 554 12.60 -38.76 3.26
N LYS B 555 12.55 -37.63 3.94
CA LYS B 555 11.77 -37.45 5.18
C LYS B 555 10.34 -37.99 5.10
N ASP B 556 9.65 -37.66 4.01
CA ASP B 556 8.29 -38.13 3.78
C ASP B 556 8.23 -39.64 3.47
N MET B 557 9.33 -40.20 2.96
CA MET B 557 9.36 -41.62 2.62
C MET B 557 9.70 -42.42 3.87
N ILE B 558 10.68 -41.94 4.61
CA ILE B 558 11.15 -42.62 5.79
C ILE B 558 10.08 -42.60 6.88
N ASN B 559 9.32 -41.51 6.96
CA ASN B 559 8.19 -41.39 7.89
C ASN B 559 7.17 -42.52 7.75
N ILE B 560 6.87 -42.87 6.50
CA ILE B 560 5.83 -43.84 6.19
C ILE B 560 6.39 -45.26 6.00
N ALA B 561 7.70 -45.39 6.13
CA ALA B 561 8.40 -46.63 5.80
C ALA B 561 7.93 -47.83 6.62
N SER B 562 7.80 -47.66 7.94
CA SER B 562 7.40 -48.76 8.79
C SER B 562 6.03 -49.32 8.38
N LYS B 563 5.12 -48.42 8.02
CA LYS B 563 3.78 -48.79 7.55
C LYS B 563 3.82 -49.50 6.19
N THR B 564 4.65 -48.96 5.28
CA THR B 564 4.83 -49.52 3.95
C THR B 564 5.30 -50.97 4.03
N ALA B 565 6.26 -51.23 4.91
CA ALA B 565 6.76 -52.58 5.17
C ALA B 565 5.64 -53.58 5.51
N ASP B 566 4.66 -53.12 6.28
CA ASP B 566 3.51 -53.94 6.65
C ASP B 566 2.58 -54.07 5.44
N VAL B 567 2.16 -52.94 4.88
CA VAL B 567 1.21 -52.94 3.77
C VAL B 567 1.69 -53.70 2.53
N PHE B 568 2.99 -53.64 2.23
CA PHE B 568 3.53 -54.38 1.09
C PHE B 568 4.36 -55.60 1.47
N LYS B 569 4.10 -56.17 2.65
CA LYS B 569 4.84 -57.34 3.11
C LYS B 569 4.89 -58.44 2.06
N ASP B 570 3.79 -58.59 1.33
CA ASP B 570 3.66 -59.62 0.30
C ASP B 570 3.83 -59.07 -1.12
N GLY B 571 4.36 -57.85 -1.21
CA GLY B 571 4.71 -57.26 -2.50
C GLY B 571 6.00 -57.88 -3.02
N PHE B 572 6.25 -57.73 -4.31
CA PHE B 572 7.46 -58.27 -4.92
C PHE B 572 8.67 -57.41 -4.60
N SER B 573 8.58 -56.13 -4.92
CA SER B 573 9.63 -55.18 -4.61
C SER B 573 9.05 -53.80 -4.42
N LEU B 574 9.88 -52.91 -3.89
CA LEU B 574 9.61 -51.48 -3.93
C LEU B 574 10.66 -50.83 -4.82
N GLU B 575 10.21 -50.26 -5.92
CA GLU B 575 11.07 -49.44 -6.74
C GLU B 575 11.22 -48.12 -6.01
N MET B 576 12.44 -47.82 -5.60
CA MET B 576 12.65 -46.70 -4.71
C MET B 576 13.96 -45.96 -4.97
N TRP B 577 14.65 -46.33 -6.05
CA TRP B 577 15.93 -45.69 -6.39
C TRP B 577 16.14 -45.71 -7.91
N GLY B 578 17.25 -45.15 -8.36
CA GLY B 578 17.51 -45.05 -9.80
C GLY B 578 16.67 -43.95 -10.41
N GLY B 579 16.59 -43.91 -11.74
CA GLY B 579 15.86 -42.85 -12.42
C GLY B 579 16.54 -41.51 -12.24
N ALA B 580 15.77 -40.49 -11.92
CA ALA B 580 16.30 -39.13 -11.76
C ALA B 580 16.42 -38.73 -10.29
N THR B 581 16.16 -39.69 -9.41
CA THR B 581 16.22 -39.48 -7.97
C THR B 581 17.63 -39.21 -7.49
N PHE B 582 18.61 -39.88 -8.10
CA PHE B 582 20.01 -39.74 -7.68
C PHE B 582 20.52 -38.33 -7.92
N ASP B 583 20.28 -37.86 -9.15
CA ASP B 583 20.64 -36.52 -9.56
C ASP B 583 19.83 -35.50 -8.77
N VAL B 584 18.51 -35.56 -8.90
CA VAL B 584 17.63 -34.57 -8.27
C VAL B 584 17.87 -34.45 -6.78
N ALA B 585 17.96 -35.59 -6.09
CA ALA B 585 18.22 -35.63 -4.66
C ALA B 585 19.42 -34.79 -4.30
N TYR B 586 20.56 -35.07 -4.94
CA TYR B 586 21.80 -34.31 -4.73
C TYR B 586 21.68 -32.87 -5.20
N ASN B 587 20.98 -32.68 -6.31
CA ASN B 587 20.93 -31.38 -6.96
C ASN B 587 19.91 -30.43 -6.32
N PHE B 588 18.63 -30.67 -6.58
CA PHE B 588 17.56 -29.78 -6.12
C PHE B 588 17.29 -29.90 -4.61
N LEU B 589 17.21 -31.13 -4.10
CA LEU B 589 16.87 -31.39 -2.70
C LEU B 589 18.06 -31.30 -1.75
N LYS B 590 19.28 -31.39 -2.29
CA LYS B 590 20.51 -31.27 -1.51
C LYS B 590 20.59 -32.28 -0.37
N GLU B 591 20.16 -33.51 -0.64
CA GLU B 591 20.27 -34.61 0.31
C GLU B 591 20.90 -35.84 -0.37
N ASN B 592 21.62 -36.63 0.42
CA ASN B 592 22.33 -37.80 -0.07
C ASN B 592 21.34 -38.94 -0.38
N PRO B 593 21.25 -39.35 -1.66
CA PRO B 593 20.37 -40.45 -2.05
C PRO B 593 20.87 -41.80 -1.53
N TRP B 594 22.12 -41.85 -1.08
CA TRP B 594 22.66 -43.06 -0.45
C TRP B 594 22.03 -43.24 0.92
N GLU B 595 21.92 -42.12 1.65
CA GLU B 595 21.30 -42.12 2.96
C GLU B 595 19.82 -42.48 2.87
N ARG B 596 19.16 -41.99 1.81
CA ARG B 596 17.79 -42.39 1.53
C ARG B 596 17.68 -43.90 1.36
N LEU B 597 18.65 -44.47 0.64
CA LEU B 597 18.70 -45.91 0.40
C LEU B 597 18.95 -46.72 1.68
N GLU B 598 19.87 -46.26 2.52
CA GLU B 598 20.19 -46.96 3.77
C GLU B 598 19.09 -46.80 4.83
N ARG B 599 18.67 -45.56 5.07
CA ARG B 599 17.60 -45.27 6.02
C ARG B 599 16.30 -46.02 5.70
N LEU B 600 16.00 -46.20 4.40
CA LEU B 600 14.85 -47.01 3.99
C LEU B 600 15.13 -48.51 4.10
N ARG B 601 16.40 -48.89 4.00
CA ARG B 601 16.77 -50.31 4.11
C ARG B 601 16.55 -50.82 5.52
N LYS B 602 17.03 -50.05 6.49
CA LYS B 602 16.89 -50.38 7.90
C LYS B 602 15.41 -50.51 8.28
N ALA B 603 14.60 -49.57 7.80
CA ALA B 603 13.17 -49.52 8.12
C ALA B 603 12.32 -50.58 7.38
N ILE B 604 12.77 -50.98 6.20
CA ILE B 604 12.06 -51.96 5.37
C ILE B 604 12.99 -53.12 4.99
N PRO B 605 13.20 -54.09 5.91
CA PRO B 605 14.11 -55.20 5.67
C PRO B 605 13.46 -56.45 5.08
N ASN B 606 12.16 -56.39 4.87
CA ASN B 606 11.34 -57.55 4.50
C ASN B 606 11.10 -57.66 2.99
N VAL B 607 11.08 -56.53 2.31
CA VAL B 607 10.74 -56.48 0.89
C VAL B 607 11.95 -56.15 0.02
N LEU B 608 11.97 -56.68 -1.19
CA LEU B 608 13.01 -56.37 -2.17
C LEU B 608 12.99 -54.88 -2.55
N PHE B 609 14.17 -54.36 -2.86
CA PHE B 609 14.35 -52.97 -3.28
C PHE B 609 14.78 -52.95 -4.73
N GLN B 610 14.08 -52.17 -5.56
CA GLN B 610 14.34 -52.15 -6.99
C GLN B 610 14.73 -50.76 -7.48
N MET B 611 15.71 -50.70 -8.38
CA MET B 611 16.02 -49.45 -9.05
C MET B 611 15.92 -49.57 -10.56
N LEU B 612 15.85 -48.42 -11.22
CA LEU B 612 15.97 -48.34 -12.65
C LEU B 612 17.43 -48.08 -12.95
N LEU B 613 17.92 -48.62 -14.06
CA LEU B 613 19.32 -48.47 -14.42
C LEU B 613 19.49 -48.28 -15.91
N ARG B 614 20.04 -47.13 -16.29
CA ARG B 614 20.40 -46.86 -17.68
C ARG B 614 21.58 -47.76 -18.02
N ALA B 615 21.44 -48.52 -19.09
CA ALA B 615 22.50 -49.43 -19.52
C ALA B 615 23.82 -48.67 -19.76
N SER B 616 23.72 -47.49 -20.37
CA SER B 616 24.89 -46.74 -20.82
C SER B 616 25.62 -46.01 -19.70
N ASN B 617 24.87 -45.34 -18.82
CA ASN B 617 25.48 -44.51 -17.79
C ASN B 617 24.92 -44.71 -16.38
N ALA B 618 24.27 -45.85 -16.17
CA ALA B 618 23.67 -46.23 -14.89
C ALA B 618 22.63 -45.22 -14.39
N VAL B 619 23.12 -44.09 -13.89
CA VAL B 619 22.27 -43.09 -13.26
C VAL B 619 22.81 -41.68 -13.55
N GLY B 620 23.75 -41.59 -14.49
CA GLY B 620 24.46 -40.35 -14.78
C GLY B 620 23.97 -39.55 -15.98
N TYR B 621 24.73 -38.51 -16.32
CA TYR B 621 24.36 -37.55 -17.35
C TYR B 621 25.25 -37.61 -18.58
N LYS B 622 26.48 -38.07 -18.41
CA LYS B 622 27.43 -38.19 -19.52
C LYS B 622 27.66 -39.66 -19.88
N ASN B 623 28.85 -39.97 -20.38
CA ASN B 623 29.26 -41.34 -20.65
C ASN B 623 30.43 -41.77 -19.79
N TYR B 624 30.38 -43.01 -19.32
CA TYR B 624 31.39 -43.50 -18.40
C TYR B 624 31.96 -44.84 -18.85
N PRO B 625 33.22 -45.12 -18.49
CA PRO B 625 33.80 -46.43 -18.77
C PRO B 625 33.23 -47.52 -17.86
N ASP B 626 33.37 -48.77 -18.29
CA ASP B 626 32.77 -49.94 -17.65
C ASP B 626 32.91 -50.00 -16.13
N ASN B 627 34.13 -49.76 -15.63
CA ASN B 627 34.40 -49.84 -14.19
C ASN B 627 33.51 -48.92 -13.33
N VAL B 628 33.12 -47.78 -13.91
CA VAL B 628 32.23 -46.80 -13.25
C VAL B 628 30.82 -47.37 -13.07
N ILE B 629 30.35 -48.14 -14.05
CA ILE B 629 29.08 -48.85 -13.91
C ILE B 629 29.24 -50.02 -12.93
N HIS B 630 30.31 -50.78 -13.08
CA HIS B 630 30.63 -51.85 -12.14
C HIS B 630 30.54 -51.37 -10.69
N LYS B 631 31.33 -50.36 -10.37
CA LYS B 631 31.42 -49.85 -9.00
C LYS B 631 30.08 -49.33 -8.49
N PHE B 632 29.35 -48.60 -9.33
CA PHE B 632 28.05 -48.07 -8.92
C PHE B 632 27.11 -49.20 -8.52
N VAL B 633 27.07 -50.26 -9.32
CA VAL B 633 26.28 -51.46 -9.00
C VAL B 633 26.79 -52.09 -7.71
N GLN B 634 28.10 -52.24 -7.59
CA GLN B 634 28.73 -52.81 -6.41
C GLN B 634 28.21 -52.16 -5.13
N GLU B 635 28.27 -50.83 -5.09
CA GLU B 635 27.89 -50.07 -3.91
C GLU B 635 26.39 -50.06 -3.71
N SER B 636 25.64 -50.16 -4.80
CA SER B 636 24.20 -50.26 -4.74
C SER B 636 23.77 -51.60 -4.18
N ALA B 637 24.48 -52.65 -4.55
CA ALA B 637 24.23 -53.99 -4.01
C ALA B 637 24.55 -54.04 -2.52
N LYS B 638 25.62 -53.37 -2.11
CA LYS B 638 26.01 -53.31 -0.71
C LYS B 638 24.98 -52.53 0.11
N ALA B 639 24.55 -51.38 -0.43
CA ALA B 639 23.65 -50.47 0.26
C ALA B 639 22.22 -50.98 0.43
N GLY B 640 21.79 -51.88 -0.45
CA GLY B 640 20.50 -52.53 -0.27
C GLY B 640 19.62 -52.77 -1.49
N ILE B 641 20.15 -52.51 -2.68
CA ILE B 641 19.38 -52.72 -3.91
C ILE B 641 19.40 -54.19 -4.29
N ASP B 642 18.23 -54.74 -4.62
CA ASP B 642 18.09 -56.17 -4.88
C ASP B 642 17.66 -56.50 -6.30
N VAL B 643 16.82 -55.64 -6.88
CA VAL B 643 16.40 -55.82 -8.26
C VAL B 643 16.88 -54.64 -9.09
N PHE B 644 17.65 -54.95 -10.12
CA PHE B 644 18.15 -53.94 -11.06
C PHE B 644 17.42 -54.10 -12.39
N ARG B 645 16.51 -53.17 -12.69
CA ARG B 645 15.88 -53.13 -14.00
C ARG B 645 16.81 -52.45 -14.99
N ILE B 646 17.53 -53.26 -15.76
CA ILE B 646 18.47 -52.74 -16.74
C ILE B 646 17.79 -52.54 -18.09
N PHE B 647 17.75 -51.29 -18.54
CA PHE B 647 17.16 -50.94 -19.84
C PHE B 647 18.13 -50.09 -20.67
N ASP B 648 18.02 -50.22 -21.99
CA ASP B 648 18.76 -49.35 -22.91
C ASP B 648 17.77 -48.48 -23.69
N SER B 649 18.14 -47.22 -23.93
CA SER B 649 17.22 -46.24 -24.52
C SER B 649 17.05 -46.39 -26.04
N LEU B 650 17.62 -47.47 -26.60
CA LEU B 650 17.51 -47.77 -28.03
C LEU B 650 17.24 -49.27 -28.26
N ASN B 651 16.97 -49.98 -27.16
CA ASN B 651 16.83 -51.45 -27.13
C ASN B 651 18.02 -52.17 -27.75
N TRP B 652 19.20 -51.55 -27.62
CA TRP B 652 20.44 -52.14 -28.10
C TRP B 652 21.09 -52.94 -26.98
N VAL B 653 21.10 -54.26 -27.15
CA VAL B 653 21.50 -55.20 -26.09
C VAL B 653 22.98 -55.06 -25.72
N ASP B 654 23.80 -54.65 -26.69
CA ASP B 654 25.24 -54.52 -26.50
C ASP B 654 25.59 -53.57 -25.34
N GLN B 655 24.83 -52.48 -25.18
CA GLN B 655 25.01 -51.53 -24.09
C GLN B 655 24.71 -52.12 -22.73
N MET B 656 23.82 -53.12 -22.68
CA MET B 656 23.37 -53.68 -21.40
C MET B 656 24.01 -55.00 -20.98
N LYS B 657 25.23 -55.25 -21.46
CA LYS B 657 26.01 -56.41 -21.02
C LYS B 657 26.78 -56.10 -19.74
N VAL B 658 27.41 -54.91 -19.71
CA VAL B 658 28.24 -54.46 -18.60
C VAL B 658 27.50 -54.33 -17.26
N ALA B 659 26.25 -53.85 -17.30
CA ALA B 659 25.42 -53.81 -16.10
C ALA B 659 25.01 -55.22 -15.68
N ASN B 660 24.56 -56.02 -16.64
CA ASN B 660 24.22 -57.43 -16.42
C ASN B 660 25.35 -58.19 -15.73
N GLU B 661 26.57 -57.97 -16.22
CA GLU B 661 27.76 -58.55 -15.62
C GLU B 661 27.93 -58.15 -14.16
N ALA B 662 27.82 -56.84 -13.89
CA ALA B 662 28.05 -56.32 -12.55
C ALA B 662 26.99 -56.82 -11.57
N VAL B 663 25.74 -56.84 -12.03
CA VAL B 663 24.62 -57.32 -11.22
C VAL B 663 24.71 -58.82 -10.93
N GLN B 664 25.12 -59.59 -11.93
CA GLN B 664 25.36 -61.02 -11.72
C GLN B 664 26.51 -61.25 -10.73
N GLU B 665 27.59 -60.50 -10.88
CA GLU B 665 28.74 -60.58 -9.97
C GLU B 665 28.35 -60.13 -8.57
N ALA B 666 27.44 -59.17 -8.49
CA ALA B 666 26.93 -58.70 -7.20
C ALA B 666 25.98 -59.72 -6.56
N GLY B 667 25.56 -60.71 -7.35
CA GLY B 667 24.66 -61.77 -6.90
C GLY B 667 23.23 -61.28 -6.64
N LYS B 668 22.78 -60.33 -7.45
CA LYS B 668 21.46 -59.74 -7.30
C LYS B 668 20.58 -60.00 -8.52
N ILE B 669 19.33 -59.56 -8.46
CA ILE B 669 18.37 -59.78 -9.55
C ILE B 669 18.56 -58.76 -10.68
N SER B 670 18.93 -59.28 -11.84
CA SER B 670 19.12 -58.50 -13.04
C SER B 670 17.87 -58.64 -13.89
N GLU B 671 17.24 -57.52 -14.18
CA GLU B 671 15.99 -57.49 -14.91
C GLU B 671 16.23 -56.92 -16.32
N GLY B 672 16.16 -57.81 -17.31
CA GLY B 672 16.31 -57.44 -18.72
C GLY B 672 15.07 -56.74 -19.25
N THR B 673 15.28 -55.58 -19.86
CA THR B 673 14.16 -54.72 -20.19
C THR B 673 14.00 -54.48 -21.69
N ILE B 674 12.75 -54.49 -22.12
CA ILE B 674 12.39 -54.12 -23.47
C ILE B 674 11.55 -52.85 -23.38
N CYS B 675 12.06 -51.78 -23.98
CA CYS B 675 11.26 -50.57 -24.08
C CYS B 675 10.26 -50.74 -25.23
N TYR B 676 9.00 -50.36 -24.99
CA TYR B 676 7.93 -50.60 -25.95
C TYR B 676 7.59 -49.36 -26.80
N THR B 677 7.58 -49.56 -28.11
CA THR B 677 7.35 -48.49 -29.09
C THR B 677 6.35 -48.98 -30.12
N GLY B 678 5.60 -48.05 -30.71
CA GLY B 678 4.71 -48.34 -31.81
C GLY B 678 3.40 -49.00 -31.42
N ASP B 679 3.02 -50.01 -32.20
CA ASP B 679 1.74 -50.67 -32.06
C ASP B 679 1.81 -52.01 -32.79
N ILE B 680 1.78 -53.10 -32.04
CA ILE B 680 1.86 -54.45 -32.60
C ILE B 680 0.53 -54.93 -33.18
N LEU B 681 -0.51 -54.12 -32.99
CA LEU B 681 -1.83 -54.39 -33.53
C LEU B 681 -1.96 -53.74 -34.89
N ASN B 682 -0.98 -52.91 -35.24
CA ASN B 682 -1.02 -52.14 -36.48
C ASN B 682 0.21 -52.36 -37.39
N PRO B 683 0.00 -52.97 -38.57
CA PRO B 683 1.08 -53.14 -39.55
C PRO B 683 1.45 -51.84 -40.26
N GLU B 684 0.53 -50.88 -40.25
CA GLU B 684 0.75 -49.56 -40.87
C GLU B 684 1.74 -48.75 -40.06
N ARG B 685 1.93 -49.13 -38.79
CA ARG B 685 2.73 -48.33 -37.86
C ARG B 685 4.22 -48.58 -38.05
N SER B 686 4.62 -49.84 -37.97
CA SER B 686 6.03 -50.19 -38.08
C SER B 686 6.23 -51.59 -38.64
N ASN B 687 7.24 -51.73 -39.49
CA ASN B 687 7.71 -53.02 -39.98
C ASN B 687 8.93 -53.51 -39.20
N ILE B 688 9.49 -52.63 -38.37
CA ILE B 688 10.60 -52.97 -37.49
C ILE B 688 10.07 -53.48 -36.14
N TYR B 689 9.19 -52.70 -35.51
CA TYR B 689 8.75 -52.94 -34.14
C TYR B 689 7.51 -53.81 -34.01
N THR B 690 7.64 -55.04 -34.50
CA THR B 690 6.52 -55.98 -34.56
C THR B 690 6.52 -56.98 -33.41
N LEU B 691 5.52 -57.86 -33.42
CA LEU B 691 5.44 -58.94 -32.46
C LEU B 691 6.69 -59.80 -32.55
N GLU B 692 7.10 -60.08 -33.78
CA GLU B 692 8.33 -60.83 -34.07
C GLU B 692 9.54 -60.18 -33.39
N TYR B 693 9.73 -58.87 -33.63
CA TYR B 693 10.85 -58.13 -33.06
C TYR B 693 11.00 -58.36 -31.56
N TYR B 694 9.88 -58.24 -30.83
CA TYR B 694 9.86 -58.35 -29.37
C TYR B 694 10.19 -59.75 -28.85
N VAL B 695 9.70 -60.78 -29.53
CA VAL B 695 9.98 -62.18 -29.16
C VAL B 695 11.49 -62.48 -29.26
N LYS B 696 12.10 -62.07 -30.37
CA LYS B 696 13.54 -62.25 -30.61
C LYS B 696 14.37 -61.60 -29.51
N LEU B 697 14.02 -60.36 -29.17
CA LEU B 697 14.69 -59.60 -28.13
C LEU B 697 14.56 -60.31 -26.77
N ALA B 698 13.34 -60.75 -26.45
CA ALA B 698 13.07 -61.53 -25.24
C ALA B 698 13.94 -62.78 -25.13
N LYS B 699 14.02 -63.55 -26.22
CA LYS B 699 14.86 -64.75 -26.27
C LYS B 699 16.34 -64.40 -26.14
N GLU B 700 16.71 -63.24 -26.69
CA GLU B 700 18.10 -62.77 -26.70
C GLU B 700 18.61 -62.44 -25.30
N LEU B 701 17.72 -61.89 -24.47
CA LEU B 701 18.05 -61.50 -23.08
C LEU B 701 18.03 -62.68 -22.11
N GLU B 702 17.17 -63.67 -22.36
CA GLU B 702 17.18 -64.91 -21.58
C GLU B 702 18.51 -65.60 -21.77
N ARG B 703 19.02 -65.55 -22.99
CA ARG B 703 20.33 -66.08 -23.36
C ARG B 703 21.46 -65.27 -22.71
N GLU B 704 21.19 -63.98 -22.45
CA GLU B 704 22.17 -63.10 -21.80
C GLU B 704 22.32 -63.37 -20.31
N GLY B 705 21.33 -64.03 -19.71
CA GLY B 705 21.42 -64.46 -18.32
C GLY B 705 20.60 -63.64 -17.34
N PHE B 706 19.89 -62.62 -17.84
CA PHE B 706 18.98 -61.82 -17.00
C PHE B 706 17.96 -62.73 -16.32
N HIS B 707 17.62 -62.38 -15.08
CA HIS B 707 16.74 -63.23 -14.28
C HIS B 707 15.27 -63.01 -14.62
N ILE B 708 14.91 -61.77 -14.93
CA ILE B 708 13.52 -61.41 -15.23
C ILE B 708 13.41 -60.58 -16.49
N LEU B 709 12.37 -60.87 -17.29
CA LEU B 709 12.03 -60.03 -18.43
C LEU B 709 11.05 -58.94 -18.02
N ALA B 710 11.46 -57.70 -18.23
CA ALA B 710 10.62 -56.55 -17.95
C ALA B 710 10.28 -55.82 -19.23
N ILE B 711 9.06 -55.29 -19.29
CA ILE B 711 8.61 -54.46 -20.40
C ILE B 711 8.32 -53.05 -19.87
N LYS B 712 9.12 -52.09 -20.34
CA LYS B 712 8.97 -50.71 -19.94
C LYS B 712 8.16 -50.01 -21.02
N ASP B 713 6.90 -49.72 -20.72
CA ASP B 713 6.09 -48.94 -21.65
C ASP B 713 6.07 -47.48 -21.21
N MET B 714 7.17 -46.78 -21.46
CA MET B 714 7.39 -45.44 -20.92
C MET B 714 6.43 -44.36 -21.43
N ALA B 715 5.82 -44.59 -22.59
CA ALA B 715 4.89 -43.62 -23.16
C ALA B 715 3.42 -44.07 -23.02
N GLY B 716 3.22 -45.24 -22.42
CA GLY B 716 1.87 -45.81 -22.25
C GLY B 716 1.25 -46.29 -23.53
N LEU B 717 2.08 -46.79 -24.44
CA LEU B 717 1.66 -47.13 -25.79
C LEU B 717 1.02 -48.50 -25.91
N LEU B 718 1.26 -49.35 -24.90
CA LEU B 718 0.83 -50.75 -24.93
C LEU B 718 -0.67 -50.91 -24.64
N LYS B 719 -1.48 -50.74 -25.67
CA LYS B 719 -2.92 -50.87 -25.57
C LYS B 719 -3.34 -52.23 -24.99
N PRO B 720 -4.56 -52.30 -24.42
CA PRO B 720 -5.16 -53.52 -23.85
C PRO B 720 -4.95 -54.77 -24.72
N LYS B 721 -5.44 -54.74 -25.95
CA LYS B 721 -5.29 -55.86 -26.87
C LYS B 721 -3.82 -56.21 -27.03
N ALA B 722 -3.02 -55.22 -27.45
CA ALA B 722 -1.57 -55.36 -27.64
C ALA B 722 -0.88 -56.05 -26.47
N ALA B 723 -1.33 -55.75 -25.26
CA ALA B 723 -0.78 -56.33 -24.05
C ALA B 723 -1.16 -57.80 -23.93
N TYR B 724 -2.40 -58.14 -24.30
CA TYR B 724 -2.83 -59.53 -24.30
C TYR B 724 -1.98 -60.33 -25.29
N GLU B 725 -1.77 -59.76 -26.48
CA GLU B 725 -0.98 -60.40 -27.53
C GLU B 725 0.51 -60.51 -27.18
N LEU B 726 1.07 -59.42 -26.67
CA LEU B 726 2.50 -59.38 -26.33
C LEU B 726 2.88 -60.39 -25.26
N ILE B 727 2.17 -60.33 -24.13
CA ILE B 727 2.48 -61.15 -22.96
C ILE B 727 2.12 -62.63 -23.15
N GLY B 728 0.95 -62.90 -23.73
CA GLY B 728 0.55 -64.28 -24.03
C GLY B 728 1.62 -64.99 -24.84
N GLU B 729 2.14 -64.31 -25.85
CA GLU B 729 3.18 -64.87 -26.70
C GLU B 729 4.57 -64.93 -26.06
N LEU B 730 4.92 -63.89 -25.31
CA LEU B 730 6.19 -63.88 -24.59
C LEU B 730 6.23 -64.91 -23.45
N LYS B 731 5.07 -65.45 -23.09
CA LYS B 731 4.97 -66.51 -22.09
C LYS B 731 5.51 -67.82 -22.65
N SER B 732 5.17 -68.10 -23.90
CA SER B 732 5.61 -69.34 -24.57
C SER B 732 7.01 -69.25 -25.15
N ALA B 733 7.41 -68.04 -25.54
CA ALA B 733 8.74 -67.82 -26.13
C ALA B 733 9.87 -67.97 -25.11
N VAL B 734 9.72 -67.36 -23.92
CA VAL B 734 10.72 -67.45 -22.86
C VAL B 734 10.13 -67.91 -21.52
N ASP B 735 10.96 -68.49 -20.66
CA ASP B 735 10.55 -68.88 -19.32
C ASP B 735 10.44 -67.65 -18.43
N LEU B 736 11.59 -67.09 -18.06
CA LEU B 736 11.71 -65.83 -17.31
C LEU B 736 10.37 -65.12 -17.07
N PRO B 737 10.02 -64.90 -15.78
CA PRO B 737 8.78 -64.19 -15.45
C PRO B 737 8.68 -62.84 -16.16
N ILE B 738 7.47 -62.36 -16.37
CA ILE B 738 7.27 -61.08 -17.03
C ILE B 738 6.82 -60.01 -16.04
N HIS B 739 7.60 -58.94 -15.99
CA HIS B 739 7.40 -57.83 -15.08
C HIS B 739 7.02 -56.60 -15.90
N LEU B 740 5.75 -56.20 -15.85
CA LEU B 740 5.24 -55.15 -16.73
C LEU B 740 5.22 -53.76 -16.10
N HIS B 741 5.72 -52.78 -16.84
CA HIS B 741 5.70 -51.39 -16.41
C HIS B 741 4.97 -50.56 -17.46
N THR B 742 3.95 -49.82 -17.01
CA THR B 742 3.25 -48.88 -17.92
C THR B 742 2.86 -47.55 -17.25
N HIS B 743 2.64 -46.52 -18.08
CA HIS B 743 2.17 -45.23 -17.60
C HIS B 743 0.72 -44.99 -18.06
N ASP B 744 -0.15 -44.52 -17.16
CA ASP B 744 -1.59 -44.38 -17.45
C ASP B 744 -1.92 -43.07 -18.17
N THR B 745 -0.95 -42.58 -18.94
CA THR B 745 -1.06 -41.30 -19.63
C THR B 745 -2.18 -41.26 -20.68
N SER B 746 -2.55 -42.43 -21.21
CA SER B 746 -3.68 -42.55 -22.14
C SER B 746 -5.02 -42.64 -21.44
N GLY B 747 -5.01 -43.14 -20.20
CA GLY B 747 -6.24 -43.41 -19.45
C GLY B 747 -6.69 -44.87 -19.58
N ASN B 748 -5.90 -45.67 -20.28
CA ASN B 748 -6.19 -47.09 -20.52
C ASN B 748 -5.32 -48.05 -19.72
N GLY B 749 -4.69 -47.55 -18.67
CA GLY B 749 -3.66 -48.30 -17.95
C GLY B 749 -4.18 -49.52 -17.23
N LEU B 750 -5.21 -49.33 -16.39
CA LEU B 750 -5.81 -50.41 -15.65
C LEU B 750 -6.29 -51.51 -16.57
N LEU B 751 -6.95 -51.10 -17.66
CA LEU B 751 -7.39 -52.02 -18.69
C LEU B 751 -6.22 -52.81 -19.25
N THR B 752 -5.12 -52.12 -19.57
CA THR B 752 -3.90 -52.76 -20.04
C THR B 752 -3.41 -53.82 -19.07
N TYR B 753 -3.44 -53.50 -17.78
CA TYR B 753 -3.05 -54.44 -16.75
C TYR B 753 -4.01 -55.62 -16.63
N LYS B 754 -5.33 -55.35 -16.67
CA LYS B 754 -6.34 -56.42 -16.67
C LYS B 754 -6.01 -57.45 -17.75
N GLN B 755 -5.74 -56.96 -18.95
CA GLN B 755 -5.40 -57.82 -20.08
C GLN B 755 -4.09 -58.59 -19.85
N ALA B 756 -3.10 -57.89 -19.29
CA ALA B 756 -1.79 -58.49 -18.98
C ALA B 756 -1.92 -59.68 -18.05
N ILE B 757 -2.73 -59.49 -17.00
CA ILE B 757 -3.02 -60.52 -15.99
C ILE B 757 -3.69 -61.73 -16.64
N ASP B 758 -4.65 -61.48 -17.54
CA ASP B 758 -5.32 -62.53 -18.30
C ASP B 758 -4.32 -63.30 -19.18
N ALA B 759 -3.27 -62.60 -19.60
CA ALA B 759 -2.25 -63.19 -20.46
C ALA B 759 -1.14 -63.89 -19.68
N GLY B 760 -1.25 -63.89 -18.35
CA GLY B 760 -0.31 -64.62 -17.49
C GLY B 760 0.84 -63.82 -16.88
N VAL B 761 0.76 -62.49 -16.92
CA VAL B 761 1.85 -61.64 -16.40
C VAL B 761 2.12 -61.93 -14.91
N ASP B 762 3.39 -62.01 -14.54
CA ASP B 762 3.79 -62.31 -13.17
C ASP B 762 3.72 -61.09 -12.27
N ILE B 763 4.28 -59.98 -12.74
CA ILE B 763 4.45 -58.79 -11.91
C ILE B 763 4.08 -57.52 -12.65
N ILE B 764 3.43 -56.61 -11.95
CA ILE B 764 3.09 -55.31 -12.50
C ILE B 764 3.60 -54.19 -11.60
N ASP B 765 3.84 -53.03 -12.20
CA ASP B 765 4.22 -51.85 -11.44
C ASP B 765 2.98 -51.02 -11.18
N THR B 766 2.64 -50.87 -9.91
CA THR B 766 1.52 -50.02 -9.50
C THR B 766 1.94 -48.86 -8.60
N ALA B 767 0.99 -47.99 -8.29
CA ALA B 767 1.18 -46.91 -7.32
C ALA B 767 -0.08 -46.77 -6.47
N VAL B 768 0.09 -46.26 -5.25
CA VAL B 768 -1.06 -45.96 -4.41
C VAL B 768 -1.94 -44.91 -5.10
N ALA B 769 -3.25 -45.06 -4.96
CA ALA B 769 -4.23 -44.24 -5.67
C ALA B 769 -3.89 -42.74 -5.75
N SER B 770 -3.57 -42.12 -4.62
CA SER B 770 -3.34 -40.67 -4.57
C SER B 770 -2.04 -40.21 -5.24
N MET B 771 -1.20 -41.18 -5.62
CA MET B 771 0.05 -40.93 -6.35
C MET B 771 0.01 -41.62 -7.71
N SER B 772 -1.19 -42.03 -8.13
CA SER B 772 -1.39 -42.76 -9.37
C SER B 772 -2.13 -41.94 -10.43
N GLY B 773 -2.33 -42.55 -11.59
CA GLY B 773 -3.13 -41.95 -12.66
C GLY B 773 -2.27 -41.19 -13.64
N LEU B 774 -2.88 -40.76 -14.74
CA LEU B 774 -2.20 -39.98 -15.77
C LEU B 774 -0.78 -40.47 -16.00
N THR B 775 0.20 -39.55 -15.95
CA THR B 775 1.57 -39.89 -16.35
C THR B 775 2.30 -40.84 -15.39
N SER B 776 1.66 -41.15 -14.27
CA SER B 776 2.21 -42.09 -13.30
C SER B 776 1.73 -43.50 -13.64
N GLN B 777 1.77 -44.41 -12.67
CA GLN B 777 1.31 -45.78 -12.85
C GLN B 777 -0.18 -45.86 -12.54
N PRO B 778 -0.87 -46.87 -13.09
CA PRO B 778 -2.27 -47.13 -12.72
C PRO B 778 -2.45 -47.39 -11.22
N SER B 779 -3.66 -47.18 -10.73
CA SER B 779 -3.98 -47.28 -9.31
C SER B 779 -4.00 -48.72 -8.80
N ALA B 780 -3.08 -49.02 -7.89
CA ALA B 780 -3.06 -50.31 -7.21
C ALA B 780 -4.38 -50.56 -6.50
N ASN B 781 -4.88 -49.52 -5.83
CA ASN B 781 -6.15 -49.56 -5.12
C ASN B 781 -7.32 -49.89 -6.05
N SER B 782 -7.40 -49.19 -7.19
CA SER B 782 -8.48 -49.38 -8.16
C SER B 782 -8.47 -50.75 -8.80
N LEU B 783 -7.27 -51.19 -9.18
CA LEU B 783 -7.04 -52.51 -9.77
C LEU B 783 -7.51 -53.64 -8.86
N TYR B 784 -7.18 -53.53 -7.57
CA TYR B 784 -7.62 -54.51 -6.58
C TYR B 784 -9.11 -54.82 -6.72
N TYR B 785 -9.95 -53.79 -6.73
CA TYR B 785 -11.40 -53.97 -6.87
C TYR B 785 -11.82 -54.23 -8.31
N ALA B 786 -11.00 -53.82 -9.26
CA ALA B 786 -11.27 -54.09 -10.67
C ALA B 786 -11.26 -55.59 -10.91
N LEU B 787 -10.33 -56.29 -10.26
CA LEU B 787 -10.16 -57.73 -10.44
C LEU B 787 -11.21 -58.60 -9.73
N ASN B 788 -12.01 -57.99 -8.84
CA ASN B 788 -13.11 -58.69 -8.18
C ASN B 788 -13.93 -59.48 -9.21
N GLY B 789 -14.07 -60.78 -8.98
CA GLY B 789 -14.86 -61.64 -9.85
C GLY B 789 -14.05 -62.47 -10.80
N PHE B 790 -12.78 -62.11 -10.97
CA PHE B 790 -11.89 -62.76 -11.97
C PHE B 790 -10.95 -63.82 -11.37
N PRO B 791 -10.43 -64.74 -12.22
CA PRO B 791 -9.73 -65.90 -11.66
C PRO B 791 -8.41 -65.59 -10.96
N ARG B 792 -7.81 -64.42 -11.24
CA ARG B 792 -6.57 -64.01 -10.58
C ARG B 792 -6.74 -62.73 -9.76
N HIS B 793 -6.33 -62.78 -8.49
CA HIS B 793 -6.41 -61.63 -7.60
C HIS B 793 -5.03 -61.03 -7.33
N LEU B 794 -5.01 -59.74 -6.99
CA LEU B 794 -3.81 -59.06 -6.51
C LEU B 794 -3.36 -59.56 -5.15
N ARG B 795 -2.07 -59.39 -4.86
CA ARG B 795 -1.52 -59.77 -3.58
C ARG B 795 -1.03 -58.55 -2.80
N THR B 796 -1.95 -57.94 -2.05
CA THR B 796 -1.66 -56.81 -1.15
C THR B 796 -2.78 -56.61 -0.11
N ASP B 797 -2.46 -55.89 0.97
CA ASP B 797 -3.47 -55.37 1.88
C ASP B 797 -4.18 -54.20 1.19
N ILE B 798 -5.50 -54.30 1.06
CA ILE B 798 -6.31 -53.20 0.56
C ILE B 798 -6.34 -52.10 1.62
N GLU B 799 -6.68 -52.49 2.85
CA GLU B 799 -6.92 -51.56 3.94
C GLU B 799 -5.73 -50.62 4.12
N GLY B 800 -4.53 -51.14 3.93
CA GLY B 800 -3.30 -50.37 4.02
C GLY B 800 -3.06 -49.52 2.78
N MET B 801 -3.47 -50.01 1.62
CA MET B 801 -3.43 -49.22 0.39
C MET B 801 -4.19 -47.91 0.59
N GLU B 802 -5.36 -48.00 1.20
CA GLU B 802 -6.19 -46.84 1.46
C GLU B 802 -5.49 -45.92 2.44
N SER B 803 -4.91 -46.51 3.50
CA SER B 803 -4.20 -45.75 4.52
C SER B 803 -2.96 -45.04 3.98
N LEU B 804 -2.25 -45.69 3.07
CA LEU B 804 -1.08 -45.09 2.39
C LEU B 804 -1.52 -44.05 1.38
N SER B 805 -2.68 -44.28 0.78
CA SER B 805 -3.27 -43.32 -0.12
C SER B 805 -3.58 -42.00 0.61
N HIS B 806 -4.19 -42.10 1.79
CA HIS B 806 -4.53 -40.93 2.58
C HIS B 806 -3.27 -40.21 3.02
N TYR B 807 -2.28 -40.98 3.45
CA TYR B 807 -1.00 -40.41 3.83
C TYR B 807 -0.44 -39.58 2.67
N TRP B 808 -0.25 -40.22 1.52
CA TRP B 808 0.40 -39.53 0.40
C TRP B 808 -0.44 -38.36 -0.13
N SER B 809 -1.76 -38.51 -0.04
CA SER B 809 -2.68 -37.42 -0.38
C SER B 809 -2.23 -36.12 0.28
N THR B 810 -2.15 -36.14 1.61
CA THR B 810 -1.73 -35.00 2.40
C THR B 810 -0.29 -34.56 2.11
N VAL B 811 0.61 -35.54 2.03
CA VAL B 811 2.03 -35.26 1.78
C VAL B 811 2.24 -34.63 0.40
N ARG B 812 1.43 -35.07 -0.56
CA ARG B 812 1.47 -34.53 -1.91
C ARG B 812 1.29 -33.00 -1.93
N THR B 813 0.44 -32.49 -1.06
CA THR B 813 0.13 -31.06 -0.98
C THR B 813 1.40 -30.23 -0.79
N TYR B 814 2.34 -30.74 0.00
CA TYR B 814 3.59 -30.03 0.27
C TYR B 814 4.31 -29.63 -1.00
N TYR B 815 3.98 -30.32 -2.10
CA TYR B 815 4.69 -30.20 -3.37
C TYR B 815 3.88 -29.53 -4.47
N SER B 816 2.71 -28.98 -4.11
CA SER B 816 1.83 -28.33 -5.09
C SER B 816 2.57 -27.52 -6.17
N ASP B 817 3.65 -26.84 -5.75
CA ASP B 817 4.47 -26.04 -6.66
C ASP B 817 5.17 -26.85 -7.75
N PHE B 818 5.25 -28.17 -7.56
CA PHE B 818 5.92 -29.06 -8.52
C PHE B 818 4.96 -29.93 -9.32
N GLU B 819 3.66 -29.71 -9.13
CA GLU B 819 2.63 -30.49 -9.81
C GLU B 819 2.77 -30.41 -11.32
N SER B 820 2.62 -31.57 -11.96
CA SER B 820 2.60 -31.64 -13.41
C SER B 820 1.45 -30.82 -13.99
N ASP B 821 1.65 -30.34 -15.21
CA ASP B 821 0.64 -29.58 -15.93
C ASP B 821 -0.49 -30.45 -16.53
N ILE B 822 -0.29 -31.77 -16.57
CA ILE B 822 -1.28 -32.67 -17.16
C ILE B 822 -2.51 -32.85 -16.27
N LYS B 823 -3.64 -32.41 -16.79
CA LYS B 823 -4.90 -32.40 -16.05
C LYS B 823 -5.78 -33.62 -16.34
N SER B 824 -5.69 -34.13 -17.57
CA SER B 824 -6.58 -35.21 -18.04
C SER B 824 -5.85 -36.23 -18.95
N PRO B 825 -6.50 -37.37 -19.26
CA PRO B 825 -5.87 -38.36 -20.16
C PRO B 825 -5.59 -37.80 -21.56
N ASN B 826 -4.63 -38.40 -22.26
CA ASN B 826 -4.17 -37.91 -23.55
C ASN B 826 -3.95 -39.06 -24.52
N THR B 827 -4.62 -38.99 -25.66
CA THR B 827 -4.53 -40.05 -26.65
C THR B 827 -3.72 -39.65 -27.90
N GLU B 828 -3.21 -38.42 -27.92
CA GLU B 828 -2.32 -37.96 -28.99
C GLU B 828 -1.03 -38.79 -28.98
N ILE B 829 -0.69 -39.34 -27.82
CA ILE B 829 0.46 -40.22 -27.65
C ILE B 829 0.41 -41.44 -28.54
N TYR B 830 -0.80 -41.93 -28.79
CA TYR B 830 -0.99 -43.13 -29.63
C TYR B 830 -0.62 -42.86 -31.09
N GLN B 831 -0.15 -41.65 -31.38
CA GLN B 831 0.43 -41.35 -32.69
C GLN B 831 1.78 -40.63 -32.65
N HIS B 832 2.02 -39.77 -31.66
CA HIS B 832 3.31 -39.06 -31.59
C HIS B 832 4.36 -39.71 -30.67
N GLU B 833 3.88 -40.45 -29.67
CA GLU B 833 4.72 -41.33 -28.82
C GLU B 833 5.67 -40.64 -27.83
N MET B 834 5.34 -39.43 -27.38
CA MET B 834 6.17 -38.73 -26.41
C MET B 834 6.15 -39.38 -25.03
N PRO B 835 7.33 -39.86 -24.58
CA PRO B 835 7.48 -40.56 -23.31
C PRO B 835 7.21 -39.65 -22.11
N GLY B 836 6.91 -40.28 -20.96
CA GLY B 836 6.62 -39.57 -19.71
C GLY B 836 5.80 -38.31 -19.92
N GLY B 837 6.22 -37.23 -19.28
CA GLY B 837 5.55 -35.94 -19.42
C GLY B 837 6.24 -35.06 -20.43
N GLN B 838 7.02 -35.68 -21.32
CA GLN B 838 7.81 -34.93 -22.27
C GLN B 838 6.94 -34.07 -23.18
N TYR B 839 5.67 -34.44 -23.36
CA TYR B 839 4.76 -33.65 -24.21
C TYR B 839 4.32 -32.33 -23.59
N SER B 840 4.58 -32.16 -22.30
CA SER B 840 4.40 -30.88 -21.63
C SER B 840 5.71 -30.09 -21.70
N ASN B 841 6.83 -30.76 -21.39
CA ASN B 841 8.17 -30.13 -21.48
C ASN B 841 8.37 -29.42 -22.81
N LEU B 842 8.09 -30.11 -23.91
CA LEU B 842 8.21 -29.56 -25.24
C LEU B 842 7.18 -28.47 -25.52
N SER B 843 6.01 -28.57 -24.89
CA SER B 843 4.96 -27.56 -25.02
C SER B 843 5.43 -26.25 -24.38
N GLN B 844 6.15 -26.37 -23.27
CA GLN B 844 6.78 -25.23 -22.61
C GLN B 844 7.95 -24.68 -23.44
N GLN B 845 8.75 -25.59 -24.01
CA GLN B 845 9.93 -25.23 -24.79
C GLN B 845 9.57 -24.58 -26.12
N ALA B 846 8.49 -25.06 -26.74
CA ALA B 846 7.97 -24.47 -27.98
C ALA B 846 7.47 -23.05 -27.74
N LYS B 847 6.96 -22.79 -26.54
CA LYS B 847 6.55 -21.45 -26.13
C LYS B 847 7.72 -20.48 -26.04
N SER B 848 8.80 -20.92 -25.36
CA SER B 848 10.07 -20.18 -25.31
C SER B 848 10.58 -19.78 -26.69
N LEU B 849 10.27 -20.59 -27.70
CA LEU B 849 10.69 -20.35 -29.08
C LEU B 849 9.52 -19.81 -29.93
N GLY B 850 8.56 -19.19 -29.26
CA GLY B 850 7.40 -18.56 -29.92
C GLY B 850 6.60 -19.44 -30.85
N LEU B 851 6.37 -20.69 -30.47
CA LEU B 851 5.64 -21.65 -31.30
C LEU B 851 4.44 -22.29 -30.57
N GLY B 852 3.83 -21.52 -29.67
CA GLY B 852 2.67 -21.96 -28.89
C GLY B 852 1.41 -22.20 -29.71
N GLU B 853 1.11 -21.27 -30.63
CA GLU B 853 -0.08 -21.35 -31.48
C GLU B 853 0.09 -22.38 -32.63
N ARG B 854 1.30 -22.93 -32.76
CA ARG B 854 1.61 -23.89 -33.81
C ARG B 854 2.06 -25.25 -33.24
N PHE B 855 1.52 -25.61 -32.08
CA PHE B 855 1.96 -26.84 -31.42
C PHE B 855 1.43 -28.10 -32.09
N ASP B 856 0.29 -27.99 -32.76
CA ASP B 856 -0.25 -29.09 -33.56
C ASP B 856 0.68 -29.44 -34.72
N GLU B 857 1.72 -28.62 -34.91
CA GLU B 857 2.72 -28.83 -35.96
C GLU B 857 4.05 -29.30 -35.39
N VAL B 858 4.23 -29.13 -34.08
CA VAL B 858 5.42 -29.59 -33.38
C VAL B 858 5.24 -31.07 -33.04
N LYS B 859 4.01 -31.44 -32.68
CA LYS B 859 3.65 -32.85 -32.49
C LYS B 859 3.74 -33.62 -33.81
N ASP B 860 3.38 -32.97 -34.91
CA ASP B 860 3.43 -33.59 -36.23
C ASP B 860 4.88 -33.80 -36.67
N MET B 861 5.74 -32.84 -36.35
CA MET B 861 7.16 -32.90 -36.71
C MET B 861 7.88 -33.98 -35.91
N TYR B 862 7.52 -34.11 -34.64
CA TYR B 862 8.05 -35.16 -33.78
C TYR B 862 7.79 -36.55 -34.38
N ARG B 863 6.54 -36.79 -34.79
CA ARG B 863 6.15 -38.04 -35.42
C ARG B 863 6.99 -38.33 -36.66
N ARG B 864 7.36 -37.27 -37.39
CA ARG B 864 8.15 -37.37 -38.61
C ARG B 864 9.65 -37.51 -38.36
N VAL B 865 10.18 -36.75 -37.40
CA VAL B 865 11.59 -36.86 -37.00
C VAL B 865 11.89 -38.29 -36.54
N ASN B 866 10.89 -38.94 -35.94
CA ASN B 866 10.98 -40.35 -35.58
C ASN B 866 11.31 -41.26 -36.78
N PHE B 867 10.61 -41.06 -37.89
CA PHE B 867 10.82 -41.89 -39.10
C PHE B 867 12.10 -41.52 -39.82
N LEU B 868 12.47 -40.24 -39.74
CA LEU B 868 13.67 -39.72 -40.39
C LEU B 868 14.95 -40.20 -39.68
N PHE B 869 14.81 -40.62 -38.42
CA PHE B 869 15.93 -41.15 -37.65
C PHE B 869 15.96 -42.67 -37.67
N GLY B 870 15.09 -43.27 -38.48
CA GLY B 870 15.10 -44.71 -38.72
C GLY B 870 14.23 -45.52 -37.78
N ASP B 871 13.23 -44.83 -37.21
CA ASP B 871 12.28 -45.41 -36.24
C ASP B 871 12.98 -45.96 -35.00
N ILE B 872 12.92 -45.18 -33.92
CA ILE B 872 13.67 -45.48 -32.72
C ILE B 872 12.80 -45.55 -31.49
N VAL B 873 13.38 -46.10 -30.43
CA VAL B 873 12.81 -46.06 -29.09
C VAL B 873 13.11 -44.68 -28.53
N LYS B 874 12.10 -44.04 -27.95
CA LYS B 874 12.29 -42.72 -27.37
C LYS B 874 12.03 -42.74 -25.87
N VAL B 875 13.11 -42.83 -25.08
CA VAL B 875 13.05 -42.83 -23.62
C VAL B 875 14.08 -41.85 -23.06
N ALA B 876 15.04 -42.38 -22.31
CA ALA B 876 16.24 -41.67 -21.94
C ALA B 876 16.89 -41.18 -23.23
N PRO B 877 17.89 -40.29 -23.13
CA PRO B 877 18.36 -39.27 -24.08
C PRO B 877 17.81 -39.28 -25.51
N SER B 878 17.36 -40.45 -25.99
CA SER B 878 16.90 -40.58 -27.38
C SER B 878 15.67 -39.73 -27.69
N SER B 879 14.78 -39.56 -26.73
CA SER B 879 13.59 -38.74 -26.91
C SER B 879 13.93 -37.26 -27.04
N LYS B 880 14.81 -36.78 -26.15
CA LYS B 880 15.27 -35.40 -26.18
C LYS B 880 15.84 -35.04 -27.55
N VAL B 881 16.61 -35.96 -28.14
CA VAL B 881 17.17 -35.76 -29.48
C VAL B 881 16.08 -35.56 -30.52
N VAL B 882 15.00 -36.34 -30.44
CA VAL B 882 13.87 -36.18 -31.36
C VAL B 882 13.19 -34.83 -31.11
N GLY B 883 12.94 -34.54 -29.84
CA GLY B 883 12.35 -33.27 -29.43
C GLY B 883 13.13 -32.09 -29.99
N ASP B 884 14.41 -32.04 -29.65
CA ASP B 884 15.31 -30.98 -30.09
C ASP B 884 15.21 -30.72 -31.58
N MET B 885 15.33 -31.78 -32.38
CA MET B 885 15.25 -31.67 -33.84
C MET B 885 13.86 -31.22 -34.32
N ALA B 886 12.81 -31.73 -33.67
CA ALA B 886 11.44 -31.35 -34.00
C ALA B 886 11.19 -29.85 -33.75
N LEU B 887 11.73 -29.33 -32.66
CA LEU B 887 11.72 -27.90 -32.39
C LEU B 887 12.52 -27.16 -33.46
N TYR B 888 13.67 -27.73 -33.80
CA TYR B 888 14.61 -27.15 -34.76
C TYR B 888 14.02 -27.02 -36.16
N MET B 889 13.40 -28.10 -36.63
CA MET B 889 12.86 -28.18 -37.98
C MET B 889 11.67 -27.26 -38.25
N VAL B 890 10.85 -27.03 -37.23
CA VAL B 890 9.73 -26.11 -37.32
C VAL B 890 10.24 -24.67 -37.23
N GLN B 891 11.14 -24.42 -36.28
CA GLN B 891 11.71 -23.09 -36.07
C GLN B 891 12.50 -22.59 -37.28
N ASN B 892 13.11 -23.52 -38.00
CA ASN B 892 13.85 -23.17 -39.22
C ASN B 892 13.18 -23.68 -40.50
N ASP B 893 11.91 -24.05 -40.38
CA ASP B 893 11.09 -24.53 -41.51
C ASP B 893 11.80 -25.54 -42.43
N LEU B 894 12.08 -26.72 -41.89
CA LEU B 894 12.79 -27.75 -42.63
C LEU B 894 11.91 -28.91 -43.08
N ASP B 895 12.23 -29.44 -44.25
CA ASP B 895 11.64 -30.64 -44.82
C ASP B 895 12.53 -31.82 -44.42
N GLU B 896 12.11 -33.03 -44.79
CA GLU B 896 12.99 -34.20 -44.71
C GLU B 896 13.99 -34.14 -45.87
N GLN B 897 13.64 -33.39 -46.90
CA GLN B 897 14.49 -33.19 -48.06
C GLN B 897 15.33 -31.91 -47.92
N SER B 898 14.83 -30.96 -47.14
CA SER B 898 15.54 -29.70 -46.91
C SER B 898 16.80 -29.89 -46.07
N VAL B 899 16.69 -30.72 -45.03
CA VAL B 899 17.82 -31.00 -44.12
C VAL B 899 19.04 -31.56 -44.85
N ILE B 900 18.83 -32.44 -45.82
CA ILE B 900 19.93 -33.07 -46.56
C ILE B 900 20.51 -32.15 -47.65
N THR B 901 19.66 -31.31 -48.24
CA THR B 901 20.05 -30.44 -49.34
C THR B 901 21.05 -29.36 -48.91
N ASP B 902 20.72 -28.64 -47.84
CA ASP B 902 21.58 -27.56 -47.35
C ASP B 902 22.04 -27.81 -45.92
N GLY B 903 22.62 -28.99 -45.68
CA GLY B 903 22.97 -29.43 -44.34
C GLY B 903 24.29 -28.97 -43.73
N TYR B 904 25.02 -28.12 -44.44
CA TYR B 904 26.33 -27.64 -43.93
C TYR B 904 26.27 -26.28 -43.25
N LYS B 905 25.51 -25.36 -43.84
CA LYS B 905 25.31 -24.03 -43.26
C LYS B 905 24.28 -24.04 -42.13
N LEU B 906 23.77 -25.23 -41.79
CA LEU B 906 22.65 -25.36 -40.83
C LEU B 906 23.02 -25.21 -39.35
N ASP B 907 24.12 -25.84 -38.92
CA ASP B 907 24.50 -25.87 -37.49
C ASP B 907 23.40 -26.58 -36.70
N PHE B 908 23.51 -27.90 -36.61
CA PHE B 908 22.51 -28.74 -35.94
C PHE B 908 22.54 -28.61 -34.41
N PRO B 909 21.41 -28.93 -33.75
CA PRO B 909 21.33 -29.01 -32.29
C PRO B 909 22.40 -29.89 -31.64
N GLU B 910 22.91 -29.45 -30.49
CA GLU B 910 23.86 -30.22 -29.68
C GLU B 910 23.56 -31.72 -29.65
N SER B 911 22.35 -32.07 -29.25
CA SER B 911 21.97 -33.46 -29.00
C SER B 911 22.06 -34.36 -30.22
N VAL B 912 21.64 -33.84 -31.38
CA VAL B 912 21.57 -34.65 -32.59
C VAL B 912 22.96 -34.96 -33.20
N VAL B 913 23.91 -34.03 -33.03
CA VAL B 913 25.29 -34.26 -33.46
C VAL B 913 25.97 -35.29 -32.55
N SER B 914 25.57 -35.29 -31.28
CA SER B 914 26.00 -36.29 -30.31
C SER B 914 25.35 -37.64 -30.62
N PHE B 915 24.06 -37.62 -30.92
CA PHE B 915 23.32 -38.84 -31.24
C PHE B 915 23.90 -39.50 -32.47
N PHE B 916 24.27 -38.70 -33.46
CA PHE B 916 24.80 -39.23 -34.72
C PHE B 916 26.28 -39.62 -34.67
N LYS B 917 26.99 -39.13 -33.66
CA LYS B 917 28.30 -39.69 -33.33
C LYS B 917 28.13 -40.99 -32.54
N GLY B 918 26.88 -41.34 -32.23
CA GLY B 918 26.57 -42.58 -31.53
C GLY B 918 26.89 -42.57 -30.04
N GLU B 919 26.95 -41.38 -29.46
CA GLU B 919 27.33 -41.22 -28.05
C GLU B 919 26.22 -41.63 -27.08
N ILE B 920 25.14 -42.18 -27.65
CA ILE B 920 24.01 -42.67 -26.86
C ILE B 920 23.82 -44.16 -27.11
N GLY B 921 24.19 -44.60 -28.32
CA GLY B 921 24.08 -45.99 -28.72
C GLY B 921 23.84 -46.10 -30.22
N GLN B 922 23.62 -47.33 -30.67
CA GLN B 922 23.31 -47.61 -32.06
C GLN B 922 21.83 -47.93 -32.20
N PRO B 923 21.11 -47.16 -33.02
CA PRO B 923 19.69 -47.41 -33.25
C PRO B 923 19.47 -48.73 -33.98
N VAL B 924 18.26 -49.26 -33.87
CA VAL B 924 17.93 -50.59 -34.40
C VAL B 924 18.38 -50.73 -35.85
N ASN B 925 17.90 -49.85 -36.73
CA ASN B 925 18.21 -49.91 -38.16
C ASN B 925 19.59 -49.35 -38.53
N GLY B 926 20.21 -48.65 -37.59
CA GLY B 926 21.46 -47.94 -37.87
C GLY B 926 21.17 -46.51 -38.30
N PHE B 927 22.18 -45.85 -38.85
CA PHE B 927 22.08 -44.45 -39.25
C PHE B 927 21.86 -44.30 -40.75
N ASN B 928 21.20 -43.19 -41.14
CA ASN B 928 21.18 -42.79 -42.54
C ASN B 928 22.50 -42.10 -42.86
N LYS B 929 23.31 -42.76 -43.69
CA LYS B 929 24.69 -42.37 -43.97
C LYS B 929 24.81 -40.93 -44.47
N ASP B 930 24.03 -40.58 -45.49
CA ASP B 930 24.06 -39.24 -46.10
C ASP B 930 23.49 -38.15 -45.18
N LEU B 931 22.55 -38.52 -44.32
CA LEU B 931 22.02 -37.63 -43.29
C LEU B 931 23.08 -37.40 -42.21
N GLN B 932 23.78 -38.47 -41.85
CA GLN B 932 24.83 -38.43 -40.85
C GLN B 932 26.04 -37.59 -41.29
N ALA B 933 26.30 -37.55 -42.59
CA ALA B 933 27.44 -36.82 -43.14
C ALA B 933 27.36 -35.32 -42.91
N VAL B 934 26.16 -34.76 -43.03
CA VAL B 934 25.95 -33.31 -42.91
C VAL B 934 25.84 -32.84 -41.47
N ILE B 935 25.27 -33.70 -40.62
CA ILE B 935 25.12 -33.42 -39.20
C ILE B 935 26.50 -33.40 -38.52
N LEU B 936 27.40 -34.29 -38.97
CA LEU B 936 28.73 -34.41 -38.38
C LEU B 936 29.75 -33.41 -38.92
N LYS B 937 29.57 -33.03 -40.19
CA LYS B 937 30.51 -32.14 -40.89
C LYS B 937 31.93 -32.71 -40.88
N GLY B 938 32.04 -34.01 -41.14
CA GLY B 938 33.33 -34.70 -41.22
C GLY B 938 33.96 -35.03 -39.89
N GLN B 939 33.14 -35.30 -38.89
CA GLN B 939 33.62 -35.69 -37.56
C GLN B 939 33.57 -37.21 -37.41
N GLU B 940 34.47 -37.75 -36.58
CA GLU B 940 34.51 -39.19 -36.32
C GLU B 940 33.25 -39.69 -35.64
N ALA B 941 32.65 -40.73 -36.21
CA ALA B 941 31.50 -41.40 -35.63
C ALA B 941 31.96 -42.67 -34.93
N LEU B 942 31.53 -42.86 -33.69
CA LEU B 942 31.93 -44.03 -32.91
C LEU B 942 31.43 -45.34 -33.51
N THR B 943 32.23 -46.40 -33.37
CA THR B 943 31.92 -47.70 -33.94
C THR B 943 31.05 -48.53 -33.01
N ALA B 944 31.64 -48.99 -31.90
CA ALA B 944 30.99 -49.94 -31.01
C ALA B 944 30.23 -49.24 -29.88
N ARG B 945 30.39 -49.74 -28.66
CA ARG B 945 29.81 -49.10 -27.48
C ARG B 945 30.49 -47.75 -27.25
N PRO B 946 29.70 -46.72 -26.87
CA PRO B 946 30.23 -45.38 -26.58
C PRO B 946 31.21 -45.36 -25.40
N GLY B 947 31.10 -46.36 -24.53
CA GLY B 947 31.87 -46.40 -23.28
C GLY B 947 33.16 -47.19 -23.31
N GLU B 948 33.30 -48.14 -24.23
CA GLU B 948 34.50 -48.96 -24.31
C GLU B 948 35.67 -48.25 -24.99
N TYR B 949 35.41 -47.03 -25.46
CA TYR B 949 36.46 -46.14 -25.95
C TYR B 949 37.17 -45.46 -24.78
N LEU B 950 36.41 -45.19 -23.72
CA LEU B 950 36.88 -44.39 -22.59
C LEU B 950 37.80 -45.14 -21.64
N GLU B 951 38.77 -44.40 -21.10
CA GLU B 951 39.76 -44.95 -20.18
C GLU B 951 39.16 -45.13 -18.78
N PRO B 952 39.43 -46.28 -18.14
CA PRO B 952 39.00 -46.53 -16.76
C PRO B 952 39.45 -45.42 -15.81
N VAL B 953 38.61 -45.12 -14.83
CA VAL B 953 38.85 -44.06 -13.85
C VAL B 953 39.89 -44.48 -12.81
N ASP B 954 40.88 -43.61 -12.60
CA ASP B 954 41.91 -43.82 -11.58
C ASP B 954 41.30 -43.47 -10.23
N PHE B 955 40.65 -44.45 -9.59
CA PHE B 955 39.85 -44.24 -8.38
C PHE B 955 40.60 -43.71 -7.17
N GLU B 956 41.89 -44.04 -7.09
CA GLU B 956 42.71 -43.61 -5.96
C GLU B 956 43.06 -42.14 -6.07
N LYS B 957 43.17 -41.64 -7.31
CA LYS B 957 43.36 -40.21 -7.56
C LYS B 957 42.06 -39.42 -7.38
N VAL B 958 40.93 -40.08 -7.66
CA VAL B 958 39.62 -39.49 -7.40
C VAL B 958 39.40 -39.43 -5.89
N ARG B 959 39.79 -40.49 -5.17
CA ARG B 959 39.82 -40.46 -3.71
C ARG B 959 40.79 -39.39 -3.21
N GLU B 960 41.97 -39.33 -3.81
CA GLU B 960 42.96 -38.30 -3.46
C GLU B 960 42.32 -36.93 -3.37
N LEU B 961 41.68 -36.51 -4.46
CA LEU B 961 41.08 -35.18 -4.58
C LEU B 961 40.04 -34.86 -3.51
N LEU B 962 39.18 -35.83 -3.21
CA LEU B 962 38.10 -35.63 -2.24
C LEU B 962 38.60 -35.59 -0.80
N GLU B 963 39.62 -36.40 -0.50
CA GLU B 963 40.27 -36.41 0.81
C GLU B 963 40.89 -35.05 1.13
N GLU B 964 41.56 -34.46 0.14
CA GLU B 964 42.23 -33.17 0.27
C GLU B 964 41.25 -32.00 0.47
N GLU B 965 40.16 -32.01 -0.30
CA GLU B 965 39.16 -30.94 -0.25
C GLU B 965 38.47 -30.84 1.10
N GLN B 966 38.07 -32.00 1.62
CA GLN B 966 37.41 -32.09 2.93
C GLN B 966 38.42 -32.36 4.03
N GLN B 967 37.93 -32.77 5.20
CA GLN B 967 38.79 -33.12 6.34
C GLN B 967 39.64 -34.37 6.06
N GLY B 968 39.01 -35.39 5.48
CA GLY B 968 39.69 -36.62 5.08
C GLY B 968 39.03 -37.94 5.45
N PRO B 969 37.69 -38.03 5.37
CA PRO B 969 37.05 -39.33 5.56
C PRO B 969 36.86 -40.05 4.22
N VAL B 970 35.81 -39.67 3.48
CA VAL B 970 35.54 -40.12 2.10
C VAL B 970 35.27 -41.63 1.98
N THR B 971 34.07 -41.95 1.51
CA THR B 971 33.64 -43.34 1.36
C THR B 971 33.57 -43.73 -0.11
N GLU B 972 33.32 -45.00 -0.37
CA GLU B 972 33.13 -45.49 -1.73
C GLU B 972 31.92 -44.81 -2.37
N GLN B 973 30.85 -44.67 -1.59
CA GLN B 973 29.64 -43.95 -2.02
C GLN B 973 29.93 -42.50 -2.37
N ASP B 974 30.92 -41.90 -1.72
CA ASP B 974 31.39 -40.56 -2.08
C ASP B 974 32.11 -40.57 -3.42
N ILE B 975 32.94 -41.59 -3.67
CA ILE B 975 33.80 -41.59 -4.85
C ILE B 975 33.04 -41.67 -6.19
N ILE B 976 32.19 -42.68 -6.36
CA ILE B 976 31.40 -42.78 -7.60
C ILE B 976 30.42 -41.64 -7.74
N SER B 977 29.88 -41.18 -6.61
CA SER B 977 28.99 -40.02 -6.61
C SER B 977 29.66 -38.82 -7.27
N TYR B 978 30.91 -38.54 -6.90
CA TYR B 978 31.69 -37.48 -7.52
C TYR B 978 31.90 -37.77 -9.01
N VAL B 979 32.41 -38.96 -9.31
CA VAL B 979 32.62 -39.36 -10.71
C VAL B 979 31.35 -39.19 -11.54
N LEU B 980 30.22 -39.67 -11.03
CA LEU B 980 28.94 -39.60 -11.72
C LEU B 980 28.45 -38.17 -11.94
N TYR B 981 28.60 -37.32 -10.92
CA TYR B 981 28.07 -35.95 -10.97
C TYR B 981 29.03 -34.92 -10.37
N PRO B 982 30.19 -34.69 -11.03
CA PRO B 982 31.23 -33.85 -10.42
C PRO B 982 30.77 -32.47 -9.98
N LYS B 983 30.02 -31.77 -10.84
CA LYS B 983 29.55 -30.43 -10.54
C LYS B 983 28.56 -30.44 -9.36
N VAL B 984 27.66 -31.41 -9.38
CA VAL B 984 26.57 -31.47 -8.41
C VAL B 984 27.03 -31.96 -7.02
N TYR B 985 27.94 -32.93 -7.01
CA TYR B 985 28.46 -33.48 -5.75
C TYR B 985 29.21 -32.42 -4.94
N GLU B 986 30.10 -31.68 -5.62
CA GLU B 986 30.86 -30.62 -4.96
C GLU B 986 29.92 -29.56 -4.41
N GLN B 987 28.87 -29.25 -5.19
CA GLN B 987 27.87 -28.28 -4.77
C GLN B 987 27.01 -28.81 -3.65
N TYR B 988 26.89 -30.14 -3.54
CA TYR B 988 26.22 -30.75 -2.39
C TYR B 988 27.11 -30.63 -1.15
N ILE B 989 28.39 -30.97 -1.29
CA ILE B 989 29.37 -30.85 -0.21
C ILE B 989 29.39 -29.42 0.37
N GLN B 990 29.42 -28.42 -0.50
CA GLN B 990 29.35 -27.02 -0.08
C GLN B 990 28.12 -26.77 0.78
N THR B 991 26.97 -27.24 0.30
CA THR B 991 25.68 -27.09 1.01
C THR B 991 25.64 -27.87 2.33
N ARG B 992 26.12 -29.11 2.33
CA ARG B 992 26.23 -29.87 3.58
C ARG B 992 27.09 -29.13 4.61
N ASN B 993 28.17 -28.52 4.14
CA ASN B 993 29.06 -27.73 5.00
C ASN B 993 28.43 -26.44 5.50
N GLN B 994 27.48 -25.89 4.75
CA GLN B 994 26.85 -24.62 5.11
C GLN B 994 25.60 -24.78 5.98
N TYR B 995 24.84 -25.85 5.76
CA TYR B 995 23.55 -26.01 6.43
C TYR B 995 23.35 -27.33 7.16
N GLY B 996 24.28 -28.26 7.01
CA GLY B 996 24.16 -29.59 7.60
C GLY B 996 23.16 -30.47 6.87
N ASN B 997 22.75 -31.56 7.52
CA ASN B 997 21.82 -32.51 6.93
C ASN B 997 20.38 -31.97 6.83
N LEU B 998 20.08 -31.36 5.68
CA LEU B 998 18.76 -30.78 5.38
C LEU B 998 17.65 -31.83 5.26
N SER B 999 18.03 -33.08 5.05
CA SER B 999 17.05 -34.15 4.87
C SER B 999 16.24 -34.39 6.14
N LEU B 1000 16.80 -34.01 7.29
CA LEU B 1000 16.15 -34.22 8.58
C LEU B 1000 14.96 -33.27 8.80
N LEU B 1001 14.98 -32.13 8.12
CA LEU B 1001 13.89 -31.17 8.20
C LEU B 1001 12.60 -31.79 7.68
N ASP B 1002 11.46 -31.36 8.22
CA ASP B 1002 10.18 -31.72 7.64
C ASP B 1002 9.97 -30.87 6.39
N THR B 1003 9.20 -31.41 5.45
CA THR B 1003 9.05 -30.76 4.15
C THR B 1003 8.57 -29.30 4.25
N PRO B 1004 7.43 -29.04 4.93
CA PRO B 1004 7.01 -27.64 5.10
C PRO B 1004 8.11 -26.69 5.54
N THR B 1005 8.90 -27.08 6.55
CA THR B 1005 10.01 -26.25 7.00
C THR B 1005 11.11 -26.12 5.94
N PHE B 1006 11.39 -27.22 5.24
CA PHE B 1006 12.38 -27.23 4.16
C PHE B 1006 12.00 -26.24 3.05
N PHE B 1007 10.70 -26.11 2.78
CA PHE B 1007 10.25 -25.27 1.67
C PHE B 1007 9.84 -23.83 2.05
N PHE B 1008 9.46 -23.61 3.31
CA PHE B 1008 8.80 -22.37 3.73
C PHE B 1008 9.43 -21.70 4.94
N GLY B 1009 10.40 -22.38 5.56
CA GLY B 1009 11.01 -21.86 6.78
C GLY B 1009 10.03 -21.89 7.93
N MET B 1010 9.94 -20.80 8.68
CA MET B 1010 9.10 -20.74 9.88
C MET B 1010 8.27 -19.48 10.02
N ARG B 1011 7.06 -19.64 10.55
CA ARG B 1011 6.21 -18.50 10.91
C ARG B 1011 6.66 -17.88 12.23
N ASN B 1012 6.30 -16.61 12.43
CA ASN B 1012 6.40 -15.99 13.75
C ASN B 1012 5.65 -16.84 14.79
N GLY B 1013 6.29 -17.07 15.93
CA GLY B 1013 5.66 -17.81 17.03
C GLY B 1013 5.64 -19.34 16.92
N GLU B 1014 5.98 -19.85 15.74
CA GLU B 1014 5.91 -21.28 15.47
C GLU B 1014 6.99 -22.05 16.22
N THR B 1015 6.66 -23.27 16.64
CA THR B 1015 7.66 -24.17 17.18
C THR B 1015 7.82 -25.36 16.21
N VAL B 1016 9.08 -25.62 15.85
CA VAL B 1016 9.42 -26.75 15.01
C VAL B 1016 10.26 -27.72 15.83
N GLU B 1017 9.97 -29.00 15.70
CA GLU B 1017 10.79 -30.05 16.29
C GLU B 1017 11.49 -30.83 15.18
N ILE B 1018 12.81 -30.85 15.21
CA ILE B 1018 13.60 -31.53 14.19
C ILE B 1018 14.18 -32.81 14.77
N GLU B 1019 13.67 -33.95 14.30
CA GLU B 1019 14.12 -35.26 14.76
C GLU B 1019 15.48 -35.51 14.14
N ILE B 1020 16.50 -35.59 14.99
CA ILE B 1020 17.87 -35.80 14.52
C ILE B 1020 18.18 -37.27 14.53
N ASP B 1021 17.80 -37.92 15.63
CA ASP B 1021 18.23 -39.27 15.94
C ASP B 1021 17.40 -39.77 17.12
N LYS B 1022 17.46 -41.08 17.37
CA LYS B 1022 16.78 -41.70 18.50
C LYS B 1022 17.04 -40.88 19.78
N GLY B 1023 16.00 -40.19 20.24
CA GLY B 1023 16.05 -39.46 21.51
C GLY B 1023 16.80 -38.14 21.54
N LYS B 1024 17.21 -37.66 20.37
CA LYS B 1024 17.84 -36.35 20.27
C LYS B 1024 17.17 -35.48 19.23
N ARG B 1025 16.74 -34.29 19.66
CA ARG B 1025 16.04 -33.37 18.77
C ARG B 1025 16.39 -31.90 19.02
N LEU B 1026 16.39 -31.13 17.92
CA LEU B 1026 16.42 -29.68 18.01
C LEU B 1026 14.99 -29.19 18.20
N ILE B 1027 14.77 -28.38 19.24
CA ILE B 1027 13.48 -27.73 19.44
C ILE B 1027 13.63 -26.24 19.16
N ILE B 1028 13.22 -25.84 17.96
CA ILE B 1028 13.40 -24.46 17.49
C ILE B 1028 12.09 -23.69 17.53
N LYS B 1029 12.14 -22.49 18.11
CA LYS B 1029 11.04 -21.54 18.05
C LYS B 1029 11.52 -20.23 17.43
N LEU B 1030 10.86 -19.80 16.36
CA LEU B 1030 11.10 -18.46 15.82
C LEU B 1030 10.19 -17.48 16.51
N GLU B 1031 10.78 -16.54 17.24
CA GLU B 1031 10.01 -15.55 17.98
C GLU B 1031 9.68 -14.31 17.14
N THR B 1032 10.70 -13.70 16.54
CA THR B 1032 10.52 -12.46 15.80
C THR B 1032 11.68 -12.21 14.83
N ILE B 1033 11.41 -11.40 13.80
CA ILE B 1033 12.44 -10.97 12.87
C ILE B 1033 12.43 -9.45 12.82
N SER B 1034 13.59 -8.85 13.08
CA SER B 1034 13.71 -7.40 13.09
C SER B 1034 13.61 -6.78 11.70
N GLU B 1035 13.61 -5.46 11.64
CA GLU B 1035 13.83 -4.75 10.38
C GLU B 1035 15.27 -4.96 9.91
N PRO B 1036 15.54 -4.77 8.60
CA PRO B 1036 16.93 -4.75 8.12
C PRO B 1036 17.71 -3.53 8.62
N ASP B 1037 18.94 -3.75 9.08
CA ASP B 1037 19.85 -2.64 9.43
C ASP B 1037 20.35 -1.98 8.13
N GLU B 1038 21.24 -1.00 8.25
CA GLU B 1038 21.70 -0.25 7.06
C GLU B 1038 22.29 -1.12 5.94
N ASN B 1039 22.61 -2.37 6.27
CA ASN B 1039 23.22 -3.31 5.32
C ASN B 1039 22.26 -4.35 4.74
N GLY B 1040 20.99 -4.23 5.09
CA GLY B 1040 19.97 -5.19 4.68
C GLY B 1040 19.93 -6.44 5.54
N ASN B 1041 20.72 -6.44 6.62
CA ASN B 1041 20.78 -7.57 7.54
C ASN B 1041 19.65 -7.55 8.57
N ARG B 1042 18.77 -8.54 8.51
CA ARG B 1042 17.70 -8.72 9.50
C ARG B 1042 18.21 -9.61 10.65
N THR B 1043 17.65 -9.42 11.84
CA THR B 1043 18.00 -10.24 12.99
C THR B 1043 16.82 -11.11 13.36
N ILE B 1044 17.05 -12.41 13.42
CA ILE B 1044 16.03 -13.35 13.87
C ILE B 1044 16.26 -13.70 15.34
N TYR B 1045 15.18 -13.76 16.10
CA TYR B 1045 15.23 -14.14 17.50
C TYR B 1045 14.66 -15.54 17.65
N TYR B 1046 15.56 -16.50 17.88
CA TYR B 1046 15.17 -17.88 18.07
C TYR B 1046 15.27 -18.28 19.53
N ALA B 1047 14.67 -19.43 19.84
CA ALA B 1047 14.95 -20.19 21.06
C ALA B 1047 15.22 -21.61 20.61
N MET B 1048 16.38 -22.14 20.98
CA MET B 1048 16.80 -23.47 20.54
C MET B 1048 17.22 -24.30 21.75
N ASN B 1049 16.40 -25.28 22.09
CA ASN B 1049 16.62 -26.06 23.31
C ASN B 1049 16.81 -25.16 24.53
N GLY B 1050 15.84 -24.29 24.78
CA GLY B 1050 15.83 -23.42 25.97
C GLY B 1050 16.95 -22.39 26.05
N GLN B 1051 17.41 -21.93 24.89
CA GLN B 1051 18.51 -20.97 24.80
C GLN B 1051 18.27 -19.86 23.81
N ALA B 1052 18.15 -18.65 24.34
CA ALA B 1052 18.07 -17.42 23.54
C ALA B 1052 19.06 -17.48 22.39
N ARG B 1053 18.62 -17.05 21.22
CA ARG B 1053 19.47 -17.14 20.04
C ARG B 1053 19.23 -16.02 19.02
N ARG B 1054 20.31 -15.53 18.44
CA ARG B 1054 20.24 -14.43 17.50
C ARG B 1054 21.09 -14.69 16.25
N ILE B 1055 20.43 -14.59 15.09
CA ILE B 1055 21.06 -14.90 13.81
C ILE B 1055 20.84 -13.74 12.83
N TYR B 1056 21.81 -13.54 11.94
CA TYR B 1056 21.76 -12.47 10.97
C TYR B 1056 21.68 -13.03 9.56
N ILE B 1057 20.68 -12.58 8.81
CA ILE B 1057 20.46 -13.00 7.43
C ILE B 1057 20.30 -11.75 6.57
N LYS B 1058 21.09 -11.66 5.50
CA LYS B 1058 20.91 -10.58 4.54
C LYS B 1058 19.63 -10.80 3.77
N ASP B 1059 18.82 -9.75 3.67
CA ASP B 1059 17.60 -9.78 2.88
C ASP B 1059 17.97 -9.50 1.43
N GLU B 1060 17.51 -10.36 0.53
CA GLU B 1060 17.99 -10.33 -0.86
C GLU B 1060 17.26 -9.34 -1.76
N ASN B 1061 17.30 -8.06 -1.40
CA ASN B 1061 16.71 -6.97 -2.20
C ASN B 1061 15.20 -7.10 -2.37
N VAL B 1062 14.50 -7.32 -1.26
CA VAL B 1062 13.03 -7.41 -1.26
C VAL B 1062 12.42 -6.11 -0.70
N HIS B 1063 13.27 -5.11 -0.48
CA HIS B 1063 12.83 -3.76 -0.08
C HIS B 1063 13.74 -2.65 -0.63
N THR B 1064 14.99 -3.02 -0.92
CA THR B 1064 15.99 -2.13 -1.56
C THR B 1064 16.44 -0.92 -0.70
N ASN B 1065 15.47 -0.27 -0.03
CA ASN B 1065 15.74 0.95 0.73
C ASN B 1065 15.22 0.94 2.18
N ALA B 1066 14.30 0.01 2.47
CA ALA B 1066 13.74 -0.11 3.83
C ALA B 1066 14.74 -0.60 4.87
N ASN B 1067 16.02 -0.37 4.60
CA ASN B 1067 17.07 -0.52 5.59
C ASN B 1067 16.92 0.55 6.66
N VAL B 1068 17.00 0.15 7.92
CA VAL B 1068 16.98 1.11 9.03
C VAL B 1068 18.38 1.66 9.31
N LYS B 1069 18.54 2.97 9.15
CA LYS B 1069 19.81 3.61 9.43
C LYS B 1069 19.93 3.88 10.92
N PRO B 1070 21.10 3.56 11.51
CA PRO B 1070 21.32 4.00 12.88
C PRO B 1070 21.32 5.53 12.92
N LYS B 1071 20.78 6.08 14.00
CA LYS B 1071 20.79 7.54 14.21
C LYS B 1071 22.18 8.05 14.59
N ALA B 1072 22.50 9.25 14.13
CA ALA B 1072 23.82 9.85 14.36
C ALA B 1072 23.96 10.36 15.81
N ASP B 1073 25.10 10.05 16.42
CA ASP B 1073 25.51 10.66 17.68
C ASP B 1073 25.86 12.11 17.40
N LYS B 1074 24.97 13.01 17.83
CA LYS B 1074 25.09 14.43 17.50
C LYS B 1074 26.25 15.11 18.23
N SER B 1075 26.72 14.48 19.30
CA SER B 1075 27.86 14.96 20.08
C SER B 1075 29.18 14.33 19.61
N ASN B 1076 29.20 13.85 18.36
CA ASN B 1076 30.38 13.25 17.77
C ASN B 1076 30.69 13.90 16.42
N PRO B 1077 31.86 14.55 16.30
CA PRO B 1077 32.28 15.25 15.08
C PRO B 1077 32.41 14.35 13.85
N SER B 1078 32.88 13.12 14.07
CA SER B 1078 33.01 12.13 13.01
C SER B 1078 31.68 11.70 12.38
N HIS B 1079 30.59 11.83 13.14
CA HIS B 1079 29.24 11.49 12.69
C HIS B 1079 28.63 12.64 11.88
N ILE B 1080 28.31 12.39 10.62
CA ILE B 1080 27.50 13.31 9.82
C ILE B 1080 26.08 12.77 9.69
N GLY B 1081 25.11 13.56 10.13
CA GLY B 1081 23.70 13.17 10.08
C GLY B 1081 22.87 13.92 9.05
N ALA B 1082 21.68 13.37 8.76
CA ALA B 1082 20.77 13.99 7.80
C ALA B 1082 20.04 15.18 8.43
N GLN B 1083 20.15 16.34 7.79
CA GLN B 1083 19.49 17.56 8.26
C GLN B 1083 17.98 17.58 7.95
N MET B 1084 17.57 16.91 6.88
CA MET B 1084 16.16 16.83 6.48
C MET B 1084 15.80 15.45 5.96
N PRO B 1085 14.50 15.12 5.94
CA PRO B 1085 14.12 13.88 5.25
C PRO B 1085 14.37 14.04 3.76
N GLY B 1086 14.59 12.93 3.06
CA GLY B 1086 14.81 12.94 1.62
C GLY B 1086 15.35 11.64 1.04
N SER B 1087 15.97 11.74 -0.14
CA SER B 1087 16.50 10.58 -0.86
C SER B 1087 17.97 10.77 -1.22
N VAL B 1088 18.71 9.66 -1.24
CA VAL B 1088 20.09 9.68 -1.69
C VAL B 1088 20.08 9.62 -3.20
N THR B 1089 20.70 10.63 -3.82
CA THR B 1089 20.74 10.74 -5.27
C THR B 1089 22.02 10.11 -5.83
N GLU B 1090 23.14 10.33 -5.15
CA GLU B 1090 24.42 9.79 -5.60
C GLU B 1090 25.42 9.64 -4.46
N VAL B 1091 25.86 8.41 -4.22
CA VAL B 1091 27.03 8.15 -3.36
C VAL B 1091 28.33 8.45 -4.14
N LYS B 1092 29.09 9.44 -3.69
CA LYS B 1092 30.30 9.88 -4.39
C LYS B 1092 31.62 9.38 -3.79
N VAL B 1093 31.54 8.77 -2.61
CA VAL B 1093 32.71 8.18 -1.95
C VAL B 1093 32.36 6.83 -1.32
N SER B 1094 33.35 5.98 -1.13
CA SER B 1094 33.15 4.70 -0.43
C SER B 1094 34.13 4.52 0.74
N VAL B 1095 33.93 3.44 1.50
CA VAL B 1095 34.70 3.17 2.72
C VAL B 1095 36.19 3.00 2.44
N GLY B 1096 37.01 3.70 3.23
CA GLY B 1096 38.47 3.62 3.12
C GLY B 1096 39.11 4.76 2.34
N GLU B 1097 38.29 5.53 1.64
CA GLU B 1097 38.77 6.63 0.80
C GLU B 1097 39.18 7.85 1.61
N THR B 1098 40.23 8.53 1.14
CA THR B 1098 40.69 9.78 1.72
C THR B 1098 40.02 10.96 1.01
N VAL B 1099 39.48 11.88 1.81
CA VAL B 1099 38.82 13.08 1.27
C VAL B 1099 39.40 14.38 1.83
N LYS B 1100 39.33 15.44 1.02
CA LYS B 1100 39.66 16.79 1.44
C LYS B 1100 38.43 17.48 2.06
N ALA B 1101 38.66 18.58 2.78
CA ALA B 1101 37.57 19.38 3.33
C ALA B 1101 36.81 20.07 2.20
N ASN B 1102 35.49 20.17 2.36
CA ASN B 1102 34.58 20.72 1.34
C ASN B 1102 34.37 19.84 0.12
N GLN B 1103 34.84 18.60 0.18
CA GLN B 1103 34.64 17.65 -0.91
C GLN B 1103 33.21 17.10 -0.90
N PRO B 1104 32.54 17.11 -2.07
CA PRO B 1104 31.25 16.42 -2.17
C PRO B 1104 31.41 14.94 -1.82
N LEU B 1105 30.57 14.47 -0.91
CA LEU B 1105 30.56 13.05 -0.53
C LEU B 1105 29.29 12.38 -1.01
N LEU B 1106 28.22 13.17 -1.10
CA LEU B 1106 26.87 12.66 -1.20
C LEU B 1106 25.95 13.74 -1.78
N ILE B 1107 25.04 13.34 -2.66
CA ILE B 1107 23.97 14.24 -3.11
C ILE B 1107 22.62 13.68 -2.64
N THR B 1108 21.80 14.54 -2.04
CA THR B 1108 20.45 14.17 -1.62
C THR B 1108 19.39 15.03 -2.30
N GLU B 1109 18.15 14.55 -2.27
CA GLU B 1109 17.01 15.27 -2.84
C GLU B 1109 15.89 15.24 -1.81
N ALA B 1110 15.53 16.41 -1.30
CA ALA B 1110 14.57 16.53 -0.21
C ALA B 1110 13.13 16.75 -0.70
N MET B 1111 12.89 17.87 -1.36
CA MET B 1111 11.58 18.18 -1.94
C MET B 1111 11.82 18.77 -3.32
N LYS B 1112 12.24 17.91 -4.25
CA LYS B 1112 12.68 18.32 -5.59
C LYS B 1112 13.91 19.25 -5.61
N MET B 1113 14.59 19.33 -4.47
CA MET B 1113 15.76 20.21 -4.34
C MET B 1113 17.00 19.40 -3.97
N GLU B 1114 18.09 19.61 -4.69
CA GLU B 1114 19.33 18.85 -4.48
C GLU B 1114 20.33 19.60 -3.60
N THR B 1115 20.63 19.03 -2.43
CA THR B 1115 21.76 19.47 -1.62
C THR B 1115 22.91 18.49 -1.77
N THR B 1116 24.14 19.00 -1.81
CA THR B 1116 25.31 18.12 -1.84
C THR B 1116 26.03 18.16 -0.50
N ILE B 1117 26.12 17.00 0.15
CA ILE B 1117 26.72 16.83 1.48
C ILE B 1117 28.25 16.75 1.38
N GLN B 1118 28.93 17.63 2.11
CA GLN B 1118 30.38 17.81 2.01
C GLN B 1118 31.12 17.40 3.27
N ALA B 1119 32.40 17.06 3.11
CA ALA B 1119 33.26 16.72 4.23
C ALA B 1119 33.61 17.96 5.05
N PRO B 1120 33.38 17.90 6.39
CA PRO B 1120 33.68 19.01 7.30
C PRO B 1120 35.18 19.28 7.45
N PHE B 1121 35.96 18.20 7.48
CA PHE B 1121 37.40 18.25 7.67
C PHE B 1121 38.11 17.21 6.80
N ASP B 1122 39.40 17.43 6.53
CA ASP B 1122 40.25 16.46 5.85
C ASP B 1122 40.32 15.17 6.68
N GLY B 1123 40.05 14.04 6.03
CA GLY B 1123 40.07 12.76 6.73
C GLY B 1123 39.77 11.54 5.87
N VAL B 1124 39.32 10.47 6.53
CA VAL B 1124 39.10 9.17 5.88
C VAL B 1124 37.69 8.61 6.13
N ILE B 1125 37.00 8.20 5.06
CA ILE B 1125 35.68 7.58 5.17
C ILE B 1125 35.76 6.19 5.80
N LYS B 1126 35.04 6.00 6.91
CA LYS B 1126 35.09 4.74 7.65
C LYS B 1126 33.81 3.90 7.56
N GLN B 1127 32.66 4.55 7.39
CA GLN B 1127 31.43 3.85 7.00
C GLN B 1127 30.44 4.73 6.22
N VAL B 1128 30.02 4.23 5.06
CA VAL B 1128 28.97 4.85 4.26
C VAL B 1128 27.68 4.06 4.51
N THR B 1129 26.66 4.75 4.99
CA THR B 1129 25.46 4.11 5.52
C THR B 1129 24.40 3.81 4.46
N VAL B 1130 24.47 4.54 3.34
CA VAL B 1130 23.42 4.51 2.31
C VAL B 1130 23.90 4.08 0.91
N ASN B 1131 22.93 3.75 0.06
CA ASN B 1131 23.14 3.54 -1.37
C ASN B 1131 22.25 4.46 -2.19
N ASN B 1132 22.54 4.58 -3.49
CA ASN B 1132 21.72 5.38 -4.40
C ASN B 1132 20.26 4.97 -4.29
N GLY B 1133 19.38 5.94 -4.06
CA GLY B 1133 17.94 5.69 -4.06
C GLY B 1133 17.32 5.44 -2.71
N ASP B 1134 18.16 5.19 -1.70
CA ASP B 1134 17.69 5.01 -0.33
C ASP B 1134 17.09 6.30 0.22
N THR B 1135 16.01 6.17 0.99
CA THR B 1135 15.39 7.32 1.64
C THR B 1135 15.97 7.52 3.03
N ILE B 1136 16.00 8.77 3.48
CA ILE B 1136 16.55 9.11 4.79
C ILE B 1136 15.63 10.06 5.56
N ALA B 1137 15.71 10.01 6.89
CA ALA B 1137 14.93 10.90 7.75
C ALA B 1137 15.87 11.77 8.57
N THR B 1138 15.41 12.94 8.99
CA THR B 1138 16.21 13.83 9.82
C THR B 1138 16.90 13.03 10.93
N GLY B 1139 18.24 13.08 10.94
CA GLY B 1139 19.05 12.55 12.04
C GLY B 1139 19.78 11.25 11.80
N ASP B 1140 19.50 10.59 10.67
CA ASP B 1140 20.18 9.34 10.33
C ASP B 1140 21.65 9.59 10.03
N LEU B 1141 22.51 8.68 10.49
CA LEU B 1141 23.93 8.70 10.12
C LEU B 1141 24.08 8.34 8.66
N LEU B 1142 24.93 9.08 7.95
CA LEU B 1142 25.14 8.87 6.53
C LEU B 1142 26.57 8.47 6.26
N ILE B 1143 27.50 9.19 6.89
CA ILE B 1143 28.93 8.98 6.73
C ILE B 1143 29.65 9.13 8.07
N GLU B 1144 30.72 8.36 8.26
CA GLU B 1144 31.66 8.57 9.37
C GLU B 1144 33.05 8.82 8.80
N ILE B 1145 33.66 9.95 9.15
CA ILE B 1145 35.05 10.28 8.77
C ILE B 1145 35.87 10.78 9.95
N GLU B 1146 37.17 10.49 9.94
CA GLU B 1146 38.05 10.85 11.06
C GLU B 1146 38.92 12.06 10.74
N GLN C 3 -20.11 48.49 -37.23
CA GLN C 3 -20.19 49.58 -36.19
C GLN C 3 -20.36 49.02 -34.77
N ILE C 4 -20.83 47.77 -34.65
CA ILE C 4 -20.96 47.08 -33.36
C ILE C 4 -19.67 46.34 -32.98
N LYS C 5 -19.16 46.62 -31.78
CA LYS C 5 -17.89 46.07 -31.30
C LYS C 5 -18.10 44.90 -30.33
N LYS C 6 -19.11 45.04 -29.47
CA LYS C 6 -19.43 44.04 -28.46
C LYS C 6 -20.93 43.78 -28.36
N LEU C 7 -21.29 42.51 -28.21
CA LEU C 7 -22.68 42.11 -28.11
C LEU C 7 -22.90 41.37 -26.81
N LEU C 8 -24.02 41.65 -26.15
CA LEU C 8 -24.45 40.88 -24.98
C LEU C 8 -25.76 40.18 -25.27
N VAL C 9 -25.86 38.92 -24.86
CA VAL C 9 -27.10 38.17 -25.03
C VAL C 9 -27.79 37.99 -23.70
N ALA C 10 -28.90 38.70 -23.52
CA ALA C 10 -29.75 38.60 -22.33
C ALA C 10 -30.62 37.33 -22.45
N ASN C 11 -29.96 36.18 -22.40
CA ASN C 11 -30.61 34.90 -22.58
C ASN C 11 -29.66 33.76 -22.25
N ARG C 12 -30.10 32.54 -22.52
CA ARG C 12 -29.37 31.33 -22.19
C ARG C 12 -29.59 30.28 -23.28
N GLY C 13 -28.89 29.15 -23.15
CA GLY C 13 -29.14 27.96 -23.97
C GLY C 13 -28.91 28.12 -25.46
N GLU C 14 -29.60 27.29 -26.24
CA GLU C 14 -29.40 27.21 -27.68
C GLU C 14 -29.49 28.56 -28.40
N ILE C 15 -30.50 29.36 -28.09
CA ILE C 15 -30.60 30.67 -28.73
C ILE C 15 -29.38 31.57 -28.46
N ALA C 16 -28.91 31.58 -27.21
CA ALA C 16 -27.72 32.35 -26.86
C ALA C 16 -26.54 31.93 -27.74
N ILE C 17 -26.23 30.64 -27.72
CA ILE C 17 -25.13 30.08 -28.50
C ILE C 17 -25.30 30.44 -29.97
N ARG C 18 -26.55 30.41 -30.42
CA ARG C 18 -26.86 30.72 -31.80
C ARG C 18 -26.48 32.17 -32.10
N ILE C 19 -26.98 33.09 -31.29
CA ILE C 19 -26.67 34.51 -31.45
C ILE C 19 -25.17 34.76 -31.37
N PHE C 20 -24.51 34.06 -30.45
CA PHE C 20 -23.05 34.14 -30.30
C PHE C 20 -22.37 33.78 -31.60
N ARG C 21 -22.83 32.70 -32.23
CA ARG C 21 -22.17 32.19 -33.42
C ARG C 21 -22.24 33.17 -34.58
N ALA C 22 -23.39 33.85 -34.71
CA ALA C 22 -23.57 34.88 -35.73
C ALA C 22 -22.66 36.07 -35.47
N ALA C 23 -22.67 36.55 -34.24
CA ALA C 23 -21.83 37.66 -33.83
C ALA C 23 -20.38 37.34 -34.18
N ALA C 24 -19.93 36.14 -33.80
CA ALA C 24 -18.56 35.74 -34.03
C ALA C 24 -18.24 35.79 -35.53
N GLU C 25 -19.12 35.21 -36.35
CA GLU C 25 -18.99 35.27 -37.81
C GLU C 25 -18.94 36.70 -38.33
N LEU C 26 -19.44 37.65 -37.54
CA LEU C 26 -19.39 39.07 -37.90
C LEU C 26 -18.27 39.80 -37.17
N ASP C 27 -17.32 39.04 -36.64
CA ASP C 27 -16.17 39.57 -35.90
C ASP C 27 -16.55 40.42 -34.69
N ILE C 28 -17.80 40.29 -34.24
CA ILE C 28 -18.29 40.99 -33.07
C ILE C 28 -17.96 40.20 -31.82
N SER C 29 -17.44 40.89 -30.81
CA SER C 29 -17.08 40.29 -29.53
C SER C 29 -18.34 39.96 -28.74
N THR C 30 -18.33 38.81 -28.05
CA THR C 30 -19.53 38.33 -27.35
C THR C 30 -19.46 38.39 -25.83
N VAL C 31 -20.59 38.68 -25.21
CA VAL C 31 -20.74 38.69 -23.76
C VAL C 31 -21.94 37.82 -23.37
N ALA C 32 -21.76 36.94 -22.40
CA ALA C 32 -22.82 36.03 -21.94
C ALA C 32 -23.15 36.27 -20.50
N ILE C 33 -24.43 36.14 -20.14
CA ILE C 33 -24.84 36.18 -18.74
C ILE C 33 -25.26 34.79 -18.25
N TYR C 34 -25.10 34.54 -16.96
CA TYR C 34 -25.53 33.25 -16.37
C TYR C 34 -26.00 33.37 -14.92
N SER C 35 -26.81 32.40 -14.49
CA SER C 35 -27.32 32.32 -13.12
C SER C 35 -26.60 31.24 -12.34
N ASN C 36 -27.08 30.95 -11.14
CA ASN C 36 -26.41 30.01 -10.23
C ASN C 36 -26.36 28.56 -10.66
N GLU C 37 -27.50 28.01 -11.10
CA GLU C 37 -27.53 26.62 -11.58
C GLU C 37 -27.16 26.53 -13.06
N ASP C 38 -26.83 27.68 -13.65
CA ASP C 38 -26.33 27.71 -15.02
C ASP C 38 -24.82 27.96 -15.09
N LYS C 39 -24.15 27.95 -13.94
CA LYS C 39 -22.68 27.99 -13.89
C LYS C 39 -22.09 26.75 -14.56
N SER C 40 -22.97 25.94 -15.14
CA SER C 40 -22.62 24.73 -15.86
C SER C 40 -23.08 24.81 -17.33
N SER C 41 -24.24 25.42 -17.55
CA SER C 41 -24.85 25.57 -18.88
C SER C 41 -23.83 26.02 -19.94
N LEU C 42 -23.84 25.36 -21.09
CA LEU C 42 -22.77 25.52 -22.08
C LEU C 42 -22.66 26.88 -22.76
N HIS C 43 -23.75 27.64 -22.78
CA HIS C 43 -23.75 28.95 -23.43
C HIS C 43 -22.77 29.91 -22.74
N ARG C 44 -22.48 29.66 -21.47
CA ARG C 44 -21.55 30.46 -20.66
C ARG C 44 -20.14 30.46 -21.26
N TYR C 45 -19.79 29.35 -21.89
CA TYR C 45 -18.44 29.10 -22.35
C TYR C 45 -18.25 29.41 -23.84
N LYS C 46 -19.34 29.79 -24.52
CA LYS C 46 -19.31 30.00 -25.96
C LYS C 46 -19.13 31.47 -26.35
N ALA C 47 -19.00 32.33 -25.34
CA ALA C 47 -18.77 33.75 -25.55
C ALA C 47 -17.35 34.14 -25.16
N ASP C 48 -16.90 35.29 -25.64
CA ASP C 48 -15.59 35.82 -25.26
C ASP C 48 -15.54 36.15 -23.77
N GLU C 49 -16.62 36.72 -23.24
CA GLU C 49 -16.73 37.09 -21.83
C GLU C 49 -17.98 36.50 -21.18
N SER C 50 -17.90 36.12 -19.91
CA SER C 50 -19.07 35.59 -19.17
C SER C 50 -19.16 36.14 -17.74
N TYR C 51 -20.32 36.72 -17.42
CA TYR C 51 -20.57 37.35 -16.14
C TYR C 51 -21.80 36.79 -15.42
N LEU C 52 -21.67 36.59 -14.12
CA LEU C 52 -22.78 36.18 -13.26
C LEU C 52 -23.66 37.39 -12.95
N VAL C 53 -24.97 37.25 -13.13
CA VAL C 53 -25.89 38.31 -12.73
C VAL C 53 -26.25 38.24 -11.25
N GLY C 54 -25.37 38.79 -10.41
CA GLY C 54 -25.57 38.86 -8.96
C GLY C 54 -25.74 37.53 -8.25
N SER C 55 -24.79 37.22 -7.37
CA SER C 55 -24.91 36.09 -6.44
C SER C 55 -26.35 35.99 -5.91
N ASP C 56 -26.81 37.08 -5.30
CA ASP C 56 -28.17 37.26 -4.75
C ASP C 56 -29.29 36.70 -5.65
N LEU C 57 -29.35 37.16 -6.90
CA LEU C 57 -30.42 36.78 -7.84
C LEU C 57 -30.57 35.27 -8.02
N GLY C 58 -31.80 34.79 -7.85
CA GLY C 58 -32.09 33.36 -7.88
C GLY C 58 -31.95 32.66 -9.22
N PRO C 59 -32.98 31.88 -9.61
CA PRO C 59 -32.96 31.03 -10.80
C PRO C 59 -33.57 31.65 -12.07
N ALA C 60 -34.90 31.76 -12.11
CA ALA C 60 -35.60 32.35 -13.25
C ALA C 60 -35.47 33.87 -13.24
N GLU C 61 -35.59 34.47 -12.06
CA GLU C 61 -35.59 35.92 -11.90
C GLU C 61 -34.33 36.64 -12.44
N SER C 62 -33.21 35.92 -12.52
CA SER C 62 -31.93 36.51 -12.89
C SER C 62 -31.75 36.82 -14.39
N TYR C 63 -32.62 36.29 -15.23
CA TYR C 63 -32.66 36.70 -16.63
C TYR C 63 -33.76 37.73 -16.85
N LEU C 64 -34.44 38.07 -15.76
CA LEU C 64 -35.50 39.07 -15.79
C LEU C 64 -35.03 40.44 -15.29
N ASN C 65 -34.07 40.43 -14.36
CA ASN C 65 -33.59 41.65 -13.71
C ASN C 65 -33.00 42.64 -14.71
N ILE C 66 -33.81 43.63 -15.07
CA ILE C 66 -33.45 44.66 -16.04
C ILE C 66 -32.22 45.45 -15.60
N GLU C 67 -32.23 45.89 -14.34
CA GLU C 67 -31.14 46.72 -13.82
C GLU C 67 -29.80 46.02 -13.78
N ARG C 68 -29.76 44.88 -13.09
CA ARG C 68 -28.52 44.09 -12.93
C ARG C 68 -27.91 43.65 -14.27
N ILE C 69 -28.76 43.35 -15.24
CA ILE C 69 -28.29 42.96 -16.57
C ILE C 69 -27.67 44.16 -17.29
N ILE C 70 -28.26 45.34 -17.13
CA ILE C 70 -27.71 46.56 -17.73
C ILE C 70 -26.42 46.98 -17.01
N ASP C 71 -26.38 46.80 -15.70
CA ASP C 71 -25.16 47.02 -14.92
C ASP C 71 -23.99 46.24 -15.49
N VAL C 72 -24.24 44.99 -15.87
CA VAL C 72 -23.25 44.12 -16.51
C VAL C 72 -22.84 44.68 -17.86
N ALA C 73 -23.84 45.07 -18.65
CA ALA C 73 -23.63 45.61 -20.01
C ALA C 73 -22.69 46.81 -20.04
N LYS C 74 -22.77 47.64 -18.99
CA LYS C 74 -21.91 48.81 -18.84
C LYS C 74 -20.47 48.41 -18.46
N GLN C 75 -20.36 47.58 -17.43
CA GLN C 75 -19.07 47.09 -16.91
C GLN C 75 -18.19 46.39 -17.95
N ALA C 76 -18.74 46.20 -19.15
CA ALA C 76 -18.02 45.54 -20.24
C ALA C 76 -17.89 46.43 -21.47
N ASN C 77 -18.60 47.57 -21.45
CA ASN C 77 -18.78 48.44 -22.63
C ASN C 77 -19.43 47.66 -23.80
N VAL C 78 -20.70 47.32 -23.65
CA VAL C 78 -21.45 46.62 -24.68
C VAL C 78 -22.30 47.62 -25.45
N ASP C 79 -22.27 47.53 -26.78
CA ASP C 79 -23.02 48.44 -27.65
C ASP C 79 -24.44 47.95 -27.88
N ALA C 80 -24.63 46.63 -27.82
CA ALA C 80 -25.87 46.00 -28.26
C ALA C 80 -26.26 44.77 -27.46
N ILE C 81 -27.55 44.68 -27.15
CA ILE C 81 -28.10 43.50 -26.50
C ILE C 81 -29.03 42.75 -27.45
N HIS C 82 -28.81 41.45 -27.59
CA HIS C 82 -29.76 40.60 -28.26
C HIS C 82 -30.60 39.89 -27.21
N PRO C 83 -31.91 40.18 -27.16
CA PRO C 83 -32.75 39.65 -26.10
C PRO C 83 -33.19 38.20 -26.33
N GLY C 84 -32.83 37.65 -27.49
CA GLY C 84 -33.22 36.29 -27.88
C GLY C 84 -34.74 36.12 -27.95
N TYR C 85 -35.23 35.06 -27.34
CA TYR C 85 -36.67 34.86 -27.15
C TYR C 85 -36.98 34.43 -25.71
N GLY C 86 -38.18 34.76 -25.24
CA GLY C 86 -38.74 34.21 -24.01
C GLY C 86 -38.19 34.66 -22.68
N PHE C 87 -37.73 35.92 -22.60
CA PHE C 87 -37.37 36.48 -21.30
C PHE C 87 -37.72 37.95 -21.26
N LEU C 88 -36.73 38.79 -21.46
CA LEU C 88 -36.95 40.21 -21.65
C LEU C 88 -37.11 40.53 -23.13
N SER C 89 -37.19 39.48 -23.95
CA SER C 89 -37.27 39.64 -25.40
C SER C 89 -38.50 40.44 -25.84
N GLU C 90 -39.57 40.37 -25.05
CA GLU C 90 -40.78 41.15 -25.33
C GLU C 90 -40.95 42.35 -24.39
N ASN C 91 -40.06 42.46 -23.40
CA ASN C 91 -40.16 43.48 -22.36
C ASN C 91 -39.91 44.92 -22.85
N GLU C 92 -40.91 45.77 -22.61
CA GLU C 92 -40.88 47.19 -22.98
C GLU C 92 -39.88 47.97 -22.12
N GLN C 93 -40.01 47.86 -20.80
CA GLN C 93 -39.17 48.60 -19.88
C GLN C 93 -37.69 48.30 -20.15
N PHE C 94 -37.37 47.03 -20.37
CA PHE C 94 -35.99 46.60 -20.62
C PHE C 94 -35.38 47.28 -21.84
N ALA C 95 -36.15 47.36 -22.92
CA ALA C 95 -35.68 47.92 -24.17
C ALA C 95 -35.45 49.42 -24.07
N ARG C 96 -36.34 50.10 -23.34
CA ARG C 96 -36.27 51.55 -23.15
C ARG C 96 -35.06 51.92 -22.30
N ARG C 97 -34.78 51.09 -21.29
CA ARG C 97 -33.63 51.28 -20.43
C ARG C 97 -32.33 51.08 -21.22
N CYS C 98 -32.32 50.10 -22.11
CA CYS C 98 -31.20 49.89 -23.02
C CYS C 98 -30.84 51.17 -23.78
N ALA C 99 -31.86 51.84 -24.32
CA ALA C 99 -31.67 53.07 -25.06
C ALA C 99 -31.10 54.19 -24.21
N GLU C 100 -31.69 54.38 -23.03
CA GLU C 100 -31.30 55.44 -22.09
C GLU C 100 -29.80 55.41 -21.72
N GLU C 101 -29.16 54.26 -21.92
CA GLU C 101 -27.75 54.09 -21.57
C GLU C 101 -26.87 53.92 -22.80
N GLY C 102 -27.38 54.31 -23.97
CA GLY C 102 -26.62 54.24 -25.22
C GLY C 102 -26.30 52.83 -25.67
N ILE C 103 -27.21 51.91 -25.40
CA ILE C 103 -27.06 50.51 -25.77
C ILE C 103 -28.17 50.14 -26.76
N LYS C 104 -27.78 49.44 -27.82
CA LYS C 104 -28.71 49.09 -28.88
C LYS C 104 -29.44 47.78 -28.59
N PHE C 105 -30.74 47.89 -28.29
CA PHE C 105 -31.61 46.73 -28.13
C PHE C 105 -31.82 46.13 -29.52
N ILE C 106 -31.41 44.88 -29.71
CA ILE C 106 -31.50 44.23 -31.01
C ILE C 106 -32.90 43.67 -31.26
N GLY C 107 -33.72 44.48 -31.93
CA GLY C 107 -35.12 44.20 -32.17
C GLY C 107 -35.84 45.45 -32.60
N PRO C 108 -37.18 45.46 -32.55
CA PRO C 108 -37.98 46.57 -33.07
C PRO C 108 -37.91 47.83 -32.18
N HIS C 109 -38.51 48.92 -32.65
CA HIS C 109 -38.59 50.16 -31.87
C HIS C 109 -39.47 49.99 -30.64
N LEU C 110 -39.40 50.97 -29.74
CA LEU C 110 -40.11 50.92 -28.47
C LEU C 110 -41.63 50.91 -28.66
N GLU C 111 -42.12 51.78 -29.53
CA GLU C 111 -43.56 51.87 -29.76
C GLU C 111 -44.16 50.58 -30.35
N HIS C 112 -43.32 49.76 -30.99
CA HIS C 112 -43.75 48.44 -31.48
C HIS C 112 -44.03 47.49 -30.32
N LEU C 113 -43.18 47.52 -29.30
CA LEU C 113 -43.31 46.66 -28.13
C LEU C 113 -44.50 47.11 -27.28
N ASP C 114 -44.66 48.43 -27.18
CA ASP C 114 -45.83 49.07 -26.57
C ASP C 114 -47.08 48.58 -27.30
N MET C 115 -46.98 48.54 -28.62
CA MET C 115 -48.10 48.30 -29.52
C MET C 115 -48.55 46.85 -29.57
N PHE C 116 -47.61 45.92 -29.42
CA PHE C 116 -47.91 44.49 -29.53
C PHE C 116 -47.74 43.74 -28.20
N GLY C 117 -47.39 44.46 -27.14
CA GLY C 117 -47.16 43.84 -25.83
C GLY C 117 -48.43 43.55 -25.07
N ASP C 118 -49.54 43.45 -25.80
CA ASP C 118 -50.87 43.32 -25.23
C ASP C 118 -51.78 42.90 -26.38
N LYS C 119 -52.39 41.72 -26.26
CA LYS C 119 -53.19 41.14 -27.34
C LYS C 119 -54.36 42.00 -27.82
N VAL C 120 -54.95 42.78 -26.93
CA VAL C 120 -56.03 43.69 -27.30
C VAL C 120 -55.48 44.82 -28.18
N LYS C 121 -54.40 45.44 -27.73
CA LYS C 121 -53.75 46.54 -28.45
C LYS C 121 -53.13 46.06 -29.76
N ALA C 122 -52.68 44.81 -29.76
CA ALA C 122 -52.22 44.16 -30.96
C ALA C 122 -53.38 44.06 -31.96
N ARG C 123 -54.52 43.57 -31.48
CA ARG C 123 -55.71 43.41 -32.30
C ARG C 123 -56.27 44.76 -32.76
N THR C 124 -56.15 45.77 -31.91
CA THR C 124 -56.58 47.13 -32.23
C THR C 124 -55.70 47.71 -33.34
N THR C 125 -54.41 47.35 -33.31
CA THR C 125 -53.44 47.75 -34.33
C THR C 125 -53.73 47.03 -35.66
N ALA C 126 -54.19 45.78 -35.56
CA ALA C 126 -54.57 45.00 -36.73
C ALA C 126 -55.81 45.57 -37.42
N ILE C 127 -56.77 46.03 -36.62
CA ILE C 127 -58.01 46.60 -37.13
C ILE C 127 -57.77 47.94 -37.82
N LYS C 128 -56.80 48.70 -37.34
CA LYS C 128 -56.40 49.97 -37.97
C LYS C 128 -55.71 49.71 -39.31
N ALA C 129 -54.94 48.63 -39.40
CA ALA C 129 -54.26 48.26 -40.63
C ALA C 129 -55.16 47.44 -41.58
N ASP C 130 -56.45 47.34 -41.24
CA ASP C 130 -57.46 46.60 -42.02
C ASP C 130 -57.10 45.13 -42.26
N LEU C 131 -56.88 44.41 -41.17
CA LEU C 131 -56.66 42.97 -41.22
C LEU C 131 -57.85 42.24 -40.62
N PRO C 132 -58.23 41.10 -41.20
CA PRO C 132 -59.33 40.32 -40.63
C PRO C 132 -59.00 39.76 -39.25
N VAL C 133 -59.81 40.14 -38.27
CA VAL C 133 -59.60 39.79 -36.86
C VAL C 133 -60.79 39.02 -36.32
N ILE C 134 -60.52 38.14 -35.35
CA ILE C 134 -61.57 37.43 -34.62
C ILE C 134 -62.48 38.44 -33.93
N PRO C 135 -63.82 38.28 -34.08
CA PRO C 135 -64.85 39.08 -33.41
C PRO C 135 -64.39 39.64 -32.05
N GLY C 136 -64.67 38.92 -30.97
CA GLY C 136 -64.20 39.27 -29.64
C GLY C 136 -64.61 40.62 -29.07
N THR C 137 -64.26 40.82 -27.80
CA THR C 137 -64.63 42.02 -27.05
C THR C 137 -63.74 43.21 -27.40
N ASP C 138 -64.24 44.41 -27.09
CA ASP C 138 -63.52 45.66 -27.26
C ASP C 138 -62.31 45.75 -26.33
N GLY C 139 -62.44 45.14 -25.15
CA GLY C 139 -61.38 45.16 -24.15
C GLY C 139 -61.33 43.91 -23.29
N PRO C 140 -60.60 43.99 -22.15
CA PRO C 140 -60.36 42.86 -21.26
C PRO C 140 -61.40 42.71 -20.14
N ILE C 141 -62.36 41.82 -20.33
CA ILE C 141 -63.43 41.54 -19.37
C ILE C 141 -62.96 41.60 -17.91
N LYS C 142 -63.65 42.42 -17.11
CA LYS C 142 -63.42 42.51 -15.67
C LYS C 142 -64.46 41.67 -14.94
N SER C 143 -63.96 40.73 -14.12
CA SER C 143 -64.80 39.82 -13.32
C SER C 143 -65.72 38.92 -14.17
N TYR C 144 -66.73 38.32 -13.52
CA TYR C 144 -67.54 37.28 -14.13
C TYR C 144 -68.90 37.76 -14.64
N GLU C 145 -69.52 38.67 -13.90
CA GLU C 145 -70.87 39.16 -14.22
C GLU C 145 -70.92 39.84 -15.60
N LEU C 146 -69.94 40.71 -15.87
CA LEU C 146 -69.88 41.44 -17.13
C LEU C 146 -69.69 40.49 -18.32
N ALA C 147 -69.09 39.33 -18.05
CA ALA C 147 -68.91 38.29 -19.06
C ALA C 147 -70.22 37.57 -19.38
N LYS C 148 -70.96 37.16 -18.35
CA LYS C 148 -72.25 36.47 -18.51
C LYS C 148 -73.13 37.05 -19.62
N GLU C 149 -73.39 38.35 -19.52
CA GLU C 149 -74.31 39.06 -20.43
C GLU C 149 -73.72 39.21 -21.83
N PHE C 150 -72.51 39.78 -21.91
CA PHE C 150 -71.83 40.02 -23.19
C PHE C 150 -71.21 38.72 -23.73
N ALA C 151 -71.95 37.62 -23.56
CA ALA C 151 -71.56 36.28 -24.02
C ALA C 151 -72.76 35.32 -24.00
N GLU C 152 -73.85 35.71 -23.35
CA GLU C 152 -75.10 34.95 -23.44
C GLU C 152 -75.85 35.32 -24.73
N GLU C 153 -75.52 36.47 -25.30
CA GLU C 153 -76.16 36.98 -26.51
C GLU C 153 -75.23 37.03 -27.74
N ALA C 154 -73.98 36.61 -27.55
CA ALA C 154 -72.98 36.61 -28.63
C ALA C 154 -72.38 35.22 -28.86
N GLY C 155 -73.19 34.31 -29.39
CA GLY C 155 -72.79 32.91 -29.64
C GLY C 155 -72.55 32.11 -28.37
N PHE C 156 -71.92 30.94 -28.51
CA PHE C 156 -71.49 30.17 -27.34
C PHE C 156 -70.06 29.59 -27.40
N PRO C 157 -69.73 28.79 -28.45
CA PRO C 157 -68.34 28.33 -28.57
C PRO C 157 -67.35 29.49 -28.58
N LEU C 158 -66.79 29.78 -27.40
CA LEU C 158 -65.92 30.95 -27.21
C LEU C 158 -64.58 30.58 -26.58
N MET C 159 -63.56 31.37 -26.90
CA MET C 159 -62.23 31.20 -26.33
C MET C 159 -61.93 32.36 -25.40
N ILE C 160 -61.77 32.06 -24.11
CA ILE C 160 -61.33 33.05 -23.13
C ILE C 160 -59.82 32.90 -22.96
N LYS C 161 -59.09 34.02 -23.10
CA LYS C 161 -57.63 33.98 -23.18
C LYS C 161 -56.90 35.19 -22.59
N ALA C 162 -55.62 34.99 -22.25
CA ALA C 162 -54.78 36.00 -21.61
C ALA C 162 -54.30 37.06 -22.59
N THR C 163 -54.03 38.26 -22.06
CA THR C 163 -53.53 39.38 -22.85
C THR C 163 -52.01 39.33 -22.86
N SER C 164 -51.44 39.20 -24.07
CA SER C 164 -50.03 38.82 -24.29
C SER C 164 -49.71 37.46 -23.65
N GLY C 165 -49.65 36.44 -24.50
CA GLY C 165 -49.39 35.08 -24.06
C GLY C 165 -47.91 34.74 -24.14
N GLY C 166 -47.62 33.45 -24.33
CA GLY C 166 -46.24 32.99 -24.42
C GLY C 166 -46.10 31.52 -24.07
N GLY C 167 -46.79 30.68 -24.83
CA GLY C 167 -46.72 29.23 -24.64
C GLY C 167 -48.08 28.59 -24.72
N GLY C 168 -49.12 29.40 -24.93
CA GLY C 168 -50.49 28.91 -25.06
C GLY C 168 -51.17 28.63 -23.73
N LYS C 169 -50.49 28.94 -22.64
CA LYS C 169 -51.03 28.75 -21.29
C LYS C 169 -51.85 29.97 -20.90
N GLY C 170 -52.85 29.77 -20.05
CA GLY C 170 -53.78 30.82 -19.67
C GLY C 170 -54.85 31.03 -20.73
N MET C 171 -55.33 29.92 -21.29
CA MET C 171 -56.40 29.91 -22.28
C MET C 171 -57.32 28.73 -22.00
N ARG C 172 -58.62 28.96 -22.12
CA ARG C 172 -59.60 27.87 -21.99
C ARG C 172 -60.78 28.05 -22.95
N ILE C 173 -61.35 26.92 -23.38
CA ILE C 173 -62.44 26.94 -24.35
C ILE C 173 -63.79 26.74 -23.67
N VAL C 174 -64.78 27.53 -24.08
CA VAL C 174 -66.12 27.47 -23.50
C VAL C 174 -67.13 27.00 -24.55
N ARG C 175 -67.90 25.97 -24.22
CA ARG C 175 -68.74 25.28 -25.20
C ARG C 175 -70.23 25.21 -24.82
N GLU C 176 -70.52 25.03 -23.53
CA GLU C 176 -71.90 24.84 -23.07
C GLU C 176 -72.21 25.56 -21.74
N GLU C 177 -73.49 25.54 -21.34
CA GLU C 177 -73.99 26.27 -20.19
C GLU C 177 -73.45 25.74 -18.85
N SER C 178 -73.04 26.68 -17.99
CA SER C 178 -72.48 26.43 -16.64
C SER C 178 -70.97 26.19 -16.62
N GLU C 179 -70.41 25.78 -17.76
CA GLU C 179 -68.96 25.66 -17.94
C GLU C 179 -68.32 27.04 -18.01
N LEU C 180 -69.12 28.03 -18.38
CA LEU C 180 -68.71 29.42 -18.46
C LEU C 180 -68.20 29.98 -17.13
N GLU C 181 -68.92 29.69 -16.05
CA GLU C 181 -68.59 30.21 -14.71
C GLU C 181 -67.20 29.76 -14.25
N ASP C 182 -66.92 28.46 -14.43
CA ASP C 182 -65.64 27.87 -14.07
C ASP C 182 -64.49 28.40 -14.93
N ALA C 183 -64.72 28.51 -16.23
CA ALA C 183 -63.69 28.88 -17.22
C ALA C 183 -62.92 30.16 -16.86
N PHE C 184 -63.65 31.25 -16.60
CA PHE C 184 -63.03 32.54 -16.29
C PHE C 184 -62.04 32.43 -15.12
N HIS C 185 -62.49 31.82 -14.02
CA HIS C 185 -61.67 31.70 -12.81
C HIS C 185 -60.53 30.68 -12.98
N ARG C 186 -60.87 29.50 -13.51
CA ARG C 186 -59.90 28.43 -13.77
C ARG C 186 -58.74 28.92 -14.63
N ALA C 187 -59.06 29.77 -15.61
CA ALA C 187 -58.06 30.27 -16.56
C ALA C 187 -57.45 31.61 -16.14
N LYS C 188 -58.07 32.29 -15.18
CA LYS C 188 -57.53 33.56 -14.69
C LYS C 188 -56.28 33.34 -13.82
N SER C 189 -56.39 32.41 -12.86
CA SER C 189 -55.27 32.10 -11.96
C SER C 189 -54.16 31.34 -12.67
N GLU C 190 -54.53 30.42 -13.57
CA GLU C 190 -53.57 29.71 -14.41
C GLU C 190 -52.76 30.70 -15.25
N ALA C 191 -53.40 31.80 -15.66
CA ALA C 191 -52.76 32.89 -16.40
C ALA C 191 -51.96 33.79 -15.46
N GLU C 192 -52.47 33.99 -14.26
CA GLU C 192 -51.79 34.78 -13.23
C GLU C 192 -50.45 34.13 -12.86
N LYS C 193 -50.54 32.90 -12.35
CA LYS C 193 -49.38 32.12 -11.92
C LYS C 193 -48.36 31.92 -13.04
N SER C 194 -48.82 32.06 -14.29
CA SER C 194 -47.99 31.85 -15.46
C SER C 194 -47.22 33.11 -15.88
N PHE C 195 -47.95 34.13 -16.31
CA PHE C 195 -47.33 35.37 -16.82
C PHE C 195 -47.22 36.46 -15.74
N GLY C 196 -47.02 37.70 -16.19
CA GLY C 196 -46.97 38.86 -15.31
C GLY C 196 -48.25 39.13 -14.53
N ASN C 197 -49.39 39.14 -15.22
CA ASN C 197 -50.69 39.44 -14.61
C ASN C 197 -51.80 38.41 -14.94
N SER C 198 -53.05 38.85 -14.84
CA SER C 198 -54.19 37.97 -15.11
C SER C 198 -55.35 38.66 -15.84
N GLU C 199 -55.02 39.65 -16.66
CA GLU C 199 -56.00 40.32 -17.52
C GLU C 199 -56.45 39.36 -18.63
N VAL C 200 -57.70 38.93 -18.57
CA VAL C 200 -58.24 38.00 -19.56
C VAL C 200 -59.36 38.62 -20.40
N TYR C 201 -59.41 38.22 -21.68
CA TYR C 201 -60.49 38.62 -22.58
C TYR C 201 -61.16 37.42 -23.25
N ILE C 202 -62.17 37.68 -24.06
CA ILE C 202 -62.89 36.60 -24.73
C ILE C 202 -63.17 36.90 -26.22
N GLU C 203 -62.95 35.89 -27.05
CA GLU C 203 -63.23 35.97 -28.47
C GLU C 203 -63.84 34.67 -29.00
N ARG C 204 -64.33 34.70 -30.23
CA ARG C 204 -64.94 33.55 -30.88
C ARG C 204 -63.96 32.38 -30.96
N TYR C 205 -64.38 31.21 -30.48
CA TYR C 205 -63.62 30.00 -30.75
C TYR C 205 -63.80 29.56 -32.19
N ILE C 206 -62.70 29.40 -32.90
CA ILE C 206 -62.72 28.89 -34.28
C ILE C 206 -62.30 27.43 -34.28
N ASP C 207 -63.21 26.56 -34.72
CA ASP C 207 -62.99 25.11 -34.68
C ASP C 207 -62.06 24.64 -35.80
N ASN C 208 -61.34 23.54 -35.54
CA ASN C 208 -60.45 22.91 -36.52
C ASN C 208 -59.65 23.86 -37.41
N PRO C 209 -58.95 24.84 -36.80
CA PRO C 209 -58.20 25.73 -37.66
C PRO C 209 -56.77 25.26 -37.88
N LYS C 210 -56.13 25.81 -38.90
CA LYS C 210 -54.69 25.71 -39.04
C LYS C 210 -54.08 26.97 -38.46
N HIS C 211 -52.87 26.86 -37.93
CA HIS C 211 -52.11 28.01 -37.48
C HIS C 211 -51.04 28.32 -38.53
N ILE C 212 -51.13 29.51 -39.11
CA ILE C 212 -50.12 29.96 -40.06
C ILE C 212 -49.53 31.29 -39.57
N GLU C 213 -48.21 31.39 -39.61
CA GLU C 213 -47.51 32.61 -39.22
C GLU C 213 -46.53 33.04 -40.30
N VAL C 214 -46.30 34.35 -40.41
CA VAL C 214 -45.46 34.88 -41.48
C VAL C 214 -44.25 35.58 -40.90
N GLN C 215 -43.08 35.15 -41.34
CA GLN C 215 -41.84 35.79 -40.90
C GLN C 215 -41.67 37.10 -41.65
N VAL C 216 -41.21 38.11 -40.93
CA VAL C 216 -40.99 39.44 -41.47
C VAL C 216 -39.64 39.94 -40.97
N ILE C 217 -38.90 40.61 -41.85
CA ILE C 217 -37.72 41.36 -41.45
C ILE C 217 -37.80 42.74 -42.07
N GLY C 218 -37.65 43.77 -41.24
CA GLY C 218 -37.51 45.13 -41.72
C GLY C 218 -36.13 45.63 -41.35
N ASP C 219 -35.60 46.57 -42.12
CA ASP C 219 -34.37 47.24 -41.76
C ASP C 219 -34.68 48.58 -41.12
N GLU C 220 -33.65 49.37 -40.84
CA GLU C 220 -33.81 50.68 -40.22
C GLU C 220 -34.12 51.79 -41.23
N HIS C 221 -34.15 51.43 -42.52
CA HIS C 221 -34.29 52.42 -43.60
C HIS C 221 -35.59 52.29 -44.41
N GLY C 222 -36.61 51.69 -43.80
CA GLY C 222 -37.95 51.63 -44.39
C GLY C 222 -38.12 50.59 -45.48
N ASN C 223 -37.43 49.46 -45.32
CA ASN C 223 -37.60 48.32 -46.23
C ASN C 223 -38.05 47.11 -45.44
N ILE C 224 -39.15 46.50 -45.89
CA ILE C 224 -39.71 45.35 -45.20
C ILE C 224 -39.92 44.22 -46.21
N VAL C 225 -39.44 43.04 -45.85
CA VAL C 225 -39.73 41.84 -46.62
C VAL C 225 -40.29 40.76 -45.71
N HIS C 226 -41.01 39.81 -46.31
CA HIS C 226 -41.44 38.63 -45.58
C HIS C 226 -40.61 37.43 -46.03
N LEU C 227 -40.47 36.45 -45.16
CA LEU C 227 -39.77 35.23 -45.52
C LEU C 227 -40.71 34.04 -45.54
N PHE C 228 -41.86 34.24 -46.17
CA PHE C 228 -42.91 33.22 -46.30
C PHE C 228 -43.43 32.71 -44.96
N GLU C 229 -44.08 31.55 -44.96
CA GLU C 229 -44.87 31.11 -43.80
C GLU C 229 -44.41 29.84 -43.13
N ARG C 230 -44.75 29.72 -41.85
CA ARG C 230 -44.56 28.49 -41.08
C ARG C 230 -45.91 27.93 -40.65
N ASP C 231 -46.01 26.60 -40.62
CA ASP C 231 -47.21 25.92 -40.18
C ASP C 231 -47.03 25.34 -38.77
N CYS C 232 -47.79 25.87 -37.82
CA CYS C 232 -47.65 25.47 -36.43
C CYS C 232 -48.98 24.93 -35.89
N SER C 233 -49.63 24.09 -36.70
CA SER C 233 -50.93 23.56 -36.37
C SER C 233 -50.83 22.37 -35.43
N VAL C 234 -49.64 21.76 -35.35
CA VAL C 234 -49.45 20.60 -34.49
C VAL C 234 -49.14 21.09 -33.07
N GLN C 235 -50.16 21.03 -32.21
CA GLN C 235 -50.09 21.60 -30.86
C GLN C 235 -50.67 20.65 -29.83
N ARG C 236 -50.06 20.61 -28.65
CA ARG C 236 -50.52 19.73 -27.56
C ARG C 236 -51.77 20.28 -26.86
N ARG C 237 -51.62 21.45 -26.24
CA ARG C 237 -52.75 22.15 -25.65
C ARG C 237 -53.05 23.36 -26.53
N HIS C 238 -52.17 24.35 -26.46
CA HIS C 238 -52.17 25.45 -27.39
C HIS C 238 -50.72 25.79 -27.62
N GLN C 239 -49.85 24.94 -27.07
CA GLN C 239 -48.41 25.06 -27.20
C GLN C 239 -47.93 24.31 -28.43
N LYS C 240 -47.03 24.94 -29.18
CA LYS C 240 -46.47 24.39 -30.41
C LYS C 240 -45.65 23.12 -30.15
N VAL C 241 -45.78 22.15 -31.05
CA VAL C 241 -45.03 20.89 -30.96
C VAL C 241 -44.14 20.69 -32.19
N VAL C 242 -44.75 20.61 -33.37
CA VAL C 242 -44.03 20.40 -34.63
C VAL C 242 -44.41 21.51 -35.61
N GLU C 243 -43.40 22.17 -36.18
CA GLU C 243 -43.64 23.27 -37.12
C GLU C 243 -43.08 22.97 -38.49
N VAL C 244 -43.80 23.41 -39.53
CA VAL C 244 -43.39 23.18 -40.90
C VAL C 244 -43.33 24.51 -41.67
N ALA C 245 -42.32 24.64 -42.52
CA ALA C 245 -42.23 25.75 -43.47
C ALA C 245 -41.69 25.22 -44.79
N PRO C 246 -42.32 25.60 -45.92
CA PRO C 246 -43.57 26.35 -45.96
C PRO C 246 -44.73 25.42 -45.67
N SER C 247 -45.94 25.96 -45.63
CA SER C 247 -47.12 25.17 -45.32
C SER C 247 -47.42 24.15 -46.41
N VAL C 248 -47.76 22.93 -46.01
CA VAL C 248 -48.25 21.92 -46.94
C VAL C 248 -49.78 21.96 -46.92
N GLY C 249 -50.39 22.08 -48.09
CA GLY C 249 -51.84 22.01 -48.18
C GLY C 249 -52.48 23.27 -48.75
N LEU C 250 -52.17 24.41 -48.15
CA LEU C 250 -52.70 25.71 -48.56
C LEU C 250 -52.56 25.98 -50.06
N SER C 251 -53.61 26.55 -50.64
CA SER C 251 -53.56 27.07 -52.00
C SER C 251 -52.54 28.21 -52.08
N PRO C 252 -51.90 28.39 -53.24
CA PRO C 252 -50.98 29.52 -53.38
C PRO C 252 -51.70 30.86 -53.19
N THR C 253 -52.96 30.93 -53.63
CA THR C 253 -53.82 32.11 -53.47
C THR C 253 -53.89 32.53 -52.00
N LEU C 254 -54.43 31.64 -51.17
CA LEU C 254 -54.61 31.88 -49.74
C LEU C 254 -53.27 32.30 -49.12
N ARG C 255 -52.23 31.53 -49.46
CA ARG C 255 -50.87 31.79 -49.03
C ARG C 255 -50.48 33.23 -49.35
N GLN C 256 -50.61 33.63 -50.61
CA GLN C 256 -50.30 35.00 -51.04
C GLN C 256 -51.05 36.06 -50.24
N ARG C 257 -52.34 35.83 -50.01
CA ARG C 257 -53.17 36.76 -49.25
C ARG C 257 -52.65 36.91 -47.83
N ILE C 258 -52.42 35.77 -47.17
CA ILE C 258 -51.92 35.70 -45.80
C ILE C 258 -50.59 36.44 -45.65
N CYS C 259 -49.71 36.30 -46.64
CA CYS C 259 -48.44 37.04 -46.65
C CYS C 259 -48.63 38.54 -46.87
N ASP C 260 -49.52 38.89 -47.79
CA ASP C 260 -49.84 40.30 -48.06
C ASP C 260 -50.42 40.97 -46.83
N ALA C 261 -51.24 40.23 -46.08
CA ALA C 261 -51.86 40.73 -44.86
C ALA C 261 -50.80 41.04 -43.81
N ALA C 262 -49.83 40.15 -43.69
CA ALA C 262 -48.70 40.38 -42.79
C ALA C 262 -47.88 41.58 -43.21
N ILE C 263 -47.73 41.78 -44.52
CA ILE C 263 -46.94 42.90 -45.04
C ILE C 263 -47.65 44.24 -44.83
N GLN C 264 -48.96 44.26 -44.98
CA GLN C 264 -49.70 45.53 -44.82
C GLN C 264 -49.82 45.97 -43.36
N LEU C 265 -49.78 45.00 -42.45
CA LEU C 265 -49.77 45.31 -41.03
C LEU C 265 -48.43 45.90 -40.61
N MET C 266 -47.34 45.27 -41.03
CA MET C 266 -45.99 45.68 -40.63
C MET C 266 -45.51 46.94 -41.37
N GLU C 267 -45.92 47.08 -42.63
CA GLU C 267 -45.57 48.24 -43.43
C GLU C 267 -46.30 49.49 -42.91
N ASN C 268 -47.55 49.28 -42.47
CA ASN C 268 -48.39 50.33 -41.90
C ASN C 268 -47.77 51.00 -40.68
N ILE C 269 -47.27 50.18 -39.75
CA ILE C 269 -46.65 50.68 -38.52
C ILE C 269 -45.13 50.82 -38.61
N LYS C 270 -44.59 50.60 -39.82
CA LYS C 270 -43.16 50.71 -40.10
C LYS C 270 -42.29 49.86 -39.17
N TYR C 271 -42.62 48.57 -39.09
CA TYR C 271 -41.88 47.62 -38.28
C TYR C 271 -40.41 47.56 -38.65
N VAL C 272 -39.57 47.35 -37.63
CA VAL C 272 -38.13 47.31 -37.77
C VAL C 272 -37.63 45.99 -37.20
N ASN C 273 -36.64 45.38 -37.84
CA ASN C 273 -36.03 44.13 -37.38
C ASN C 273 -36.96 42.92 -37.57
N ALA C 274 -36.68 41.82 -36.86
CA ALA C 274 -37.43 40.58 -37.05
C ALA C 274 -38.72 40.53 -36.23
N GLY C 275 -39.78 40.02 -36.84
CA GLY C 275 -41.06 39.85 -36.18
C GLY C 275 -41.97 38.94 -36.97
N THR C 276 -42.83 38.21 -36.26
CA THR C 276 -43.76 37.25 -36.87
C THR C 276 -45.21 37.72 -36.73
N VAL C 277 -45.99 37.58 -37.80
CA VAL C 277 -47.43 37.84 -37.72
C VAL C 277 -48.15 36.49 -37.76
N GLU C 278 -48.98 36.22 -36.74
CA GLU C 278 -49.62 34.92 -36.57
C GLU C 278 -51.09 34.96 -36.99
N PHE C 279 -51.54 33.88 -37.62
CA PHE C 279 -52.91 33.77 -38.10
C PHE C 279 -53.52 32.42 -37.76
N LEU C 280 -54.83 32.42 -37.54
CA LEU C 280 -55.62 31.20 -37.61
C LEU C 280 -56.27 31.15 -38.99
N VAL C 281 -56.42 29.93 -39.52
CA VAL C 281 -56.96 29.76 -40.86
C VAL C 281 -57.99 28.63 -40.89
N SER C 282 -59.20 28.96 -41.33
CA SER C 282 -60.26 27.99 -41.49
C SER C 282 -60.97 28.20 -42.83
N GLY C 283 -60.74 27.27 -43.76
CA GLY C 283 -61.33 27.34 -45.10
C GLY C 283 -60.54 28.27 -46.01
N ASP C 284 -61.25 29.23 -46.60
CA ASP C 284 -60.61 30.25 -47.44
C ASP C 284 -60.46 31.59 -46.73
N GLU C 285 -60.79 31.62 -45.45
CA GLU C 285 -60.65 32.84 -44.64
C GLU C 285 -59.55 32.67 -43.61
N PHE C 286 -58.81 33.74 -43.35
CA PHE C 286 -57.81 33.77 -42.30
C PHE C 286 -58.15 34.85 -41.26
N PHE C 287 -57.67 34.65 -40.03
CA PHE C 287 -57.90 35.59 -38.94
C PHE C 287 -56.59 35.89 -38.23
N PHE C 288 -56.30 37.16 -38.02
CA PHE C 288 -55.09 37.59 -37.30
C PHE C 288 -55.18 37.24 -35.81
N ILE C 289 -54.10 36.68 -35.27
CA ILE C 289 -54.04 36.31 -33.86
C ILE C 289 -53.17 37.31 -33.07
N GLU C 290 -51.87 37.26 -33.31
CA GLU C 290 -50.94 38.10 -32.57
C GLU C 290 -49.65 38.38 -33.35
N VAL C 291 -48.78 39.15 -32.71
CA VAL C 291 -47.46 39.46 -33.23
C VAL C 291 -46.45 39.12 -32.14
N ASN C 292 -45.50 38.24 -32.47
CA ASN C 292 -44.33 38.05 -31.63
C ASN C 292 -43.19 38.91 -32.19
N PRO C 293 -42.90 40.05 -31.53
CA PRO C 293 -42.00 41.06 -32.07
C PRO C 293 -40.53 40.82 -31.67
N ARG C 294 -39.98 39.73 -32.17
CA ARG C 294 -38.69 39.21 -31.76
C ARG C 294 -38.43 38.02 -32.67
N VAL C 295 -37.28 37.38 -32.51
CA VAL C 295 -37.08 36.07 -33.12
C VAL C 295 -37.94 35.04 -32.43
N GLN C 296 -38.21 33.95 -33.16
CA GLN C 296 -38.93 32.81 -32.61
C GLN C 296 -38.03 31.58 -32.59
N VAL C 297 -38.39 30.60 -31.77
CA VAL C 297 -37.67 29.34 -31.67
C VAL C 297 -37.52 28.71 -33.05
N GLU C 298 -38.64 28.64 -33.78
CA GLU C 298 -38.74 27.91 -35.03
C GLU C 298 -38.24 28.70 -36.24
N HIS C 299 -37.39 29.69 -36.00
CA HIS C 299 -36.83 30.51 -37.08
C HIS C 299 -35.95 29.72 -38.06
N THR C 300 -35.16 28.79 -37.56
CA THR C 300 -34.21 28.02 -38.43
C THR C 300 -34.94 27.37 -39.61
N ILE C 301 -36.10 26.79 -39.33
CA ILE C 301 -36.97 26.20 -40.34
C ILE C 301 -37.14 27.11 -41.57
N THR C 302 -37.32 28.41 -41.31
CA THR C 302 -37.53 29.41 -42.36
C THR C 302 -36.21 29.80 -43.01
N GLU C 303 -35.13 29.79 -42.22
CA GLU C 303 -33.81 30.04 -42.75
C GLU C 303 -33.44 28.92 -43.70
N MET C 304 -33.71 27.69 -43.28
CA MET C 304 -33.43 26.52 -44.09
C MET C 304 -34.07 26.57 -45.49
N VAL C 305 -35.28 27.10 -45.60
CA VAL C 305 -35.98 27.14 -46.90
C VAL C 305 -35.73 28.42 -47.70
N THR C 306 -35.42 29.52 -47.03
CA THR C 306 -35.22 30.77 -47.74
C THR C 306 -33.74 31.06 -47.99
N GLY C 307 -32.89 30.47 -47.16
CA GLY C 307 -31.45 30.64 -47.30
C GLY C 307 -30.90 31.82 -46.53
N ILE C 308 -31.80 32.62 -46.00
CA ILE C 308 -31.44 33.85 -45.29
C ILE C 308 -31.20 33.54 -43.82
N ASP C 309 -30.11 34.07 -43.28
CA ASP C 309 -29.77 33.92 -41.87
C ASP C 309 -30.47 35.01 -41.08
N ILE C 310 -31.51 34.62 -40.35
CA ILE C 310 -32.37 35.59 -39.64
C ILE C 310 -31.64 36.29 -38.50
N VAL C 311 -31.04 35.50 -37.60
CA VAL C 311 -30.35 36.05 -36.44
C VAL C 311 -29.34 37.12 -36.89
N LYS C 312 -28.45 36.71 -37.79
CA LYS C 312 -27.38 37.58 -38.29
C LYS C 312 -27.92 38.84 -38.96
N THR C 313 -29.10 38.73 -39.58
CA THR C 313 -29.76 39.87 -40.19
C THR C 313 -30.21 40.85 -39.11
N GLN C 314 -30.83 40.33 -38.04
CA GLN C 314 -31.25 41.15 -36.91
C GLN C 314 -30.11 42.06 -36.47
N ILE C 315 -28.95 41.43 -36.25
CA ILE C 315 -27.76 42.12 -35.76
C ILE C 315 -27.32 43.20 -36.75
N LEU C 316 -27.37 42.89 -38.04
CA LEU C 316 -26.97 43.85 -39.06
C LEU C 316 -27.95 45.01 -39.14
N VAL C 317 -29.24 44.68 -39.10
CA VAL C 317 -30.29 45.69 -39.03
C VAL C 317 -29.99 46.68 -37.91
N ALA C 318 -29.68 46.13 -36.73
CA ALA C 318 -29.37 46.93 -35.54
C ALA C 318 -28.17 47.86 -35.73
N ALA C 319 -27.28 47.50 -36.66
CA ALA C 319 -26.09 48.31 -36.95
C ALA C 319 -26.31 49.41 -38.01
N GLY C 320 -27.53 49.52 -38.51
CA GLY C 320 -27.89 50.53 -39.51
C GLY C 320 -27.82 50.01 -40.95
N ALA C 321 -27.32 48.79 -41.10
CA ALA C 321 -27.11 48.18 -42.42
C ALA C 321 -28.35 48.16 -43.29
N ASP C 322 -28.14 48.17 -44.60
CA ASP C 322 -29.21 48.16 -45.58
C ASP C 322 -29.62 46.73 -45.94
N LEU C 323 -30.93 46.49 -45.88
CA LEU C 323 -31.52 45.18 -46.20
C LEU C 323 -31.00 44.64 -47.53
N PHE C 324 -31.06 45.46 -48.57
CA PHE C 324 -30.67 45.04 -49.93
C PHE C 324 -29.20 45.36 -50.25
N GLY C 325 -28.46 45.81 -49.24
CA GLY C 325 -27.04 46.16 -49.38
C GLY C 325 -26.10 44.98 -49.36
N GLU C 326 -24.82 45.26 -49.19
CA GLU C 326 -23.76 44.24 -49.30
C GLU C 326 -23.56 43.40 -48.04
N GLU C 327 -23.99 43.93 -46.89
CA GLU C 327 -23.89 43.20 -45.62
C GLU C 327 -24.94 42.09 -45.54
N ILE C 328 -26.19 42.43 -45.78
CA ILE C 328 -27.33 41.53 -45.57
C ILE C 328 -27.65 40.66 -46.79
N ASN C 329 -27.57 41.26 -47.98
CA ASN C 329 -27.89 40.58 -49.25
C ASN C 329 -29.32 40.04 -49.27
N MET C 330 -30.30 40.88 -49.02
CA MET C 330 -31.69 40.48 -49.13
C MET C 330 -32.05 40.50 -50.61
N PRO C 331 -32.42 39.34 -51.18
CA PRO C 331 -32.96 39.38 -52.53
C PRO C 331 -34.23 40.20 -52.48
N GLN C 332 -34.56 40.87 -53.58
CA GLN C 332 -35.79 41.66 -53.61
C GLN C 332 -36.97 40.72 -53.38
N GLN C 333 -38.08 41.25 -52.88
CA GLN C 333 -39.21 40.42 -52.47
C GLN C 333 -39.61 39.36 -53.53
N LYS C 334 -39.59 39.78 -54.79
CA LYS C 334 -39.86 38.89 -55.93
C LYS C 334 -38.86 37.74 -56.07
N ASP C 335 -37.62 37.96 -55.63
CA ASP C 335 -36.57 36.94 -55.70
C ASP C 335 -36.51 36.03 -54.47
N ILE C 336 -37.18 36.42 -53.39
CA ILE C 336 -37.28 35.57 -52.21
C ILE C 336 -38.24 34.41 -52.48
N THR C 337 -37.73 33.19 -52.28
CA THR C 337 -38.51 31.97 -52.51
C THR C 337 -38.15 30.88 -51.49
N THR C 338 -38.95 29.83 -51.45
CA THR C 338 -38.64 28.66 -50.62
C THR C 338 -38.03 27.56 -51.46
N LEU C 339 -37.13 26.80 -50.85
CA LEU C 339 -36.52 25.64 -51.47
C LEU C 339 -36.82 24.44 -50.60
N GLY C 340 -37.53 23.47 -51.16
CA GLY C 340 -37.91 22.28 -50.42
C GLY C 340 -38.80 22.60 -49.23
N TYR C 341 -38.73 21.72 -48.23
CA TYR C 341 -39.54 21.82 -47.03
C TYR C 341 -38.68 21.53 -45.79
N ALA C 342 -38.96 22.27 -44.71
CA ALA C 342 -38.23 22.12 -43.47
C ALA C 342 -39.17 21.91 -42.29
N ILE C 343 -38.79 21.00 -41.41
CA ILE C 343 -39.57 20.66 -40.22
C ILE C 343 -38.68 20.88 -38.99
N GLN C 344 -39.30 21.31 -37.89
CA GLN C 344 -38.62 21.37 -36.59
C GLN C 344 -39.46 20.69 -35.53
N CYS C 345 -38.77 20.12 -34.55
CA CYS C 345 -39.37 19.72 -33.27
C CYS C 345 -38.36 19.93 -32.15
N ARG C 346 -38.87 20.17 -30.95
CA ARG C 346 -38.04 20.43 -29.78
C ARG C 346 -38.05 19.25 -28.84
N ILE C 347 -36.87 18.73 -28.50
CA ILE C 347 -36.74 17.64 -27.53
C ILE C 347 -36.71 18.18 -26.10
N THR C 348 -37.63 17.69 -25.27
CA THR C 348 -37.74 18.12 -23.88
C THR C 348 -37.74 16.93 -22.92
N THR C 349 -37.66 17.23 -21.62
CA THR C 349 -37.70 16.21 -20.58
C THR C 349 -39.14 15.84 -20.21
N GLU C 350 -40.09 16.26 -21.03
CA GLU C 350 -41.52 16.03 -20.80
C GLU C 350 -41.90 14.55 -20.95
N ASP C 351 -42.24 13.92 -19.84
CA ASP C 351 -42.66 12.52 -19.82
C ASP C 351 -44.08 12.39 -20.37
N PRO C 352 -44.22 11.87 -21.62
CA PRO C 352 -45.50 11.84 -22.34
C PRO C 352 -46.50 10.84 -21.78
N LEU C 353 -46.01 9.90 -20.99
CA LEU C 353 -46.85 8.91 -20.31
C LEU C 353 -47.37 9.48 -18.98
N ASN C 354 -46.74 10.57 -18.54
CA ASN C 354 -47.12 11.26 -17.31
C ASN C 354 -47.47 12.72 -17.56
N ASP C 355 -48.52 12.93 -18.36
CA ASP C 355 -49.10 14.24 -18.64
C ASP C 355 -48.09 15.34 -19.00
N PHE C 356 -46.99 14.93 -19.64
CA PHE C 356 -45.91 15.82 -20.09
C PHE C 356 -45.24 16.60 -18.96
N MET C 357 -44.83 15.86 -17.93
CA MET C 357 -44.09 16.39 -16.80
C MET C 357 -42.61 16.57 -17.13
N PRO C 358 -42.09 17.81 -17.03
CA PRO C 358 -40.66 18.04 -17.24
C PRO C 358 -39.83 17.41 -16.12
N ASP C 359 -39.44 16.15 -16.31
CA ASP C 359 -38.61 15.40 -15.37
C ASP C 359 -37.24 16.07 -15.20
N THR C 360 -36.67 15.92 -14.00
CA THR C 360 -35.38 16.50 -13.66
C THR C 360 -34.34 15.41 -13.41
N GLY C 361 -33.09 15.82 -13.21
CA GLY C 361 -32.01 14.90 -12.88
C GLY C 361 -30.71 15.20 -13.60
N THR C 362 -29.87 14.18 -13.71
CA THR C 362 -28.59 14.28 -14.40
C THR C 362 -28.66 13.47 -15.70
N ILE C 363 -27.93 13.92 -16.72
CA ILE C 363 -27.86 13.21 -17.99
C ILE C 363 -26.58 12.39 -18.08
N ILE C 364 -26.73 11.06 -18.01
CA ILE C 364 -25.57 10.15 -17.93
C ILE C 364 -24.92 9.88 -19.29
N ALA C 365 -25.66 10.11 -20.36
CA ALA C 365 -25.15 10.00 -21.73
C ALA C 365 -26.03 10.75 -22.73
N TYR C 366 -25.39 11.34 -23.74
CA TYR C 366 -26.07 12.10 -24.78
C TYR C 366 -25.42 11.84 -26.15
N ARG C 367 -26.17 11.20 -27.04
CA ARG C 367 -25.73 10.96 -28.42
C ARG C 367 -26.73 11.50 -29.44
N SER C 368 -26.39 12.63 -30.07
CA SER C 368 -27.21 13.19 -31.15
C SER C 368 -26.78 12.62 -32.50
N SER C 369 -27.56 12.89 -33.54
CA SER C 369 -27.28 12.35 -34.88
C SER C 369 -26.33 13.23 -35.72
N GLY C 370 -26.90 14.18 -36.45
CA GLY C 370 -26.17 14.94 -37.47
C GLY C 370 -26.55 14.42 -38.86
N GLY C 371 -25.78 14.80 -39.88
CA GLY C 371 -26.05 14.41 -41.26
C GLY C 371 -26.50 15.58 -42.11
N PHE C 372 -26.45 15.41 -43.43
CA PHE C 372 -26.82 16.48 -44.36
C PHE C 372 -28.28 16.90 -44.22
N GLY C 373 -28.50 18.22 -44.13
CA GLY C 373 -29.84 18.78 -44.01
C GLY C 373 -30.43 18.59 -42.63
N VAL C 374 -29.56 18.26 -41.68
CA VAL C 374 -29.93 18.12 -40.27
C VAL C 374 -29.16 19.15 -39.46
N ARG C 375 -29.89 20.02 -38.75
CA ARG C 375 -29.26 20.97 -37.85
C ARG C 375 -29.68 20.70 -36.41
N LEU C 376 -28.68 20.56 -35.54
CA LEU C 376 -28.93 20.30 -34.13
C LEU C 376 -28.58 21.49 -33.25
N ASP C 377 -29.62 22.16 -32.75
CA ASP C 377 -29.43 23.29 -31.84
C ASP C 377 -29.51 22.82 -30.39
N ALA C 378 -28.33 22.55 -29.81
CA ALA C 378 -28.23 21.99 -28.46
C ALA C 378 -28.49 23.04 -27.38
N GLY C 379 -29.32 22.66 -26.41
CA GLY C 379 -29.67 23.50 -25.27
C GLY C 379 -29.14 22.91 -23.98
N ASP C 380 -29.97 22.12 -23.32
CA ASP C 380 -29.59 21.46 -22.06
C ASP C 380 -29.11 20.02 -22.27
N GLY C 381 -29.12 19.57 -23.53
CA GLY C 381 -28.78 18.19 -23.86
C GLY C 381 -27.30 17.92 -24.04
N PHE C 382 -26.67 17.37 -23.00
CA PHE C 382 -25.26 16.94 -23.03
C PHE C 382 -24.89 16.04 -21.83
N GLN C 383 -23.64 15.62 -21.75
CA GLN C 383 -23.20 14.73 -20.67
C GLN C 383 -23.06 15.47 -19.33
N GLY C 384 -23.54 14.84 -18.26
CA GLY C 384 -23.46 15.38 -16.90
C GLY C 384 -24.13 16.72 -16.68
N ALA C 385 -25.34 16.87 -17.24
CA ALA C 385 -26.09 18.13 -17.14
C ALA C 385 -27.19 18.03 -16.09
N GLU C 386 -27.13 18.90 -15.09
CA GLU C 386 -28.14 18.92 -14.02
C GLU C 386 -29.33 19.79 -14.46
N ILE C 387 -30.38 19.14 -14.96
CA ILE C 387 -31.57 19.84 -15.46
C ILE C 387 -32.38 20.39 -14.28
N SER C 388 -32.41 21.71 -14.18
CA SER C 388 -33.12 22.40 -13.10
C SER C 388 -34.56 22.69 -13.51
N PRO C 389 -35.53 22.39 -12.61
CA PRO C 389 -36.94 22.55 -12.93
C PRO C 389 -37.35 24.01 -13.14
N TYR C 390 -36.40 24.93 -13.01
CA TYR C 390 -36.68 26.37 -13.02
C TYR C 390 -36.76 27.01 -14.41
N TYR C 391 -36.48 26.21 -15.45
CA TYR C 391 -36.49 26.70 -16.84
C TYR C 391 -37.37 25.83 -17.73
N ASP C 392 -37.57 26.28 -18.96
CA ASP C 392 -38.24 25.46 -19.98
C ASP C 392 -37.31 24.36 -20.46
N SER C 393 -37.84 23.14 -20.51
CA SER C 393 -37.03 21.91 -20.58
C SER C 393 -36.34 21.57 -21.90
N LEU C 394 -36.16 22.57 -22.77
CA LEU C 394 -35.53 22.38 -24.09
C LEU C 394 -34.14 21.71 -24.04
N LEU C 395 -34.11 20.42 -24.33
CA LEU C 395 -32.86 19.66 -24.44
C LEU C 395 -32.15 19.92 -25.76
N VAL C 396 -32.83 19.63 -26.87
CA VAL C 396 -32.34 19.92 -28.23
C VAL C 396 -33.45 20.32 -29.18
N LYS C 397 -33.13 21.29 -30.02
CA LYS C 397 -34.00 21.72 -31.10
C LYS C 397 -33.49 21.07 -32.39
N LEU C 398 -34.27 20.12 -32.91
CA LEU C 398 -33.90 19.32 -34.08
C LEU C 398 -34.64 19.78 -35.33
N SER C 399 -33.89 20.16 -36.37
CA SER C 399 -34.47 20.74 -37.58
C SER C 399 -33.96 20.09 -38.87
N THR C 400 -34.89 19.58 -39.67
CA THR C 400 -34.57 18.86 -40.90
C THR C 400 -35.08 19.56 -42.16
N HIS C 401 -34.44 19.28 -43.29
CA HIS C 401 -34.70 20.01 -44.53
C HIS C 401 -34.37 19.20 -45.80
N ALA C 402 -35.33 19.12 -46.72
CA ALA C 402 -35.18 18.43 -48.02
C ALA C 402 -36.24 18.90 -49.05
N ILE C 403 -36.05 18.60 -50.35
CA ILE C 403 -36.91 19.12 -51.43
C ILE C 403 -38.35 18.67 -51.36
N SER C 404 -38.61 17.64 -50.59
CA SER C 404 -39.97 17.22 -50.38
C SER C 404 -40.26 17.12 -48.89
N PHE C 405 -41.49 17.47 -48.53
CA PHE C 405 -41.99 17.31 -47.17
C PHE C 405 -41.68 15.92 -46.63
N LYS C 406 -42.06 14.89 -47.39
CA LYS C 406 -41.80 13.51 -46.98
C LYS C 406 -40.32 13.22 -46.74
N GLN C 407 -39.44 13.56 -47.69
CA GLN C 407 -38.01 13.35 -47.49
C GLN C 407 -37.53 14.03 -46.20
N ALA C 408 -38.00 15.24 -45.96
CA ALA C 408 -37.74 15.98 -44.71
C ALA C 408 -38.30 15.25 -43.48
N GLU C 409 -39.49 14.68 -43.62
CA GLU C 409 -40.10 13.85 -42.58
C GLU C 409 -39.30 12.57 -42.33
N GLU C 410 -38.73 12.00 -43.40
CA GLU C 410 -37.88 10.81 -43.30
C GLU C 410 -36.52 11.10 -42.63
N LYS C 411 -36.02 12.32 -42.78
CA LYS C 411 -34.79 12.73 -42.11
C LYS C 411 -35.05 12.90 -40.62
N MET C 412 -36.20 13.50 -40.32
CA MET C 412 -36.60 13.80 -38.97
C MET C 412 -36.77 12.53 -38.14
N VAL C 413 -37.56 11.59 -38.66
CA VAL C 413 -37.85 10.37 -37.92
C VAL C 413 -36.57 9.57 -37.64
N ARG C 414 -35.64 9.58 -38.61
CA ARG C 414 -34.38 8.87 -38.45
C ARG C 414 -33.51 9.50 -37.34
N SER C 415 -33.42 10.82 -37.35
CA SER C 415 -32.64 11.55 -36.35
C SER C 415 -33.16 11.33 -34.93
N LEU C 416 -34.48 11.41 -34.77
CA LEU C 416 -35.14 11.10 -33.51
C LEU C 416 -34.88 9.66 -33.10
N ARG C 417 -34.94 8.74 -34.05
CA ARG C 417 -34.66 7.33 -33.81
C ARG C 417 -33.21 7.09 -33.40
N GLU C 418 -32.29 7.86 -33.98
CA GLU C 418 -30.87 7.74 -33.66
C GLU C 418 -30.52 8.28 -32.28
N MET C 419 -31.14 9.41 -31.93
CA MET C 419 -30.85 10.05 -30.65
C MET C 419 -31.24 9.21 -29.45
N ARG C 420 -30.37 9.19 -28.46
CA ARG C 420 -30.59 8.39 -27.25
C ARG C 420 -30.07 9.16 -26.05
N ILE C 421 -31.01 9.78 -25.33
CA ILE C 421 -30.71 10.52 -24.12
C ILE C 421 -31.17 9.67 -22.93
N ARG C 422 -30.32 9.56 -21.91
CA ARG C 422 -30.59 8.66 -20.78
C ARG C 422 -30.31 9.27 -19.40
N GLY C 423 -31.07 8.81 -18.41
CA GLY C 423 -31.09 9.39 -17.07
C GLY C 423 -32.39 10.13 -16.81
N VAL C 424 -33.03 10.59 -17.90
CA VAL C 424 -34.31 11.28 -17.82
C VAL C 424 -35.23 10.88 -18.98
N LYS C 425 -36.53 10.85 -18.71
CA LYS C 425 -37.53 10.53 -19.73
C LYS C 425 -37.70 11.70 -20.70
N THR C 426 -37.92 11.39 -21.97
CA THR C 426 -38.00 12.42 -23.02
C THR C 426 -39.22 12.28 -23.90
N ASN C 427 -39.46 13.31 -24.72
CA ASN C 427 -40.58 13.34 -25.66
C ASN C 427 -40.25 12.68 -27.02
N ILE C 428 -39.05 12.12 -27.13
CA ILE C 428 -38.60 11.44 -28.35
C ILE C 428 -39.61 10.40 -28.90
N PRO C 429 -40.02 9.42 -28.07
CA PRO C 429 -40.95 8.40 -28.57
C PRO C 429 -42.27 9.00 -29.01
N PHE C 430 -42.59 10.19 -28.50
CA PHE C 430 -43.79 10.91 -28.90
C PHE C 430 -43.60 11.56 -30.27
N LEU C 431 -42.51 12.30 -30.42
CA LEU C 431 -42.22 13.01 -31.67
C LEU C 431 -42.11 12.04 -32.83
N ILE C 432 -41.46 10.90 -32.61
CA ILE C 432 -41.40 9.85 -33.61
C ILE C 432 -42.82 9.46 -34.08
N ASN C 433 -43.72 9.25 -33.12
CA ASN C 433 -45.10 8.88 -33.42
C ASN C 433 -45.88 9.95 -34.16
N VAL C 434 -45.54 11.21 -33.89
CA VAL C 434 -46.07 12.33 -34.65
C VAL C 434 -45.60 12.24 -36.11
N MET C 435 -44.29 12.12 -36.30
CA MET C 435 -43.70 12.11 -37.64
C MET C 435 -44.18 10.92 -38.45
N LYS C 436 -44.36 9.78 -37.79
CA LYS C 436 -44.77 8.55 -38.47
C LYS C 436 -46.26 8.54 -38.82
N ASN C 437 -47.04 9.40 -38.18
CA ASN C 437 -48.50 9.36 -38.31
C ASN C 437 -49.03 9.87 -39.65
N LYS C 438 -50.01 9.13 -40.19
CA LYS C 438 -50.59 9.35 -41.50
C LYS C 438 -51.11 10.78 -41.68
N LYS C 439 -51.85 11.26 -40.68
CA LYS C 439 -52.54 12.55 -40.73
C LYS C 439 -51.55 13.71 -40.85
N PHE C 440 -50.37 13.54 -40.27
CA PHE C 440 -49.33 14.56 -40.34
C PHE C 440 -48.70 14.61 -41.73
N THR C 441 -48.42 13.43 -42.28
CA THR C 441 -47.69 13.33 -43.55
C THR C 441 -48.45 13.88 -44.76
N SER C 442 -49.78 13.92 -44.68
CA SER C 442 -50.61 14.47 -45.74
C SER C 442 -50.56 16.00 -45.78
N GLY C 443 -50.35 16.61 -44.62
CA GLY C 443 -50.37 18.08 -44.50
C GLY C 443 -51.77 18.64 -44.33
N ASP C 444 -52.76 17.74 -44.28
CA ASP C 444 -54.14 18.13 -44.01
C ASP C 444 -54.49 18.12 -42.52
N TYR C 445 -53.55 18.54 -41.68
CA TYR C 445 -53.79 18.54 -40.25
C TYR C 445 -54.22 19.90 -39.73
N THR C 446 -55.04 19.90 -38.69
CA THR C 446 -55.45 21.11 -38.00
C THR C 446 -54.93 21.05 -36.56
N THR C 447 -55.21 22.09 -35.78
CA THR C 447 -54.79 22.13 -34.38
C THR C 447 -55.50 21.05 -33.53
N LYS C 448 -56.48 20.39 -34.13
CA LYS C 448 -57.19 19.28 -33.50
C LYS C 448 -56.46 17.94 -33.71
N PHE C 449 -55.40 17.96 -34.51
CA PHE C 449 -54.69 16.74 -34.89
C PHE C 449 -54.26 15.88 -33.70
N ILE C 450 -53.50 16.46 -32.77
CA ILE C 450 -52.97 15.71 -31.64
C ILE C 450 -54.06 15.06 -30.77
N GLU C 451 -55.12 15.80 -30.45
CA GLU C 451 -56.20 15.27 -29.60
C GLU C 451 -57.08 14.24 -30.29
N GLU C 452 -57.26 14.37 -31.60
CA GLU C 452 -58.06 13.43 -32.38
C GLU C 452 -57.31 12.12 -32.64
N THR C 453 -55.99 12.15 -32.45
CA THR C 453 -55.11 11.02 -32.69
C THR C 453 -54.64 10.40 -31.35
N PRO C 454 -55.31 9.32 -30.90
CA PRO C 454 -54.93 8.69 -29.64
C PRO C 454 -53.71 7.77 -29.76
N GLU C 455 -53.37 7.39 -31.00
CA GLU C 455 -52.26 6.46 -31.27
C GLU C 455 -50.87 7.12 -31.19
N LEU C 456 -50.84 8.44 -30.95
CA LEU C 456 -49.59 9.17 -30.71
C LEU C 456 -49.03 8.86 -29.33
N PHE C 457 -49.88 8.33 -28.46
CA PHE C 457 -49.50 8.00 -27.11
C PHE C 457 -49.31 6.48 -26.97
N ASP C 458 -49.28 5.80 -28.11
CA ASP C 458 -48.88 4.40 -28.15
C ASP C 458 -47.35 4.34 -28.03
N ILE C 459 -46.87 4.50 -26.80
CA ILE C 459 -45.44 4.54 -26.51
C ILE C 459 -45.05 3.39 -25.57
N GLN C 460 -44.06 2.61 -26.01
CA GLN C 460 -43.57 1.47 -25.25
C GLN C 460 -42.37 1.88 -24.38
N PRO C 461 -42.26 1.30 -23.16
CA PRO C 461 -41.06 1.50 -22.33
C PRO C 461 -39.80 1.10 -23.10
N SER C 462 -39.01 2.09 -23.50
CA SER C 462 -37.88 1.90 -24.41
C SER C 462 -36.77 1.03 -23.83
N LEU C 463 -36.57 -0.13 -24.46
CA LEU C 463 -35.50 -1.06 -24.09
C LEU C 463 -34.11 -0.46 -24.29
N ASP C 464 -33.14 -0.95 -23.53
CA ASP C 464 -31.78 -0.43 -23.56
C ASP C 464 -30.75 -1.44 -23.03
N ARG C 465 -30.30 -2.32 -23.92
CA ARG C 465 -29.34 -3.38 -23.59
C ARG C 465 -27.92 -2.85 -23.32
N GLY C 466 -27.42 -1.99 -24.22
CA GLY C 466 -26.05 -1.47 -24.16
C GLY C 466 -25.61 -0.96 -22.80
N THR C 467 -26.45 -0.15 -22.17
CA THR C 467 -26.15 0.41 -20.85
C THR C 467 -26.22 -0.66 -19.76
N LYS C 468 -27.26 -1.49 -19.81
CA LYS C 468 -27.46 -2.57 -18.83
C LYS C 468 -26.27 -3.53 -18.76
N THR C 469 -25.63 -3.76 -19.90
CA THR C 469 -24.43 -4.58 -19.96
C THR C 469 -23.24 -3.90 -19.26
N LEU C 470 -23.06 -2.61 -19.53
CA LEU C 470 -22.00 -1.83 -18.90
C LEU C 470 -22.15 -1.77 -17.39
N GLU C 471 -23.41 -1.76 -16.92
CA GLU C 471 -23.71 -1.76 -15.50
C GLU C 471 -23.34 -3.08 -14.83
N TYR C 472 -23.42 -4.18 -15.58
CA TYR C 472 -23.08 -5.48 -15.04
C TYR C 472 -21.59 -5.68 -14.94
N ILE C 473 -20.88 -5.42 -16.04
CA ILE C 473 -19.43 -5.50 -16.06
C ILE C 473 -18.88 -4.53 -15.04
N GLY C 474 -19.49 -3.34 -15.01
CA GLY C 474 -19.16 -2.33 -14.02
C GLY C 474 -19.17 -2.85 -12.60
N ASN C 475 -20.24 -3.57 -12.25
CA ASN C 475 -20.42 -4.11 -10.91
C ASN C 475 -19.43 -5.23 -10.55
N VAL C 476 -19.31 -6.22 -11.42
CA VAL C 476 -18.40 -7.36 -11.18
C VAL C 476 -16.91 -6.94 -11.10
N THR C 477 -16.53 -5.96 -11.90
CA THR C 477 -15.17 -5.45 -11.89
C THR C 477 -14.82 -4.83 -10.53
N ILE C 478 -15.74 -4.06 -9.98
CA ILE C 478 -15.56 -3.37 -8.70
C ILE C 478 -15.91 -4.24 -7.49
N ASN C 479 -17.12 -4.77 -7.46
CA ASN C 479 -17.63 -5.53 -6.32
C ASN C 479 -17.47 -7.06 -6.41
N GLY C 480 -17.16 -7.57 -7.60
CA GLY C 480 -16.88 -9.00 -7.78
C GLY C 480 -18.07 -9.94 -7.86
N PHE C 481 -17.78 -11.22 -8.05
CA PHE C 481 -18.78 -12.28 -8.23
C PHE C 481 -18.90 -13.18 -6.98
N PRO C 482 -20.14 -13.65 -6.67
CA PRO C 482 -20.36 -14.68 -5.63
C PRO C 482 -19.51 -15.95 -5.80
N ASN C 483 -18.94 -16.43 -4.70
CA ASN C 483 -18.03 -17.59 -4.66
C ASN C 483 -17.03 -17.79 -5.83
N VAL C 484 -16.46 -16.68 -6.26
CA VAL C 484 -15.39 -16.65 -7.26
C VAL C 484 -14.31 -15.74 -6.69
N GLU C 485 -13.07 -16.23 -6.64
CA GLU C 485 -12.00 -15.54 -5.90
C GLU C 485 -11.72 -14.13 -6.43
N LYS C 486 -12.27 -13.14 -5.72
CA LYS C 486 -12.14 -11.74 -6.10
C LYS C 486 -10.68 -11.37 -6.36
N ARG C 487 -10.28 -11.46 -7.62
CA ARG C 487 -8.89 -11.24 -8.03
C ARG C 487 -8.86 -10.53 -9.38
N PRO C 488 -7.66 -10.16 -9.87
CA PRO C 488 -7.56 -9.64 -11.25
C PRO C 488 -8.11 -10.63 -12.28
N LYS C 489 -8.47 -10.14 -13.47
CA LYS C 489 -8.90 -11.00 -14.57
C LYS C 489 -7.77 -11.99 -14.92
N PRO C 490 -7.96 -13.27 -14.60
CA PRO C 490 -6.87 -14.23 -14.77
C PRO C 490 -6.47 -14.29 -16.23
N ASP C 491 -5.17 -14.50 -16.48
CA ASP C 491 -4.70 -14.72 -17.83
C ASP C 491 -5.22 -16.07 -18.30
N TYR C 492 -5.83 -16.08 -19.49
CA TYR C 492 -6.32 -17.29 -20.13
C TYR C 492 -5.67 -17.46 -21.48
N GLU C 493 -5.45 -18.71 -21.88
CA GLU C 493 -4.93 -19.01 -23.21
C GLU C 493 -6.02 -18.86 -24.26
N LEU C 494 -5.69 -18.25 -25.39
CA LEU C 494 -6.64 -18.09 -26.48
C LEU C 494 -7.05 -19.48 -26.99
N ALA C 495 -8.35 -19.68 -27.12
CA ALA C 495 -8.88 -20.94 -27.65
C ALA C 495 -9.12 -20.83 -29.16
N SER C 496 -8.74 -21.86 -29.88
CA SER C 496 -9.04 -21.95 -31.30
C SER C 496 -10.32 -22.75 -31.44
N ILE C 497 -11.44 -22.03 -31.46
CA ILE C 497 -12.76 -22.65 -31.50
C ILE C 497 -13.04 -23.23 -32.89
N PRO C 498 -13.00 -24.57 -33.00
CA PRO C 498 -13.27 -25.26 -34.27
C PRO C 498 -14.70 -25.03 -34.74
N THR C 499 -14.83 -24.82 -36.04
CA THR C 499 -16.11 -24.51 -36.68
C THR C 499 -16.43 -25.50 -37.78
N VAL C 500 -17.73 -25.73 -38.00
CA VAL C 500 -18.23 -26.43 -39.17
C VAL C 500 -19.33 -25.58 -39.79
N SER C 501 -19.34 -25.50 -41.13
CA SER C 501 -20.34 -24.75 -41.89
C SER C 501 -21.76 -25.24 -41.60
N SER C 502 -22.66 -24.29 -41.34
CA SER C 502 -24.05 -24.61 -40.97
C SER C 502 -24.84 -25.29 -42.08
N SER C 503 -24.54 -24.91 -43.32
CA SER C 503 -25.12 -25.59 -44.48
C SER C 503 -24.60 -27.03 -44.61
N LYS C 504 -23.36 -27.25 -44.20
CA LYS C 504 -22.82 -28.61 -44.11
C LYS C 504 -23.59 -29.40 -43.05
N ILE C 505 -23.78 -28.77 -41.88
CA ILE C 505 -24.57 -29.37 -40.80
C ILE C 505 -25.92 -29.87 -41.31
N ALA C 506 -26.66 -28.99 -41.99
CA ALA C 506 -27.98 -29.30 -42.54
C ALA C 506 -27.99 -30.51 -43.49
N SER C 507 -26.84 -30.85 -44.07
CA SER C 507 -26.77 -31.97 -45.02
C SER C 507 -26.65 -33.34 -44.34
N PHE C 508 -26.48 -33.33 -43.03
CA PHE C 508 -26.32 -34.56 -42.27
C PHE C 508 -27.66 -35.23 -42.01
N SER C 509 -27.61 -36.54 -41.81
CA SER C 509 -28.78 -37.31 -41.47
C SER C 509 -28.46 -38.15 -40.26
N GLY C 510 -28.85 -37.65 -39.10
CA GLY C 510 -28.53 -38.29 -37.84
C GLY C 510 -29.71 -39.00 -37.21
N THR C 511 -29.53 -39.34 -35.94
CA THR C 511 -30.53 -40.06 -35.16
C THR C 511 -31.78 -39.21 -34.91
N LYS C 512 -31.67 -37.90 -35.08
CA LYS C 512 -32.82 -37.02 -34.98
C LYS C 512 -33.76 -37.24 -36.14
N GLN C 513 -33.24 -37.21 -37.37
CA GLN C 513 -34.06 -37.43 -38.57
C GLN C 513 -34.66 -38.82 -38.49
N LEU C 514 -33.87 -39.76 -37.96
CA LEU C 514 -34.33 -41.14 -37.76
C LEU C 514 -35.66 -41.17 -37.00
N LEU C 515 -35.72 -40.43 -35.89
CA LEU C 515 -36.93 -40.33 -35.08
C LEU C 515 -38.11 -39.73 -35.87
N ASP C 516 -37.85 -38.64 -36.57
CA ASP C 516 -38.86 -37.99 -37.40
C ASP C 516 -39.39 -38.93 -38.50
N GLU C 517 -38.58 -39.92 -38.86
CA GLU C 517 -38.89 -40.86 -39.93
C GLU C 517 -39.65 -42.10 -39.48
N VAL C 518 -39.14 -42.77 -38.45
CA VAL C 518 -39.67 -44.07 -38.02
C VAL C 518 -40.25 -44.07 -36.61
N GLY C 519 -40.17 -42.91 -35.93
CA GLY C 519 -40.71 -42.77 -34.57
C GLY C 519 -39.87 -43.42 -33.49
N PRO C 520 -40.26 -43.22 -32.21
CA PRO C 520 -39.52 -43.75 -31.05
C PRO C 520 -39.43 -45.28 -31.05
N LYS C 521 -40.53 -45.95 -31.37
CA LYS C 521 -40.54 -47.41 -31.44
C LYS C 521 -39.45 -47.93 -32.38
N GLY C 522 -39.34 -47.29 -33.55
CA GLY C 522 -38.36 -47.64 -34.58
C GLY C 522 -36.91 -47.35 -34.22
N VAL C 523 -36.69 -46.35 -33.37
CA VAL C 523 -35.32 -45.99 -32.97
C VAL C 523 -34.70 -47.11 -32.13
N ALA C 524 -35.45 -47.59 -31.15
CA ALA C 524 -35.03 -48.73 -30.34
C ALA C 524 -34.76 -49.96 -31.21
N GLU C 525 -35.62 -50.16 -32.20
CA GLU C 525 -35.45 -51.21 -33.19
C GLU C 525 -34.12 -51.07 -33.92
N TRP C 526 -33.87 -49.87 -34.43
CA TRP C 526 -32.66 -49.56 -35.17
C TRP C 526 -31.40 -49.71 -34.30
N VAL C 527 -31.50 -49.30 -33.05
CA VAL C 527 -30.39 -49.41 -32.09
C VAL C 527 -29.98 -50.88 -31.93
N LYS C 528 -30.96 -51.76 -31.88
CA LYS C 528 -30.73 -53.20 -31.75
C LYS C 528 -29.93 -53.76 -32.92
N LYS C 529 -30.19 -53.24 -34.11
CA LYS C 529 -29.54 -53.70 -35.34
C LYS C 529 -28.08 -53.25 -35.46
N GLN C 530 -27.72 -52.20 -34.73
CA GLN C 530 -26.37 -51.65 -34.79
C GLN C 530 -25.39 -52.46 -33.95
N ASP C 531 -24.37 -53.00 -34.61
CA ASP C 531 -23.40 -53.87 -33.95
C ASP C 531 -22.28 -53.07 -33.29
N ASP C 532 -22.08 -51.85 -33.76
CA ASP C 532 -21.16 -50.92 -33.10
C ASP C 532 -21.68 -50.58 -31.71
N VAL C 533 -20.85 -49.88 -30.94
CA VAL C 533 -21.29 -49.34 -29.67
C VAL C 533 -21.67 -47.90 -29.92
N LEU C 534 -22.91 -47.58 -29.59
CA LEU C 534 -23.45 -46.26 -29.80
C LEU C 534 -23.12 -45.39 -28.60
N LEU C 535 -22.93 -44.10 -28.87
CA LEU C 535 -22.37 -43.18 -27.89
C LEU C 535 -23.36 -42.09 -27.50
N THR C 536 -23.50 -41.88 -26.20
CA THR C 536 -24.24 -40.72 -25.69
C THR C 536 -23.26 -39.80 -24.98
N ASP C 537 -23.16 -38.56 -25.46
CA ASP C 537 -22.25 -37.61 -24.86
C ASP C 537 -22.87 -36.83 -23.69
N THR C 538 -22.09 -36.66 -22.64
CA THR C 538 -22.56 -35.99 -21.43
C THR C 538 -21.79 -34.70 -21.11
N THR C 539 -20.87 -34.30 -21.99
CA THR C 539 -20.07 -33.09 -21.78
C THR C 539 -20.95 -31.89 -21.49
N PHE C 540 -22.05 -31.75 -22.24
CA PHE C 540 -22.97 -30.62 -22.09
C PHE C 540 -23.87 -30.66 -20.84
N ARG C 541 -23.92 -31.80 -20.16
CA ARG C 541 -24.71 -31.91 -18.92
C ARG C 541 -23.91 -32.59 -17.80
N ASP C 542 -23.97 -33.93 -17.75
CA ASP C 542 -23.46 -34.67 -16.60
C ASP C 542 -21.98 -34.48 -16.29
N ALA C 543 -21.16 -34.25 -17.30
CA ALA C 543 -19.73 -34.13 -17.08
C ALA C 543 -19.40 -32.97 -16.13
N HIS C 544 -19.91 -31.78 -16.45
CA HIS C 544 -19.61 -30.61 -15.64
C HIS C 544 -20.48 -30.52 -14.37
N GLN C 545 -21.62 -31.23 -14.37
CA GLN C 545 -22.39 -31.36 -13.15
C GLN C 545 -21.55 -32.16 -12.16
N SER C 546 -20.80 -33.12 -12.69
CA SER C 546 -19.96 -33.98 -11.88
C SER C 546 -18.66 -33.30 -11.46
N LEU C 547 -18.17 -32.36 -12.29
CA LEU C 547 -16.83 -31.79 -12.09
C LEU C 547 -16.76 -30.33 -11.69
N LEU C 548 -17.74 -29.54 -12.13
CA LEU C 548 -17.64 -28.09 -12.00
C LEU C 548 -18.90 -27.48 -11.40
N ALA C 549 -19.49 -28.20 -10.45
CA ALA C 549 -20.69 -27.76 -9.74
C ALA C 549 -21.80 -27.33 -10.69
N THR C 550 -21.77 -27.89 -11.91
CA THR C 550 -22.75 -27.61 -12.97
C THR C 550 -22.74 -26.17 -13.50
N ARG C 551 -21.62 -25.48 -13.36
CA ARG C 551 -21.58 -24.04 -13.68
C ARG C 551 -21.23 -23.68 -15.14
N VAL C 552 -21.22 -24.66 -16.04
CA VAL C 552 -20.86 -24.38 -17.43
C VAL C 552 -22.01 -23.68 -18.15
N ARG C 553 -21.69 -22.57 -18.80
CA ARG C 553 -22.68 -21.66 -19.36
C ARG C 553 -23.02 -21.99 -20.81
N THR C 554 -24.21 -21.55 -21.21
CA THR C 554 -24.68 -21.65 -22.59
C THR C 554 -23.57 -21.25 -23.58
N LYS C 555 -23.03 -20.04 -23.42
CA LYS C 555 -22.00 -19.50 -24.32
C LYS C 555 -20.91 -20.50 -24.74
N ASP C 556 -20.41 -21.26 -23.77
CA ASP C 556 -19.31 -22.19 -24.00
C ASP C 556 -19.75 -23.44 -24.76
N MET C 557 -21.05 -23.71 -24.76
CA MET C 557 -21.60 -24.81 -25.53
C MET C 557 -21.91 -24.30 -26.94
N ILE C 558 -22.64 -23.19 -27.00
CA ILE C 558 -22.93 -22.52 -28.26
C ILE C 558 -21.70 -22.48 -29.16
N ASN C 559 -20.58 -22.02 -28.60
CA ASN C 559 -19.35 -21.84 -29.38
C ASN C 559 -18.84 -23.08 -30.12
N ILE C 560 -19.01 -24.27 -29.58
CA ILE C 560 -18.62 -25.51 -30.29
C ILE C 560 -19.75 -26.46 -30.66
N ALA C 561 -20.98 -25.96 -30.67
CA ALA C 561 -22.12 -26.77 -31.06
C ALA C 561 -21.90 -27.28 -32.49
N SER C 562 -21.54 -26.35 -33.37
CA SER C 562 -21.23 -26.62 -34.77
C SER C 562 -20.26 -27.79 -34.92
N LYS C 563 -19.12 -27.72 -34.25
CA LYS C 563 -18.14 -28.81 -34.29
C LYS C 563 -18.71 -30.06 -33.64
N THR C 564 -19.41 -29.89 -32.51
CA THR C 564 -20.05 -31.00 -31.80
C THR C 564 -21.02 -31.74 -32.71
N ALA C 565 -21.85 -30.99 -33.45
CA ALA C 565 -22.82 -31.56 -34.39
C ALA C 565 -22.14 -32.50 -35.38
N ASP C 566 -20.96 -32.09 -35.85
CA ASP C 566 -20.17 -32.87 -36.79
C ASP C 566 -19.53 -34.08 -36.11
N VAL C 567 -18.74 -33.83 -35.07
CA VAL C 567 -18.04 -34.89 -34.34
C VAL C 567 -18.97 -36.03 -33.94
N PHE C 568 -20.18 -35.69 -33.50
CA PHE C 568 -21.14 -36.67 -32.99
C PHE C 568 -22.28 -37.02 -33.96
N LYS C 569 -22.09 -36.74 -35.26
CA LYS C 569 -23.11 -37.01 -36.26
C LYS C 569 -23.60 -38.46 -36.17
N ASP C 570 -22.68 -39.35 -35.80
CA ASP C 570 -22.97 -40.78 -35.68
C ASP C 570 -23.28 -41.17 -34.24
N GLY C 571 -23.24 -40.19 -33.35
CA GLY C 571 -23.65 -40.41 -31.97
C GLY C 571 -25.11 -40.79 -31.87
N PHE C 572 -25.50 -41.39 -30.75
CA PHE C 572 -26.89 -41.73 -30.49
C PHE C 572 -27.69 -40.52 -30.00
N SER C 573 -27.25 -39.94 -28.89
CA SER C 573 -27.90 -38.75 -28.36
C SER C 573 -26.88 -37.86 -27.69
N LEU C 574 -27.23 -36.60 -27.48
CA LEU C 574 -26.43 -35.69 -26.66
C LEU C 574 -27.19 -35.38 -25.39
N GLU C 575 -26.63 -35.76 -24.24
CA GLU C 575 -27.23 -35.39 -22.96
C GLU C 575 -26.87 -33.96 -22.70
N MET C 576 -27.82 -33.05 -22.92
CA MET C 576 -27.51 -31.62 -22.82
C MET C 576 -28.49 -30.84 -21.95
N TRP C 577 -29.38 -31.53 -21.24
CA TRP C 577 -30.41 -30.85 -20.46
C TRP C 577 -30.87 -31.65 -19.24
N GLY C 578 -31.61 -30.99 -18.35
CA GLY C 578 -32.19 -31.65 -17.20
C GLY C 578 -31.18 -31.81 -16.08
N GLY C 579 -31.41 -32.80 -15.23
CA GLY C 579 -30.59 -32.98 -14.03
C GLY C 579 -30.62 -31.70 -13.21
N ALA C 580 -29.46 -31.14 -12.92
CA ALA C 580 -29.38 -29.95 -12.09
C ALA C 580 -29.11 -28.66 -12.89
N THR C 581 -29.07 -28.79 -14.21
CA THR C 581 -28.79 -27.65 -15.09
C THR C 581 -29.92 -26.63 -15.09
N PHE C 582 -31.15 -27.11 -14.93
CA PHE C 582 -32.33 -26.24 -14.88
C PHE C 582 -32.24 -25.24 -13.73
N ASP C 583 -32.03 -25.78 -12.53
CA ASP C 583 -31.80 -24.95 -11.33
C ASP C 583 -30.63 -24.00 -11.59
N VAL C 584 -29.46 -24.57 -11.80
CA VAL C 584 -28.20 -23.82 -11.92
C VAL C 584 -28.25 -22.67 -12.94
N ALA C 585 -28.91 -22.89 -14.07
CA ALA C 585 -28.97 -21.89 -15.14
C ALA C 585 -29.76 -20.66 -14.70
N TYR C 586 -31.01 -20.86 -14.29
CA TYR C 586 -31.84 -19.78 -13.75
C TYR C 586 -31.22 -19.15 -12.50
N ASN C 587 -30.55 -19.98 -11.72
CA ASN C 587 -30.15 -19.64 -10.35
C ASN C 587 -28.78 -18.97 -10.25
N PHE C 588 -27.73 -19.71 -10.59
CA PHE C 588 -26.38 -19.20 -10.45
C PHE C 588 -25.92 -18.41 -11.67
N LEU C 589 -26.12 -18.99 -12.84
CA LEU C 589 -25.65 -18.40 -14.08
C LEU C 589 -26.57 -17.28 -14.58
N LYS C 590 -27.72 -17.13 -13.91
CA LYS C 590 -28.77 -16.19 -14.30
C LYS C 590 -28.93 -16.16 -15.83
N GLU C 591 -29.18 -17.34 -16.41
CA GLU C 591 -29.46 -17.48 -17.83
C GLU C 591 -30.60 -18.47 -18.00
N ASN C 592 -31.35 -18.36 -19.09
CA ASN C 592 -32.50 -19.23 -19.32
C ASN C 592 -32.09 -20.60 -19.88
N PRO C 593 -32.42 -21.69 -19.15
CA PRO C 593 -32.13 -23.03 -19.67
C PRO C 593 -32.97 -23.39 -20.90
N TRP C 594 -34.07 -22.68 -21.11
CA TRP C 594 -34.88 -22.86 -22.32
C TRP C 594 -34.14 -22.31 -23.53
N GLU C 595 -33.54 -21.14 -23.38
CA GLU C 595 -32.75 -20.50 -24.42
C GLU C 595 -31.50 -21.31 -24.78
N ARG C 596 -30.96 -22.04 -23.81
CA ARG C 596 -29.83 -22.94 -24.04
C ARG C 596 -30.30 -24.12 -24.90
N LEU C 597 -31.45 -24.66 -24.54
CA LEU C 597 -32.02 -25.79 -25.26
C LEU C 597 -32.25 -25.40 -26.71
N GLU C 598 -33.07 -24.37 -26.91
CA GLU C 598 -33.49 -23.93 -28.24
C GLU C 598 -32.31 -23.62 -29.15
N ARG C 599 -31.39 -22.80 -28.66
CA ARG C 599 -30.21 -22.43 -29.41
C ARG C 599 -29.33 -23.62 -29.77
N LEU C 600 -29.20 -24.59 -28.88
CA LEU C 600 -28.41 -25.79 -29.15
C LEU C 600 -29.12 -26.68 -30.17
N ARG C 601 -30.44 -26.75 -30.06
CA ARG C 601 -31.25 -27.47 -31.02
C ARG C 601 -31.01 -26.90 -32.43
N LYS C 602 -31.29 -25.61 -32.61
CA LYS C 602 -31.09 -24.96 -33.91
C LYS C 602 -29.68 -25.26 -34.46
N ALA C 603 -28.68 -25.19 -33.61
CA ALA C 603 -27.30 -25.41 -34.02
C ALA C 603 -26.96 -26.88 -34.29
N ILE C 604 -27.65 -27.79 -33.60
CA ILE C 604 -27.40 -29.23 -33.73
C ILE C 604 -28.69 -30.01 -34.11
N PRO C 605 -29.18 -29.82 -35.35
CA PRO C 605 -30.43 -30.48 -35.77
C PRO C 605 -30.34 -31.96 -36.13
N ASN C 606 -29.18 -32.58 -35.92
CA ASN C 606 -28.94 -33.94 -36.39
C ASN C 606 -28.94 -35.05 -35.33
N VAL C 607 -28.39 -34.76 -34.15
CA VAL C 607 -28.31 -35.79 -33.11
C VAL C 607 -29.46 -35.66 -32.13
N LEU C 608 -29.92 -36.79 -31.61
CA LEU C 608 -30.97 -36.80 -30.59
C LEU C 608 -30.51 -36.02 -29.37
N PHE C 609 -31.41 -35.20 -28.84
CA PHE C 609 -31.13 -34.51 -27.59
C PHE C 609 -31.73 -35.33 -26.45
N GLN C 610 -30.91 -35.58 -25.43
CA GLN C 610 -31.32 -36.39 -24.28
C GLN C 610 -31.25 -35.56 -23.01
N MET C 611 -32.26 -35.73 -22.16
CA MET C 611 -32.30 -35.01 -20.89
C MET C 611 -32.65 -35.93 -19.73
N LEU C 612 -32.06 -35.68 -18.56
CA LEU C 612 -32.33 -36.47 -17.36
C LEU C 612 -33.59 -35.96 -16.66
N LEU C 613 -34.51 -36.88 -16.37
CA LEU C 613 -35.81 -36.52 -15.80
C LEU C 613 -36.18 -37.36 -14.57
N ARG C 614 -36.23 -36.70 -13.41
CA ARG C 614 -36.43 -37.38 -12.13
C ARG C 614 -37.89 -37.79 -11.89
N ALA C 615 -38.28 -38.94 -12.43
CA ALA C 615 -39.67 -39.44 -12.32
C ALA C 615 -40.67 -38.31 -12.02
N SER C 616 -41.30 -38.34 -10.85
CA SER C 616 -42.32 -37.32 -10.51
C SER C 616 -41.74 -36.06 -9.86
N ASN C 617 -40.42 -36.02 -9.71
CA ASN C 617 -39.74 -34.83 -9.22
C ASN C 617 -39.35 -33.93 -10.38
N ALA C 618 -39.38 -34.49 -11.58
CA ALA C 618 -39.05 -33.79 -12.82
C ALA C 618 -37.66 -33.21 -12.79
N VAL C 619 -37.57 -31.95 -12.38
CA VAL C 619 -36.31 -31.25 -12.33
C VAL C 619 -36.19 -30.48 -11.01
N GLY C 620 -37.19 -30.66 -10.15
CA GLY C 620 -37.22 -30.05 -8.82
C GLY C 620 -36.57 -30.93 -7.77
N TYR C 621 -37.13 -30.93 -6.56
CA TYR C 621 -36.56 -31.69 -5.43
C TYR C 621 -37.60 -32.50 -4.60
N LYS C 622 -38.88 -32.32 -4.93
CA LYS C 622 -39.96 -33.15 -4.37
C LYS C 622 -41.01 -33.43 -5.47
N ASN C 623 -42.00 -34.25 -5.14
CA ASN C 623 -43.08 -34.58 -6.08
C ASN C 623 -44.03 -33.40 -6.35
N TYR C 624 -44.38 -33.23 -7.62
CA TYR C 624 -45.35 -32.21 -8.03
C TYR C 624 -46.66 -32.90 -8.39
N PRO C 625 -47.80 -32.16 -8.32
CA PRO C 625 -49.05 -32.68 -8.85
C PRO C 625 -48.89 -33.09 -10.31
N ASP C 626 -49.55 -34.18 -10.70
CA ASP C 626 -49.33 -34.81 -12.00
C ASP C 626 -49.39 -33.90 -13.22
N ASN C 627 -50.30 -32.94 -13.20
CA ASN C 627 -50.48 -32.03 -14.33
C ASN C 627 -49.21 -31.25 -14.69
N VAL C 628 -48.36 -31.01 -13.69
CA VAL C 628 -47.10 -30.27 -13.87
C VAL C 628 -46.09 -31.09 -14.66
N ILE C 629 -45.97 -32.37 -14.33
CA ILE C 629 -45.03 -33.29 -15.00
C ILE C 629 -45.36 -33.41 -16.49
N HIS C 630 -46.65 -33.61 -16.79
CA HIS C 630 -47.13 -33.62 -18.16
C HIS C 630 -46.79 -32.31 -18.88
N LYS C 631 -47.05 -31.18 -18.23
CA LYS C 631 -46.82 -29.89 -18.85
C LYS C 631 -45.35 -29.69 -19.15
N PHE C 632 -44.50 -30.03 -18.19
CA PHE C 632 -43.06 -29.92 -18.35
C PHE C 632 -42.61 -30.76 -19.54
N VAL C 633 -42.99 -32.04 -19.56
CA VAL C 633 -42.57 -32.93 -20.64
C VAL C 633 -43.05 -32.42 -22.00
N GLN C 634 -44.27 -31.90 -22.03
CA GLN C 634 -44.83 -31.30 -23.25
C GLN C 634 -43.93 -30.20 -23.82
N GLU C 635 -43.52 -29.27 -22.96
CA GLU C 635 -42.71 -28.14 -23.40
C GLU C 635 -41.28 -28.53 -23.73
N SER C 636 -40.77 -29.53 -23.03
CA SER C 636 -39.44 -30.06 -23.23
C SER C 636 -39.28 -30.63 -24.62
N ALA C 637 -40.16 -31.56 -24.96
CA ALA C 637 -40.10 -32.27 -26.23
C ALA C 637 -40.33 -31.32 -27.40
N LYS C 638 -41.15 -30.29 -27.16
CA LYS C 638 -41.48 -29.29 -28.16
C LYS C 638 -40.27 -28.40 -28.44
N ALA C 639 -39.52 -28.05 -27.39
CA ALA C 639 -38.37 -27.16 -27.55
C ALA C 639 -37.12 -27.87 -28.08
N GLY C 640 -37.16 -29.20 -28.16
CA GLY C 640 -36.03 -29.95 -28.72
C GLY C 640 -35.62 -31.29 -28.10
N ILE C 641 -36.12 -31.61 -26.91
CA ILE C 641 -35.73 -32.87 -26.26
C ILE C 641 -36.33 -34.08 -26.99
N ASP C 642 -35.53 -35.13 -27.14
CA ASP C 642 -35.98 -36.32 -27.88
C ASP C 642 -36.02 -37.57 -27.00
N VAL C 643 -35.07 -37.66 -26.07
CA VAL C 643 -34.92 -38.82 -25.20
C VAL C 643 -34.97 -38.34 -23.76
N PHE C 644 -35.85 -38.96 -22.97
CA PHE C 644 -36.02 -38.61 -21.57
C PHE C 644 -35.57 -39.79 -20.74
N ARG C 645 -34.49 -39.63 -19.98
CA ARG C 645 -34.08 -40.68 -19.06
C ARG C 645 -34.88 -40.50 -17.77
N ILE C 646 -35.83 -41.41 -17.56
CA ILE C 646 -36.68 -41.35 -16.38
C ILE C 646 -36.15 -42.30 -15.32
N PHE C 647 -36.17 -41.86 -14.07
CA PHE C 647 -35.75 -42.66 -12.92
C PHE C 647 -36.41 -42.16 -11.64
N ASP C 648 -36.75 -43.08 -10.76
CA ASP C 648 -37.10 -42.74 -9.39
C ASP C 648 -35.88 -42.97 -8.49
N SER C 649 -35.67 -42.04 -7.55
CA SER C 649 -34.49 -42.10 -6.70
C SER C 649 -34.65 -43.15 -5.59
N LEU C 650 -35.75 -43.88 -5.63
CA LEU C 650 -35.97 -45.03 -4.75
C LEU C 650 -36.30 -46.26 -5.60
N ASN C 651 -36.09 -46.14 -6.91
CA ASN C 651 -36.39 -47.20 -7.88
C ASN C 651 -37.83 -47.69 -7.85
N TRP C 652 -38.70 -46.90 -7.24
CA TRP C 652 -40.12 -47.24 -7.15
C TRP C 652 -40.80 -46.99 -8.49
N VAL C 653 -41.12 -48.08 -9.20
CA VAL C 653 -41.61 -48.04 -10.57
C VAL C 653 -42.94 -47.29 -10.70
N ASP C 654 -43.81 -47.42 -9.71
CA ASP C 654 -45.10 -46.71 -9.69
C ASP C 654 -44.94 -45.20 -9.94
N GLN C 655 -43.84 -44.64 -9.45
CA GLN C 655 -43.55 -43.21 -9.58
C GLN C 655 -43.10 -42.79 -10.98
N MET C 656 -42.88 -43.77 -11.85
CA MET C 656 -42.33 -43.51 -13.18
C MET C 656 -43.40 -43.42 -14.28
N LYS C 657 -44.61 -43.88 -13.97
CA LYS C 657 -45.69 -44.01 -14.96
C LYS C 657 -46.14 -42.69 -15.59
N VAL C 658 -46.50 -41.74 -14.73
CA VAL C 658 -47.03 -40.44 -15.15
C VAL C 658 -46.05 -39.72 -16.07
N ALA C 659 -44.77 -39.89 -15.79
CA ALA C 659 -43.70 -39.33 -16.61
C ALA C 659 -43.66 -39.99 -17.99
N ASN C 660 -43.70 -41.32 -17.98
CA ASN C 660 -43.67 -42.11 -19.21
C ASN C 660 -44.85 -41.79 -20.13
N GLU C 661 -46.03 -41.61 -19.53
CA GLU C 661 -47.25 -41.30 -20.27
C GLU C 661 -47.16 -39.95 -20.96
N ALA C 662 -46.37 -39.04 -20.40
CA ALA C 662 -46.20 -37.71 -20.97
C ALA C 662 -45.19 -37.72 -22.11
N VAL C 663 -44.19 -38.60 -22.00
CA VAL C 663 -43.17 -38.78 -23.04
C VAL C 663 -43.75 -39.49 -24.27
N GLN C 664 -44.50 -40.57 -24.05
CA GLN C 664 -45.16 -41.34 -25.13
C GLN C 664 -46.13 -40.44 -25.89
N GLU C 665 -46.93 -39.68 -25.15
CA GLU C 665 -47.94 -38.77 -25.68
C GLU C 665 -47.35 -37.62 -26.50
N ALA C 666 -46.15 -37.18 -26.13
CA ALA C 666 -45.41 -36.17 -26.90
C ALA C 666 -44.62 -36.83 -28.03
N GLY C 667 -44.74 -38.16 -28.12
CA GLY C 667 -44.15 -38.93 -29.20
C GLY C 667 -42.64 -39.03 -29.17
N LYS C 668 -42.04 -39.01 -27.97
CA LYS C 668 -40.58 -39.08 -27.82
C LYS C 668 -40.07 -40.43 -27.30
N ILE C 669 -38.75 -40.52 -27.08
CA ILE C 669 -38.12 -41.75 -26.63
C ILE C 669 -38.07 -41.80 -25.11
N SER C 670 -38.84 -42.72 -24.55
CA SER C 670 -38.89 -42.93 -23.11
C SER C 670 -37.85 -43.95 -22.69
N GLU C 671 -37.10 -43.64 -21.65
CA GLU C 671 -36.02 -44.48 -21.19
C GLU C 671 -36.19 -44.80 -19.70
N GLY C 672 -36.51 -46.05 -19.40
CA GLY C 672 -36.71 -46.50 -18.04
C GLY C 672 -35.38 -46.85 -17.37
N THR C 673 -35.12 -46.24 -16.22
CA THR C 673 -33.85 -46.42 -15.54
C THR C 673 -33.97 -47.26 -14.29
N ILE C 674 -33.03 -48.18 -14.11
CA ILE C 674 -32.82 -48.83 -12.83
C ILE C 674 -31.55 -48.25 -12.26
N CYS C 675 -31.65 -47.62 -11.09
CA CYS C 675 -30.48 -47.05 -10.47
C CYS C 675 -29.74 -48.13 -9.69
N TYR C 676 -28.44 -48.26 -9.97
CA TYR C 676 -27.60 -49.28 -9.35
C TYR C 676 -27.08 -48.91 -7.96
N THR C 677 -27.34 -49.77 -6.98
CA THR C 677 -26.65 -49.69 -5.68
C THR C 677 -26.02 -51.03 -5.35
N GLY C 678 -25.44 -51.13 -4.16
CA GLY C 678 -24.87 -52.36 -3.67
C GLY C 678 -23.77 -52.94 -4.54
N ASP C 679 -23.52 -54.22 -4.36
CA ASP C 679 -22.53 -54.93 -5.15
C ASP C 679 -23.05 -56.35 -5.36
N ILE C 680 -23.43 -56.66 -6.60
CA ILE C 680 -23.99 -57.98 -6.91
C ILE C 680 -22.94 -59.08 -6.90
N LEU C 681 -21.67 -58.68 -6.84
CA LEU C 681 -20.58 -59.62 -6.70
C LEU C 681 -20.45 -60.10 -5.26
N ASN C 682 -20.94 -59.27 -4.34
CA ASN C 682 -20.90 -59.58 -2.92
C ASN C 682 -22.26 -60.03 -2.37
N PRO C 683 -22.39 -61.32 -2.01
CA PRO C 683 -23.63 -61.80 -1.40
C PRO C 683 -23.86 -61.18 -0.02
N GLU C 684 -22.75 -60.93 0.70
CA GLU C 684 -22.78 -60.38 2.05
C GLU C 684 -23.11 -58.88 2.09
N ARG C 685 -22.96 -58.19 0.97
CA ARG C 685 -23.28 -56.77 0.90
C ARG C 685 -24.77 -56.53 1.18
N SER C 686 -25.62 -57.27 0.47
CA SER C 686 -27.06 -57.16 0.60
C SER C 686 -27.77 -58.43 0.16
N ASN C 687 -28.97 -58.64 0.67
CA ASN C 687 -29.88 -59.65 0.14
C ASN C 687 -31.16 -59.00 -0.40
N ILE C 688 -31.08 -57.70 -0.67
CA ILE C 688 -32.16 -56.94 -1.28
C ILE C 688 -31.78 -56.48 -2.69
N TYR C 689 -30.59 -55.89 -2.82
CA TYR C 689 -30.11 -55.42 -4.11
C TYR C 689 -29.23 -56.48 -4.80
N THR C 690 -29.85 -57.58 -5.18
CA THR C 690 -29.16 -58.69 -5.83
C THR C 690 -29.35 -58.61 -7.35
N LEU C 691 -28.82 -59.60 -8.06
CA LEU C 691 -29.02 -59.71 -9.51
C LEU C 691 -30.51 -59.83 -9.85
N GLU C 692 -31.24 -60.57 -9.02
CA GLU C 692 -32.66 -60.82 -9.27
C GLU C 692 -33.51 -59.56 -9.20
N TYR C 693 -33.19 -58.71 -8.23
CA TYR C 693 -33.78 -57.38 -8.12
C TYR C 693 -33.84 -56.69 -9.48
N TYR C 694 -32.67 -56.57 -10.11
CA TYR C 694 -32.53 -55.80 -11.35
C TYR C 694 -33.25 -56.45 -12.53
N VAL C 695 -33.30 -57.78 -12.54
CA VAL C 695 -34.01 -58.52 -13.59
C VAL C 695 -35.52 -58.29 -13.47
N LYS C 696 -36.05 -58.36 -12.24
CA LYS C 696 -37.47 -58.10 -11.99
C LYS C 696 -37.89 -56.70 -12.42
N LEU C 697 -37.08 -55.71 -12.06
CA LEU C 697 -37.37 -54.30 -12.34
C LEU C 697 -37.36 -53.96 -13.82
N ALA C 698 -36.37 -54.53 -14.53
CA ALA C 698 -36.27 -54.35 -15.96
C ALA C 698 -37.51 -54.91 -16.67
N LYS C 699 -37.83 -56.19 -16.39
CA LYS C 699 -39.02 -56.85 -16.93
C LYS C 699 -40.25 -55.98 -16.69
N GLU C 700 -40.34 -55.44 -15.47
CA GLU C 700 -41.44 -54.58 -15.06
C GLU C 700 -41.47 -53.28 -15.85
N LEU C 701 -40.29 -52.72 -16.13
CA LEU C 701 -40.15 -51.50 -16.94
C LEU C 701 -40.49 -51.72 -18.41
N GLU C 702 -40.27 -52.94 -18.90
CA GLU C 702 -40.60 -53.33 -20.28
C GLU C 702 -42.11 -53.31 -20.55
N ARG C 703 -42.88 -53.80 -19.59
CA ARG C 703 -44.33 -53.91 -19.69
C ARG C 703 -45.04 -52.56 -19.74
N GLU C 704 -44.42 -51.54 -19.15
CA GLU C 704 -44.99 -50.18 -19.17
C GLU C 704 -44.67 -49.47 -20.48
N GLY C 705 -44.02 -50.19 -21.38
CA GLY C 705 -43.82 -49.73 -22.75
C GLY C 705 -42.70 -48.72 -22.96
N PHE C 706 -41.69 -48.76 -22.08
CA PHE C 706 -40.49 -47.94 -22.29
C PHE C 706 -39.76 -48.44 -23.53
N HIS C 707 -39.10 -47.53 -24.23
CA HIS C 707 -38.39 -47.88 -25.45
C HIS C 707 -37.02 -48.49 -25.14
N ILE C 708 -36.36 -47.94 -24.12
CA ILE C 708 -34.97 -48.29 -23.79
C ILE C 708 -34.77 -48.48 -22.29
N LEU C 709 -34.13 -49.57 -21.90
CA LEU C 709 -33.71 -49.78 -20.53
C LEU C 709 -32.34 -49.15 -20.33
N ALA C 710 -32.26 -48.19 -19.40
CA ALA C 710 -30.98 -47.62 -19.00
C ALA C 710 -30.57 -48.10 -17.62
N ILE C 711 -29.27 -48.29 -17.43
CA ILE C 711 -28.72 -48.66 -16.12
C ILE C 711 -27.82 -47.53 -15.65
N LYS C 712 -28.34 -46.76 -14.70
CA LYS C 712 -27.66 -45.58 -14.16
C LYS C 712 -26.91 -45.95 -12.88
N ASP C 713 -25.59 -46.13 -13.02
CA ASP C 713 -24.70 -46.41 -11.90
C ASP C 713 -24.18 -45.08 -11.36
N MET C 714 -25.05 -44.36 -10.65
CA MET C 714 -24.80 -42.97 -10.26
C MET C 714 -23.48 -42.73 -9.56
N ALA C 715 -23.04 -43.73 -8.78
CA ALA C 715 -21.89 -43.59 -7.89
C ALA C 715 -20.68 -44.43 -8.31
N GLY C 716 -20.65 -44.86 -9.57
CA GLY C 716 -19.54 -45.68 -10.08
C GLY C 716 -19.35 -47.00 -9.33
N LEU C 717 -20.46 -47.58 -8.88
CA LEU C 717 -20.44 -48.77 -8.03
C LEU C 717 -20.32 -50.07 -8.82
N LEU C 718 -20.72 -50.03 -10.10
CA LEU C 718 -20.75 -51.21 -10.94
C LEU C 718 -19.36 -51.67 -11.40
N LYS C 719 -18.78 -52.59 -10.65
CA LYS C 719 -17.48 -53.14 -10.95
C LYS C 719 -17.48 -53.89 -12.28
N PRO C 720 -16.33 -53.88 -12.99
CA PRO C 720 -16.10 -54.62 -14.22
C PRO C 720 -16.86 -55.95 -14.36
N LYS C 721 -16.66 -56.89 -13.45
CA LYS C 721 -17.29 -58.20 -13.59
C LYS C 721 -18.80 -58.09 -13.43
N ALA C 722 -19.23 -57.31 -12.45
CA ALA C 722 -20.65 -57.11 -12.17
C ALA C 722 -21.36 -56.50 -13.38
N ALA C 723 -20.63 -55.72 -14.17
CA ALA C 723 -21.15 -55.15 -15.41
C ALA C 723 -21.39 -56.25 -16.44
N TYR C 724 -20.35 -57.02 -16.76
CA TYR C 724 -20.48 -58.15 -17.68
C TYR C 724 -21.62 -59.02 -17.24
N GLU C 725 -21.65 -59.34 -15.95
CA GLU C 725 -22.62 -60.26 -15.37
C GLU C 725 -24.04 -59.69 -15.35
N LEU C 726 -24.16 -58.37 -15.24
CA LEU C 726 -25.47 -57.70 -15.14
C LEU C 726 -26.17 -57.55 -16.48
N ILE C 727 -25.43 -57.07 -17.48
CA ILE C 727 -26.02 -56.78 -18.80
C ILE C 727 -26.42 -58.06 -19.52
N GLY C 728 -25.49 -59.01 -19.62
CA GLY C 728 -25.74 -60.31 -20.28
C GLY C 728 -26.98 -61.03 -19.78
N GLU C 729 -27.27 -60.85 -18.49
CA GLU C 729 -28.47 -61.39 -17.86
C GLU C 729 -29.73 -60.66 -18.30
N LEU C 730 -29.67 -59.33 -18.29
CA LEU C 730 -30.78 -58.48 -18.76
C LEU C 730 -31.00 -58.64 -20.24
N LYS C 731 -29.90 -58.78 -20.99
CA LYS C 731 -29.91 -58.88 -22.44
C LYS C 731 -30.62 -60.15 -22.94
N SER C 732 -30.71 -61.13 -22.06
CA SER C 732 -31.41 -62.37 -22.35
C SER C 732 -32.70 -62.47 -21.52
N ALA C 733 -33.05 -61.38 -20.84
CA ALA C 733 -34.30 -61.34 -20.06
C ALA C 733 -35.30 -60.34 -20.64
N VAL C 734 -34.80 -59.25 -21.21
CA VAL C 734 -35.65 -58.26 -21.91
C VAL C 734 -35.14 -57.97 -23.33
N ASP C 735 -36.01 -57.42 -24.18
CA ASP C 735 -35.66 -57.15 -25.59
C ASP C 735 -35.31 -55.68 -25.85
N LEU C 736 -35.72 -54.80 -24.95
CA LEU C 736 -35.38 -53.38 -25.04
C LEU C 736 -33.86 -53.19 -25.04
N PRO C 737 -33.35 -52.23 -25.83
CA PRO C 737 -31.92 -51.91 -25.83
C PRO C 737 -31.43 -51.50 -24.44
N ILE C 738 -30.16 -51.75 -24.15
CA ILE C 738 -29.59 -51.41 -22.85
C ILE C 738 -28.63 -50.23 -22.99
N HIS C 739 -28.90 -49.18 -22.21
CA HIS C 739 -28.17 -47.92 -22.27
C HIS C 739 -27.43 -47.67 -20.95
N LEU C 740 -26.14 -48.02 -20.90
CA LEU C 740 -25.39 -47.98 -19.64
C LEU C 740 -24.78 -46.62 -19.31
N HIS C 741 -24.91 -46.23 -18.05
CA HIS C 741 -24.36 -44.99 -17.53
C HIS C 741 -23.59 -45.25 -16.24
N THR C 742 -22.39 -44.69 -16.13
CA THR C 742 -21.58 -44.84 -14.94
C THR C 742 -20.61 -43.68 -14.74
N HIS C 743 -19.93 -43.69 -13.60
CA HIS C 743 -18.96 -42.66 -13.24
C HIS C 743 -17.62 -43.33 -12.96
N ASP C 744 -16.54 -42.62 -13.27
CA ASP C 744 -15.20 -43.17 -13.25
C ASP C 744 -14.52 -42.90 -11.90
N THR C 745 -15.32 -42.62 -10.87
CA THR C 745 -14.81 -42.24 -9.55
C THR C 745 -13.85 -43.26 -8.97
N SER C 746 -14.16 -44.53 -9.17
CA SER C 746 -13.32 -45.63 -8.72
C SER C 746 -12.02 -45.74 -9.53
N GLY C 747 -11.99 -45.12 -10.70
CA GLY C 747 -10.90 -45.31 -11.66
C GLY C 747 -11.15 -46.47 -12.62
N ASN C 748 -12.18 -47.25 -12.34
CA ASN C 748 -12.50 -48.44 -13.11
C ASN C 748 -13.60 -48.23 -14.15
N GLY C 749 -13.90 -46.97 -14.47
CA GLY C 749 -14.89 -46.63 -15.49
C GLY C 749 -14.71 -47.38 -16.81
N LEU C 750 -13.59 -47.13 -17.49
CA LEU C 750 -13.27 -47.77 -18.78
C LEU C 750 -13.45 -49.29 -18.78
N LEU C 751 -12.88 -49.93 -17.76
CA LEU C 751 -12.99 -51.38 -17.58
C LEU C 751 -14.42 -51.88 -17.45
N THR C 752 -15.24 -51.10 -16.75
CA THR C 752 -16.65 -51.43 -16.56
C THR C 752 -17.39 -51.41 -17.91
N TYR C 753 -17.15 -50.39 -18.72
CA TYR C 753 -17.71 -50.31 -20.07
C TYR C 753 -17.17 -51.41 -21.00
N LYS C 754 -15.86 -51.64 -20.96
CA LYS C 754 -15.24 -52.67 -21.77
C LYS C 754 -15.90 -54.03 -21.52
N GLN C 755 -16.15 -54.32 -20.24
CA GLN C 755 -16.83 -55.56 -19.85
C GLN C 755 -18.31 -55.52 -20.22
N ALA C 756 -18.90 -54.33 -20.11
CA ALA C 756 -20.30 -54.11 -20.53
C ALA C 756 -20.49 -54.41 -22.02
N ILE C 757 -19.59 -53.87 -22.84
CA ILE C 757 -19.59 -54.07 -24.28
C ILE C 757 -19.51 -55.56 -24.66
N ASP C 758 -18.65 -56.29 -23.98
CA ASP C 758 -18.49 -57.73 -24.21
C ASP C 758 -19.74 -58.54 -23.90
N ALA C 759 -20.65 -57.95 -23.12
CA ALA C 759 -21.94 -58.56 -22.80
C ALA C 759 -23.07 -58.02 -23.68
N GLY C 760 -22.72 -57.28 -24.73
CA GLY C 760 -23.69 -56.81 -25.73
C GLY C 760 -24.47 -55.53 -25.43
N VAL C 761 -23.87 -54.61 -24.67
CA VAL C 761 -24.53 -53.35 -24.31
C VAL C 761 -24.68 -52.41 -25.54
N ASP C 762 -25.82 -51.73 -25.63
CA ASP C 762 -26.17 -50.99 -26.85
C ASP C 762 -25.59 -49.58 -26.86
N ILE C 763 -25.94 -48.78 -25.84
CA ILE C 763 -25.46 -47.40 -25.77
C ILE C 763 -24.76 -47.15 -24.45
N ILE C 764 -23.60 -46.52 -24.49
CA ILE C 764 -22.92 -46.12 -23.27
C ILE C 764 -22.71 -44.60 -23.20
N ASP C 765 -22.66 -44.08 -21.97
CA ASP C 765 -22.46 -42.65 -21.74
C ASP C 765 -20.97 -42.37 -21.57
N THR C 766 -20.48 -41.37 -22.30
CA THR C 766 -19.08 -40.98 -22.22
C THR C 766 -18.92 -39.46 -22.32
N ALA C 767 -17.75 -38.98 -21.92
CA ALA C 767 -17.41 -37.56 -22.01
C ALA C 767 -16.04 -37.40 -22.68
N VAL C 768 -15.73 -36.20 -23.18
CA VAL C 768 -14.45 -35.97 -23.86
C VAL C 768 -13.30 -35.93 -22.84
N ALA C 769 -12.14 -36.41 -23.27
CA ALA C 769 -10.99 -36.63 -22.38
C ALA C 769 -10.88 -35.59 -21.25
N SER C 770 -10.84 -34.32 -21.65
CA SER C 770 -10.63 -33.21 -20.73
C SER C 770 -11.86 -32.85 -19.89
N MET C 771 -12.95 -33.57 -20.06
CA MET C 771 -14.14 -33.41 -19.22
C MET C 771 -14.55 -34.78 -18.70
N SER C 772 -13.59 -35.69 -18.66
CA SER C 772 -13.85 -37.06 -18.27
C SER C 772 -13.08 -37.41 -17.03
N GLY C 773 -13.40 -38.56 -16.45
CA GLY C 773 -12.59 -39.12 -15.38
C GLY C 773 -13.05 -38.71 -14.00
N LEU C 774 -12.48 -39.37 -13.00
CA LEU C 774 -12.86 -39.14 -11.60
C LEU C 774 -14.38 -39.19 -11.52
N THR C 775 -14.99 -38.18 -10.89
CA THR C 775 -16.42 -38.19 -10.62
C THR C 775 -17.30 -38.11 -11.85
N SER C 776 -16.68 -37.82 -13.00
CA SER C 776 -17.37 -37.78 -14.28
C SER C 776 -17.45 -39.20 -14.88
N GLN C 777 -17.78 -39.30 -16.17
CA GLN C 777 -17.79 -40.61 -16.85
C GLN C 777 -16.51 -40.83 -17.63
N PRO C 778 -16.24 -42.10 -18.01
CA PRO C 778 -15.03 -42.46 -18.75
C PRO C 778 -14.79 -41.63 -20.00
N SER C 779 -13.52 -41.39 -20.30
CA SER C 779 -13.07 -40.75 -21.52
C SER C 779 -13.49 -41.52 -22.76
N ALA C 780 -14.18 -40.84 -23.67
CA ALA C 780 -14.55 -41.42 -24.96
C ALA C 780 -13.31 -41.66 -25.84
N ASN C 781 -12.37 -40.73 -25.75
CA ASN C 781 -11.13 -40.76 -26.50
C ASN C 781 -10.33 -41.96 -26.06
N SER C 782 -10.29 -42.19 -24.75
CA SER C 782 -9.59 -43.33 -24.16
C SER C 782 -10.27 -44.65 -24.51
N LEU C 783 -11.60 -44.68 -24.41
CA LEU C 783 -12.35 -45.89 -24.73
C LEU C 783 -12.17 -46.28 -26.18
N TYR C 784 -12.12 -45.27 -27.05
CA TYR C 784 -12.00 -45.50 -28.49
C TYR C 784 -10.83 -46.42 -28.77
N TYR C 785 -9.65 -46.03 -28.27
CA TYR C 785 -8.42 -46.80 -28.48
C TYR C 785 -8.39 -48.11 -27.71
N ALA C 786 -9.12 -48.17 -26.60
CA ALA C 786 -9.15 -49.36 -25.76
C ALA C 786 -9.73 -50.58 -26.45
N LEU C 787 -10.60 -50.34 -27.44
CA LEU C 787 -11.29 -51.43 -28.14
C LEU C 787 -10.58 -51.92 -29.40
N ASN C 788 -9.50 -51.24 -29.79
CA ASN C 788 -8.64 -51.64 -30.91
C ASN C 788 -8.29 -53.12 -30.80
N GLY C 789 -8.76 -53.92 -31.75
CA GLY C 789 -8.49 -55.35 -31.74
C GLY C 789 -9.67 -56.17 -31.25
N PHE C 790 -10.38 -55.66 -30.25
CA PHE C 790 -11.56 -56.34 -29.71
C PHE C 790 -12.71 -56.28 -30.71
N PRO C 791 -13.61 -57.29 -30.69
CA PRO C 791 -14.72 -57.44 -31.65
C PRO C 791 -15.49 -56.16 -31.96
N ARG C 792 -15.93 -55.43 -30.94
CA ARG C 792 -16.80 -54.27 -31.13
C ARG C 792 -16.03 -52.94 -31.07
N HIS C 793 -16.30 -52.04 -32.02
CA HIS C 793 -15.72 -50.71 -31.93
C HIS C 793 -16.72 -49.61 -31.50
N LEU C 794 -16.20 -48.46 -31.10
CA LEU C 794 -17.01 -47.32 -30.70
C LEU C 794 -17.32 -46.48 -31.94
N ARG C 795 -18.60 -46.22 -32.20
CA ARG C 795 -18.98 -45.45 -33.39
C ARG C 795 -18.96 -43.95 -33.14
N THR C 796 -17.86 -43.31 -33.56
CA THR C 796 -17.70 -41.87 -33.41
C THR C 796 -16.46 -41.34 -34.15
N ASP C 797 -16.14 -40.07 -33.97
CA ASP C 797 -15.00 -39.43 -34.62
C ASP C 797 -13.82 -39.24 -33.66
N ILE C 798 -12.72 -39.94 -33.94
CA ILE C 798 -11.49 -39.85 -33.15
C ILE C 798 -10.91 -38.45 -33.13
N GLU C 799 -10.47 -38.00 -34.30
CA GLU C 799 -9.79 -36.72 -34.48
C GLU C 799 -10.68 -35.56 -34.03
N GLY C 800 -11.98 -35.73 -34.19
CA GLY C 800 -12.96 -34.74 -33.78
C GLY C 800 -13.07 -34.60 -32.28
N MET C 801 -13.13 -35.73 -31.58
CA MET C 801 -13.18 -35.69 -30.13
C MET C 801 -11.88 -35.13 -29.56
N GLU C 802 -10.76 -35.49 -30.17
CA GLU C 802 -9.48 -34.89 -29.83
C GLU C 802 -9.59 -33.38 -29.90
N SER C 803 -10.11 -32.89 -31.02
CA SER C 803 -10.30 -31.46 -31.24
C SER C 803 -11.21 -30.84 -30.18
N LEU C 804 -12.26 -31.56 -29.79
CA LEU C 804 -13.15 -31.09 -28.72
C LEU C 804 -12.43 -31.05 -27.40
N SER C 805 -11.72 -32.15 -27.08
CA SER C 805 -10.95 -32.25 -25.86
C SER C 805 -10.04 -31.04 -25.64
N HIS C 806 -9.27 -30.65 -26.67
CA HIS C 806 -8.40 -29.47 -26.60
C HIS C 806 -9.15 -28.18 -26.33
N TYR C 807 -10.33 -28.05 -26.94
CA TYR C 807 -11.20 -26.91 -26.71
C TYR C 807 -11.71 -26.87 -25.26
N TRP C 808 -12.28 -27.99 -24.80
CA TRP C 808 -12.83 -28.06 -23.45
C TRP C 808 -11.74 -28.08 -22.37
N SER C 809 -10.52 -28.45 -22.77
CA SER C 809 -9.35 -28.36 -21.90
C SER C 809 -9.09 -26.92 -21.46
N THR C 810 -9.18 -26.00 -22.43
CA THR C 810 -8.99 -24.56 -22.19
C THR C 810 -10.21 -23.94 -21.52
N VAL C 811 -11.40 -24.31 -21.97
CA VAL C 811 -12.63 -23.73 -21.44
C VAL C 811 -12.81 -24.07 -19.95
N ARG C 812 -12.45 -25.30 -19.59
CA ARG C 812 -12.53 -25.77 -18.22
C ARG C 812 -11.69 -24.87 -17.31
N THR C 813 -10.59 -24.35 -17.87
CA THR C 813 -9.71 -23.44 -17.15
C THR C 813 -10.45 -22.21 -16.60
N TYR C 814 -11.56 -21.84 -17.24
CA TYR C 814 -12.39 -20.74 -16.77
C TYR C 814 -13.07 -21.09 -15.46
N TYR C 815 -13.38 -22.36 -15.28
CA TYR C 815 -14.21 -22.82 -14.16
C TYR C 815 -13.43 -23.41 -12.98
N SER C 816 -12.11 -23.18 -12.94
CA SER C 816 -11.24 -23.74 -11.90
C SER C 816 -11.78 -23.58 -10.48
N ASP C 817 -12.33 -22.39 -10.19
CA ASP C 817 -12.94 -22.10 -8.90
C ASP C 817 -14.00 -23.10 -8.45
N PHE C 818 -14.51 -23.92 -9.38
CA PHE C 818 -15.57 -24.87 -9.04
C PHE C 818 -15.08 -26.31 -8.99
N GLU C 819 -13.81 -26.52 -9.32
CA GLU C 819 -13.17 -27.83 -9.26
C GLU C 819 -13.27 -28.49 -7.88
N SER C 820 -13.67 -29.76 -7.88
CA SER C 820 -13.75 -30.58 -6.67
C SER C 820 -12.37 -30.85 -6.06
N ASP C 821 -12.36 -31.36 -4.82
CA ASP C 821 -11.11 -31.66 -4.11
C ASP C 821 -10.60 -33.09 -4.35
N ILE C 822 -11.13 -33.75 -5.39
CA ILE C 822 -10.56 -35.01 -5.87
C ILE C 822 -9.63 -34.73 -7.05
N LYS C 823 -8.42 -35.27 -6.97
CA LYS C 823 -7.51 -35.32 -8.12
C LYS C 823 -7.14 -36.77 -8.45
N SER C 824 -7.69 -37.71 -7.68
CA SER C 824 -7.35 -39.12 -7.81
C SER C 824 -8.57 -40.03 -7.70
N PRO C 825 -8.54 -41.19 -8.38
CA PRO C 825 -9.55 -42.20 -8.11
C PRO C 825 -9.54 -42.61 -6.63
N ASN C 826 -10.73 -42.81 -6.08
CA ASN C 826 -10.88 -43.21 -4.71
C ASN C 826 -11.71 -44.48 -4.62
N THR C 827 -11.13 -45.54 -4.06
CA THR C 827 -11.83 -46.81 -3.98
C THR C 827 -12.78 -46.89 -2.79
N GLU C 828 -12.69 -45.91 -1.89
CA GLU C 828 -13.55 -45.83 -0.72
C GLU C 828 -14.99 -45.41 -1.05
N ILE C 829 -15.21 -45.01 -2.30
CA ILE C 829 -16.54 -44.70 -2.81
C ILE C 829 -17.43 -45.94 -2.79
N TYR C 830 -16.80 -47.12 -2.81
CA TYR C 830 -17.50 -48.38 -2.64
C TYR C 830 -18.07 -48.50 -1.22
N GLN C 831 -17.59 -47.67 -0.31
CA GLN C 831 -18.08 -47.66 1.07
C GLN C 831 -19.25 -46.69 1.25
N HIS C 832 -19.11 -45.47 0.70
CA HIS C 832 -20.09 -44.41 0.95
C HIS C 832 -20.98 -44.04 -0.24
N GLU C 833 -20.86 -44.79 -1.33
CA GLU C 833 -21.82 -44.77 -2.42
C GLU C 833 -22.38 -43.38 -2.78
N MET C 834 -21.51 -42.37 -2.73
CA MET C 834 -21.92 -41.00 -3.03
C MET C 834 -21.99 -40.84 -4.55
N PRO C 835 -23.15 -40.41 -5.07
CA PRO C 835 -23.30 -40.15 -6.51
C PRO C 835 -22.25 -39.21 -7.08
N GLY C 836 -21.73 -39.55 -8.25
CA GLY C 836 -20.68 -38.78 -8.91
C GLY C 836 -21.14 -37.42 -9.40
N GLY C 837 -22.45 -37.21 -9.44
CA GLY C 837 -23.04 -35.93 -9.84
C GLY C 837 -23.21 -35.03 -8.63
N GLN C 838 -23.63 -35.64 -7.51
CA GLN C 838 -23.77 -34.92 -6.25
C GLN C 838 -22.44 -34.38 -5.74
N TYR C 839 -21.34 -35.08 -6.04
CA TYR C 839 -20.05 -34.82 -5.42
C TYR C 839 -19.61 -33.35 -5.43
N SER C 840 -19.43 -32.77 -6.61
CA SER C 840 -18.99 -31.38 -6.73
C SER C 840 -20.07 -30.38 -6.28
N ASN C 841 -21.34 -30.75 -6.47
CA ASN C 841 -22.46 -29.97 -5.96
C ASN C 841 -22.50 -29.94 -4.44
N LEU C 842 -22.22 -31.09 -3.81
CA LEU C 842 -22.22 -31.20 -2.34
C LEU C 842 -20.96 -30.59 -1.72
N SER C 843 -19.85 -30.57 -2.46
CA SER C 843 -18.62 -29.93 -2.02
C SER C 843 -18.86 -28.43 -1.84
N GLN C 844 -19.52 -27.82 -2.83
CA GLN C 844 -19.88 -26.40 -2.79
C GLN C 844 -20.84 -26.10 -1.65
N GLN C 845 -21.66 -27.09 -1.31
CA GLN C 845 -22.62 -26.99 -0.20
C GLN C 845 -21.91 -27.01 1.14
N ALA C 846 -20.99 -27.97 1.33
CA ALA C 846 -20.17 -28.05 2.53
C ALA C 846 -19.28 -26.81 2.69
N LYS C 847 -18.72 -26.36 1.57
CA LYS C 847 -17.87 -25.16 1.51
C LYS C 847 -18.65 -23.92 1.99
N SER C 848 -19.92 -23.86 1.61
CA SER C 848 -20.81 -22.77 1.97
C SER C 848 -21.24 -22.83 3.43
N LEU C 849 -21.39 -24.04 3.97
CA LEU C 849 -21.90 -24.26 5.33
C LEU C 849 -20.82 -24.30 6.42
N GLY C 850 -19.63 -23.82 6.10
CA GLY C 850 -18.50 -23.87 7.04
C GLY C 850 -17.92 -25.27 7.23
N LEU C 851 -18.02 -26.10 6.18
CA LEU C 851 -17.51 -27.48 6.23
C LEU C 851 -16.48 -27.81 5.15
N GLY C 852 -15.89 -26.78 4.55
CA GLY C 852 -14.71 -26.94 3.71
C GLY C 852 -13.55 -27.38 4.59
N GLU C 853 -12.76 -28.33 4.09
CA GLU C 853 -11.72 -29.03 4.87
C GLU C 853 -12.32 -30.26 5.56
N ARG C 854 -13.47 -30.08 6.20
CA ARG C 854 -14.16 -31.16 6.91
C ARG C 854 -15.11 -31.97 6.01
N PHE C 855 -14.67 -32.28 4.79
CA PHE C 855 -15.52 -32.99 3.82
C PHE C 855 -15.32 -34.51 3.83
N ASP C 856 -14.22 -34.97 4.42
CA ASP C 856 -13.99 -36.41 4.62
C ASP C 856 -14.94 -36.98 5.66
N GLU C 857 -15.26 -36.14 6.65
CA GLU C 857 -16.22 -36.48 7.70
C GLU C 857 -17.66 -36.43 7.18
N VAL C 858 -17.90 -35.63 6.14
CA VAL C 858 -19.21 -35.57 5.46
C VAL C 858 -19.45 -36.85 4.63
N LYS C 859 -18.39 -37.34 3.98
CA LYS C 859 -18.43 -38.61 3.26
C LYS C 859 -18.67 -39.79 4.20
N ASP C 860 -18.02 -39.77 5.37
CA ASP C 860 -18.17 -40.83 6.35
C ASP C 860 -19.60 -40.94 6.87
N MET C 861 -20.18 -39.80 7.24
CA MET C 861 -21.56 -39.73 7.73
C MET C 861 -22.57 -40.17 6.67
N TYR C 862 -22.33 -39.77 5.43
CA TYR C 862 -23.16 -40.17 4.28
C TYR C 862 -23.38 -41.68 4.27
N ARG C 863 -22.32 -42.44 4.55
CA ARG C 863 -22.38 -43.90 4.63
C ARG C 863 -23.27 -44.35 5.78
N ARG C 864 -23.13 -43.66 6.91
CA ARG C 864 -23.88 -43.96 8.12
C ARG C 864 -25.36 -43.63 7.96
N VAL C 865 -25.64 -42.45 7.41
CA VAL C 865 -27.00 -41.99 7.11
C VAL C 865 -27.75 -43.00 6.22
N ASN C 866 -27.02 -43.71 5.37
CA ASN C 866 -27.62 -44.75 4.52
C ASN C 866 -28.09 -45.98 5.28
N PHE C 867 -27.21 -46.55 6.10
CA PHE C 867 -27.56 -47.74 6.86
C PHE C 867 -28.54 -47.41 7.99
N LEU C 868 -28.67 -46.12 8.29
CA LEU C 868 -29.63 -45.62 9.25
C LEU C 868 -31.04 -45.64 8.66
N PHE C 869 -31.12 -45.57 7.34
CA PHE C 869 -32.39 -45.48 6.64
C PHE C 869 -32.81 -46.83 6.04
N GLY C 870 -32.12 -47.90 6.42
CA GLY C 870 -32.45 -49.26 5.99
C GLY C 870 -31.92 -49.63 4.63
N ASP C 871 -30.76 -49.07 4.26
CA ASP C 871 -30.03 -49.35 3.02
C ASP C 871 -30.82 -48.93 1.76
N ILE C 872 -30.85 -47.64 1.49
CA ILE C 872 -31.66 -47.10 0.39
C ILE C 872 -30.86 -46.78 -0.87
N VAL C 873 -31.57 -46.46 -1.94
CA VAL C 873 -30.97 -45.99 -3.16
C VAL C 873 -30.70 -44.49 -3.02
N LYS C 874 -29.44 -44.10 -3.21
CA LYS C 874 -29.06 -42.68 -3.06
C LYS C 874 -28.83 -42.00 -4.41
N VAL C 875 -29.90 -41.41 -4.94
CA VAL C 875 -29.83 -40.53 -6.12
C VAL C 875 -30.77 -39.37 -5.88
N ALA C 876 -30.77 -38.40 -6.80
CA ALA C 876 -31.55 -37.17 -6.64
C ALA C 876 -33.06 -37.40 -6.73
N PRO C 877 -33.82 -36.92 -5.73
CA PRO C 877 -33.40 -36.17 -4.54
C PRO C 877 -33.10 -36.98 -3.27
N SER C 878 -33.22 -38.31 -3.33
CA SER C 878 -32.94 -39.15 -2.14
C SER C 878 -31.49 -39.01 -1.66
N SER C 879 -30.59 -38.73 -2.61
CA SER C 879 -29.18 -38.44 -2.28
C SER C 879 -29.08 -37.11 -1.54
N LYS C 880 -29.87 -36.14 -1.97
CA LYS C 880 -29.91 -34.82 -1.33
C LYS C 880 -30.46 -34.87 0.09
N VAL C 881 -31.30 -35.87 0.40
CA VAL C 881 -31.83 -36.09 1.75
C VAL C 881 -30.75 -36.65 2.67
N VAL C 882 -30.15 -37.77 2.26
CA VAL C 882 -28.95 -38.28 2.90
C VAL C 882 -27.87 -37.20 2.91
N GLY C 883 -27.69 -36.53 1.78
CA GLY C 883 -26.80 -35.37 1.66
C GLY C 883 -27.01 -34.31 2.72
N ASP C 884 -28.27 -33.96 2.98
CA ASP C 884 -28.60 -32.95 3.99
C ASP C 884 -28.51 -33.50 5.41
N MET C 885 -28.92 -34.75 5.61
CA MET C 885 -28.82 -35.41 6.91
C MET C 885 -27.37 -35.58 7.35
N ALA C 886 -26.49 -35.80 6.37
CA ALA C 886 -25.05 -35.92 6.63
C ALA C 886 -24.44 -34.58 7.06
N LEU C 887 -24.69 -33.53 6.28
CA LEU C 887 -24.19 -32.19 6.57
C LEU C 887 -24.67 -31.66 7.92
N TYR C 888 -25.91 -31.99 8.25
CA TYR C 888 -26.57 -31.56 9.48
C TYR C 888 -25.97 -32.22 10.72
N MET C 889 -25.79 -33.53 10.67
CA MET C 889 -25.32 -34.29 11.83
C MET C 889 -23.85 -34.05 12.17
N VAL C 890 -23.05 -33.74 11.14
CA VAL C 890 -21.65 -33.34 11.34
C VAL C 890 -21.60 -31.96 12.01
N GLN C 891 -22.39 -31.04 11.49
CA GLN C 891 -22.53 -29.68 12.05
C GLN C 891 -22.78 -29.68 13.55
N ASN C 892 -23.59 -30.63 14.03
CA ASN C 892 -24.01 -30.67 15.42
C ASN C 892 -23.41 -31.83 16.25
N ASP C 893 -22.40 -32.49 15.68
CA ASP C 893 -21.72 -33.63 16.30
C ASP C 893 -22.68 -34.72 16.79
N LEU C 894 -23.71 -34.96 15.99
CA LEU C 894 -24.69 -36.01 16.27
C LEU C 894 -24.22 -37.33 15.68
N ASP C 895 -24.78 -38.42 16.19
CA ASP C 895 -24.55 -39.75 15.62
C ASP C 895 -25.83 -40.59 15.63
N GLU C 896 -25.69 -41.88 15.31
CA GLU C 896 -26.80 -42.81 15.19
C GLU C 896 -27.52 -43.03 16.52
N GLN C 897 -26.75 -43.27 17.58
CA GLN C 897 -27.31 -43.44 18.92
C GLN C 897 -27.75 -42.12 19.56
N SER C 898 -27.49 -41.01 18.86
CA SER C 898 -27.99 -39.69 19.26
C SER C 898 -29.50 -39.59 19.09
N VAL C 899 -30.11 -40.63 18.53
CA VAL C 899 -31.56 -40.67 18.26
C VAL C 899 -32.20 -42.08 18.36
N ILE C 900 -31.51 -43.02 19.00
CA ILE C 900 -32.01 -44.42 19.12
C ILE C 900 -32.89 -44.67 20.38
N THR C 901 -32.34 -44.38 21.55
CA THR C 901 -33.16 -44.32 22.78
C THR C 901 -33.50 -42.85 23.05
N ASP C 902 -32.74 -41.96 22.42
CA ASP C 902 -32.94 -40.51 22.52
C ASP C 902 -34.17 -40.06 21.73
N GLY C 903 -34.07 -40.14 20.40
CA GLY C 903 -35.09 -39.60 19.50
C GLY C 903 -35.24 -38.12 19.73
N TYR C 904 -34.11 -37.41 19.68
CA TYR C 904 -34.05 -35.99 20.01
C TYR C 904 -34.70 -35.09 18.98
N LYS C 905 -35.61 -34.24 19.45
CA LYS C 905 -36.15 -33.13 18.68
C LYS C 905 -35.02 -32.18 18.35
N LEU C 906 -34.87 -31.85 17.07
CA LEU C 906 -33.65 -31.20 16.60
C LEU C 906 -33.83 -30.15 15.51
N ASP C 907 -35.03 -30.06 14.94
CA ASP C 907 -35.32 -29.18 13.79
C ASP C 907 -34.56 -29.61 12.54
N PHE C 908 -34.91 -30.81 12.09
CA PHE C 908 -34.30 -31.45 10.93
C PHE C 908 -34.58 -30.66 9.65
N PRO C 909 -33.62 -30.70 8.69
CA PRO C 909 -33.78 -30.01 7.40
C PRO C 909 -35.03 -30.41 6.62
N GLU C 910 -35.40 -29.56 5.66
CA GLU C 910 -36.57 -29.75 4.81
C GLU C 910 -36.64 -31.17 4.27
N SER C 911 -35.58 -31.58 3.57
CA SER C 911 -35.54 -32.83 2.84
C SER C 911 -35.66 -34.07 3.72
N VAL C 912 -35.08 -34.01 4.92
CA VAL C 912 -34.99 -35.19 5.76
C VAL C 912 -36.31 -35.55 6.46
N VAL C 913 -37.08 -34.55 6.87
CA VAL C 913 -38.43 -34.79 7.38
C VAL C 913 -39.40 -35.07 6.23
N SER C 914 -39.19 -34.38 5.11
CA SER C 914 -39.96 -34.57 3.89
C SER C 914 -39.96 -36.03 3.45
N PHE C 915 -38.80 -36.65 3.56
CA PHE C 915 -38.58 -38.05 3.20
C PHE C 915 -39.38 -39.02 4.09
N PHE C 916 -39.45 -38.71 5.38
CA PHE C 916 -40.21 -39.54 6.33
C PHE C 916 -41.72 -39.29 6.31
N LYS C 917 -42.13 -38.24 5.61
CA LYS C 917 -43.53 -37.99 5.30
C LYS C 917 -43.90 -38.76 4.02
N GLY C 918 -42.88 -39.12 3.24
CA GLY C 918 -43.05 -39.87 1.99
C GLY C 918 -43.18 -38.98 0.76
N GLU C 919 -42.81 -37.71 0.89
CA GLU C 919 -42.91 -36.72 -0.20
C GLU C 919 -42.04 -37.07 -1.40
N ILE C 920 -41.10 -38.00 -1.17
CA ILE C 920 -40.16 -38.46 -2.19
C ILE C 920 -40.44 -39.92 -2.60
N GLY C 921 -41.46 -40.51 -2.01
CA GLY C 921 -41.82 -41.89 -2.29
C GLY C 921 -41.50 -42.80 -1.12
N GLN C 922 -41.64 -44.10 -1.34
CA GLN C 922 -41.37 -45.12 -0.33
C GLN C 922 -40.12 -45.90 -0.69
N PRO C 923 -39.20 -46.05 0.28
CA PRO C 923 -38.06 -46.94 0.06
C PRO C 923 -38.48 -48.40 0.20
N VAL C 924 -37.74 -49.30 -0.45
CA VAL C 924 -38.06 -50.72 -0.48
C VAL C 924 -38.22 -51.31 0.93
N ASN C 925 -37.19 -51.12 1.76
CA ASN C 925 -37.19 -51.65 3.14
C ASN C 925 -38.00 -50.77 4.08
N GLY C 926 -38.56 -49.68 3.55
CA GLY C 926 -39.31 -48.72 4.36
C GLY C 926 -38.44 -47.93 5.32
N PHE C 927 -39.07 -47.42 6.38
CA PHE C 927 -38.36 -46.81 7.50
C PHE C 927 -38.76 -47.57 8.76
N ASN C 928 -37.90 -47.57 9.77
CA ASN C 928 -38.26 -48.14 11.07
C ASN C 928 -39.39 -47.34 11.71
N LYS C 929 -40.47 -48.06 12.07
CA LYS C 929 -41.66 -47.44 12.64
C LYS C 929 -41.29 -46.45 13.74
N ASP C 930 -40.59 -46.94 14.77
CA ASP C 930 -40.16 -46.12 15.90
C ASP C 930 -39.11 -45.07 15.52
N LEU C 931 -38.26 -45.40 14.54
CA LEU C 931 -37.28 -44.45 14.02
C LEU C 931 -37.96 -43.24 13.40
N GLN C 932 -38.82 -43.49 12.40
CA GLN C 932 -39.59 -42.46 11.71
C GLN C 932 -40.36 -41.54 12.67
N ALA C 933 -41.07 -42.15 13.62
CA ALA C 933 -41.97 -41.44 14.53
C ALA C 933 -41.37 -40.20 15.18
N VAL C 934 -40.23 -40.38 15.86
CA VAL C 934 -39.58 -39.32 16.63
C VAL C 934 -38.91 -38.24 15.77
N ILE C 935 -39.16 -38.29 14.47
CA ILE C 935 -38.57 -37.35 13.52
C ILE C 935 -39.65 -36.41 12.94
N LEU C 936 -40.91 -36.62 13.32
CA LEU C 936 -42.01 -35.90 12.71
C LEU C 936 -43.22 -35.64 13.61
N LYS C 937 -43.12 -36.00 14.89
CA LYS C 937 -44.25 -35.95 15.84
C LYS C 937 -45.31 -34.88 15.48
N GLY C 938 -46.54 -35.35 15.25
CA GLY C 938 -47.64 -34.49 14.81
C GLY C 938 -48.22 -34.99 13.50
N GLN C 939 -48.37 -34.09 12.52
CA GLN C 939 -48.82 -34.45 11.17
C GLN C 939 -47.84 -35.43 10.51
N GLU C 940 -48.27 -36.68 10.37
CA GLU C 940 -47.36 -37.78 10.06
C GLU C 940 -47.31 -38.24 8.59
N ALA C 941 -47.06 -39.53 8.39
CA ALA C 941 -46.71 -40.08 7.08
C ALA C 941 -47.89 -40.26 6.13
N LEU C 942 -47.60 -40.17 4.83
CA LEU C 942 -48.57 -40.42 3.77
C LEU C 942 -48.11 -41.61 2.94
N THR C 943 -49.06 -42.46 2.57
CA THR C 943 -48.73 -43.79 2.03
C THR C 943 -48.59 -43.86 0.52
N ALA C 944 -49.55 -43.28 -0.21
CA ALA C 944 -49.63 -43.44 -1.65
C ALA C 944 -48.64 -42.53 -2.37
N ARG C 945 -48.39 -42.82 -3.65
CA ARG C 945 -47.61 -41.91 -4.49
C ARG C 945 -48.27 -40.52 -4.50
N PRO C 946 -47.51 -39.48 -4.10
CA PRO C 946 -48.05 -38.14 -3.85
C PRO C 946 -49.08 -37.64 -4.89
N GLY C 947 -48.86 -37.98 -6.16
CA GLY C 947 -49.68 -37.50 -7.26
C GLY C 947 -51.19 -37.68 -7.13
N GLU C 948 -51.62 -38.86 -6.68
CA GLU C 948 -53.05 -39.22 -6.66
C GLU C 948 -53.88 -38.64 -5.49
N TYR C 949 -53.32 -37.64 -4.81
CA TYR C 949 -54.10 -36.76 -3.93
C TYR C 949 -53.72 -35.30 -4.15
N LEU C 950 -52.46 -35.04 -4.52
CA LEU C 950 -51.99 -33.68 -4.82
C LEU C 950 -52.72 -33.12 -6.04
N GLU C 951 -53.50 -32.07 -5.81
CA GLU C 951 -54.42 -31.54 -6.82
C GLU C 951 -53.72 -30.65 -7.85
N PRO C 952 -54.14 -30.75 -9.13
CA PRO C 952 -53.54 -30.02 -10.25
C PRO C 952 -53.39 -28.52 -10.01
N VAL C 953 -52.30 -27.95 -10.52
CA VAL C 953 -52.04 -26.52 -10.45
C VAL C 953 -52.86 -25.78 -11.50
N ASP C 954 -53.51 -24.70 -11.07
CA ASP C 954 -54.24 -23.84 -12.00
C ASP C 954 -53.26 -22.93 -12.75
N PHE C 955 -52.93 -23.32 -13.98
CA PHE C 955 -51.99 -22.58 -14.82
C PHE C 955 -52.53 -21.23 -15.28
N GLU C 956 -53.86 -21.11 -15.30
CA GLU C 956 -54.53 -19.88 -15.73
C GLU C 956 -54.32 -18.75 -14.73
N LYS C 957 -54.36 -19.08 -13.44
CA LYS C 957 -54.13 -18.10 -12.37
C LYS C 957 -52.66 -17.72 -12.28
N VAL C 958 -51.80 -18.59 -12.81
CA VAL C 958 -50.37 -18.33 -12.90
C VAL C 958 -50.10 -17.32 -14.02
N ARG C 959 -50.83 -17.43 -15.12
CA ARG C 959 -50.69 -16.53 -16.26
C ARG C 959 -50.99 -15.08 -15.87
N GLU C 960 -52.09 -14.87 -15.15
CA GLU C 960 -52.47 -13.56 -14.63
C GLU C 960 -51.41 -13.02 -13.68
N LEU C 961 -50.90 -13.91 -12.83
CA LEU C 961 -49.89 -13.56 -11.83
C LEU C 961 -48.64 -12.96 -12.48
N LEU C 962 -48.07 -13.70 -13.44
CA LEU C 962 -46.87 -13.26 -14.15
C LEU C 962 -47.14 -12.07 -15.07
N GLU C 963 -48.22 -12.13 -15.84
CA GLU C 963 -48.61 -11.04 -16.74
C GLU C 963 -48.89 -9.74 -15.98
N GLU C 964 -49.31 -9.85 -14.72
CA GLU C 964 -49.52 -8.68 -13.86
C GLU C 964 -48.23 -8.10 -13.29
N GLU C 965 -47.25 -8.97 -13.01
CA GLU C 965 -45.94 -8.52 -12.49
C GLU C 965 -45.08 -7.96 -13.61
N GLN C 966 -44.95 -8.74 -14.69
CA GLN C 966 -44.42 -8.24 -15.96
C GLN C 966 -45.55 -7.42 -16.63
N GLN C 967 -45.41 -7.12 -17.91
CA GLN C 967 -46.50 -6.43 -18.62
C GLN C 967 -46.91 -7.02 -19.98
N GLY C 968 -47.02 -8.35 -20.06
CA GLY C 968 -47.55 -8.99 -21.27
C GLY C 968 -46.91 -10.27 -21.77
N PRO C 969 -45.72 -10.17 -22.41
CA PRO C 969 -45.10 -11.30 -23.13
C PRO C 969 -44.74 -12.49 -22.23
N VAL C 970 -45.73 -13.33 -21.92
CA VAL C 970 -45.52 -14.49 -21.06
C VAL C 970 -45.82 -15.79 -21.81
N THR C 971 -44.78 -16.60 -22.01
CA THR C 971 -44.89 -17.84 -22.78
C THR C 971 -45.13 -19.05 -21.87
N GLU C 972 -45.37 -20.20 -22.50
CA GLU C 972 -45.69 -21.44 -21.81
C GLU C 972 -44.51 -21.99 -21.01
N GLN C 973 -43.30 -21.62 -21.44
CA GLN C 973 -42.07 -22.05 -20.78
C GLN C 973 -41.94 -21.39 -19.41
N ASP C 974 -42.25 -20.10 -19.35
CA ASP C 974 -42.23 -19.32 -18.12
C ASP C 974 -43.04 -19.98 -17.02
N ILE C 975 -44.24 -20.42 -17.38
CA ILE C 975 -45.23 -20.92 -16.43
C ILE C 975 -44.77 -22.16 -15.65
N ILE C 976 -44.33 -23.20 -16.34
CA ILE C 976 -43.85 -24.38 -15.61
C ILE C 976 -42.50 -24.14 -14.96
N SER C 977 -41.66 -23.32 -15.59
CA SER C 977 -40.41 -22.88 -14.96
C SER C 977 -40.72 -22.29 -13.58
N TYR C 978 -41.64 -21.33 -13.55
CA TYR C 978 -42.06 -20.72 -12.31
C TYR C 978 -42.63 -21.76 -11.34
N VAL C 979 -43.55 -22.61 -11.82
CA VAL C 979 -44.16 -23.64 -10.98
C VAL C 979 -43.09 -24.58 -10.40
N LEU C 980 -42.11 -24.94 -11.24
CA LEU C 980 -41.01 -25.80 -10.83
C LEU C 980 -40.07 -25.13 -9.83
N TYR C 981 -39.90 -23.82 -9.98
CA TYR C 981 -38.99 -23.05 -9.14
C TYR C 981 -39.57 -21.69 -8.82
N PRO C 982 -40.49 -21.63 -7.84
CA PRO C 982 -41.10 -20.36 -7.43
C PRO C 982 -40.11 -19.21 -7.27
N LYS C 983 -39.25 -19.27 -6.25
CA LYS C 983 -38.37 -18.13 -5.94
C LYS C 983 -37.25 -17.93 -6.95
N VAL C 984 -36.68 -19.05 -7.41
CA VAL C 984 -35.52 -19.03 -8.30
C VAL C 984 -35.85 -18.33 -9.63
N TYR C 985 -37.02 -18.63 -10.18
CA TYR C 985 -37.48 -18.01 -11.42
C TYR C 985 -37.64 -16.50 -11.25
N GLU C 986 -38.33 -16.13 -10.17
CA GLU C 986 -38.54 -14.73 -9.83
C GLU C 986 -37.23 -13.96 -9.81
N GLN C 987 -36.19 -14.56 -9.21
CA GLN C 987 -34.87 -13.94 -9.11
C GLN C 987 -34.25 -13.72 -10.47
N TYR C 988 -34.41 -14.70 -11.37
CA TYR C 988 -33.90 -14.56 -12.73
C TYR C 988 -34.54 -13.37 -13.43
N ILE C 989 -35.84 -13.20 -13.22
CA ILE C 989 -36.58 -12.07 -13.76
C ILE C 989 -36.03 -10.74 -13.20
N GLN C 990 -35.79 -10.71 -11.89
CA GLN C 990 -35.19 -9.55 -11.23
C GLN C 990 -33.86 -9.14 -11.88
N THR C 991 -33.03 -10.13 -12.20
CA THR C 991 -31.72 -9.91 -12.82
C THR C 991 -31.86 -9.49 -14.30
N ARG C 992 -32.69 -10.22 -15.06
CA ARG C 992 -32.88 -9.90 -16.48
C ARG C 992 -33.44 -8.50 -16.67
N ASN C 993 -34.29 -8.06 -15.73
CA ASN C 993 -34.78 -6.69 -15.69
C ASN C 993 -33.62 -5.72 -15.54
N GLN C 994 -32.65 -6.11 -14.71
CA GLN C 994 -31.56 -5.24 -14.33
C GLN C 994 -30.43 -5.25 -15.37
N TYR C 995 -29.99 -6.43 -15.76
CA TYR C 995 -28.77 -6.57 -16.55
C TYR C 995 -28.96 -7.03 -17.99
N GLY C 996 -30.15 -7.51 -18.32
CA GLY C 996 -30.44 -7.99 -19.67
C GLY C 996 -29.98 -9.42 -19.88
N ASN C 997 -29.78 -9.80 -21.15
CA ASN C 997 -29.31 -11.15 -21.46
C ASN C 997 -27.82 -11.29 -21.15
N LEU C 998 -27.52 -11.91 -20.02
CA LEU C 998 -26.14 -12.13 -19.59
C LEU C 998 -25.48 -13.30 -20.33
N SER C 999 -26.29 -14.26 -20.79
CA SER C 999 -25.78 -15.49 -21.42
C SER C 999 -24.92 -15.24 -22.66
N LEU C 1000 -24.85 -13.98 -23.09
CA LEU C 1000 -24.10 -13.59 -24.29
C LEU C 1000 -22.67 -13.17 -23.96
N LEU C 1001 -22.42 -12.84 -22.69
CA LEU C 1001 -21.07 -12.52 -22.25
C LEU C 1001 -20.18 -13.74 -22.32
N ASP C 1002 -18.91 -13.53 -22.68
CA ASP C 1002 -17.93 -14.58 -22.56
C ASP C 1002 -17.74 -14.90 -21.07
N THR C 1003 -17.43 -16.16 -20.77
CA THR C 1003 -17.33 -16.61 -19.39
C THR C 1003 -16.38 -15.76 -18.53
N PRO C 1004 -15.11 -15.56 -18.97
CA PRO C 1004 -14.23 -14.74 -18.15
C PRO C 1004 -14.85 -13.38 -17.83
N THR C 1005 -15.44 -12.71 -18.82
CA THR C 1005 -16.08 -11.41 -18.57
C THR C 1005 -17.28 -11.57 -17.64
N PHE C 1006 -17.99 -12.69 -17.75
CA PHE C 1006 -19.12 -12.99 -16.85
C PHE C 1006 -18.70 -13.07 -15.38
N PHE C 1007 -17.55 -13.67 -15.09
CA PHE C 1007 -17.11 -13.89 -13.71
C PHE C 1007 -16.22 -12.79 -13.13
N PHE C 1008 -15.52 -12.06 -13.99
CA PHE C 1008 -14.47 -11.16 -13.54
C PHE C 1008 -14.66 -9.73 -14.01
N GLY C 1009 -15.52 -9.54 -15.00
CA GLY C 1009 -15.68 -8.24 -15.64
C GLY C 1009 -14.52 -7.96 -16.55
N MET C 1010 -13.87 -6.82 -16.35
CA MET C 1010 -12.77 -6.39 -17.20
C MET C 1010 -11.64 -5.73 -16.41
N ARG C 1011 -10.49 -5.55 -17.07
CA ARG C 1011 -9.37 -4.82 -16.50
C ARG C 1011 -9.13 -3.53 -17.29
N ASN C 1012 -8.37 -2.60 -16.74
CA ASN C 1012 -8.02 -1.37 -17.44
C ASN C 1012 -7.40 -1.65 -18.81
N GLY C 1013 -7.82 -0.87 -19.82
CA GLY C 1013 -7.29 -0.99 -21.18
C GLY C 1013 -7.72 -2.23 -21.98
N GLU C 1014 -8.61 -3.04 -21.41
CA GLU C 1014 -9.09 -4.25 -22.07
C GLU C 1014 -10.25 -3.95 -23.01
N THR C 1015 -10.35 -4.76 -24.07
CA THR C 1015 -11.43 -4.63 -25.04
C THR C 1015 -12.13 -5.97 -25.20
N VAL C 1016 -13.45 -5.97 -25.04
CA VAL C 1016 -14.23 -7.20 -25.10
C VAL C 1016 -15.27 -7.17 -26.22
N GLU C 1017 -15.28 -8.21 -27.05
CA GLU C 1017 -16.29 -8.39 -28.08
C GLU C 1017 -17.45 -9.21 -27.50
N ILE C 1018 -18.67 -8.72 -27.66
CA ILE C 1018 -19.87 -9.46 -27.28
C ILE C 1018 -20.71 -9.72 -28.52
N GLU C 1019 -20.78 -11.00 -28.91
CA GLU C 1019 -21.57 -11.43 -30.06
C GLU C 1019 -23.07 -11.35 -29.74
N ILE C 1020 -23.80 -10.57 -30.53
CA ILE C 1020 -25.22 -10.27 -30.28
C ILE C 1020 -26.18 -10.91 -31.30
N ASP C 1021 -25.73 -11.00 -32.55
CA ASP C 1021 -26.51 -11.54 -33.65
C ASP C 1021 -25.56 -11.59 -34.85
N LYS C 1022 -25.88 -12.39 -35.86
CA LYS C 1022 -25.03 -12.41 -37.05
C LYS C 1022 -24.73 -10.99 -37.55
N GLY C 1023 -23.47 -10.57 -37.43
CA GLY C 1023 -23.04 -9.25 -37.86
C GLY C 1023 -23.25 -8.12 -36.85
N LYS C 1024 -23.93 -8.42 -35.75
CA LYS C 1024 -24.18 -7.45 -34.70
C LYS C 1024 -23.42 -7.82 -33.42
N ARG C 1025 -22.62 -6.88 -32.91
CA ARG C 1025 -21.84 -7.09 -31.69
C ARG C 1025 -21.45 -5.79 -30.98
N LEU C 1026 -21.32 -5.88 -29.66
CA LEU C 1026 -20.87 -4.73 -28.86
C LEU C 1026 -19.37 -4.84 -28.63
N ILE C 1027 -18.67 -3.76 -28.92
CA ILE C 1027 -17.24 -3.65 -28.65
C ILE C 1027 -17.04 -2.67 -27.51
N ILE C 1028 -16.63 -3.20 -26.36
CA ILE C 1028 -16.48 -2.41 -25.14
C ILE C 1028 -15.02 -2.35 -24.68
N LYS C 1029 -14.44 -1.15 -24.71
CA LYS C 1029 -13.14 -0.91 -24.09
C LYS C 1029 -13.36 -0.23 -22.75
N LEU C 1030 -12.64 -0.70 -21.74
CA LEU C 1030 -12.70 -0.11 -20.41
C LEU C 1030 -11.43 0.71 -20.17
N GLU C 1031 -11.59 2.03 -20.11
CA GLU C 1031 -10.44 2.93 -20.02
C GLU C 1031 -9.85 2.99 -18.60
N THR C 1032 -10.60 3.54 -17.64
CA THR C 1032 -10.22 3.53 -16.22
C THR C 1032 -11.43 3.55 -15.28
N ILE C 1033 -11.15 3.35 -13.99
CA ILE C 1033 -12.14 3.43 -12.93
C ILE C 1033 -11.75 4.53 -11.95
N SER C 1034 -12.65 5.48 -11.70
CA SER C 1034 -12.36 6.60 -10.81
C SER C 1034 -12.36 6.21 -9.34
N GLU C 1035 -12.07 7.19 -8.48
CA GLU C 1035 -12.09 7.02 -7.03
C GLU C 1035 -13.52 7.03 -6.51
N PRO C 1036 -13.76 6.42 -5.33
CA PRO C 1036 -15.09 6.55 -4.75
C PRO C 1036 -15.32 7.99 -4.35
N ASP C 1037 -16.38 8.60 -4.89
CA ASP C 1037 -16.74 9.96 -4.52
C ASP C 1037 -17.29 9.97 -3.09
N GLU C 1038 -17.90 11.09 -2.71
CA GLU C 1038 -18.44 11.28 -1.36
C GLU C 1038 -19.58 10.31 -1.02
N ASN C 1039 -20.15 9.67 -2.04
CA ASN C 1039 -21.21 8.66 -1.84
C ASN C 1039 -20.75 7.23 -2.15
N GLY C 1040 -19.45 7.03 -2.34
CA GLY C 1040 -18.90 5.71 -2.62
C GLY C 1040 -19.15 5.20 -4.02
N ASN C 1041 -19.61 6.08 -4.91
CA ASN C 1041 -19.75 5.73 -6.32
C ASN C 1041 -18.44 5.94 -7.07
N ARG C 1042 -18.12 5.00 -7.96
CA ARG C 1042 -16.95 5.12 -8.81
C ARG C 1042 -17.39 5.32 -10.26
N THR C 1043 -16.73 6.25 -10.95
CA THR C 1043 -16.99 6.49 -12.37
C THR C 1043 -16.11 5.59 -13.25
N ILE C 1044 -16.74 4.69 -14.00
CA ILE C 1044 -16.03 3.89 -15.00
C ILE C 1044 -16.05 4.59 -16.36
N TYR C 1045 -14.88 4.76 -16.93
CA TYR C 1045 -14.71 5.34 -18.25
C TYR C 1045 -14.72 4.25 -19.32
N TYR C 1046 -15.78 4.27 -20.13
CA TYR C 1046 -15.97 3.26 -21.18
C TYR C 1046 -15.88 3.87 -22.58
N ALA C 1047 -15.52 3.02 -23.54
CA ALA C 1047 -15.70 3.32 -24.95
C ALA C 1047 -16.48 2.16 -25.58
N MET C 1048 -17.70 2.45 -26.03
CA MET C 1048 -18.56 1.42 -26.59
C MET C 1048 -18.97 1.78 -28.02
N ASN C 1049 -18.57 0.92 -28.95
CA ASN C 1049 -18.85 1.09 -30.37
C ASN C 1049 -18.48 2.46 -30.91
N GLY C 1050 -17.25 2.87 -30.65
CA GLY C 1050 -16.72 4.15 -31.11
C GLY C 1050 -17.33 5.36 -30.43
N GLN C 1051 -17.98 5.13 -29.29
CA GLN C 1051 -18.64 6.20 -28.54
C GLN C 1051 -18.24 6.14 -27.07
N ALA C 1052 -17.78 7.28 -26.54
CA ALA C 1052 -17.35 7.39 -25.15
C ALA C 1052 -18.54 7.40 -24.18
N ARG C 1053 -18.44 6.60 -23.13
CA ARG C 1053 -19.52 6.46 -22.16
C ARG C 1053 -19.03 6.45 -20.71
N ARG C 1054 -19.90 6.87 -19.80
CA ARG C 1054 -19.61 6.87 -18.36
C ARG C 1054 -20.71 6.16 -17.56
N ILE C 1055 -20.29 5.32 -16.63
CA ILE C 1055 -21.20 4.54 -15.80
C ILE C 1055 -20.78 4.68 -14.34
N TYR C 1056 -21.75 4.84 -13.46
CA TYR C 1056 -21.48 5.00 -12.04
C TYR C 1056 -21.91 3.76 -11.28
N ILE C 1057 -20.98 3.20 -10.53
CA ILE C 1057 -21.24 2.01 -9.72
C ILE C 1057 -20.87 2.28 -8.26
N LYS C 1058 -21.78 1.90 -7.36
CA LYS C 1058 -21.58 1.99 -5.92
C LYS C 1058 -20.63 0.88 -5.51
N ASP C 1059 -19.55 1.26 -4.83
CA ASP C 1059 -18.61 0.30 -4.28
C ASP C 1059 -19.22 -0.31 -3.02
N GLU C 1060 -19.48 -1.61 -3.05
CA GLU C 1060 -20.12 -2.33 -1.93
C GLU C 1060 -19.25 -2.38 -0.67
N ASN C 1061 -18.05 -1.80 -0.75
CA ASN C 1061 -17.17 -1.67 0.41
C ASN C 1061 -17.55 -0.48 1.28
N THR C 1108 -16.52 10.82 20.27
CA THR C 1108 -15.46 11.05 19.30
C THR C 1108 -14.12 10.46 19.77
N GLU C 1109 -13.12 10.47 18.89
CA GLU C 1109 -11.75 10.04 19.23
C GLU C 1109 -10.71 10.68 18.31
N ALA C 1110 -9.90 11.58 18.86
CA ALA C 1110 -8.83 12.24 18.11
C ALA C 1110 -7.47 11.59 18.41
N MET C 1111 -6.67 12.25 19.25
CA MET C 1111 -5.37 11.72 19.66
C MET C 1111 -5.49 11.19 21.09
N LYS C 1112 -6.20 10.08 21.23
CA LYS C 1112 -6.57 9.50 22.53
C LYS C 1112 -7.48 10.42 23.38
N MET C 1113 -8.14 11.37 22.72
CA MET C 1113 -9.07 12.30 23.39
C MET C 1113 -10.53 12.05 23.02
N GLU C 1114 -11.41 12.24 24.00
CA GLU C 1114 -12.83 11.94 23.85
C GLU C 1114 -13.69 13.05 24.45
N THR C 1115 -14.73 13.45 23.72
CA THR C 1115 -15.73 14.41 24.19
C THR C 1115 -17.08 14.25 23.47
N GLN D 3 33.55 -49.68 33.67
CA GLN D 3 32.88 -50.31 32.48
C GLN D 3 31.66 -49.51 31.99
N ILE D 4 30.97 -48.85 32.92
CA ILE D 4 29.78 -48.03 32.61
C ILE D 4 30.07 -47.02 31.49
N LYS D 5 29.29 -47.12 30.41
CA LYS D 5 29.44 -46.22 29.26
C LYS D 5 28.24 -45.31 28.96
N LYS D 6 27.03 -45.75 29.34
CA LYS D 6 25.83 -44.92 29.18
C LYS D 6 24.99 -44.85 30.47
N LEU D 7 24.73 -43.63 30.92
CA LEU D 7 24.03 -43.40 32.19
C LEU D 7 22.68 -42.75 31.95
N LEU D 8 21.66 -43.22 32.67
CA LEU D 8 20.35 -42.56 32.65
C LEU D 8 20.06 -41.98 34.04
N VAL D 9 19.47 -40.79 34.07
CA VAL D 9 19.09 -40.18 35.33
C VAL D 9 17.59 -40.27 35.54
N ALA D 10 17.19 -40.95 36.60
CA ALA D 10 15.78 -41.06 36.97
C ALA D 10 15.42 -39.89 37.87
N ASN D 11 15.51 -38.68 37.32
CA ASN D 11 15.29 -37.44 38.06
C ASN D 11 15.13 -36.21 37.14
N ARG D 12 15.02 -35.04 37.76
CA ARG D 12 14.83 -33.79 37.05
C ARG D 12 15.65 -32.71 37.75
N GLY D 13 15.56 -31.48 37.24
CA GLY D 13 16.11 -30.30 37.91
C GLY D 13 17.61 -30.27 38.09
N GLU D 14 18.07 -29.51 39.08
CA GLU D 14 19.49 -29.27 39.30
C GLU D 14 20.35 -30.54 39.45
N ILE D 15 19.80 -31.58 40.10
CA ILE D 15 20.54 -32.81 40.36
C ILE D 15 20.82 -33.62 39.10
N ALA D 16 19.88 -33.61 38.16
CA ALA D 16 20.06 -34.31 36.91
C ALA D 16 21.20 -33.65 36.13
N ILE D 17 21.17 -32.31 36.05
CA ILE D 17 22.23 -31.53 35.42
C ILE D 17 23.56 -31.81 36.10
N ARG D 18 23.50 -31.99 37.42
CA ARG D 18 24.69 -32.32 38.20
C ARG D 18 25.28 -33.67 37.80
N ILE D 19 24.43 -34.70 37.74
CA ILE D 19 24.89 -36.04 37.36
C ILE D 19 25.41 -36.06 35.93
N PHE D 20 24.69 -35.40 35.02
CA PHE D 20 25.08 -35.31 33.63
C PHE D 20 26.47 -34.71 33.41
N ARG D 21 26.76 -33.62 34.12
CA ARG D 21 28.07 -32.96 33.99
C ARG D 21 29.14 -33.89 34.52
N ALA D 22 28.92 -34.43 35.70
CA ALA D 22 29.84 -35.37 36.32
C ALA D 22 30.11 -36.53 35.37
N ALA D 23 29.05 -37.15 34.86
CA ALA D 23 29.15 -38.31 33.96
C ALA D 23 29.94 -38.00 32.71
N ALA D 24 29.74 -36.79 32.16
CA ALA D 24 30.39 -36.38 30.93
C ALA D 24 31.90 -36.24 31.11
N GLU D 25 32.31 -35.85 32.31
CA GLU D 25 33.73 -35.72 32.64
C GLU D 25 34.41 -37.09 32.63
N LEU D 26 33.60 -38.14 32.81
CA LEU D 26 34.06 -39.52 32.75
C LEU D 26 33.80 -40.15 31.38
N ASP D 27 33.56 -39.31 30.38
CA ASP D 27 33.26 -39.77 29.00
C ASP D 27 32.14 -40.80 28.89
N ILE D 28 31.11 -40.60 29.71
CA ILE D 28 29.92 -41.44 29.73
C ILE D 28 28.80 -40.68 29.05
N SER D 29 28.08 -41.33 28.13
CA SER D 29 26.88 -40.75 27.53
C SER D 29 25.77 -40.59 28.57
N THR D 30 24.91 -39.59 28.35
CA THR D 30 23.85 -39.28 29.29
C THR D 30 22.47 -39.43 28.66
N VAL D 31 21.50 -39.83 29.48
CA VAL D 31 20.12 -39.94 29.04
C VAL D 31 19.21 -39.28 30.07
N ALA D 32 18.44 -38.31 29.60
CA ALA D 32 17.49 -37.61 30.44
C ALA D 32 16.13 -38.26 30.32
N ILE D 33 15.32 -38.15 31.37
CA ILE D 33 13.92 -38.47 31.26
C ILE D 33 13.10 -37.27 31.69
N TYR D 34 12.03 -36.99 30.93
CA TYR D 34 11.19 -35.84 31.22
C TYR D 34 9.70 -36.17 31.08
N SER D 35 8.88 -35.39 31.77
CA SER D 35 7.43 -35.45 31.66
C SER D 35 6.92 -34.35 30.73
N ASN D 36 5.63 -34.40 30.42
CA ASN D 36 4.98 -33.42 29.54
C ASN D 36 5.16 -31.96 29.98
N GLU D 37 5.05 -31.72 31.29
CA GLU D 37 5.16 -30.36 31.85
C GLU D 37 6.61 -29.98 32.12
N ASP D 38 7.52 -30.91 31.87
CA ASP D 38 8.95 -30.67 31.93
C ASP D 38 9.57 -30.64 30.52
N LYS D 39 8.73 -30.40 29.51
CA LYS D 39 9.15 -30.32 28.11
C LYS D 39 10.22 -29.25 27.84
N SER D 40 10.26 -28.23 28.68
CA SER D 40 11.27 -27.18 28.53
C SER D 40 12.08 -26.98 29.81
N SER D 41 12.18 -28.03 30.61
CA SER D 41 13.08 -28.05 31.77
C SER D 41 14.50 -28.16 31.24
N LEU D 42 15.41 -27.34 31.80
CA LEU D 42 16.77 -27.30 31.29
C LEU D 42 17.46 -28.66 31.27
N HIS D 43 17.15 -29.52 32.24
CA HIS D 43 17.79 -30.84 32.35
C HIS D 43 17.53 -31.73 31.14
N ARG D 44 16.40 -31.49 30.47
CA ARG D 44 15.99 -32.23 29.28
C ARG D 44 16.99 -32.02 28.15
N TYR D 45 17.47 -30.78 28.02
CA TYR D 45 18.38 -30.39 26.94
C TYR D 45 19.85 -30.54 27.32
N LYS D 46 20.11 -30.96 28.55
CA LYS D 46 21.47 -30.96 29.11
C LYS D 46 22.15 -32.31 28.95
N ALA D 47 21.40 -33.30 28.49
CA ALA D 47 21.94 -34.65 28.31
C ALA D 47 22.22 -34.93 26.83
N ASP D 48 22.93 -36.04 26.59
CA ASP D 48 23.20 -36.49 25.23
C ASP D 48 21.91 -37.00 24.56
N GLU D 49 20.96 -37.44 25.38
CA GLU D 49 19.68 -38.01 24.92
C GLU D 49 18.55 -37.70 25.92
N SER D 50 17.34 -37.51 25.40
CA SER D 50 16.17 -37.33 26.25
C SER D 50 14.94 -38.03 25.68
N TYR D 51 14.12 -38.59 26.55
CA TYR D 51 12.92 -39.31 26.15
C TYR D 51 11.71 -38.90 26.97
N LEU D 52 10.55 -38.81 26.32
CA LEU D 52 9.30 -38.56 27.04
C LEU D 52 8.90 -39.82 27.77
N VAL D 53 9.13 -39.84 29.08
CA VAL D 53 8.67 -40.94 29.91
C VAL D 53 7.18 -40.81 30.15
N GLY D 54 6.46 -41.84 29.69
CA GLY D 54 5.02 -41.92 29.83
C GLY D 54 4.31 -41.02 28.84
N SER D 55 3.74 -41.63 27.81
CA SER D 55 2.98 -40.91 26.79
C SER D 55 1.92 -40.01 27.42
N ASP D 56 1.04 -40.63 28.22
CA ASP D 56 -0.10 -39.94 28.83
C ASP D 56 0.01 -39.77 30.36
N LEU D 57 1.19 -40.07 30.90
CA LEU D 57 1.44 -39.98 32.34
C LEU D 57 1.10 -38.61 32.94
N GLY D 58 0.74 -38.61 34.22
CA GLY D 58 0.33 -37.39 34.93
C GLY D 58 1.46 -36.51 35.41
N PRO D 59 1.42 -36.11 36.70
CA PRO D 59 2.30 -35.06 37.22
C PRO D 59 3.66 -35.57 37.72
N ALA D 60 3.72 -35.90 39.00
CA ALA D 60 4.95 -36.36 39.66
C ALA D 60 5.11 -37.87 39.55
N GLU D 61 4.10 -38.54 39.00
CA GLU D 61 4.15 -39.98 38.78
C GLU D 61 5.06 -40.35 37.60
N SER D 62 5.43 -39.35 36.79
CA SER D 62 6.28 -39.56 35.62
C SER D 62 7.64 -40.12 36.00
N TYR D 63 8.25 -39.51 37.01
CA TYR D 63 9.59 -39.86 37.48
C TYR D 63 9.54 -40.97 38.53
N LEU D 64 8.35 -41.51 38.76
CA LEU D 64 8.13 -42.61 39.68
C LEU D 64 7.71 -43.88 38.94
N ASN D 65 7.34 -43.74 37.67
CA ASN D 65 6.87 -44.87 36.88
C ASN D 65 7.98 -45.83 36.46
N ILE D 66 8.25 -46.77 37.37
CA ILE D 66 9.33 -47.74 37.27
C ILE D 66 9.46 -48.41 35.90
N GLU D 67 8.36 -48.93 35.37
CA GLU D 67 8.37 -49.74 34.16
C GLU D 67 8.63 -48.97 32.86
N ARG D 68 8.11 -47.75 32.74
CA ARG D 68 8.38 -46.91 31.58
C ARG D 68 9.83 -46.40 31.57
N ILE D 69 10.34 -46.06 32.74
CA ILE D 69 11.73 -45.64 32.91
C ILE D 69 12.64 -46.76 32.42
N ILE D 70 12.48 -47.94 33.02
CA ILE D 70 13.26 -49.11 32.67
C ILE D 70 13.16 -49.46 31.18
N ASP D 71 11.98 -49.30 30.59
CA ASP D 71 11.85 -49.45 29.14
C ASP D 71 12.73 -48.43 28.39
N VAL D 72 12.65 -47.15 28.79
CA VAL D 72 13.50 -46.12 28.18
C VAL D 72 14.98 -46.47 28.32
N ALA D 73 15.33 -47.05 29.47
CA ALA D 73 16.70 -47.50 29.74
C ALA D 73 17.11 -48.68 28.86
N LYS D 74 16.18 -49.63 28.69
CA LYS D 74 16.41 -50.82 27.88
C LYS D 74 16.66 -50.47 26.42
N GLN D 75 15.78 -49.64 25.86
CA GLN D 75 15.81 -49.27 24.45
C GLN D 75 17.04 -48.46 24.09
N ALA D 76 17.50 -47.62 25.02
CA ALA D 76 18.62 -46.73 24.77
C ALA D 76 19.98 -47.33 25.12
N ASN D 77 19.97 -48.59 25.58
CA ASN D 77 21.19 -49.31 26.01
C ASN D 77 21.92 -48.65 27.17
N VAL D 78 21.21 -48.49 28.29
CA VAL D 78 21.77 -47.88 29.48
C VAL D 78 22.45 -48.92 30.38
N ASP D 79 23.67 -48.62 30.82
CA ASP D 79 24.43 -49.48 31.73
C ASP D 79 24.08 -49.21 33.20
N ALA D 80 23.92 -47.93 33.56
CA ALA D 80 23.67 -47.54 34.94
C ALA D 80 22.62 -46.45 35.06
N ILE D 81 21.81 -46.53 36.11
CA ILE D 81 20.82 -45.50 36.40
C ILE D 81 21.13 -44.81 37.73
N HIS D 82 21.31 -43.50 37.68
CA HIS D 82 21.47 -42.70 38.88
C HIS D 82 20.11 -42.14 39.28
N PRO D 83 19.67 -42.41 40.51
CA PRO D 83 18.35 -41.95 40.94
C PRO D 83 18.36 -40.57 41.61
N GLY D 84 19.53 -39.95 41.69
CA GLY D 84 19.68 -38.71 42.45
C GLY D 84 19.07 -38.82 43.84
N TYR D 85 18.19 -37.88 44.18
CA TYR D 85 17.47 -37.88 45.45
C TYR D 85 15.98 -37.63 45.24
N GLY D 86 15.17 -38.03 46.23
CA GLY D 86 13.77 -37.66 46.32
C GLY D 86 12.76 -38.21 45.32
N PHE D 87 13.03 -39.37 44.73
CA PHE D 87 12.06 -39.98 43.80
C PHE D 87 12.04 -41.48 43.93
N LEU D 88 12.84 -42.15 43.10
CA LEU D 88 13.00 -43.59 43.21
C LEU D 88 14.35 -43.91 43.85
N SER D 89 14.91 -42.89 44.49
CA SER D 89 16.20 -42.92 45.17
C SER D 89 16.25 -44.01 46.22
N GLU D 90 15.20 -44.06 47.05
CA GLU D 90 15.09 -45.05 48.13
C GLU D 90 13.97 -46.02 47.81
N ASN D 91 14.03 -46.62 46.62
CA ASN D 91 13.00 -47.55 46.16
C ASN D 91 13.58 -48.92 45.81
N GLU D 92 13.38 -49.88 46.72
CA GLU D 92 13.98 -51.21 46.57
C GLU D 92 13.52 -51.92 45.30
N GLN D 93 12.23 -51.78 44.99
CA GLN D 93 11.65 -52.40 43.80
C GLN D 93 12.41 -51.95 42.55
N PHE D 94 12.48 -50.64 42.33
CA PHE D 94 13.22 -50.09 41.21
C PHE D 94 14.68 -50.56 41.17
N ALA D 95 15.31 -50.64 42.34
CA ALA D 95 16.67 -51.17 42.46
C ALA D 95 16.77 -52.63 42.03
N ARG D 96 15.76 -53.43 42.38
CA ARG D 96 15.73 -54.84 42.00
C ARG D 96 15.60 -54.95 40.49
N ARG D 97 14.54 -54.34 39.95
CA ARG D 97 14.25 -54.37 38.53
C ARG D 97 15.41 -53.87 37.68
N CYS D 98 16.28 -53.05 38.28
CA CYS D 98 17.51 -52.59 37.63
C CYS D 98 18.51 -53.73 37.48
N ALA D 99 18.78 -54.43 38.58
CA ALA D 99 19.68 -55.59 38.56
C ALA D 99 19.15 -56.66 37.58
N GLU D 100 17.90 -57.06 37.78
CA GLU D 100 17.24 -58.10 36.97
C GLU D 100 17.31 -57.82 35.47
N GLU D 101 17.39 -56.55 35.10
CA GLU D 101 17.49 -56.17 33.69
C GLU D 101 18.91 -55.80 33.25
N GLY D 102 19.86 -55.91 34.18
CA GLY D 102 21.27 -55.68 33.89
C GLY D 102 21.70 -54.22 33.88
N ILE D 103 20.95 -53.39 34.59
CA ILE D 103 21.29 -51.97 34.73
C ILE D 103 21.79 -51.74 36.13
N LYS D 104 23.01 -51.24 36.24
CA LYS D 104 23.60 -51.02 37.56
C LYS D 104 22.89 -49.85 38.26
N PHE D 105 22.23 -50.16 39.37
CA PHE D 105 21.62 -49.14 40.21
C PHE D 105 22.69 -48.38 40.99
N ILE D 106 22.80 -47.08 40.75
CA ILE D 106 23.82 -46.25 41.40
C ILE D 106 23.42 -45.87 42.83
N GLY D 107 23.97 -46.63 43.78
CA GLY D 107 23.68 -46.45 45.18
C GLY D 107 24.06 -47.73 45.89
N PRO D 108 23.48 -47.96 47.09
CA PRO D 108 23.78 -49.16 47.86
C PRO D 108 22.96 -50.36 47.39
N HIS D 109 23.25 -51.53 47.95
CA HIS D 109 22.62 -52.80 47.57
C HIS D 109 21.16 -52.92 48.03
N LEU D 110 20.48 -53.92 47.49
CA LEU D 110 19.09 -54.22 47.84
C LEU D 110 18.87 -54.29 49.36
N GLU D 111 19.73 -55.03 50.07
CA GLU D 111 19.60 -55.20 51.52
C GLU D 111 19.93 -53.92 52.31
N HIS D 112 20.55 -52.94 51.65
CA HIS D 112 20.83 -51.64 52.27
C HIS D 112 19.58 -50.78 52.34
N LEU D 113 18.86 -50.69 51.21
CA LEU D 113 17.59 -49.96 51.13
C LEU D 113 16.49 -50.61 51.99
N ASP D 114 16.64 -51.91 52.26
CA ASP D 114 15.70 -52.64 53.11
C ASP D 114 15.82 -52.21 54.58
N MET D 115 17.03 -52.29 55.12
CA MET D 115 17.33 -51.90 56.51
C MET D 115 16.79 -50.51 56.84
N PHE D 116 17.07 -49.56 55.95
CA PHE D 116 16.87 -48.14 56.24
C PHE D 116 15.58 -47.57 55.68
N GLY D 117 14.86 -48.40 54.92
CA GLY D 117 13.56 -48.03 54.38
C GLY D 117 12.46 -48.04 55.42
N ASP D 118 12.61 -48.87 56.44
CA ASP D 118 11.62 -49.00 57.49
C ASP D 118 12.13 -48.49 58.84
N LYS D 119 11.57 -47.37 59.30
CA LYS D 119 11.92 -46.72 60.58
C LYS D 119 12.03 -47.69 61.79
N VAL D 120 11.41 -48.87 61.67
CA VAL D 120 11.45 -49.89 62.73
C VAL D 120 12.65 -50.84 62.58
N LYS D 121 12.99 -51.19 61.34
CA LYS D 121 14.08 -52.12 61.04
C LYS D 121 15.46 -51.50 61.27
N ALA D 122 15.57 -50.19 61.02
CA ALA D 122 16.82 -49.44 61.15
C ALA D 122 17.38 -49.41 62.58
N ARG D 123 16.49 -49.41 63.57
CA ARG D 123 16.90 -49.40 64.98
C ARG D 123 17.62 -50.69 65.40
N THR D 124 17.19 -51.83 64.85
CA THR D 124 17.81 -53.13 65.12
C THR D 124 19.25 -53.15 64.61
N THR D 125 19.44 -52.59 63.41
CA THR D 125 20.77 -52.47 62.79
C THR D 125 21.65 -51.54 63.60
N ALA D 126 21.06 -50.45 64.08
CA ALA D 126 21.77 -49.46 64.88
C ALA D 126 22.25 -49.99 66.23
N ILE D 127 21.44 -50.82 66.87
CA ILE D 127 21.78 -51.37 68.18
C ILE D 127 22.72 -52.57 68.08
N LYS D 128 22.72 -53.24 66.93
CA LYS D 128 23.64 -54.35 66.65
C LYS D 128 25.08 -53.88 66.47
N ALA D 129 25.24 -52.63 66.06
CA ALA D 129 26.56 -52.02 65.87
C ALA D 129 26.93 -51.08 67.02
N ASP D 130 26.13 -51.14 68.10
CA ASP D 130 26.35 -50.37 69.33
C ASP D 130 26.39 -48.85 69.13
N LEU D 131 25.26 -48.30 68.68
CA LEU D 131 25.10 -46.85 68.57
C LEU D 131 23.94 -46.38 69.46
N PRO D 132 24.05 -45.18 70.05
CA PRO D 132 23.01 -44.67 70.94
C PRO D 132 21.68 -44.41 70.21
N VAL D 133 20.58 -44.67 70.90
CA VAL D 133 19.23 -44.48 70.36
C VAL D 133 18.36 -43.72 71.37
N ILE D 134 17.15 -43.34 70.95
CA ILE D 134 16.20 -42.62 71.81
C ILE D 134 15.77 -43.53 72.97
N PRO D 135 16.02 -43.10 74.23
CA PRO D 135 15.73 -43.93 75.40
C PRO D 135 14.23 -44.04 75.67
N ILE D 206 14.59 -34.79 75.79
CA ILE D 206 15.05 -34.78 74.40
C ILE D 206 15.12 -33.33 73.89
N ASP D 207 15.50 -32.43 74.80
CA ASP D 207 15.38 -30.98 74.61
C ASP D 207 16.65 -30.32 74.05
N ASN D 208 16.46 -29.17 73.41
CA ASN D 208 17.53 -28.33 72.83
C ASN D 208 18.47 -29.04 71.84
N PRO D 209 17.92 -29.65 70.77
CA PRO D 209 18.70 -30.52 69.90
C PRO D 209 19.37 -29.85 68.69
N LYS D 210 20.60 -30.30 68.38
CA LYS D 210 21.29 -29.93 67.15
C LYS D 210 21.30 -31.12 66.18
N HIS D 211 20.95 -30.86 64.92
CA HIS D 211 20.80 -31.91 63.91
C HIS D 211 22.07 -32.08 63.08
N ILE D 212 22.83 -33.13 63.38
CA ILE D 212 24.15 -33.37 62.76
C ILE D 212 24.13 -34.61 61.87
N GLU D 213 24.66 -34.47 60.65
CA GLU D 213 24.71 -35.57 59.68
C GLU D 213 26.13 -35.83 59.19
N VAL D 214 26.48 -37.12 59.06
CA VAL D 214 27.81 -37.50 58.57
C VAL D 214 27.70 -38.13 57.19
N GLN D 215 28.52 -37.63 56.27
CA GLN D 215 28.61 -38.21 54.94
C GLN D 215 29.58 -39.38 54.97
N VAL D 216 29.22 -40.46 54.27
CA VAL D 216 30.11 -41.59 54.08
C VAL D 216 30.08 -42.09 52.63
N ILE D 217 31.21 -42.63 52.19
CA ILE D 217 31.30 -43.32 50.90
C ILE D 217 32.17 -44.55 51.05
N GLY D 218 31.64 -45.68 50.57
CA GLY D 218 32.37 -46.94 50.54
C GLY D 218 32.27 -47.57 49.16
N ASP D 219 33.27 -48.37 48.79
CA ASP D 219 33.27 -49.06 47.51
C ASP D 219 32.79 -50.51 47.66
N GLU D 220 32.67 -51.21 46.53
CA GLU D 220 32.26 -52.61 46.51
C GLU D 220 33.38 -53.54 47.00
N HIS D 221 34.47 -52.95 47.50
CA HIS D 221 35.67 -53.71 47.85
C HIS D 221 36.11 -53.59 49.31
N GLY D 222 35.27 -52.97 50.15
CA GLY D 222 35.50 -52.94 51.59
C GLY D 222 36.16 -51.69 52.15
N ASN D 223 36.57 -50.79 51.26
CA ASN D 223 37.16 -49.51 51.67
C ASN D 223 36.06 -48.52 51.93
N ILE D 224 35.98 -48.02 53.16
CA ILE D 224 34.97 -47.01 53.51
C ILE D 224 35.58 -45.83 54.26
N VAL D 225 35.14 -44.63 53.92
CA VAL D 225 35.57 -43.38 54.56
C VAL D 225 34.36 -42.50 54.89
N HIS D 226 34.58 -41.50 55.75
CA HIS D 226 33.60 -40.44 55.95
C HIS D 226 34.15 -39.11 55.44
N LEU D 227 33.28 -38.25 54.95
CA LEU D 227 33.69 -36.91 54.52
C LEU D 227 33.27 -35.84 55.53
N PHE D 228 33.54 -36.14 56.80
CA PHE D 228 33.16 -35.29 57.93
C PHE D 228 31.65 -35.07 58.05
N GLU D 229 31.25 -33.93 58.62
CA GLU D 229 29.87 -33.71 59.02
C GLU D 229 29.18 -32.51 58.35
N ARG D 230 27.87 -32.40 58.61
CA ARG D 230 27.04 -31.29 58.14
C ARG D 230 26.04 -30.90 59.22
N ASP D 231 26.14 -29.66 59.67
CA ASP D 231 25.16 -29.10 60.59
C ASP D 231 23.87 -28.84 59.83
N CYS D 232 22.77 -29.42 60.29
CA CYS D 232 21.48 -29.29 59.62
C CYS D 232 20.42 -28.71 60.55
N SER D 233 20.87 -27.97 61.56
CA SER D 233 20.00 -27.51 62.64
C SER D 233 18.96 -26.47 62.19
N VAL D 234 19.34 -25.60 61.27
CA VAL D 234 18.41 -24.58 60.75
C VAL D 234 17.32 -25.23 59.91
N GLN D 235 16.14 -25.40 60.51
CA GLN D 235 14.95 -25.95 59.83
C GLN D 235 13.66 -25.42 60.44
N ARG D 236 12.70 -25.05 59.59
CA ARG D 236 11.47 -24.40 60.07
C ARG D 236 10.48 -25.39 60.70
N ARG D 237 10.26 -26.51 60.02
CA ARG D 237 9.43 -27.57 60.55
C ARG D 237 10.16 -28.90 60.34
N HIS D 238 9.75 -29.65 59.32
CA HIS D 238 10.48 -30.85 58.92
C HIS D 238 11.23 -30.57 57.64
N GLN D 239 11.21 -29.30 57.23
CA GLN D 239 11.94 -28.84 56.05
C GLN D 239 13.29 -28.26 56.46
N LYS D 240 14.36 -28.89 55.99
CA LYS D 240 15.71 -28.32 56.12
C LYS D 240 15.79 -27.00 55.35
N VAL D 241 16.42 -26.00 55.95
CA VAL D 241 16.52 -24.67 55.34
C VAL D 241 17.98 -24.31 55.03
N VAL D 242 18.80 -24.27 56.07
CA VAL D 242 20.21 -23.93 55.94
C VAL D 242 21.08 -25.02 56.55
N GLU D 243 22.08 -25.47 55.79
CA GLU D 243 23.06 -26.43 56.28
C GLU D 243 24.45 -25.79 56.35
N VAL D 244 25.29 -26.29 57.26
CA VAL D 244 26.68 -25.83 57.41
C VAL D 244 27.63 -27.03 57.46
N ALA D 245 28.79 -26.91 56.82
CA ALA D 245 29.84 -27.92 56.90
C ALA D 245 31.21 -27.28 56.98
N PRO D 246 32.02 -27.66 57.99
CA PRO D 246 31.65 -28.56 59.09
C PRO D 246 30.88 -27.83 60.20
N SER D 247 31.04 -28.27 61.44
CA SER D 247 30.33 -27.64 62.56
C SER D 247 31.08 -26.44 63.14
N VAL D 248 30.33 -25.37 63.41
CA VAL D 248 30.83 -24.22 64.12
C VAL D 248 30.36 -24.31 65.57
N GLY D 249 31.30 -24.23 66.51
CA GLY D 249 30.98 -24.27 67.94
C GLY D 249 31.00 -25.67 68.55
N LEU D 250 30.68 -26.69 67.75
CA LEU D 250 30.65 -28.08 68.22
C LEU D 250 32.08 -28.61 68.43
N SER D 251 32.34 -29.10 69.64
CA SER D 251 33.69 -29.49 70.06
C SER D 251 34.34 -30.55 69.18
N PRO D 252 35.69 -30.54 69.07
CA PRO D 252 36.47 -31.56 68.36
C PRO D 252 36.21 -33.00 68.83
N THR D 253 36.11 -33.21 70.15
CA THR D 253 35.85 -34.56 70.69
C THR D 253 34.47 -35.08 70.30
N LEU D 254 33.46 -34.21 70.36
CA LEU D 254 32.11 -34.55 69.91
C LEU D 254 32.14 -34.95 68.43
N ARG D 255 32.71 -34.06 67.62
CA ARG D 255 32.91 -34.27 66.19
C ARG D 255 33.39 -35.69 65.90
N GLN D 256 34.48 -36.09 66.56
CA GLN D 256 35.12 -37.38 66.31
C GLN D 256 34.22 -38.57 66.63
N ARG D 257 33.55 -38.53 67.78
CA ARG D 257 32.67 -39.62 68.22
C ARG D 257 31.52 -39.85 67.24
N ILE D 258 30.89 -38.75 66.82
CA ILE D 258 29.76 -38.80 65.88
C ILE D 258 30.19 -39.36 64.52
N CYS D 259 31.36 -38.92 64.06
CA CYS D 259 31.97 -39.48 62.85
C CYS D 259 32.26 -40.98 63.03
N ASP D 260 32.92 -41.33 64.13
CA ASP D 260 33.31 -42.72 64.42
C ASP D 260 32.11 -43.66 64.59
N ALA D 261 30.99 -43.10 65.06
CA ALA D 261 29.74 -43.85 65.16
C ALA D 261 29.20 -44.19 63.77
N ALA D 262 29.22 -43.19 62.90
CA ALA D 262 28.75 -43.33 61.53
C ALA D 262 29.56 -44.36 60.74
N ILE D 263 30.88 -44.35 60.92
CA ILE D 263 31.76 -45.29 60.23
C ILE D 263 31.70 -46.70 60.83
N GLN D 264 31.34 -46.78 62.11
CA GLN D 264 31.14 -48.06 62.77
C GLN D 264 29.91 -48.76 62.19
N LEU D 265 28.86 -47.98 61.92
CA LEU D 265 27.60 -48.51 61.46
C LEU D 265 27.67 -49.03 60.02
N MET D 266 28.21 -48.20 59.12
CA MET D 266 28.26 -48.52 57.69
C MET D 266 29.31 -49.57 57.35
N GLU D 267 30.40 -49.60 58.12
CA GLU D 267 31.45 -50.62 57.95
C GLU D 267 31.03 -51.97 58.54
N ASN D 268 29.94 -51.97 59.31
CA ASN D 268 29.37 -53.21 59.85
C ASN D 268 28.43 -53.91 58.85
N ILE D 269 27.67 -53.12 58.11
CA ILE D 269 26.71 -53.62 57.13
C ILE D 269 27.31 -53.84 55.74
N LYS D 270 28.60 -53.50 55.60
CA LYS D 270 29.30 -53.55 54.32
C LYS D 270 28.60 -52.64 53.31
N TYR D 271 28.60 -51.34 53.61
CA TYR D 271 27.85 -50.36 52.81
C TYR D 271 28.58 -49.95 51.53
N VAL D 272 27.81 -49.79 50.46
CA VAL D 272 28.33 -49.40 49.15
C VAL D 272 27.80 -48.03 48.75
N ASN D 273 28.69 -47.21 48.20
CA ASN D 273 28.32 -45.90 47.64
C ASN D 273 28.03 -44.85 48.71
N ALA D 274 27.53 -43.70 48.27
CA ALA D 274 27.25 -42.57 49.16
C ALA D 274 26.05 -42.80 50.07
N GLY D 275 26.20 -42.40 51.33
CA GLY D 275 25.15 -42.53 52.33
C GLY D 275 25.31 -41.48 53.42
N THR D 276 24.22 -41.13 54.09
CA THR D 276 24.25 -40.16 55.16
C THR D 276 23.68 -40.77 56.44
N VAL D 277 24.26 -40.39 57.59
CA VAL D 277 23.81 -40.87 58.89
C VAL D 277 23.32 -39.69 59.73
N GLU D 278 22.04 -39.73 60.09
CA GLU D 278 21.41 -38.64 60.84
C GLU D 278 21.50 -38.87 62.34
N PHE D 279 22.09 -37.91 63.04
CA PHE D 279 22.24 -37.96 64.49
C PHE D 279 21.51 -36.79 65.16
N LEU D 280 21.58 -36.75 66.48
CA LEU D 280 21.08 -35.63 67.27
C LEU D 280 22.11 -35.29 68.34
N VAL D 281 22.20 -34.02 68.71
CA VAL D 281 23.18 -33.57 69.71
C VAL D 281 22.51 -32.76 70.84
N SER D 282 22.85 -33.12 72.09
CA SER D 282 22.29 -32.47 73.26
C SER D 282 23.32 -31.57 73.97
N GLY D 283 24.46 -32.15 74.34
CA GLY D 283 25.57 -31.42 74.94
C GLY D 283 26.88 -32.09 74.61
N ASP D 284 27.18 -33.16 75.35
CA ASP D 284 28.30 -34.04 75.05
C ASP D 284 27.77 -35.44 74.77
N GLU D 285 26.66 -35.49 74.04
CA GLU D 285 25.89 -36.71 73.83
C GLU D 285 25.20 -36.71 72.47
N PHE D 286 25.06 -37.89 71.87
CA PHE D 286 24.41 -38.02 70.57
C PHE D 286 23.50 -39.25 70.45
N PHE D 287 22.51 -39.15 69.58
CA PHE D 287 21.55 -40.24 69.35
C PHE D 287 21.31 -40.47 67.86
N PHE D 288 21.21 -41.75 67.48
CA PHE D 288 20.94 -42.13 66.10
C PHE D 288 19.48 -41.86 65.73
N ILE D 289 19.27 -41.31 64.54
CA ILE D 289 17.93 -41.00 64.04
C ILE D 289 17.58 -41.89 62.83
N GLU D 290 18.24 -41.63 61.69
CA GLU D 290 17.98 -42.37 60.45
C GLU D 290 19.18 -42.40 59.50
N VAL D 291 19.11 -43.25 58.47
CA VAL D 291 20.13 -43.32 57.43
C VAL D 291 19.51 -43.04 56.05
N ASN D 292 20.06 -42.06 55.37
CA ASN D 292 19.65 -41.74 54.02
C ASN D 292 20.54 -42.51 53.05
N PRO D 293 19.97 -43.52 52.37
CA PRO D 293 20.74 -44.47 51.57
C PRO D 293 20.94 -44.01 50.14
N ARG D 294 21.31 -42.74 49.98
CA ARG D 294 21.45 -42.09 48.69
C ARG D 294 22.15 -40.76 48.86
N VAL D 295 22.27 -39.98 47.78
CA VAL D 295 22.86 -38.66 47.85
C VAL D 295 21.86 -37.70 48.46
N GLN D 296 22.35 -36.63 49.07
CA GLN D 296 21.48 -35.59 49.59
C GLN D 296 21.65 -34.29 48.79
N VAL D 297 20.65 -33.43 48.88
CA VAL D 297 20.67 -32.13 48.21
C VAL D 297 21.89 -31.32 48.65
N GLU D 298 22.17 -31.36 49.95
CA GLU D 298 23.21 -30.53 50.54
C GLU D 298 24.63 -31.06 50.34
N HIS D 299 24.79 -32.07 49.49
CA HIS D 299 26.08 -32.72 49.26
C HIS D 299 27.21 -31.72 48.93
N THR D 300 26.91 -30.78 48.02
CA THR D 300 27.91 -29.82 47.54
C THR D 300 28.70 -29.13 48.66
N ILE D 301 27.98 -28.77 49.73
CA ILE D 301 28.57 -28.08 50.87
C ILE D 301 29.79 -28.84 51.41
N THR D 302 29.70 -30.18 51.39
CA THR D 302 30.75 -31.08 51.80
C THR D 302 31.86 -31.18 50.76
N GLU D 303 31.49 -31.12 49.48
CA GLU D 303 32.46 -31.11 48.40
C GLU D 303 33.41 -29.92 48.57
N MET D 304 32.85 -28.74 48.79
CA MET D 304 33.64 -27.51 48.87
C MET D 304 34.72 -27.52 49.95
N VAL D 305 34.41 -28.12 51.10
CA VAL D 305 35.33 -28.14 52.24
C VAL D 305 36.31 -29.31 52.24
N THR D 306 35.97 -30.40 51.56
CA THR D 306 36.84 -31.58 51.51
C THR D 306 37.54 -31.74 50.17
N GLY D 307 37.07 -31.01 49.16
CA GLY D 307 37.65 -31.05 47.82
C GLY D 307 37.34 -32.30 47.02
N ILE D 308 36.38 -33.08 47.49
CA ILE D 308 36.05 -34.37 46.90
C ILE D 308 34.68 -34.36 46.21
N ASP D 309 34.66 -34.80 44.97
CA ASP D 309 33.43 -34.84 44.17
C ASP D 309 32.63 -36.09 44.53
N ILE D 310 31.57 -35.90 45.31
CA ILE D 310 30.71 -36.99 45.80
C ILE D 310 29.96 -37.68 44.67
N VAL D 311 29.29 -36.88 43.84
CA VAL D 311 28.47 -37.41 42.75
C VAL D 311 29.32 -38.21 41.75
N LYS D 312 30.39 -37.59 41.26
CA LYS D 312 31.33 -38.29 40.37
C LYS D 312 31.83 -39.58 41.01
N THR D 313 32.14 -39.54 42.30
CA THR D 313 32.58 -40.73 43.04
C THR D 313 31.54 -41.85 42.96
N GLN D 314 30.28 -41.54 43.25
CA GLN D 314 29.18 -42.50 43.14
C GLN D 314 29.19 -43.27 41.82
N ILE D 315 29.31 -42.53 40.71
CA ILE D 315 29.35 -43.12 39.37
C ILE D 315 30.53 -44.07 39.25
N LEU D 316 31.67 -43.68 39.82
CA LEU D 316 32.87 -44.52 39.82
C LEU D 316 32.74 -45.74 40.72
N VAL D 317 31.96 -45.60 41.79
CA VAL D 317 31.77 -46.68 42.76
C VAL D 317 30.87 -47.78 42.20
N ALA D 318 29.85 -47.37 41.46
CA ALA D 318 28.97 -48.30 40.75
C ALA D 318 29.63 -48.87 39.49
N ALA D 319 30.82 -48.36 39.17
CA ALA D 319 31.61 -48.83 38.02
C ALA D 319 32.66 -49.86 38.45
N GLY D 320 32.63 -50.24 39.73
CA GLY D 320 33.56 -51.23 40.28
C GLY D 320 34.79 -50.64 40.94
N ALA D 321 35.35 -49.59 40.34
CA ALA D 321 36.64 -48.99 40.73
C ALA D 321 36.90 -48.86 42.23
N ASP D 322 38.13 -49.16 42.64
CA ASP D 322 38.59 -49.03 44.02
C ASP D 322 38.80 -47.56 44.34
N LEU D 323 38.23 -47.09 45.45
CA LEU D 323 38.24 -45.65 45.76
C LEU D 323 39.63 -45.07 46.00
N PHE D 324 40.59 -45.94 46.31
CA PHE D 324 41.97 -45.53 46.50
C PHE D 324 42.81 -45.70 45.24
N GLY D 325 42.13 -45.86 44.10
CA GLY D 325 42.81 -46.11 42.83
C GLY D 325 42.94 -44.90 41.93
N GLU D 326 43.05 -45.17 40.64
CA GLU D 326 43.25 -44.13 39.62
C GLU D 326 41.97 -43.34 39.30
N GLU D 327 40.82 -43.94 39.58
CA GLU D 327 39.54 -43.34 39.22
C GLU D 327 39.06 -42.31 40.24
N ILE D 328 38.87 -42.77 41.48
CA ILE D 328 38.34 -41.92 42.54
C ILE D 328 39.44 -41.08 43.17
N ASN D 329 40.60 -41.70 43.40
CA ASN D 329 41.71 -41.09 44.12
C ASN D 329 41.29 -40.52 45.47
N MET D 330 40.83 -41.40 46.35
CA MET D 330 40.46 -41.01 47.71
C MET D 330 41.70 -40.84 48.58
N PRO D 331 41.84 -39.67 49.23
CA PRO D 331 42.89 -39.51 50.22
C PRO D 331 42.55 -40.36 51.42
N GLN D 332 43.56 -41.01 52.01
CA GLN D 332 43.33 -41.83 53.19
C GLN D 332 42.65 -41.01 54.28
N GLN D 333 41.76 -41.66 55.03
CA GLN D 333 40.96 -40.99 56.07
C GLN D 333 41.75 -39.98 56.89
N LYS D 334 42.98 -40.36 57.26
CA LYS D 334 43.92 -39.51 57.99
C LYS D 334 44.18 -38.20 57.24
N ASP D 335 44.36 -38.31 55.93
CA ASP D 335 44.67 -37.16 55.07
C ASP D 335 43.43 -36.36 54.63
N ILE D 336 42.24 -36.84 54.99
CA ILE D 336 41.02 -36.09 54.80
C ILE D 336 40.84 -35.08 55.94
N THR D 337 40.75 -33.80 55.58
CA THR D 337 40.45 -32.72 56.52
C THR D 337 39.50 -31.73 55.86
N THR D 338 39.09 -30.71 56.62
CA THR D 338 38.24 -29.64 56.09
C THR D 338 39.03 -28.35 55.85
N LEU D 339 38.64 -27.63 54.80
CA LEU D 339 39.22 -26.33 54.47
C LEU D 339 38.12 -25.29 54.50
N GLY D 340 38.20 -24.37 55.46
CA GLY D 340 37.17 -23.35 55.65
C GLY D 340 35.80 -23.92 56.00
N TYR D 341 34.78 -23.08 55.81
CA TYR D 341 33.40 -23.46 56.06
C TYR D 341 32.55 -23.27 54.80
N ALA D 342 31.45 -24.00 54.71
CA ALA D 342 30.52 -23.87 53.60
C ALA D 342 29.07 -23.83 54.09
N ILE D 343 28.25 -23.02 53.43
CA ILE D 343 26.85 -22.84 53.78
C ILE D 343 25.99 -23.05 52.54
N GLN D 344 24.83 -23.69 52.72
CA GLN D 344 23.87 -23.86 51.62
C GLN D 344 22.43 -23.52 52.03
N CYS D 345 21.68 -23.00 51.06
CA CYS D 345 20.24 -22.83 51.16
C CYS D 345 19.61 -23.07 49.78
N ARG D 346 18.30 -23.24 49.75
CA ARG D 346 17.57 -23.39 48.50
C ARG D 346 16.70 -22.17 48.21
N ILE D 347 16.76 -21.68 46.98
CA ILE D 347 15.90 -20.60 46.52
C ILE D 347 14.62 -21.20 45.93
N THR D 348 13.50 -20.98 46.62
CA THR D 348 12.22 -21.56 46.21
C THR D 348 11.21 -20.45 45.96
N THR D 349 10.01 -20.83 45.51
CA THR D 349 8.94 -19.86 45.28
C THR D 349 8.05 -19.65 46.52
N GLU D 350 8.44 -20.29 47.63
CA GLU D 350 7.71 -20.19 48.90
C GLU D 350 7.66 -18.74 49.38
N ASP D 351 6.48 -18.31 49.80
CA ASP D 351 6.28 -16.93 50.24
C ASP D 351 6.13 -16.84 51.77
N PRO D 352 7.14 -16.22 52.45
CA PRO D 352 7.05 -15.92 53.89
C PRO D 352 5.85 -15.03 54.22
N LEU D 353 5.45 -14.20 53.25
CA LEU D 353 4.28 -13.34 53.38
C LEU D 353 2.98 -14.13 53.28
N ASN D 354 3.06 -15.34 52.72
CA ASN D 354 1.86 -16.11 52.39
C ASN D 354 1.96 -17.59 52.77
N ASP D 355 2.16 -17.86 54.06
CA ASP D 355 2.14 -19.23 54.62
C ASP D 355 3.09 -20.25 53.98
N PHE D 356 4.05 -19.78 53.19
CA PHE D 356 5.01 -20.65 52.48
C PHE D 356 4.37 -21.54 51.39
N MET D 357 3.23 -21.11 50.87
CA MET D 357 2.58 -21.77 49.74
C MET D 357 3.40 -21.43 48.49
N PRO D 358 3.92 -22.46 47.78
CA PRO D 358 4.66 -22.26 46.54
C PRO D 358 3.89 -21.46 45.49
N ASP D 359 4.46 -20.31 45.09
CA ASP D 359 3.87 -19.45 44.06
C ASP D 359 4.14 -20.05 42.68
N THR D 360 3.24 -19.81 41.73
CA THR D 360 3.40 -20.29 40.35
C THR D 360 3.26 -19.18 39.31
N GLY D 361 3.76 -19.46 38.10
CA GLY D 361 3.69 -18.51 37.00
C GLY D 361 4.98 -18.45 36.22
N THR D 362 5.13 -17.38 35.45
CA THR D 362 6.29 -17.18 34.58
C THR D 362 7.27 -16.15 35.16
N ILE D 363 8.54 -16.53 35.25
CA ILE D 363 9.61 -15.59 35.59
C ILE D 363 9.83 -14.66 34.40
N ILE D 364 9.79 -13.36 34.64
CA ILE D 364 10.02 -12.38 33.58
C ILE D 364 11.44 -11.76 33.61
N ALA D 365 12.15 -11.97 34.71
CA ALA D 365 13.53 -11.51 34.87
C ALA D 365 14.30 -12.42 35.83
N TYR D 366 15.44 -12.92 35.37
CA TYR D 366 16.31 -13.76 36.19
C TYR D 366 17.77 -13.38 36.01
N ARG D 367 18.36 -12.89 37.10
CA ARG D 367 19.78 -12.60 37.14
C ARG D 367 20.39 -13.28 38.35
N SER D 368 21.52 -13.96 38.14
CA SER D 368 22.17 -14.71 39.20
C SER D 368 23.55 -14.16 39.57
N SER D 369 24.04 -14.59 40.73
CA SER D 369 25.37 -14.21 41.21
C SER D 369 26.46 -15.11 40.66
N GLY D 370 27.51 -15.31 41.45
CA GLY D 370 28.68 -16.09 41.05
C GLY D 370 29.89 -15.56 41.79
N GLY D 371 31.06 -15.72 41.21
CA GLY D 371 32.30 -15.26 41.85
C GLY D 371 32.94 -16.36 42.67
N PHE D 372 34.15 -16.10 43.16
CA PHE D 372 34.92 -17.07 43.93
C PHE D 372 34.18 -17.55 45.18
N GLY D 373 34.11 -18.87 45.34
CA GLY D 373 33.50 -19.49 46.51
C GLY D 373 31.98 -19.58 46.44
N VAL D 374 31.40 -18.98 45.39
CA VAL D 374 29.97 -19.02 45.16
C VAL D 374 29.67 -20.07 44.09
N ARG D 375 28.76 -20.98 44.42
CA ARG D 375 28.42 -22.09 43.55
C ARG D 375 26.91 -22.15 43.32
N LEU D 376 26.51 -22.07 42.05
CA LEU D 376 25.09 -22.05 41.67
C LEU D 376 24.65 -23.35 41.03
N ASP D 377 23.55 -23.90 41.53
CA ASP D 377 22.94 -25.10 40.96
C ASP D 377 21.49 -24.82 40.60
N ALA D 378 21.28 -24.33 39.39
CA ALA D 378 19.97 -23.92 38.91
C ALA D 378 19.04 -25.12 38.69
N GLY D 379 17.81 -24.99 39.22
CA GLY D 379 16.74 -25.92 38.94
C GLY D 379 15.83 -25.29 37.91
N ASP D 380 14.79 -24.60 38.39
CA ASP D 380 13.83 -23.93 37.52
C ASP D 380 14.14 -22.44 37.36
N GLY D 381 15.33 -22.04 37.81
CA GLY D 381 15.76 -20.65 37.74
C GLY D 381 16.41 -20.26 36.42
N PHE D 382 15.59 -19.82 35.46
CA PHE D 382 16.06 -19.21 34.21
C PHE D 382 15.02 -18.25 33.66
N GLN D 383 15.42 -17.49 32.64
CA GLN D 383 14.64 -16.36 32.12
C GLN D 383 13.21 -16.68 31.71
N GLY D 384 13.03 -17.61 30.78
CA GLY D 384 11.69 -17.91 30.26
C GLY D 384 10.82 -18.77 31.16
N ALA D 385 11.45 -19.40 32.17
CA ALA D 385 10.85 -20.46 33.00
C ALA D 385 9.36 -20.34 33.34
N GLU D 386 8.65 -21.44 33.07
CA GLU D 386 7.25 -21.61 33.49
C GLU D 386 7.20 -22.58 34.67
N ILE D 387 6.64 -22.12 35.80
CA ILE D 387 6.68 -22.89 37.04
C ILE D 387 5.42 -23.72 37.28
N SER D 388 5.61 -25.03 37.25
CA SER D 388 4.54 -26.00 37.43
C SER D 388 4.43 -26.33 38.91
N PRO D 389 3.19 -26.39 39.44
CA PRO D 389 2.97 -26.61 40.88
C PRO D 389 3.18 -28.07 41.32
N TYR D 390 3.35 -28.98 40.36
CA TYR D 390 3.32 -30.41 40.62
C TYR D 390 4.56 -31.00 41.28
N TYR D 391 5.62 -30.21 41.39
CA TYR D 391 6.88 -30.66 42.01
C TYR D 391 7.29 -29.79 43.20
N ASP D 392 8.15 -30.34 44.07
CA ASP D 392 8.76 -29.58 45.15
C ASP D 392 9.57 -28.43 44.55
N SER D 393 9.14 -27.21 44.84
CA SER D 393 9.70 -26.00 44.20
C SER D 393 11.16 -25.78 44.56
N LEU D 394 11.96 -25.46 43.54
CA LEU D 394 13.39 -25.17 43.68
C LEU D 394 13.90 -24.42 42.45
N LEU D 395 14.23 -23.15 42.64
CA LEU D 395 14.74 -22.33 41.54
C LEU D 395 16.25 -22.50 41.39
N VAL D 396 17.01 -22.17 42.44
CA VAL D 396 18.45 -22.37 42.45
C VAL D 396 18.85 -22.96 43.80
N LYS D 397 19.79 -23.91 43.75
CA LYS D 397 20.44 -24.41 44.95
C LYS D 397 21.74 -23.62 45.10
N LEU D 398 21.85 -22.83 46.16
CA LEU D 398 22.99 -21.91 46.34
C LEU D 398 23.86 -22.22 47.56
N SER D 399 25.15 -22.40 47.30
CA SER D 399 26.15 -22.67 48.35
C SER D 399 27.29 -21.65 48.32
N THR D 400 27.85 -21.35 49.48
CA THR D 400 29.03 -20.47 49.60
C THR D 400 30.15 -21.10 50.44
N HIS D 401 31.39 -20.68 50.19
CA HIS D 401 32.58 -21.32 50.75
C HIS D 401 33.74 -20.33 50.98
N ALA D 402 34.13 -20.16 52.25
CA ALA D 402 35.23 -19.25 52.60
C ALA D 402 36.04 -19.81 53.78
N ILE D 403 37.23 -19.25 54.02
CA ILE D 403 38.11 -19.74 55.08
C ILE D 403 37.45 -19.72 56.45
N SER D 404 36.56 -18.75 56.67
CA SER D 404 35.86 -18.63 57.93
C SER D 404 34.35 -18.58 57.74
N PHE D 405 33.65 -19.08 58.74
CA PHE D 405 32.19 -19.11 58.75
C PHE D 405 31.60 -17.70 58.65
N LYS D 406 32.23 -16.75 59.35
CA LYS D 406 31.89 -15.33 59.26
C LYS D 406 31.94 -14.85 57.80
N GLN D 407 33.03 -15.17 57.11
CA GLN D 407 33.18 -14.86 55.69
C GLN D 407 32.21 -15.66 54.84
N ALA D 408 31.96 -16.91 55.20
CA ALA D 408 31.06 -17.78 54.44
C ALA D 408 29.63 -17.24 54.46
N GLU D 409 29.24 -16.65 55.60
CA GLU D 409 27.93 -16.04 55.77
C GLU D 409 27.76 -14.81 54.88
N GLU D 410 28.79 -13.98 54.81
CA GLU D 410 28.75 -12.71 54.05
C GLU D 410 28.61 -12.91 52.54
N LYS D 411 29.32 -13.88 51.99
CA LYS D 411 29.19 -14.24 50.57
C LYS D 411 27.76 -14.65 50.24
N MET D 412 27.20 -15.50 51.08
CA MET D 412 25.82 -15.91 50.94
C MET D 412 24.88 -14.71 50.83
N VAL D 413 24.94 -13.82 51.82
CA VAL D 413 24.10 -12.61 51.86
C VAL D 413 24.18 -11.81 50.55
N ARG D 414 25.40 -11.46 50.15
CA ARG D 414 25.62 -10.68 48.93
C ARG D 414 25.05 -11.37 47.71
N SER D 415 25.29 -12.68 47.62
CA SER D 415 24.78 -13.48 46.51
C SER D 415 23.26 -13.48 46.50
N LEU D 416 22.67 -13.62 47.67
CA LEU D 416 21.22 -13.57 47.83
C LEU D 416 20.67 -12.21 47.42
N ARG D 417 21.42 -11.16 47.75
CA ARG D 417 21.02 -9.77 47.47
C ARG D 417 21.34 -9.34 46.04
N GLU D 418 22.28 -10.05 45.41
CA GLU D 418 22.66 -9.77 44.03
C GLU D 418 21.66 -10.40 43.06
N MET D 419 20.94 -11.41 43.54
CA MET D 419 19.91 -12.11 42.78
C MET D 419 18.78 -11.16 42.35
N ARG D 420 17.99 -11.60 41.37
CA ARG D 420 16.77 -10.89 40.98
C ARG D 420 15.82 -11.84 40.27
N ILE D 421 14.66 -12.05 40.89
CA ILE D 421 13.61 -12.88 40.33
C ILE D 421 12.29 -12.11 40.38
N ARG D 422 11.62 -12.01 39.23
CA ARG D 422 10.35 -11.29 39.12
C ARG D 422 9.24 -12.16 38.54
N GLY D 423 7.99 -11.78 38.81
CA GLY D 423 6.83 -12.52 38.31
C GLY D 423 6.37 -13.64 39.21
N VAL D 424 7.17 -13.93 40.25
CA VAL D 424 6.85 -14.89 41.30
C VAL D 424 7.52 -14.45 42.59
N LYS D 425 6.78 -14.51 43.68
CA LYS D 425 7.35 -14.26 45.01
C LYS D 425 8.34 -15.38 45.34
N THR D 426 9.43 -15.02 46.02
CA THR D 426 10.47 -15.99 46.38
C THR D 426 10.70 -16.01 47.90
N ASN D 427 11.54 -16.95 48.35
CA ASN D 427 11.91 -17.05 49.76
C ASN D 427 13.21 -16.33 50.11
N ILE D 428 13.73 -15.56 49.15
CA ILE D 428 15.00 -14.85 49.33
C ILE D 428 15.04 -13.94 50.58
N PRO D 429 14.05 -13.02 50.72
CA PRO D 429 14.07 -12.13 51.89
C PRO D 429 14.12 -12.87 53.22
N PHE D 430 13.35 -13.94 53.34
CA PHE D 430 13.38 -14.80 54.51
C PHE D 430 14.80 -15.34 54.76
N LEU D 431 15.41 -15.86 53.69
CA LEU D 431 16.79 -16.38 53.75
C LEU D 431 17.82 -15.29 54.11
N ILE D 432 17.67 -14.10 53.52
CA ILE D 432 18.54 -12.96 53.82
C ILE D 432 18.59 -12.72 55.33
N ASN D 433 17.42 -12.55 55.95
CA ASN D 433 17.30 -12.35 57.39
C ASN D 433 17.91 -13.46 58.24
N VAL D 434 17.74 -14.71 57.81
CA VAL D 434 18.32 -15.87 58.50
C VAL D 434 19.84 -15.72 58.61
N MET D 435 20.48 -15.44 57.47
CA MET D 435 21.92 -15.24 57.40
C MET D 435 22.36 -13.96 58.10
N LYS D 436 21.46 -12.99 58.18
CA LYS D 436 21.76 -11.70 58.80
C LYS D 436 21.71 -11.77 60.32
N ASN D 437 20.84 -12.63 60.85
CA ASN D 437 20.62 -12.77 62.30
C ASN D 437 21.82 -13.38 63.02
N LYS D 438 22.09 -12.88 64.23
CA LYS D 438 23.32 -13.26 64.95
C LYS D 438 23.18 -14.50 65.84
N LYS D 439 21.96 -15.02 65.99
CA LYS D 439 21.77 -16.33 66.63
C LYS D 439 22.19 -17.43 65.65
N PHE D 440 22.34 -17.06 64.38
CA PHE D 440 22.92 -17.94 63.38
C PHE D 440 24.40 -17.66 63.20
N THR D 441 24.77 -16.38 63.24
CA THR D 441 26.15 -15.95 63.01
C THR D 441 27.10 -16.43 64.11
N SER D 442 26.55 -16.67 65.30
CA SER D 442 27.32 -17.14 66.45
C SER D 442 27.78 -18.59 66.31
N GLY D 443 27.12 -19.35 65.43
CA GLY D 443 27.41 -20.78 65.25
C GLY D 443 26.68 -21.69 66.21
N ASP D 444 26.20 -21.12 67.32
CA ASP D 444 25.41 -21.86 68.29
C ASP D 444 23.92 -21.61 68.08
N TYR D 445 23.23 -22.66 67.61
CA TYR D 445 21.82 -22.59 67.25
C TYR D 445 21.21 -24.00 67.21
N THR D 446 19.95 -24.08 67.63
CA THR D 446 19.24 -25.35 67.72
C THR D 446 18.18 -25.48 66.62
N THR D 447 17.50 -26.62 66.58
CA THR D 447 16.39 -26.86 65.65
C THR D 447 15.21 -25.89 65.87
N LYS D 448 15.20 -25.22 67.02
CA LYS D 448 14.14 -24.28 67.38
C LYS D 448 14.55 -22.82 67.13
N PHE D 449 15.66 -22.65 66.41
CA PHE D 449 16.18 -21.33 66.02
C PHE D 449 15.12 -20.48 65.31
N ILE D 450 14.41 -21.07 64.36
CA ILE D 450 13.31 -20.41 63.66
C ILE D 450 12.08 -20.22 64.56
N GLU D 451 11.79 -21.24 65.37
CA GLU D 451 10.69 -21.18 66.35
C GLU D 451 10.87 -20.00 67.31
N GLU D 452 12.09 -19.82 67.80
CA GLU D 452 12.41 -18.78 68.77
C GLU D 452 12.70 -17.43 68.13
N THR D 453 12.48 -17.33 66.82
CA THR D 453 12.72 -16.08 66.10
C THR D 453 11.48 -15.64 65.32
N PRO D 454 10.62 -14.82 65.95
CA PRO D 454 9.44 -14.27 65.29
C PRO D 454 9.78 -13.13 64.32
N GLU D 455 10.84 -12.39 64.61
CA GLU D 455 11.25 -11.24 63.79
C GLU D 455 11.91 -11.68 62.48
N LEU D 456 12.15 -12.98 62.36
CA LEU D 456 12.74 -13.58 61.18
C LEU D 456 11.81 -13.40 59.97
N PHE D 457 10.57 -13.02 60.24
CA PHE D 457 9.55 -12.81 59.22
C PHE D 457 9.27 -11.31 59.02
N ASP D 458 10.33 -10.50 59.04
CA ASP D 458 10.20 -9.06 58.82
C ASP D 458 9.80 -8.73 57.39
N ILE D 459 8.72 -7.95 57.28
CA ILE D 459 8.14 -7.58 55.99
C ILE D 459 8.97 -6.53 55.22
N GLN D 460 9.95 -6.99 54.44
CA GLN D 460 10.59 -6.11 53.50
C GLN D 460 9.73 -6.06 52.22
N PRO D 461 9.21 -4.86 51.88
CA PRO D 461 8.26 -4.69 50.78
C PRO D 461 8.74 -5.24 49.42
N SER D 462 9.90 -4.80 48.95
CA SER D 462 10.47 -5.16 47.63
C SER D 462 9.67 -4.64 46.41
N LEU D 463 9.84 -3.35 46.11
CA LEU D 463 9.23 -2.72 44.94
C LEU D 463 9.94 -3.16 43.66
N ASP D 464 9.24 -3.11 42.54
CA ASP D 464 9.81 -3.41 41.23
C ASP D 464 9.77 -2.21 40.28
N ARG D 465 10.83 -1.42 40.26
CA ARG D 465 10.88 -0.16 39.50
C ARG D 465 11.00 -0.39 37.99
N GLY D 466 12.21 -0.72 37.53
CA GLY D 466 12.51 -0.90 36.11
C GLY D 466 11.40 -1.45 35.25
N THR D 467 10.75 -2.51 35.73
CA THR D 467 9.64 -3.16 35.03
C THR D 467 8.53 -2.17 34.68
N LYS D 468 8.14 -1.35 35.66
CA LYS D 468 7.11 -0.34 35.45
C LYS D 468 7.52 0.70 34.42
N THR D 469 8.81 1.04 34.40
CA THR D 469 9.33 2.00 33.41
C THR D 469 9.37 1.33 32.04
N LEU D 470 9.73 0.06 31.99
CA LEU D 470 9.71 -0.66 30.71
C LEU D 470 8.30 -0.73 30.13
N GLU D 471 7.30 -0.76 31.00
CA GLU D 471 5.90 -0.81 30.58
C GLU D 471 5.42 0.54 30.08
N TYR D 472 5.80 1.61 30.77
CA TYR D 472 5.39 2.94 30.32
C TYR D 472 5.89 3.20 28.93
N ILE D 473 7.21 3.15 28.76
CA ILE D 473 7.84 3.34 27.46
C ILE D 473 7.20 2.42 26.42
N GLY D 474 6.99 1.17 26.79
CA GLY D 474 6.41 0.19 25.90
C GLY D 474 5.04 0.59 25.41
N ASN D 475 4.23 1.12 26.33
CA ASN D 475 2.87 1.53 26.04
C ASN D 475 2.76 2.78 25.15
N VAL D 476 3.55 3.79 25.47
CA VAL D 476 3.56 5.05 24.73
C VAL D 476 4.17 4.86 23.33
N THR D 477 5.09 3.90 23.21
CA THR D 477 5.74 3.64 21.93
C THR D 477 4.74 3.05 20.95
N ILE D 478 3.96 2.08 21.41
CA ILE D 478 3.01 1.34 20.58
C ILE D 478 1.66 2.05 20.45
N ASN D 479 1.16 2.61 21.55
CA ASN D 479 -0.19 3.16 21.55
C ASN D 479 -0.29 4.69 21.61
N GLY D 480 0.86 5.36 21.64
CA GLY D 480 0.90 6.82 21.63
C GLY D 480 0.69 7.50 22.96
N PHE D 481 0.30 8.77 22.90
CA PHE D 481 0.16 9.64 24.06
C PHE D 481 -0.87 10.73 23.77
N PRO D 482 -1.79 11.00 24.72
CA PRO D 482 -2.81 12.05 24.59
C PRO D 482 -2.32 13.38 24.01
N ASN D 483 -3.11 13.97 23.09
CA ASN D 483 -2.81 15.25 22.44
C ASN D 483 -1.49 15.36 21.67
N VAL D 484 -0.82 14.22 21.47
CA VAL D 484 0.46 14.18 20.78
C VAL D 484 0.30 13.42 19.46
N GLU D 485 0.69 14.08 18.37
CA GLU D 485 0.56 13.52 17.03
C GLU D 485 1.34 12.22 16.93
N LYS D 486 0.61 11.11 16.87
CA LYS D 486 1.21 9.79 16.68
C LYS D 486 2.14 9.80 15.48
N ARG D 487 3.43 9.80 15.76
CA ARG D 487 4.48 9.80 14.75
C ARG D 487 5.74 9.22 15.42
N PRO D 488 6.72 8.75 14.61
CA PRO D 488 7.98 8.26 15.19
C PRO D 488 8.69 9.34 16.01
N LYS D 489 9.45 8.94 17.03
CA LYS D 489 10.11 9.91 17.90
C LYS D 489 10.89 10.95 17.09
N PRO D 490 10.44 12.23 17.12
CA PRO D 490 11.07 13.30 16.35
C PRO D 490 12.51 13.56 16.77
N ASP D 491 13.31 14.05 15.82
CA ASP D 491 14.68 14.44 16.06
C ASP D 491 14.69 15.76 16.83
N TYR D 492 15.55 15.83 17.84
CA TYR D 492 15.64 17.03 18.62
C TYR D 492 17.07 17.51 18.60
N GLU D 493 17.27 18.82 18.59
CA GLU D 493 18.60 19.39 18.74
C GLU D 493 19.14 19.00 20.12
N LEU D 494 20.46 18.97 20.27
CA LEU D 494 21.07 18.70 21.56
C LEU D 494 21.05 19.95 22.42
N ALA D 495 20.52 19.81 23.63
CA ALA D 495 20.54 20.90 24.58
C ALA D 495 21.81 20.83 25.39
N SER D 496 22.68 21.81 25.21
CA SER D 496 23.78 22.04 26.13
C SER D 496 23.10 22.51 27.41
N ILE D 497 23.41 21.85 28.51
CA ILE D 497 22.80 22.22 29.77
C ILE D 497 23.83 22.91 30.66
N PRO D 498 23.81 24.27 30.70
CA PRO D 498 24.70 25.02 31.59
C PRO D 498 24.42 24.74 33.06
N THR D 499 25.51 24.57 33.82
CA THR D 499 25.48 23.94 35.13
C THR D 499 26.38 24.71 36.11
N VAL D 500 25.82 25.05 37.27
CA VAL D 500 26.60 25.69 38.34
C VAL D 500 26.67 24.76 39.57
N SER D 501 27.83 24.74 40.23
CA SER D 501 28.05 23.85 41.37
C SER D 501 27.17 24.20 42.57
N SER D 502 26.85 23.20 43.39
CA SER D 502 25.96 23.45 44.52
C SER D 502 26.64 24.22 45.64
N SER D 503 27.97 24.23 45.68
CA SER D 503 28.66 25.01 46.71
C SER D 503 28.69 26.51 46.35
N LYS D 504 28.87 26.83 45.07
CA LYS D 504 28.81 28.22 44.64
C LYS D 504 27.43 28.81 44.93
N ILE D 505 26.38 28.02 44.70
CA ILE D 505 25.01 28.41 45.00
C ILE D 505 24.71 28.46 46.51
N ALA D 506 25.32 27.56 47.29
CA ALA D 506 25.15 27.57 48.75
C ALA D 506 25.77 28.82 49.36
N SER D 507 26.70 29.43 48.65
CA SER D 507 27.32 30.69 49.09
C SER D 507 26.48 31.94 48.76
N PHE D 508 25.59 31.86 47.76
CA PHE D 508 24.76 33.01 47.43
C PHE D 508 23.80 33.39 48.55
N SER D 509 23.50 34.67 48.60
CA SER D 509 22.60 35.22 49.59
C SER D 509 21.70 36.18 48.83
N GLY D 510 20.47 35.74 48.55
CA GLY D 510 19.53 36.57 47.81
C GLY D 510 18.28 36.87 48.61
N THR D 511 17.17 37.08 47.90
CA THR D 511 15.92 37.49 48.54
C THR D 511 15.35 36.44 49.49
N LYS D 512 15.59 35.16 49.22
CA LYS D 512 15.26 34.08 50.18
C LYS D 512 15.89 34.38 51.54
N GLN D 513 17.21 34.59 51.54
CA GLN D 513 17.99 34.87 52.75
C GLN D 513 17.50 36.13 53.45
N LEU D 514 17.18 37.17 52.68
CA LEU D 514 16.67 38.41 53.24
C LEU D 514 15.36 38.18 54.02
N LEU D 515 14.45 37.38 53.47
CA LEU D 515 13.20 37.08 54.15
C LEU D 515 13.43 36.39 55.49
N ASP D 516 14.42 35.50 55.54
CA ASP D 516 14.73 34.77 56.75
C ASP D 516 15.29 35.72 57.82
N GLU D 517 16.01 36.75 57.38
CA GLU D 517 16.61 37.70 58.31
C GLU D 517 15.69 38.84 58.73
N VAL D 518 14.90 39.38 57.81
CA VAL D 518 14.12 40.61 58.09
C VAL D 518 12.60 40.45 58.13
N GLY D 519 12.06 39.37 57.57
CA GLY D 519 10.61 39.15 57.53
C GLY D 519 9.95 39.75 56.29
N PRO D 520 8.64 39.51 56.10
CA PRO D 520 7.91 40.05 54.93
C PRO D 520 7.97 41.58 54.80
N LYS D 521 7.84 42.28 55.92
CA LYS D 521 7.75 43.73 55.91
C LYS D 521 9.11 44.33 55.59
N GLY D 522 10.14 43.73 56.16
CA GLY D 522 11.52 44.09 55.84
C GLY D 522 11.87 43.89 54.38
N VAL D 523 11.41 42.78 53.79
CA VAL D 523 11.64 42.53 52.37
C VAL D 523 11.01 43.64 51.55
N ALA D 524 9.77 43.99 51.90
CA ALA D 524 9.05 45.09 51.29
C ALA D 524 9.84 46.37 51.44
N GLU D 525 10.32 46.63 52.65
CA GLU D 525 11.13 47.82 52.91
C GLU D 525 12.35 47.84 52.00
N TRP D 526 13.01 46.69 51.88
CA TRP D 526 14.22 46.63 51.08
C TRP D 526 13.90 46.89 49.60
N VAL D 527 12.75 46.42 49.14
CA VAL D 527 12.33 46.60 47.74
C VAL D 527 12.14 48.09 47.43
N LYS D 528 11.32 48.76 48.23
CA LYS D 528 11.06 50.20 48.09
C LYS D 528 12.32 51.05 47.90
N LYS D 529 13.44 50.59 48.49
CA LYS D 529 14.71 51.33 48.50
C LYS D 529 15.52 51.15 47.22
N GLN D 530 15.34 50.01 46.55
CA GLN D 530 16.11 49.67 45.35
C GLN D 530 15.87 50.63 44.19
N ASP D 531 16.95 51.11 43.59
CA ASP D 531 16.87 51.98 42.42
C ASP D 531 16.53 51.15 41.19
N ASP D 532 17.35 50.13 40.93
CA ASP D 532 17.13 49.23 39.82
C ASP D 532 15.72 48.69 39.85
N VAL D 533 15.19 48.40 38.66
CA VAL D 533 13.97 47.66 38.56
C VAL D 533 14.33 46.22 38.88
N LEU D 534 13.50 45.59 39.70
CA LEU D 534 13.69 44.20 40.07
C LEU D 534 12.78 43.34 39.19
N LEU D 535 13.14 42.08 39.03
CA LEU D 535 12.29 41.23 38.23
C LEU D 535 11.93 39.92 38.88
N THR D 536 10.75 39.42 38.48
CA THR D 536 10.26 38.08 38.78
C THR D 536 10.20 37.32 37.46
N ASP D 537 10.94 36.22 37.35
CA ASP D 537 10.88 35.36 36.16
C ASP D 537 9.60 34.53 36.16
N THR D 538 9.03 34.26 34.99
CA THR D 538 7.78 33.47 34.93
C THR D 538 7.89 32.25 34.02
N THR D 539 9.11 31.98 33.56
CA THR D 539 9.40 30.84 32.70
C THR D 539 8.84 29.52 33.22
N PHE D 540 9.01 29.27 34.52
CA PHE D 540 8.54 28.05 35.16
C PHE D 540 7.04 28.03 35.39
N ARG D 541 6.37 29.17 35.30
CA ARG D 541 4.92 29.17 35.47
C ARG D 541 4.18 29.83 34.32
N ASP D 542 3.95 31.14 34.40
CA ASP D 542 3.02 31.81 33.49
C ASP D 542 3.45 31.82 32.02
N ALA D 543 4.73 31.62 31.75
CA ALA D 543 5.20 31.59 30.36
C ALA D 543 4.74 30.36 29.60
N HIS D 544 4.84 29.18 30.22
CA HIS D 544 4.45 27.97 29.52
C HIS D 544 2.96 27.66 29.70
N GLN D 545 2.33 28.27 30.70
CA GLN D 545 0.88 28.22 30.79
C GLN D 545 0.27 28.99 29.59
N SER D 546 0.96 30.05 29.16
CA SER D 546 0.49 30.87 28.07
C SER D 546 0.78 30.24 26.71
N LEU D 547 2.04 29.82 26.53
CA LEU D 547 2.52 29.35 25.23
C LEU D 547 2.32 27.84 24.95
N LEU D 548 2.32 27.02 26.00
CA LEU D 548 2.39 25.56 25.85
C LEU D 548 1.41 24.84 26.77
N ALA D 549 0.24 25.44 27.00
CA ALA D 549 -0.82 24.82 27.83
C ALA D 549 -0.31 24.21 29.15
N THR D 550 0.63 24.92 29.78
CA THR D 550 1.19 24.54 31.08
C THR D 550 1.87 23.17 31.13
N ARG D 551 2.28 22.67 29.97
CA ARG D 551 2.77 21.29 29.85
C ARG D 551 4.26 21.09 30.20
N VAL D 552 5.00 22.17 30.45
CA VAL D 552 6.42 22.03 30.76
C VAL D 552 6.61 21.19 32.02
N ARG D 553 7.42 20.16 31.89
CA ARG D 553 7.60 19.16 32.97
C ARG D 553 8.68 19.55 33.98
N THR D 554 8.55 19.00 35.18
CA THR D 554 9.53 19.20 36.23
C THR D 554 10.94 19.00 35.72
N LYS D 555 11.15 17.91 34.98
CA LYS D 555 12.46 17.53 34.50
C LYS D 555 13.19 18.66 33.76
N ASP D 556 12.49 19.34 32.86
CA ASP D 556 13.12 20.43 32.08
C ASP D 556 13.47 21.64 32.94
N MET D 557 12.70 21.84 34.01
CA MET D 557 12.97 22.93 34.93
C MET D 557 14.12 22.52 35.84
N ILE D 558 14.08 21.28 36.30
CA ILE D 558 15.11 20.72 37.16
C ILE D 558 16.51 20.78 36.53
N ASN D 559 16.59 20.58 35.22
CA ASN D 559 17.87 20.57 34.54
C ASN D 559 18.60 21.90 34.51
N ILE D 560 17.86 23.02 34.46
CA ILE D 560 18.51 24.34 34.51
C ILE D 560 18.38 25.03 35.85
N ALA D 561 17.82 24.32 36.83
CA ALA D 561 17.68 24.91 38.15
C ALA D 561 18.98 25.59 38.60
N SER D 562 20.11 24.86 38.58
CA SER D 562 21.37 25.41 39.06
C SER D 562 21.87 26.64 38.27
N LYS D 563 21.66 26.66 36.95
CA LYS D 563 21.97 27.85 36.17
C LYS D 563 21.04 29.02 36.53
N THR D 564 19.75 28.72 36.67
CA THR D 564 18.74 29.71 37.04
C THR D 564 19.04 30.35 38.40
N ALA D 565 19.46 29.52 39.35
CA ALA D 565 19.92 29.97 40.66
C ALA D 565 20.95 31.08 40.50
N ASP D 566 21.85 30.92 39.54
CA ASP D 566 22.91 31.89 39.29
C ASP D 566 22.42 33.12 38.51
N VAL D 567 21.75 32.90 37.38
CA VAL D 567 21.30 33.98 36.50
C VAL D 567 20.43 35.00 37.24
N PHE D 568 19.50 34.49 38.05
CA PHE D 568 18.51 35.31 38.77
C PHE D 568 18.84 35.53 40.24
N LYS D 569 20.12 35.45 40.58
CA LYS D 569 20.56 35.60 41.96
C LYS D 569 20.18 36.93 42.59
N ASP D 570 19.93 37.93 41.75
CA ASP D 570 19.57 39.27 42.20
C ASP D 570 18.11 39.57 41.85
N GLY D 571 17.36 38.54 41.49
CA GLY D 571 15.97 38.71 41.12
C GLY D 571 15.13 38.93 42.35
N PHE D 572 13.90 39.36 42.19
CA PHE D 572 13.03 39.44 43.35
C PHE D 572 12.47 38.07 43.69
N SER D 573 11.87 37.41 42.71
CA SER D 573 11.31 36.09 42.92
C SER D 573 11.31 35.29 41.62
N LEU D 574 10.99 34.00 41.74
CA LEU D 574 10.73 33.15 40.58
C LEU D 574 9.28 32.68 40.67
N GLU D 575 8.44 33.08 39.72
CA GLU D 575 7.09 32.54 39.69
C GLU D 575 7.19 31.10 39.22
N MET D 576 6.91 30.16 40.10
CA MET D 576 7.08 28.77 39.70
C MET D 576 5.99 27.82 40.21
N TRP D 577 4.85 28.35 40.65
CA TRP D 577 3.77 27.50 41.19
C TRP D 577 2.42 28.20 41.12
N GLY D 578 1.34 27.44 41.26
CA GLY D 578 0.01 28.02 41.17
C GLY D 578 -0.46 28.15 39.74
N GLY D 579 -1.51 28.95 39.53
CA GLY D 579 -2.15 28.99 38.23
C GLY D 579 -2.67 27.59 37.95
N ALA D 580 -2.48 27.14 36.72
CA ALA D 580 -2.91 25.82 36.22
C ALA D 580 -1.93 24.69 36.59
N THR D 581 -0.75 25.04 37.11
CA THR D 581 0.33 24.08 37.23
C THR D 581 0.02 22.92 38.16
N PHE D 582 -0.65 23.19 39.27
CA PHE D 582 -0.97 22.17 40.27
C PHE D 582 -1.82 21.09 39.63
N ASP D 583 -2.83 21.55 38.91
CA ASP D 583 -3.84 20.71 38.28
C ASP D 583 -3.26 19.95 37.09
N VAL D 584 -2.58 20.67 36.22
CA VAL D 584 -1.97 20.08 35.03
C VAL D 584 -0.86 19.08 35.35
N ALA D 585 0.00 19.39 36.32
CA ALA D 585 1.03 18.45 36.75
C ALA D 585 0.46 17.09 37.17
N TYR D 586 -0.52 17.09 38.06
CA TYR D 586 -1.16 15.84 38.54
C TYR D 586 -1.91 15.13 37.42
N ASN D 587 -2.63 15.91 36.61
CA ASN D 587 -3.58 15.35 35.66
C ASN D 587 -3.01 14.91 34.30
N PHE D 588 -2.52 15.86 33.51
CA PHE D 588 -1.95 15.54 32.20
C PHE D 588 -0.51 15.03 32.32
N LEU D 589 0.29 15.71 33.14
CA LEU D 589 1.71 15.34 33.29
C LEU D 589 1.92 14.14 34.22
N LYS D 590 0.93 13.84 35.06
CA LYS D 590 1.00 12.71 35.96
C LYS D 590 2.25 12.73 36.82
N GLU D 591 2.61 13.92 37.29
CA GLU D 591 3.71 14.09 38.25
C GLU D 591 3.24 14.93 39.44
N ASN D 592 3.97 14.80 40.55
CA ASN D 592 3.66 15.52 41.77
C ASN D 592 4.16 16.96 41.76
N PRO D 593 3.25 17.95 41.78
CA PRO D 593 3.66 19.36 41.79
C PRO D 593 4.35 19.78 43.10
N TRP D 594 4.12 19.02 44.16
CA TRP D 594 4.84 19.24 45.42
C TRP D 594 6.31 18.87 45.24
N GLU D 595 6.57 17.75 44.60
CA GLU D 595 7.93 17.33 44.26
C GLU D 595 8.62 18.38 43.41
N ARG D 596 7.88 18.98 42.47
CA ARG D 596 8.44 20.04 41.66
C ARG D 596 8.93 21.17 42.57
N LEU D 597 8.03 21.62 43.43
CA LEU D 597 8.35 22.64 44.42
C LEU D 597 9.56 22.31 45.27
N GLU D 598 9.61 21.07 45.78
CA GLU D 598 10.64 20.73 46.77
C GLU D 598 12.01 20.51 46.14
N ARG D 599 12.03 19.87 44.98
CA ARG D 599 13.26 19.67 44.27
C ARG D 599 13.82 21.00 43.79
N LEU D 600 12.92 21.93 43.43
CA LEU D 600 13.36 23.26 43.03
C LEU D 600 13.86 24.04 44.23
N ARG D 601 13.16 23.92 45.36
CA ARG D 601 13.54 24.58 46.58
C ARG D 601 15.01 24.30 46.92
N LYS D 602 15.39 23.02 46.92
CA LYS D 602 16.74 22.58 47.19
C LYS D 602 17.72 23.17 46.20
N ALA D 603 17.41 23.06 44.90
CA ALA D 603 18.28 23.53 43.83
C ALA D 603 18.42 25.04 43.77
N ILE D 604 17.36 25.75 44.10
CA ILE D 604 17.38 27.22 44.04
C ILE D 604 17.02 27.80 45.42
N PRO D 605 17.98 27.79 46.36
CA PRO D 605 17.70 28.18 47.73
C PRO D 605 17.99 29.66 48.03
N ASN D 606 18.28 30.45 47.00
CA ASN D 606 18.69 31.83 47.19
C ASN D 606 17.64 32.86 46.78
N VAL D 607 16.67 32.45 45.99
CA VAL D 607 15.71 33.39 45.43
C VAL D 607 14.31 33.05 45.90
N LEU D 608 13.56 34.09 46.28
CA LEU D 608 12.19 33.91 46.73
C LEU D 608 11.40 33.09 45.73
N PHE D 609 10.60 32.15 46.21
CA PHE D 609 9.68 31.43 45.34
C PHE D 609 8.29 32.06 45.41
N GLN D 610 7.69 32.25 44.24
CA GLN D 610 6.40 32.91 44.13
C GLN D 610 5.35 32.05 43.43
N MET D 611 4.11 32.11 43.92
CA MET D 611 3.01 31.41 43.28
C MET D 611 1.82 32.33 43.05
N LEU D 612 0.96 31.98 42.09
CA LEU D 612 -0.32 32.67 41.93
C LEU D 612 -1.32 31.95 42.82
N LEU D 613 -2.22 32.70 43.45
CA LEU D 613 -3.16 32.08 44.39
C LEU D 613 -4.52 32.74 44.36
N ARG D 614 -5.48 32.07 43.74
CA ARG D 614 -6.83 32.61 43.68
C ARG D 614 -7.39 32.69 45.08
N ALA D 615 -8.01 33.82 45.38
CA ALA D 615 -8.54 34.09 46.70
C ALA D 615 -9.60 33.07 47.13
N SER D 616 -10.57 32.80 46.28
CA SER D 616 -11.68 31.92 46.66
C SER D 616 -11.23 30.49 46.92
N ASN D 617 -10.38 29.97 46.04
CA ASN D 617 -10.14 28.54 45.99
C ASN D 617 -8.69 28.13 45.70
N ALA D 618 -7.77 29.04 46.01
CA ALA D 618 -6.35 28.75 45.99
C ALA D 618 -5.87 28.32 44.62
N VAL D 619 -5.89 27.01 44.38
CA VAL D 619 -5.36 26.43 43.19
C VAL D 619 -6.39 25.41 42.70
N GLY D 620 -7.52 25.35 43.41
CA GLY D 620 -8.58 24.38 43.14
C GLY D 620 -9.47 24.71 41.96
N TYR D 621 -10.59 23.98 41.86
CA TYR D 621 -11.49 24.07 40.70
C TYR D 621 -12.91 24.49 41.05
N LYS D 622 -13.15 24.76 42.33
CA LYS D 622 -14.48 25.09 42.82
C LYS D 622 -14.29 25.86 44.11
N ASN D 623 -15.37 26.06 44.86
CA ASN D 623 -15.28 26.68 46.16
C ASN D 623 -14.88 25.69 47.25
N TYR D 624 -14.21 26.20 48.28
CA TYR D 624 -13.75 25.39 49.40
C TYR D 624 -13.92 26.13 50.73
N PRO D 625 -14.12 25.41 51.83
CA PRO D 625 -14.20 26.06 53.14
C PRO D 625 -12.86 26.66 53.58
N ASP D 626 -12.91 27.59 54.53
CA ASP D 626 -11.75 28.33 54.99
C ASP D 626 -10.56 27.49 55.45
N ASN D 627 -10.84 26.35 56.11
CA ASN D 627 -9.78 25.48 56.62
C ASN D 627 -8.94 24.84 55.52
N VAL D 628 -9.56 24.63 54.36
CA VAL D 628 -8.85 24.20 53.17
C VAL D 628 -7.92 25.29 52.65
N ILE D 629 -8.37 26.55 52.67
CA ILE D 629 -7.49 27.63 52.23
C ILE D 629 -6.27 27.65 53.13
N HIS D 630 -6.51 27.61 54.44
CA HIS D 630 -5.45 27.60 55.45
C HIS D 630 -4.46 26.43 55.37
N LYS D 631 -4.97 25.20 55.25
CA LYS D 631 -4.08 24.04 55.13
C LYS D 631 -3.15 24.16 53.91
N PHE D 632 -3.71 24.58 52.79
CA PHE D 632 -2.92 24.68 51.58
C PHE D 632 -1.78 25.71 51.72
N VAL D 633 -2.11 26.87 52.28
CA VAL D 633 -1.11 27.91 52.51
C VAL D 633 -0.08 27.41 53.51
N GLN D 634 -0.55 26.75 54.57
CA GLN D 634 0.34 26.09 55.53
C GLN D 634 1.37 25.20 54.84
N GLU D 635 0.91 24.23 54.06
CA GLU D 635 1.80 23.28 53.42
C GLU D 635 2.69 23.89 52.33
N SER D 636 2.13 24.81 51.55
CA SER D 636 2.84 25.52 50.49
C SER D 636 3.99 26.33 51.05
N ALA D 637 3.72 27.05 52.14
CA ALA D 637 4.77 27.85 52.79
C ALA D 637 5.89 26.96 53.28
N LYS D 638 5.52 25.90 54.01
CA LYS D 638 6.48 24.93 54.52
C LYS D 638 7.36 24.33 53.42
N ALA D 639 6.77 24.06 52.26
CA ALA D 639 7.50 23.38 51.19
C ALA D 639 8.39 24.33 50.37
N GLY D 640 8.32 25.63 50.66
CA GLY D 640 9.24 26.57 50.05
C GLY D 640 8.70 27.77 49.30
N ILE D 641 7.39 27.90 49.19
CA ILE D 641 6.79 29.08 48.58
C ILE D 641 6.88 30.27 49.55
N ASP D 642 7.45 31.38 49.10
CA ASP D 642 7.66 32.54 49.96
C ASP D 642 6.73 33.71 49.66
N VAL D 643 6.37 33.90 48.40
CA VAL D 643 5.50 35.00 48.01
C VAL D 643 4.22 34.41 47.44
N PHE D 644 3.08 34.94 47.87
CA PHE D 644 1.80 34.50 47.36
C PHE D 644 1.09 35.68 46.71
N ARG D 645 0.98 35.70 45.38
CA ARG D 645 0.22 36.76 44.73
C ARG D 645 -1.27 36.43 44.85
N ILE D 646 -1.98 37.14 45.71
CA ILE D 646 -3.39 36.86 45.92
C ILE D 646 -4.24 37.79 45.08
N PHE D 647 -5.21 37.20 44.38
CA PHE D 647 -6.08 37.93 43.49
C PHE D 647 -7.51 37.37 43.53
N ASP D 648 -8.48 38.23 43.23
CA ASP D 648 -9.87 37.81 43.11
C ASP D 648 -10.34 38.09 41.70
N SER D 649 -11.13 37.16 41.15
CA SER D 649 -11.59 37.26 39.77
C SER D 649 -12.46 38.50 39.51
N LEU D 650 -13.00 39.08 40.57
CA LEU D 650 -13.84 40.27 40.44
C LEU D 650 -13.33 41.46 41.27
N ASN D 651 -12.07 41.40 41.70
CA ASN D 651 -11.50 42.41 42.57
C ASN D 651 -12.35 42.66 43.81
N TRP D 652 -12.84 41.58 44.41
CA TRP D 652 -13.72 41.69 45.56
C TRP D 652 -12.94 41.43 46.83
N VAL D 653 -12.65 42.52 47.54
CA VAL D 653 -11.69 42.47 48.65
C VAL D 653 -12.12 41.50 49.75
N ASP D 654 -13.40 41.52 50.12
CA ASP D 654 -13.96 40.55 51.05
C ASP D 654 -13.48 39.10 50.81
N GLN D 655 -13.30 38.71 49.56
CA GLN D 655 -12.93 37.34 49.27
C GLN D 655 -11.41 37.12 49.27
N MET D 656 -10.66 38.16 49.61
CA MET D 656 -9.20 38.05 49.64
C MET D 656 -8.66 37.92 51.05
N LYS D 657 -9.48 38.28 52.03
CA LYS D 657 -9.11 38.27 53.45
C LYS D 657 -8.63 36.91 53.95
N VAL D 658 -9.38 35.85 53.64
CA VAL D 658 -9.06 34.52 54.15
C VAL D 658 -7.67 34.03 53.74
N ALA D 659 -7.26 34.31 52.50
CA ALA D 659 -5.93 33.92 52.04
C ALA D 659 -4.87 34.80 52.67
N ASN D 660 -5.15 36.09 52.78
CA ASN D 660 -4.23 37.03 53.40
C ASN D 660 -3.83 36.54 54.79
N GLU D 661 -4.83 36.31 55.65
CA GLU D 661 -4.58 35.90 57.03
C GLU D 661 -3.68 34.67 57.12
N ALA D 662 -3.97 33.67 56.31
CA ALA D 662 -3.16 32.46 56.21
C ALA D 662 -1.70 32.76 55.86
N VAL D 663 -1.50 33.58 54.84
CA VAL D 663 -0.17 33.97 54.41
C VAL D 663 0.55 34.72 55.55
N GLN D 664 -0.14 35.68 56.17
CA GLN D 664 0.39 36.39 57.34
C GLN D 664 0.84 35.41 58.43
N GLU D 665 -0.01 34.44 58.75
CA GLU D 665 0.31 33.42 59.74
C GLU D 665 1.58 32.64 59.40
N ALA D 666 1.78 32.36 58.10
CA ALA D 666 2.92 31.57 57.64
C ALA D 666 4.23 32.36 57.70
N GLY D 667 4.09 33.67 57.95
CA GLY D 667 5.23 34.57 58.00
C GLY D 667 5.82 34.76 56.62
N LYS D 668 4.99 34.62 55.59
CA LYS D 668 5.44 34.78 54.22
C LYS D 668 4.88 36.06 53.64
N ILE D 669 5.19 36.33 52.37
CA ILE D 669 4.84 37.60 51.71
C ILE D 669 3.50 37.50 51.02
N SER D 670 2.64 38.47 51.29
CA SER D 670 1.29 38.54 50.74
C SER D 670 1.19 39.72 49.79
N GLU D 671 0.96 39.43 48.50
CA GLU D 671 0.71 40.50 47.54
C GLU D 671 -0.78 40.65 47.29
N GLY D 672 -1.31 41.82 47.59
CA GLY D 672 -2.69 42.16 47.25
C GLY D 672 -2.75 42.57 45.80
N THR D 673 -3.66 41.95 45.05
CA THR D 673 -3.71 42.15 43.60
C THR D 673 -4.94 42.91 43.14
N ILE D 674 -4.68 43.82 42.20
CA ILE D 674 -5.69 44.54 41.49
C ILE D 674 -5.65 44.01 40.06
N CYS D 675 -6.75 43.41 39.60
CA CYS D 675 -6.84 42.99 38.20
C CYS D 675 -7.21 44.19 37.35
N TYR D 676 -6.48 44.41 36.26
CA TYR D 676 -6.76 45.56 35.40
C TYR D 676 -7.75 45.23 34.27
N THR D 677 -8.85 45.98 34.20
CA THR D 677 -9.65 46.01 32.98
C THR D 677 -9.85 47.44 32.52
N GLY D 678 -10.57 47.58 31.42
CA GLY D 678 -10.94 48.88 30.91
C GLY D 678 -9.76 49.63 30.36
N ASP D 679 -9.91 50.94 30.28
CA ASP D 679 -8.85 51.79 29.80
C ASP D 679 -8.99 53.13 30.50
N ILE D 680 -8.12 53.37 31.47
CA ILE D 680 -8.13 54.63 32.23
C ILE D 680 -7.81 55.85 31.35
N LEU D 681 -7.27 55.63 30.16
CA LEU D 681 -6.98 56.73 29.22
C LEU D 681 -8.22 57.24 28.51
N ASN D 682 -9.24 56.39 28.41
CA ASN D 682 -10.47 56.68 27.68
C ASN D 682 -11.67 56.83 28.62
N PRO D 683 -12.10 58.09 28.88
CA PRO D 683 -13.24 58.36 29.77
C PRO D 683 -14.58 57.78 29.29
N GLU D 684 -14.67 57.41 28.02
CA GLU D 684 -15.89 56.82 27.47
C GLU D 684 -15.93 55.31 27.68
N ARG D 685 -14.78 54.71 27.98
CA ARG D 685 -14.71 53.26 28.16
C ARG D 685 -15.50 52.78 29.38
N SER D 686 -15.38 53.49 30.49
CA SER D 686 -16.04 53.15 31.76
C SER D 686 -16.01 54.33 32.76
N ASN D 687 -17.13 54.58 33.42
CA ASN D 687 -17.13 55.48 34.55
C ASN D 687 -16.99 54.72 35.87
N ILE D 688 -16.68 53.42 35.78
CA ILE D 688 -16.41 52.58 36.94
C ILE D 688 -14.92 52.31 37.14
N TYR D 689 -14.26 51.78 36.11
CA TYR D 689 -12.85 51.42 36.20
C TYR D 689 -11.94 52.60 35.87
N THR D 690 -12.05 53.64 36.68
CA THR D 690 -11.28 54.87 36.54
C THR D 690 -10.07 54.79 37.44
N LEU D 691 -9.15 55.75 37.25
CA LEU D 691 -8.00 55.91 38.12
C LEU D 691 -8.39 55.90 39.60
N GLU D 692 -9.44 56.67 39.95
CA GLU D 692 -9.86 56.82 41.35
C GLU D 692 -10.35 55.50 41.94
N TYR D 693 -10.86 54.61 41.08
CA TYR D 693 -11.27 53.29 41.50
C TYR D 693 -10.06 52.47 41.90
N TYR D 694 -9.01 52.59 41.10
CA TYR D 694 -7.78 51.84 41.34
C TYR D 694 -7.07 52.34 42.59
N VAL D 695 -6.96 53.66 42.73
CA VAL D 695 -6.38 54.26 43.94
C VAL D 695 -7.10 53.80 45.22
N LYS D 696 -8.43 53.81 45.19
CA LYS D 696 -9.25 53.43 46.35
C LYS D 696 -9.04 51.97 46.71
N LEU D 697 -8.98 51.12 45.67
CA LEU D 697 -8.74 49.70 45.84
C LEU D 697 -7.34 49.42 46.40
N ALA D 698 -6.37 50.21 45.96
CA ALA D 698 -5.01 50.10 46.47
C ALA D 698 -4.99 50.46 47.97
N LYS D 699 -5.51 51.64 48.30
CA LYS D 699 -5.56 52.09 49.68
C LYS D 699 -6.28 51.09 50.56
N GLU D 700 -7.28 50.42 50.00
CA GLU D 700 -8.05 49.41 50.72
C GLU D 700 -7.23 48.14 50.99
N LEU D 701 -6.46 47.70 50.00
CA LEU D 701 -5.61 46.52 50.15
C LEU D 701 -4.45 46.78 51.10
N GLU D 702 -3.90 48.00 51.06
CA GLU D 702 -2.90 48.44 52.03
C GLU D 702 -3.52 48.35 53.42
N ARG D 703 -4.76 48.80 53.57
CA ARG D 703 -5.44 48.70 54.85
C ARG D 703 -5.54 47.24 55.33
N GLU D 704 -5.75 46.30 54.40
CA GLU D 704 -5.77 44.87 54.74
C GLU D 704 -4.42 44.29 55.15
N GLY D 705 -3.34 45.04 54.94
CA GLY D 705 -2.03 44.64 55.42
C GLY D 705 -1.26 43.70 54.51
N PHE D 706 -1.47 43.83 53.19
CA PHE D 706 -0.65 43.13 52.21
C PHE D 706 0.72 43.80 52.17
N HIS D 707 1.75 42.99 51.93
CA HIS D 707 3.12 43.47 51.96
C HIS D 707 3.52 44.12 50.64
N ILE D 708 2.80 43.78 49.57
CA ILE D 708 3.12 44.27 48.22
C ILE D 708 1.83 44.43 47.43
N LEU D 709 1.83 45.39 46.50
CA LEU D 709 0.67 45.61 45.64
C LEU D 709 0.99 45.14 44.23
N ALA D 710 0.30 44.08 43.78
CA ALA D 710 0.43 43.60 42.41
C ALA D 710 -0.62 44.23 41.51
N ILE D 711 -0.20 44.63 40.31
CA ILE D 711 -1.16 44.93 39.25
C ILE D 711 -1.10 43.77 38.28
N LYS D 712 -2.20 43.03 38.18
CA LYS D 712 -2.32 41.90 37.26
C LYS D 712 -3.11 42.32 36.03
N ASP D 713 -2.37 42.50 34.93
CA ASP D 713 -2.95 42.81 33.65
C ASP D 713 -3.04 41.51 32.83
N MET D 714 -4.13 40.78 33.06
CA MET D 714 -4.28 39.43 32.54
C MET D 714 -4.56 39.40 31.05
N ALA D 715 -5.14 40.48 30.54
CA ALA D 715 -5.52 40.55 29.12
C ALA D 715 -4.62 41.50 28.33
N GLY D 716 -3.52 41.92 28.95
CA GLY D 716 -2.57 42.85 28.33
C GLY D 716 -3.22 44.14 27.86
N LEU D 717 -4.07 44.71 28.70
CA LEU D 717 -4.86 45.88 28.37
C LEU D 717 -4.27 47.17 28.92
N LEU D 718 -3.23 47.07 29.73
CA LEU D 718 -2.55 48.24 30.29
C LEU D 718 -1.67 48.92 29.25
N LYS D 719 -2.26 49.84 28.48
CA LYS D 719 -1.56 50.65 27.48
C LYS D 719 -0.46 51.50 28.12
N PRO D 720 0.64 51.77 27.37
CA PRO D 720 1.83 52.44 27.91
C PRO D 720 1.54 53.69 28.74
N LYS D 721 0.86 54.69 28.16
CA LYS D 721 0.57 55.91 28.90
C LYS D 721 -0.30 55.62 30.14
N ALA D 722 -1.13 54.58 30.07
CA ALA D 722 -1.95 54.19 31.20
C ALA D 722 -1.10 53.62 32.33
N ALA D 723 -0.01 52.93 31.95
CA ALA D 723 0.90 52.32 32.91
C ALA D 723 1.58 53.43 33.70
N TYR D 724 2.15 54.39 32.98
CA TYR D 724 2.80 55.55 33.57
C TYR D 724 1.88 56.27 34.54
N GLU D 725 0.64 56.53 34.12
CA GLU D 725 -0.31 57.24 34.96
C GLU D 725 -0.77 56.44 36.16
N LEU D 726 -1.16 55.19 35.93
CA LEU D 726 -1.70 54.33 36.99
C LEU D 726 -0.67 54.09 38.09
N ILE D 727 0.53 53.73 37.67
CA ILE D 727 1.61 53.43 38.60
C ILE D 727 2.14 54.73 39.20
N GLY D 728 2.16 55.78 38.39
CA GLY D 728 2.43 57.13 38.88
C GLY D 728 1.51 57.51 40.03
N GLU D 729 0.21 57.36 39.82
CA GLU D 729 -0.80 57.66 40.85
C GLU D 729 -0.79 56.70 42.03
N LEU D 730 -0.38 55.45 41.81
CA LEU D 730 -0.47 54.50 42.90
C LEU D 730 0.67 54.68 43.89
N LYS D 731 1.85 55.03 43.39
CA LYS D 731 3.01 55.29 44.26
C LYS D 731 2.75 56.39 45.31
N SER D 732 1.99 57.41 44.93
CA SER D 732 1.62 58.49 45.86
C SER D 732 0.63 57.99 46.90
N ALA D 733 -0.40 57.28 46.43
CA ALA D 733 -1.52 56.85 47.24
C ALA D 733 -1.17 55.87 48.36
N VAL D 734 -0.24 54.96 48.07
CA VAL D 734 0.13 53.93 49.04
C VAL D 734 1.65 53.80 49.18
N ASP D 735 2.07 53.23 50.31
CA ASP D 735 3.49 53.09 50.60
C ASP D 735 4.07 51.73 50.18
N LEU D 736 3.19 50.80 49.87
CA LEU D 736 3.54 49.48 49.35
C LEU D 736 4.33 49.57 48.05
N PRO D 737 5.36 48.71 47.88
CA PRO D 737 6.04 48.62 46.60
C PRO D 737 5.08 47.99 45.60
N ILE D 738 5.23 48.33 44.31
CA ILE D 738 4.29 47.85 43.30
C ILE D 738 4.91 46.78 42.41
N HIS D 739 4.15 45.69 42.22
CA HIS D 739 4.59 44.55 41.44
C HIS D 739 3.70 44.39 40.19
N LEU D 740 4.25 44.71 39.02
CA LEU D 740 3.43 44.75 37.81
C LEU D 740 3.55 43.48 36.97
N HIS D 741 2.42 43.02 36.46
CA HIS D 741 2.36 41.81 35.68
C HIS D 741 1.50 42.09 34.47
N THR D 742 2.07 41.94 33.27
CA THR D 742 1.29 42.07 32.04
C THR D 742 1.50 40.87 31.10
N HIS D 743 0.70 40.81 30.04
CA HIS D 743 0.89 39.87 28.94
C HIS D 743 1.18 40.68 27.65
N ASP D 744 1.99 40.13 26.76
CA ASP D 744 2.48 40.89 25.59
C ASP D 744 1.63 40.54 24.37
N THR D 745 0.36 40.21 24.63
CA THR D 745 -0.57 39.75 23.59
C THR D 745 -0.87 40.78 22.51
N SER D 746 -0.75 42.06 22.87
CA SER D 746 -0.93 43.16 21.93
C SER D 746 0.40 43.59 21.31
N GLY D 747 1.50 43.09 21.88
CA GLY D 747 2.82 43.47 21.39
C GLY D 747 3.37 44.77 21.95
N ASN D 748 2.63 45.39 22.87
CA ASN D 748 3.07 46.61 23.54
C ASN D 748 3.62 46.35 24.96
N GLY D 749 3.86 45.07 25.28
CA GLY D 749 4.37 44.65 26.56
C GLY D 749 5.52 45.50 27.08
N LEU D 750 6.65 45.43 26.38
CA LEU D 750 7.85 46.17 26.73
C LEU D 750 7.61 47.68 26.91
N LEU D 751 6.84 48.28 26.01
CA LEU D 751 6.48 49.68 26.13
C LEU D 751 5.81 49.97 27.46
N THR D 752 4.84 49.14 27.81
CA THR D 752 4.14 49.27 29.09
C THR D 752 5.13 49.18 30.27
N TYR D 753 6.03 48.22 30.22
CA TYR D 753 7.04 48.05 31.25
C TYR D 753 7.95 49.27 31.34
N LYS D 754 8.53 49.67 30.22
CA LYS D 754 9.36 50.87 30.18
C LYS D 754 8.61 52.05 30.78
N GLN D 755 7.35 52.22 30.41
CA GLN D 755 6.54 53.32 30.95
C GLN D 755 6.24 53.17 32.43
N ALA D 756 6.11 51.92 32.89
CA ALA D 756 5.94 51.63 34.31
C ALA D 756 7.21 51.98 35.10
N ILE D 757 8.37 51.67 34.52
CA ILE D 757 9.65 51.93 35.14
C ILE D 757 9.88 53.43 35.32
N ASP D 758 9.53 54.22 34.30
CA ASP D 758 9.60 55.69 34.39
C ASP D 758 8.73 56.20 35.53
N ALA D 759 7.60 55.52 35.76
CA ALA D 759 6.66 55.90 36.80
C ALA D 759 7.11 55.47 38.19
N GLY D 760 8.11 54.59 38.25
CA GLY D 760 8.72 54.20 39.52
C GLY D 760 8.41 52.80 40.01
N VAL D 761 7.93 51.94 39.11
CA VAL D 761 7.55 50.58 39.47
C VAL D 761 8.71 49.81 40.11
N ASP D 762 8.43 49.00 41.12
CA ASP D 762 9.47 48.28 41.84
C ASP D 762 9.87 46.96 41.18
N ILE D 763 8.89 46.10 40.90
CA ILE D 763 9.16 44.77 40.39
C ILE D 763 8.30 44.55 39.18
N ILE D 764 8.87 43.93 38.14
CA ILE D 764 8.10 43.52 36.96
C ILE D 764 8.22 42.02 36.70
N ASP D 765 7.16 41.41 36.14
CA ASP D 765 7.21 40.01 35.70
C ASP D 765 7.69 39.88 34.23
N THR D 766 8.87 39.31 34.04
CA THR D 766 9.39 39.05 32.72
C THR D 766 9.56 37.56 32.49
N ALA D 767 9.95 37.21 31.26
CA ALA D 767 10.36 35.84 30.94
C ALA D 767 11.51 35.83 29.92
N VAL D 768 12.22 34.71 29.94
CA VAL D 768 13.33 34.44 29.03
C VAL D 768 12.87 34.60 27.57
N ALA D 769 13.71 35.23 26.75
CA ALA D 769 13.35 35.59 25.37
C ALA D 769 12.61 34.48 24.64
N SER D 770 13.19 33.29 24.63
CA SER D 770 12.62 32.14 23.91
C SER D 770 11.30 31.65 24.52
N MET D 771 10.97 32.11 25.73
CA MET D 771 9.69 31.80 26.36
C MET D 771 8.80 33.02 26.50
N SER D 772 9.06 34.07 25.72
CA SER D 772 8.33 35.33 25.89
C SER D 772 7.43 35.73 24.71
N GLY D 773 6.80 36.87 24.82
CA GLY D 773 6.09 37.46 23.68
C GLY D 773 4.67 36.94 23.52
N LEU D 774 3.88 37.68 22.75
CA LEU D 774 2.48 37.33 22.52
C LEU D 774 1.83 37.04 23.86
N THR D 775 1.04 35.99 23.99
CA THR D 775 0.33 35.76 25.26
C THR D 775 1.20 35.52 26.50
N SER D 776 2.52 35.50 26.37
CA SER D 776 3.43 35.38 27.50
C SER D 776 3.80 36.78 28.06
N GLN D 777 4.78 36.87 28.95
CA GLN D 777 5.21 38.18 29.42
C GLN D 777 6.27 38.73 28.48
N PRO D 778 6.56 40.04 28.58
CA PRO D 778 7.64 40.61 27.82
C PRO D 778 9.00 39.94 28.07
N SER D 779 9.84 39.96 27.03
CA SER D 779 11.19 39.46 27.06
C SER D 779 12.09 40.27 28.01
N ALA D 780 12.60 39.60 29.04
CA ALA D 780 13.58 40.21 29.93
C ALA D 780 14.81 40.63 29.12
N ASN D 781 15.28 39.73 28.25
CA ASN D 781 16.44 40.00 27.43
C ASN D 781 16.27 41.30 26.68
N SER D 782 15.08 41.49 26.09
CA SER D 782 14.80 42.69 25.32
C SER D 782 14.74 43.92 26.21
N LEU D 783 14.14 43.78 27.39
CA LEU D 783 13.96 44.92 28.28
C LEU D 783 15.32 45.42 28.79
N TYR D 784 16.18 44.48 29.16
CA TYR D 784 17.53 44.79 29.61
C TYR D 784 18.19 45.84 28.72
N TYR D 785 18.12 45.64 27.41
CA TYR D 785 18.75 46.57 26.45
C TYR D 785 17.89 47.76 26.12
N ALA D 786 16.58 47.55 26.11
CA ALA D 786 15.62 48.60 25.85
C ALA D 786 15.88 49.81 26.75
N LEU D 787 16.26 49.52 27.99
CA LEU D 787 16.50 50.54 29.00
C LEU D 787 17.86 51.24 28.89
N ASN D 788 18.78 50.72 28.09
CA ASN D 788 20.04 51.43 27.86
C ASN D 788 19.79 52.91 27.57
N GLY D 789 20.57 53.77 28.23
CA GLY D 789 20.45 55.20 28.05
C GLY D 789 19.40 55.84 28.94
N PHE D 790 18.62 54.99 29.61
CA PHE D 790 17.54 55.47 30.47
C PHE D 790 17.96 55.46 31.94
N PRO D 791 17.19 56.15 32.81
CA PRO D 791 17.52 56.37 34.21
C PRO D 791 17.61 55.12 35.09
N ARG D 792 17.00 54.02 34.66
CA ARG D 792 16.88 52.85 35.52
C ARG D 792 17.23 51.56 34.79
N HIS D 793 18.06 50.77 35.44
CA HIS D 793 18.66 49.58 34.86
C HIS D 793 17.84 48.38 35.38
N LEU D 794 17.73 47.33 34.57
CA LEU D 794 17.12 46.07 35.00
C LEU D 794 18.19 45.28 35.76
N ARG D 795 17.95 44.98 37.03
CA ARG D 795 18.91 44.21 37.82
C ARG D 795 18.87 42.73 37.46
N THR D 796 19.78 42.31 36.58
CA THR D 796 19.90 40.90 36.18
C THR D 796 21.16 40.70 35.33
N ASP D 797 21.35 39.46 34.88
CA ASP D 797 22.57 39.03 34.18
C ASP D 797 22.26 38.62 32.75
N ILE D 798 22.36 39.54 31.79
CA ILE D 798 22.00 39.21 30.39
C ILE D 798 22.74 38.02 29.81
N GLU D 799 24.04 37.92 30.07
CA GLU D 799 24.83 36.81 29.55
C GLU D 799 24.22 35.51 30.03
N GLY D 800 23.81 35.49 31.29
CA GLY D 800 23.01 34.39 31.84
C GLY D 800 21.66 34.25 31.17
N MET D 801 21.02 35.38 30.86
CA MET D 801 19.69 35.33 30.28
C MET D 801 19.73 34.82 28.85
N GLU D 802 20.76 35.22 28.12
CA GLU D 802 20.97 34.76 26.75
C GLU D 802 21.15 33.27 26.80
N SER D 803 21.95 32.83 27.77
CA SER D 803 22.27 31.42 27.90
C SER D 803 21.06 30.59 28.26
N LEU D 804 20.22 31.09 29.19
CA LEU D 804 18.99 30.38 29.51
C LEU D 804 18.09 30.34 28.29
N SER D 805 18.00 31.48 27.59
CA SER D 805 17.16 31.59 26.43
C SER D 805 17.41 30.48 25.42
N HIS D 806 18.67 30.22 25.10
CA HIS D 806 19.04 29.15 24.18
C HIS D 806 18.53 27.80 24.68
N TYR D 807 18.71 27.54 25.96
CA TYR D 807 18.27 26.30 26.53
C TYR D 807 16.76 26.15 26.32
N TRP D 808 15.98 27.13 26.74
CA TRP D 808 14.53 27.03 26.61
C TRP D 808 14.07 26.91 25.15
N SER D 809 14.79 27.58 24.26
CA SER D 809 14.52 27.46 22.83
C SER D 809 14.55 26.00 22.33
N THR D 810 15.46 25.18 22.85
CA THR D 810 15.55 23.78 22.46
C THR D 810 14.48 22.95 23.17
N VAL D 811 14.35 23.18 24.48
CA VAL D 811 13.39 22.46 25.29
C VAL D 811 11.97 22.68 24.79
N ARG D 812 11.66 23.92 24.42
CA ARG D 812 10.34 24.30 23.91
C ARG D 812 9.94 23.39 22.78
N THR D 813 10.93 22.99 22.01
CA THR D 813 10.80 22.14 20.85
C THR D 813 10.20 20.77 21.17
N TYR D 814 10.39 20.32 22.41
CA TYR D 814 9.80 19.08 22.88
C TYR D 814 8.28 19.19 23.06
N TYR D 815 7.76 20.40 22.94
CA TYR D 815 6.37 20.72 23.30
C TYR D 815 5.59 21.30 22.12
N SER D 816 6.11 21.06 20.90
CA SER D 816 5.48 21.60 19.70
C SER D 816 4.04 21.17 19.48
N ASP D 817 3.63 20.01 20.02
CA ASP D 817 2.23 19.60 19.92
C ASP D 817 1.31 20.44 20.80
N PHE D 818 1.90 21.33 21.60
CA PHE D 818 1.15 22.16 22.53
C PHE D 818 1.27 23.63 22.20
N GLU D 819 1.97 23.95 21.12
CA GLU D 819 2.09 25.34 20.67
C GLU D 819 0.72 25.96 20.42
N SER D 820 0.59 27.24 20.76
CA SER D 820 -0.62 28.01 20.48
C SER D 820 -0.66 28.26 18.99
N ASP D 821 -1.83 28.60 18.47
CA ASP D 821 -1.93 28.97 17.05
C ASP D 821 -1.44 30.40 16.80
N ILE D 822 -1.46 31.22 17.86
CA ILE D 822 -1.11 32.64 17.79
C ILE D 822 0.34 32.86 17.35
N LYS D 823 0.52 33.44 16.17
CA LYS D 823 1.89 33.79 15.76
C LYS D 823 2.13 35.30 15.57
N SER D 824 1.17 36.11 15.97
CA SER D 824 1.30 37.55 15.87
C SER D 824 0.50 38.34 16.91
N PRO D 825 0.87 39.61 17.13
CA PRO D 825 0.17 40.42 18.12
C PRO D 825 -1.25 40.73 17.67
N ASN D 826 -2.14 40.98 18.62
CA ASN D 826 -3.53 41.22 18.30
C ASN D 826 -4.05 42.43 19.07
N THR D 827 -4.32 43.53 18.38
CA THR D 827 -4.83 44.71 19.03
C THR D 827 -6.34 44.69 19.26
N GLU D 828 -7.02 43.67 18.75
CA GLU D 828 -8.49 43.55 18.97
C GLU D 828 -8.82 43.22 20.42
N ILE D 829 -7.84 42.71 21.16
CA ILE D 829 -7.98 42.50 22.61
C ILE D 829 -8.50 43.73 23.35
N TYR D 830 -8.30 44.92 22.78
CA TYR D 830 -8.78 46.16 23.40
C TYR D 830 -10.29 46.30 23.25
N GLN D 831 -10.84 45.57 22.28
CA GLN D 831 -12.28 45.56 22.08
C GLN D 831 -12.91 44.47 22.95
N HIS D 832 -12.43 43.23 22.83
CA HIS D 832 -13.05 42.11 23.55
C HIS D 832 -12.49 41.77 24.95
N GLU D 833 -11.29 42.22 25.26
CA GLU D 833 -10.69 42.03 26.60
C GLU D 833 -10.51 40.57 27.04
N MET D 834 -10.42 39.65 26.08
CA MET D 834 -10.26 38.24 26.41
C MET D 834 -8.88 37.98 27.03
N PRO D 835 -8.85 37.39 28.24
CA PRO D 835 -7.61 37.20 29.00
C PRO D 835 -6.71 36.08 28.48
N GLY D 836 -5.42 36.25 28.72
CA GLY D 836 -4.36 35.30 28.32
C GLY D 836 -4.68 34.38 27.16
N GLY D 837 -4.82 33.09 27.49
CA GLY D 837 -5.14 32.03 26.53
C GLY D 837 -6.46 32.23 25.83
N GLN D 838 -7.56 32.19 26.60
CA GLN D 838 -8.94 32.23 26.06
C GLN D 838 -9.13 32.37 24.55
N TYR D 839 -8.61 33.45 23.95
CA TYR D 839 -8.88 33.71 22.53
C TYR D 839 -8.80 32.46 21.64
N SER D 840 -7.69 31.74 21.70
CA SER D 840 -7.55 30.56 20.85
C SER D 840 -8.38 29.39 21.38
N ASN D 841 -8.32 29.15 22.70
CA ASN D 841 -9.25 28.24 23.38
C ASN D 841 -10.68 28.38 22.85
N LEU D 842 -11.20 29.60 22.94
CA LEU D 842 -12.60 29.88 22.63
C LEU D 842 -12.93 29.72 21.15
N SER D 843 -11.92 29.80 20.30
CA SER D 843 -12.09 29.58 18.88
C SER D 843 -12.35 28.10 18.59
N GLN D 844 -11.58 27.23 19.26
CA GLN D 844 -11.72 25.77 19.15
C GLN D 844 -13.13 25.33 19.55
N GLN D 845 -13.58 25.77 20.73
CA GLN D 845 -14.95 25.55 21.20
C GLN D 845 -15.96 25.94 20.12
N ALA D 846 -15.71 27.06 19.45
CA ALA D 846 -16.61 27.56 18.40
C ALA D 846 -16.60 26.66 17.17
N LYS D 847 -15.40 26.21 16.77
CA LYS D 847 -15.24 25.23 15.69
C LYS D 847 -15.87 23.90 16.10
N SER D 848 -15.56 23.46 17.32
CA SER D 848 -16.03 22.21 17.88
C SER D 848 -17.52 22.29 18.24
N LEU D 849 -18.20 23.27 17.66
CA LEU D 849 -19.64 23.46 17.84
C LEU D 849 -20.27 23.99 16.57
N GLY D 850 -19.53 23.94 15.47
CA GLY D 850 -20.02 24.40 14.17
C GLY D 850 -20.42 25.87 14.16
N LEU D 851 -19.55 26.71 14.72
CA LEU D 851 -19.74 28.16 14.72
C LEU D 851 -18.39 28.80 14.40
N GLY D 852 -17.38 27.94 14.32
CA GLY D 852 -16.01 28.31 13.95
C GLY D 852 -15.81 29.03 12.64
N GLU D 853 -16.89 29.28 11.89
CA GLU D 853 -16.82 30.23 10.78
C GLU D 853 -17.10 31.63 11.29
N ARG D 854 -18.24 31.76 11.97
CA ARG D 854 -18.73 33.05 12.46
C ARG D 854 -18.21 33.41 13.86
N PHE D 855 -16.93 33.16 14.09
CA PHE D 855 -16.24 33.59 15.31
C PHE D 855 -16.24 35.12 15.41
N ASP D 856 -16.59 35.79 14.31
CA ASP D 856 -16.75 37.25 14.30
C ASP D 856 -17.80 37.70 15.30
N GLU D 857 -18.99 37.11 15.21
CA GLU D 857 -20.10 37.46 16.10
C GLU D 857 -19.91 36.95 17.52
N VAL D 858 -19.07 35.93 17.70
CA VAL D 858 -18.67 35.46 19.03
C VAL D 858 -17.82 36.54 19.71
N LYS D 859 -16.83 37.05 18.99
CA LYS D 859 -15.97 38.12 19.47
C LYS D 859 -16.78 39.34 19.87
N ASP D 860 -17.81 39.65 19.08
CA ASP D 860 -18.65 40.80 19.33
C ASP D 860 -19.60 40.50 20.49
N MET D 861 -20.05 39.25 20.56
CA MET D 861 -20.94 38.79 21.62
C MET D 861 -20.23 38.81 22.98
N TYR D 862 -18.96 38.42 22.99
CA TYR D 862 -18.12 38.45 24.18
C TYR D 862 -18.11 39.87 24.76
N ARG D 863 -17.73 40.83 23.91
CA ARG D 863 -17.78 42.25 24.20
C ARG D 863 -19.17 42.68 24.69
N ARG D 864 -20.22 42.06 24.15
CA ARG D 864 -21.58 42.42 24.53
C ARG D 864 -22.05 41.78 25.84
N VAL D 865 -21.65 40.53 26.10
CA VAL D 865 -21.97 39.85 27.35
C VAL D 865 -21.38 40.62 28.52
N ASN D 866 -20.17 41.13 28.34
CA ASN D 866 -19.49 41.91 29.36
C ASN D 866 -20.32 43.07 29.90
N PHE D 867 -20.86 43.89 29.00
CA PHE D 867 -21.73 45.02 29.39
C PHE D 867 -23.14 44.58 29.79
N LEU D 868 -23.56 43.42 29.29
CA LEU D 868 -24.83 42.82 29.71
C LEU D 868 -24.73 42.42 31.18
N PHE D 869 -23.53 42.06 31.61
CA PHE D 869 -23.28 41.55 32.95
C PHE D 869 -22.74 42.64 33.86
N GLY D 870 -22.82 43.88 33.38
CA GLY D 870 -22.51 45.04 34.20
C GLY D 870 -21.06 45.44 34.21
N ASP D 871 -20.29 44.95 33.23
CA ASP D 871 -18.90 45.35 33.01
C ASP D 871 -17.98 44.74 34.05
N ILE D 872 -17.65 43.46 33.87
CA ILE D 872 -16.96 42.73 34.94
C ILE D 872 -15.47 42.58 34.67
N VAL D 873 -14.72 42.23 35.72
CA VAL D 873 -13.33 41.82 35.57
C VAL D 873 -13.33 40.40 34.97
N LYS D 874 -12.46 40.16 33.99
CA LYS D 874 -12.43 38.88 33.27
C LYS D 874 -11.10 38.12 33.43
N VAL D 875 -11.15 37.10 34.29
CA VAL D 875 -10.01 36.25 34.64
C VAL D 875 -10.61 34.95 35.09
N ALA D 876 -9.83 33.89 35.07
CA ALA D 876 -10.32 32.57 35.48
C ALA D 876 -10.88 32.69 36.91
N PRO D 877 -12.13 32.25 37.15
CA PRO D 877 -13.10 31.70 36.21
C PRO D 877 -14.18 32.65 35.70
N SER D 878 -14.11 33.94 36.01
CA SER D 878 -15.10 34.92 35.54
C SER D 878 -15.19 35.05 34.02
N SER D 879 -14.07 34.91 33.32
CA SER D 879 -14.06 35.00 31.85
C SER D 879 -14.66 33.77 31.16
N LYS D 880 -14.62 32.63 31.83
CA LYS D 880 -15.26 31.42 31.30
C LYS D 880 -16.76 31.69 31.26
N VAL D 881 -17.25 32.37 32.29
CA VAL D 881 -18.64 32.80 32.34
C VAL D 881 -19.00 33.64 31.12
N VAL D 882 -18.23 34.69 30.86
CA VAL D 882 -18.52 35.59 29.75
C VAL D 882 -18.42 34.82 28.43
N GLY D 883 -17.41 33.94 28.34
CA GLY D 883 -17.18 33.13 27.15
C GLY D 883 -18.31 32.15 26.88
N ASP D 884 -18.65 31.35 27.89
CA ASP D 884 -19.78 30.42 27.79
C ASP D 884 -21.07 31.11 27.34
N MET D 885 -21.36 32.29 27.86
CA MET D 885 -22.53 33.07 27.41
C MET D 885 -22.43 33.44 25.95
N ALA D 886 -21.24 33.83 25.51
CA ALA D 886 -21.02 34.32 24.15
C ALA D 886 -21.42 33.25 23.15
N LEU D 887 -20.85 32.06 23.29
CA LEU D 887 -21.24 30.90 22.49
C LEU D 887 -22.76 30.73 22.51
N TYR D 888 -23.29 30.51 23.72
CA TYR D 888 -24.68 30.16 23.93
C TYR D 888 -25.63 31.17 23.29
N MET D 889 -25.33 32.45 23.45
CA MET D 889 -26.16 33.48 22.86
C MET D 889 -26.12 33.42 21.33
N VAL D 890 -24.91 33.35 20.78
CA VAL D 890 -24.68 33.22 19.34
C VAL D 890 -25.35 31.93 18.84
N GLN D 891 -25.05 30.83 19.55
CA GLN D 891 -25.57 29.51 19.23
C GLN D 891 -27.09 29.52 19.14
N ASN D 892 -27.74 30.03 20.19
CA ASN D 892 -29.20 30.10 20.23
C ASN D 892 -29.80 31.42 19.71
N ASP D 893 -29.03 32.11 18.86
CA ASP D 893 -29.44 33.36 18.21
C ASP D 893 -30.11 34.38 19.15
N LEU D 894 -29.44 34.69 20.26
CA LEU D 894 -29.99 35.59 21.29
C LEU D 894 -29.44 37.01 21.24
N ASP D 895 -30.30 37.95 21.63
CA ASP D 895 -30.00 39.36 21.74
C ASP D 895 -29.90 39.68 23.24
N GLU D 896 -29.61 40.95 23.57
CA GLU D 896 -29.71 41.42 24.95
C GLU D 896 -31.15 41.39 25.49
N GLN D 897 -32.12 41.54 24.59
CA GLN D 897 -33.53 41.64 24.97
C GLN D 897 -34.22 40.29 24.94
N SER D 898 -33.78 39.41 24.04
CA SER D 898 -34.34 38.05 23.92
C SER D 898 -33.84 37.20 25.08
N VAL D 899 -32.76 37.62 25.69
CA VAL D 899 -32.23 36.88 26.82
C VAL D 899 -33.12 37.08 28.05
N ILE D 900 -33.83 38.21 28.11
CA ILE D 900 -34.82 38.44 29.16
C ILE D 900 -36.15 37.80 28.76
N THR D 901 -36.70 38.27 27.64
CA THR D 901 -37.93 37.77 27.07
C THR D 901 -38.00 36.24 27.08
N ASP D 902 -37.04 35.60 26.41
CA ASP D 902 -37.08 34.16 26.23
C ASP D 902 -36.50 33.38 27.41
N GLY D 903 -35.89 34.10 28.35
CA GLY D 903 -35.09 33.51 29.43
C GLY D 903 -35.67 32.37 30.22
N TYR D 904 -36.98 32.41 30.47
CA TYR D 904 -37.66 31.40 31.29
C TYR D 904 -37.69 29.98 30.73
N LYS D 905 -37.45 29.83 29.43
CA LYS D 905 -37.36 28.50 28.81
C LYS D 905 -35.95 28.16 28.31
N LEU D 906 -35.01 29.07 28.50
CA LEU D 906 -33.73 28.98 27.82
C LEU D 906 -32.74 27.91 28.30
N ASP D 907 -32.48 27.82 29.60
CA ASP D 907 -31.51 26.88 30.14
C ASP D 907 -30.06 27.35 29.90
N PHE D 908 -29.65 28.33 30.70
CA PHE D 908 -28.35 28.96 30.56
C PHE D 908 -27.23 28.04 31.03
N PRO D 909 -25.99 28.25 30.52
CA PRO D 909 -24.87 27.40 30.91
C PRO D 909 -24.66 27.43 32.40
N GLU D 910 -24.30 26.28 32.98
CA GLU D 910 -24.08 26.19 34.43
C GLU D 910 -23.18 27.30 34.98
N SER D 911 -22.20 27.74 34.18
CA SER D 911 -21.25 28.77 34.62
C SER D 911 -21.91 30.13 34.82
N VAL D 912 -22.89 30.46 33.99
CA VAL D 912 -23.56 31.74 34.18
C VAL D 912 -24.59 31.72 35.32
N VAL D 913 -25.26 30.58 35.55
CA VAL D 913 -26.15 30.50 36.71
C VAL D 913 -25.29 30.55 37.99
N SER D 914 -24.18 29.82 37.97
CA SER D 914 -23.23 29.83 39.09
C SER D 914 -22.78 31.25 39.43
N PHE D 915 -22.56 32.05 38.40
CA PHE D 915 -22.15 33.44 38.55
C PHE D 915 -23.29 34.24 39.16
N PHE D 916 -24.45 34.20 38.54
CA PHE D 916 -25.57 35.00 39.00
C PHE D 916 -26.11 34.53 40.35
N LYS D 917 -25.64 33.37 40.79
CA LYS D 917 -25.99 32.83 42.10
C LYS D 917 -25.08 33.42 43.17
N GLY D 918 -23.98 34.02 42.74
CA GLY D 918 -22.99 34.64 43.63
C GLY D 918 -21.89 33.69 44.02
N GLU D 919 -21.86 32.53 43.35
CA GLU D 919 -20.91 31.45 43.65
C GLU D 919 -19.49 31.75 43.23
N ILE D 920 -19.29 32.87 42.55
CA ILE D 920 -17.95 33.26 42.13
C ILE D 920 -17.61 34.59 42.76
N GLY D 921 -18.40 34.96 43.77
CA GLY D 921 -18.29 36.26 44.41
C GLY D 921 -19.19 37.34 43.82
N GLN D 922 -19.15 38.51 44.45
CA GLN D 922 -19.89 39.69 44.01
C GLN D 922 -19.08 40.48 43.01
N PRO D 923 -19.69 40.85 41.88
CA PRO D 923 -18.96 41.71 40.96
C PRO D 923 -19.01 43.15 41.45
N VAL D 924 -18.15 43.99 40.90
CA VAL D 924 -18.07 45.40 41.26
C VAL D 924 -19.42 46.09 41.05
N ASN D 925 -19.99 45.97 39.85
CA ASN D 925 -21.24 46.66 39.54
C ASN D 925 -22.54 45.97 39.98
N GLY D 926 -22.40 44.78 40.59
CA GLY D 926 -23.56 44.01 41.06
C GLY D 926 -24.25 43.27 39.93
N PHE D 927 -25.46 42.78 40.19
CA PHE D 927 -26.22 42.06 39.19
C PHE D 927 -27.42 42.87 38.78
N ASN D 928 -27.76 42.86 37.49
CA ASN D 928 -29.05 43.35 37.08
C ASN D 928 -30.12 42.41 37.65
N LYS D 929 -31.13 42.98 38.29
CA LYS D 929 -32.07 42.14 39.05
C LYS D 929 -32.92 41.23 38.16
N ASP D 930 -33.40 41.76 37.03
CA ASP D 930 -34.21 41.01 36.07
C ASP D 930 -33.41 39.89 35.39
N LEU D 931 -32.19 40.19 35.00
CA LEU D 931 -31.34 39.23 34.30
C LEU D 931 -30.89 38.13 35.27
N GLN D 932 -30.73 38.50 36.53
CA GLN D 932 -30.49 37.52 37.58
C GLN D 932 -31.75 36.66 37.75
N ALA D 933 -32.91 37.32 37.82
CA ALA D 933 -34.19 36.63 38.02
C ALA D 933 -34.42 35.55 36.97
N VAL D 934 -34.17 35.91 35.71
CA VAL D 934 -34.47 35.05 34.58
C VAL D 934 -33.45 33.92 34.46
N ILE D 935 -32.22 34.17 34.89
CA ILE D 935 -31.15 33.16 34.85
C ILE D 935 -31.20 32.17 36.04
N LEU D 936 -31.60 32.65 37.22
CA LEU D 936 -31.65 31.79 38.40
C LEU D 936 -32.91 30.94 38.44
N LYS D 937 -33.96 31.42 37.76
CA LYS D 937 -35.27 30.73 37.71
C LYS D 937 -35.81 30.26 39.07
N GLY D 938 -35.62 31.08 40.10
CA GLY D 938 -36.15 30.76 41.44
C GLY D 938 -35.11 30.32 42.47
N GLN D 939 -33.91 29.96 42.01
CA GLN D 939 -32.82 29.61 42.91
C GLN D 939 -32.38 30.84 43.70
N GLU D 940 -31.95 30.63 44.93
CA GLU D 940 -31.50 31.72 45.78
C GLU D 940 -30.07 32.10 45.47
N ALA D 941 -29.83 33.41 45.44
CA ALA D 941 -28.46 33.90 45.32
C ALA D 941 -27.87 34.07 46.71
N LEU D 942 -26.59 33.76 46.84
CA LEU D 942 -25.85 33.94 48.10
C LEU D 942 -25.83 35.42 48.53
N THR D 943 -25.46 35.67 49.78
CA THR D 943 -25.30 37.03 50.27
C THR D 943 -23.85 37.22 50.66
N ALA D 944 -23.42 36.41 51.62
CA ALA D 944 -22.01 36.26 52.00
C ALA D 944 -21.12 35.76 50.83
N ARG D 945 -19.81 35.84 51.02
CA ARG D 945 -18.86 35.16 50.14
C ARG D 945 -19.11 33.65 50.22
N PRO D 946 -18.85 32.91 49.13
CA PRO D 946 -19.19 31.47 49.03
C PRO D 946 -18.67 30.58 50.15
N GLY D 947 -17.44 30.86 50.61
CA GLY D 947 -16.82 30.10 51.70
C GLY D 947 -17.61 30.06 52.99
N GLU D 948 -18.22 31.19 53.36
CA GLU D 948 -19.02 31.25 54.59
C GLU D 948 -20.17 30.26 54.57
N TYR D 949 -20.53 29.78 53.39
CA TYR D 949 -21.66 28.85 53.27
C TYR D 949 -21.22 27.40 53.41
N LEU D 950 -19.91 27.19 53.27
CA LEU D 950 -19.36 25.84 53.19
C LEU D 950 -18.99 25.25 54.54
N GLU D 951 -19.44 24.01 54.75
CA GLU D 951 -19.08 23.24 55.93
C GLU D 951 -17.58 22.97 55.88
N PRO D 952 -16.90 23.08 57.03
CA PRO D 952 -15.46 22.82 57.06
C PRO D 952 -15.13 21.36 56.77
N VAL D 953 -14.01 21.16 56.07
CA VAL D 953 -13.56 19.81 55.69
C VAL D 953 -12.96 19.05 56.89
N ASP D 954 -13.40 17.80 57.05
CA ASP D 954 -12.86 16.91 58.07
C ASP D 954 -11.60 16.25 57.51
N PHE D 955 -10.45 16.80 57.86
CA PHE D 955 -9.19 16.32 57.31
C PHE D 955 -8.82 14.93 57.83
N GLU D 956 -9.41 14.51 58.94
CA GLU D 956 -9.15 13.20 59.51
C GLU D 956 -9.77 12.11 58.65
N LYS D 957 -11.06 12.26 58.36
CA LYS D 957 -11.77 11.36 57.46
C LYS D 957 -11.00 11.21 56.16
N VAL D 958 -10.43 12.30 55.67
CA VAL D 958 -9.61 12.24 54.45
C VAL D 958 -8.36 11.37 54.65
N ARG D 959 -7.65 11.58 55.77
CA ARG D 959 -6.54 10.70 56.11
C ARG D 959 -7.00 9.24 56.16
N GLU D 960 -8.13 8.99 56.81
CA GLU D 960 -8.65 7.64 56.91
C GLU D 960 -9.09 7.05 55.57
N LEU D 961 -9.53 7.91 54.65
CA LEU D 961 -9.89 7.43 53.31
C LEU D 961 -8.64 7.11 52.47
N LEU D 962 -7.68 8.02 52.43
CA LEU D 962 -6.47 7.80 51.65
C LEU D 962 -5.58 6.67 52.21
N GLU D 963 -5.42 6.60 53.53
CA GLU D 963 -4.64 5.51 54.16
C GLU D 963 -5.25 4.14 53.90
N GLU D 964 -6.57 4.08 53.91
CA GLU D 964 -7.29 2.87 53.57
C GLU D 964 -7.01 2.47 52.12
N GLU D 965 -7.03 3.45 51.21
CA GLU D 965 -6.81 3.22 49.78
C GLU D 965 -5.38 2.82 49.45
N GLN D 966 -4.42 3.70 49.79
CA GLN D 966 -3.01 3.42 49.52
C GLN D 966 -2.49 2.38 50.53
N GLN D 967 -1.22 2.00 50.41
CA GLN D 967 -0.66 0.95 51.27
C GLN D 967 -0.85 1.25 52.77
N GLY D 968 -0.62 2.52 53.14
CA GLY D 968 -0.73 3.00 54.50
C GLY D 968 -0.41 4.48 54.56
N PRO D 969 0.65 4.87 55.31
CA PRO D 969 0.99 6.27 55.65
C PRO D 969 0.90 7.31 54.51
N VAL D 970 0.04 8.29 54.74
CA VAL D 970 -0.23 9.37 53.79
C VAL D 970 0.34 10.68 54.36
N THR D 971 0.79 11.59 53.51
CA THR D 971 1.33 12.85 54.02
C THR D 971 0.27 13.94 54.10
N GLU D 972 0.62 15.04 54.76
CA GLU D 972 -0.22 16.23 54.81
C GLU D 972 -0.46 16.79 53.41
N GLN D 973 0.56 16.69 52.55
CA GLN D 973 0.45 17.17 51.17
C GLN D 973 -0.54 16.36 50.34
N ASP D 974 -0.73 15.09 50.70
CA ASP D 974 -1.69 14.23 50.02
C ASP D 974 -3.09 14.64 50.40
N ILE D 975 -3.30 14.84 51.70
CA ILE D 975 -4.60 15.23 52.24
C ILE D 975 -5.16 16.47 51.52
N ILE D 976 -4.35 17.53 51.39
CA ILE D 976 -4.82 18.75 50.79
C ILE D 976 -4.98 18.65 49.25
N SER D 977 -4.13 17.85 48.62
CA SER D 977 -4.23 17.58 47.19
C SER D 977 -5.50 16.84 46.83
N TYR D 978 -5.85 15.84 47.63
CA TYR D 978 -7.09 15.11 47.43
C TYR D 978 -8.30 16.04 47.58
N VAL D 979 -8.31 16.83 48.64
CA VAL D 979 -9.40 17.77 48.90
C VAL D 979 -9.59 18.73 47.72
N LEU D 980 -8.49 19.24 47.19
CA LEU D 980 -8.55 20.21 46.13
C LEU D 980 -8.92 19.56 44.82
N TYR D 981 -8.45 18.34 44.62
CA TYR D 981 -8.66 17.63 43.36
C TYR D 981 -8.93 16.13 43.55
N PRO D 982 -10.12 15.78 44.10
CA PRO D 982 -10.43 14.38 44.40
C PRO D 982 -10.13 13.41 43.26
N LYS D 983 -10.88 13.49 42.15
CA LYS D 983 -10.70 12.59 41.01
C LYS D 983 -9.25 12.54 40.50
N VAL D 984 -8.72 13.71 40.15
CA VAL D 984 -7.39 13.83 39.57
C VAL D 984 -6.33 13.19 40.47
N TYR D 985 -6.40 13.48 41.77
CA TYR D 985 -5.47 12.89 42.70
C TYR D 985 -5.61 11.37 42.69
N GLU D 986 -6.85 10.87 42.77
CA GLU D 986 -7.08 9.43 42.72
C GLU D 986 -6.48 8.79 41.46
N GLN D 987 -6.59 9.50 40.32
CA GLN D 987 -6.04 9.02 39.06
C GLN D 987 -4.51 9.03 39.06
N TYR D 988 -3.92 10.04 39.70
CA TYR D 988 -2.47 10.13 39.86
C TYR D 988 -1.89 8.96 40.66
N ILE D 989 -2.59 8.52 41.72
CA ILE D 989 -2.16 7.35 42.49
C ILE D 989 -2.16 6.10 41.63
N GLN D 990 -3.25 5.88 40.88
CA GLN D 990 -3.38 4.70 40.02
C GLN D 990 -2.25 4.62 39.00
N THR D 991 -1.89 5.76 38.39
CA THR D 991 -0.78 5.83 37.43
C THR D 991 0.57 5.61 38.12
N ARG D 992 0.72 6.16 39.32
CA ARG D 992 1.93 5.95 40.12
C ARG D 992 2.07 4.46 40.49
N ASN D 993 0.95 3.81 40.83
CA ASN D 993 0.94 2.38 41.13
C ASN D 993 1.34 1.52 39.94
N GLN D 994 1.02 1.99 38.75
CA GLN D 994 1.26 1.24 37.52
C GLN D 994 2.66 1.51 36.96
N TYR D 995 3.06 2.77 36.98
CA TYR D 995 4.22 3.20 36.19
C TYR D 995 5.36 3.80 37.00
N GLY D 996 5.10 4.18 38.25
CA GLY D 996 6.13 4.79 39.10
C GLY D 996 6.32 6.28 38.86
N ASN D 997 7.54 6.74 39.09
CA ASN D 997 7.84 8.16 39.00
C ASN D 997 8.18 8.57 37.58
N LEU D 998 7.16 8.93 36.82
CA LEU D 998 7.31 9.31 35.43
C LEU D 998 8.11 10.58 35.26
N SER D 999 8.09 11.44 36.27
CA SER D 999 8.76 12.73 36.19
C SER D 999 10.27 12.65 35.93
N LEU D 1000 10.87 11.47 36.12
CA LEU D 1000 12.32 11.30 35.90
C LEU D 1000 12.69 11.04 34.43
N LEU D 1001 11.70 10.70 33.61
CA LEU D 1001 11.94 10.51 32.18
C LEU D 1001 12.23 11.87 31.56
N ASP D 1002 13.09 11.87 30.56
CA ASP D 1002 13.23 13.04 29.72
C ASP D 1002 11.91 13.22 28.95
N THR D 1003 11.59 14.46 28.61
CA THR D 1003 10.31 14.78 27.97
C THR D 1003 10.03 14.04 26.64
N PRO D 1004 11.03 13.94 25.75
CA PRO D 1004 10.81 13.18 24.52
C PRO D 1004 10.39 11.73 24.78
N THR D 1005 10.99 11.08 25.77
CA THR D 1005 10.67 9.70 26.09
C THR D 1005 9.31 9.62 26.75
N PHE D 1006 9.01 10.62 27.58
CA PHE D 1006 7.72 10.71 28.24
C PHE D 1006 6.58 10.79 27.23
N PHE D 1007 6.80 11.54 26.14
CA PHE D 1007 5.76 11.80 25.13
C PHE D 1007 5.69 10.77 24.01
N PHE D 1008 6.83 10.18 23.65
CA PHE D 1008 6.94 9.35 22.45
C PHE D 1008 7.42 7.91 22.66
N GLY D 1009 7.96 7.61 23.83
CA GLY D 1009 8.54 6.29 24.08
C GLY D 1009 9.92 6.20 23.48
N MET D 1010 10.22 5.09 22.82
CA MET D 1010 11.54 4.90 22.23
C MET D 1010 11.48 4.35 20.82
N ARG D 1011 12.47 4.69 20.00
CA ARG D 1011 12.62 4.09 18.66
C ARG D 1011 13.57 2.88 18.71
N ASN D 1012 13.47 2.01 17.71
CA ASN D 1012 14.34 0.83 17.66
C ASN D 1012 15.81 1.18 17.57
N GLY D 1013 16.63 0.54 18.40
CA GLY D 1013 18.06 0.77 18.42
C GLY D 1013 18.46 1.94 19.30
N GLU D 1014 17.46 2.59 19.87
CA GLU D 1014 17.70 3.74 20.72
C GLU D 1014 18.05 3.30 22.14
N THR D 1015 18.84 4.13 22.80
CA THR D 1015 19.27 3.90 24.16
C THR D 1015 18.93 5.15 24.95
N VAL D 1016 18.27 4.96 26.09
CA VAL D 1016 17.88 6.05 26.94
C VAL D 1016 18.40 5.82 28.35
N GLU D 1017 18.97 6.88 28.92
CA GLU D 1017 19.40 6.87 30.32
C GLU D 1017 18.36 7.62 31.15
N ILE D 1018 17.95 7.00 32.25
CA ILE D 1018 17.06 7.67 33.18
C ILE D 1018 17.83 7.95 34.47
N GLU D 1019 18.01 9.22 34.80
CA GLU D 1019 18.68 9.60 36.05
C GLU D 1019 17.78 9.31 37.26
N ILE D 1020 18.09 8.23 37.96
CA ILE D 1020 17.35 7.79 39.15
C ILE D 1020 17.78 8.57 40.39
N ASP D 1021 19.06 8.93 40.43
CA ASP D 1021 19.69 9.56 41.58
C ASP D 1021 21.13 9.89 41.17
N LYS D 1022 21.79 10.71 41.99
CA LYS D 1022 23.18 11.10 41.74
C LYS D 1022 24.05 9.86 41.52
N GLY D 1023 24.59 9.73 40.31
CA GLY D 1023 25.49 8.63 39.98
C GLY D 1023 24.90 7.25 39.74
N LYS D 1024 23.60 7.10 39.99
CA LYS D 1024 22.89 5.87 39.60
C LYS D 1024 21.79 6.15 38.58
N ARG D 1025 21.91 5.51 37.42
CA ARG D 1025 21.00 5.72 36.30
C ARG D 1025 20.48 4.41 35.70
N LEU D 1026 19.27 4.46 35.14
CA LEU D 1026 18.68 3.31 34.45
C LEU D 1026 18.99 3.39 32.97
N ILE D 1027 19.72 2.39 32.47
CA ILE D 1027 20.07 2.32 31.06
C ILE D 1027 19.16 1.33 30.33
N ILE D 1028 18.33 1.86 29.44
CA ILE D 1028 17.35 1.08 28.69
C ILE D 1028 17.59 1.20 27.20
N LYS D 1029 17.72 0.06 26.54
CA LYS D 1029 17.82 -0.02 25.10
C LYS D 1029 16.61 -0.77 24.55
N LEU D 1030 15.95 -0.19 23.54
CA LEU D 1030 14.89 -0.88 22.81
C LEU D 1030 15.51 -1.55 21.60
N GLU D 1031 15.45 -2.88 21.55
CA GLU D 1031 15.99 -3.64 20.43
C GLU D 1031 14.95 -3.77 19.30
N THR D 1032 13.82 -4.40 19.59
CA THR D 1032 12.75 -4.56 18.61
C THR D 1032 11.40 -4.70 19.28
N ILE D 1033 10.35 -4.52 18.48
CA ILE D 1033 8.98 -4.84 18.84
C ILE D 1033 8.48 -5.86 17.85
N SER D 1034 7.86 -6.92 18.35
CA SER D 1034 7.38 -8.01 17.50
C SER D 1034 6.05 -7.67 16.86
N GLU D 1035 5.58 -8.61 16.04
CA GLU D 1035 4.24 -8.58 15.50
C GLU D 1035 3.24 -8.86 16.62
N PRO D 1036 1.99 -8.36 16.48
CA PRO D 1036 0.98 -8.66 17.49
C PRO D 1036 0.59 -10.12 17.41
N ASP D 1037 0.56 -10.80 18.56
CA ASP D 1037 0.12 -12.19 18.59
C ASP D 1037 -1.40 -12.27 18.41
N GLU D 1038 -1.95 -13.45 18.64
CA GLU D 1038 -3.38 -13.71 18.46
C GLU D 1038 -4.27 -12.97 19.47
N ASN D 1039 -3.65 -12.33 20.45
CA ASN D 1039 -4.37 -11.56 21.46
C ASN D 1039 -3.96 -10.08 21.46
N GLY D 1040 -3.43 -9.62 20.32
CA GLY D 1040 -2.97 -8.24 20.14
C GLY D 1040 -1.80 -7.85 21.04
N ASN D 1041 -1.04 -8.85 21.47
CA ASN D 1041 0.08 -8.63 22.37
C ASN D 1041 1.43 -8.64 21.66
N ARG D 1042 2.06 -7.48 21.57
CA ARG D 1042 3.39 -7.36 20.96
C ARG D 1042 4.46 -7.59 22.02
N THR D 1043 5.53 -8.28 21.63
CA THR D 1043 6.66 -8.50 22.52
C THR D 1043 7.73 -7.44 22.25
N ILE D 1044 8.14 -6.73 23.30
CA ILE D 1044 9.23 -5.77 23.20
C ILE D 1044 10.52 -6.35 23.78
N TYR D 1045 11.58 -6.33 22.99
CA TYR D 1045 12.86 -6.86 23.42
C TYR D 1045 13.75 -5.71 23.87
N TYR D 1046 14.02 -5.67 25.17
CA TYR D 1046 14.72 -4.58 25.83
C TYR D 1046 16.11 -4.98 26.34
N ALA D 1047 16.96 -3.98 26.61
CA ALA D 1047 18.20 -4.22 27.33
C ALA D 1047 18.32 -3.25 28.49
N MET D 1048 18.00 -3.74 29.68
CA MET D 1048 18.11 -2.95 30.90
C MET D 1048 19.39 -3.27 31.65
N ASN D 1049 20.18 -2.24 31.91
CA ASN D 1049 21.40 -2.38 32.71
C ASN D 1049 22.16 -3.66 32.41
N GLY D 1050 22.49 -3.84 31.13
CA GLY D 1050 23.28 -5.00 30.70
C GLY D 1050 22.55 -6.32 30.60
N GLN D 1051 21.31 -6.37 31.09
CA GLN D 1051 20.53 -7.61 31.06
C GLN D 1051 19.43 -7.58 30.00
N ALA D 1052 19.27 -8.71 29.31
CA ALA D 1052 18.17 -8.91 28.37
C ALA D 1052 16.84 -8.98 29.12
N ARG D 1053 15.77 -8.59 28.45
CA ARG D 1053 14.51 -8.33 29.10
C ARG D 1053 13.38 -8.24 28.08
N ARG D 1054 12.27 -8.94 28.35
CA ARG D 1054 11.10 -8.95 27.45
C ARG D 1054 9.85 -8.46 28.15
N ILE D 1055 8.96 -7.81 27.40
CA ILE D 1055 7.72 -7.24 27.94
C ILE D 1055 6.56 -7.45 26.97
N TYR D 1056 5.33 -7.43 27.50
CA TYR D 1056 4.12 -7.60 26.70
C TYR D 1056 3.21 -6.38 26.79
N ILE D 1057 2.86 -5.82 25.63
CA ILE D 1057 1.94 -4.69 25.58
C ILE D 1057 0.78 -4.99 24.61
N LYS D 1058 -0.43 -4.64 25.04
CA LYS D 1058 -1.61 -4.72 24.19
C LYS D 1058 -1.55 -3.60 23.16
N ASP D 1059 -1.68 -3.96 21.89
CA ASP D 1059 -1.77 -2.98 20.81
C ASP D 1059 -3.22 -2.52 20.67
N GLU D 1060 -3.46 -1.23 20.86
CA GLU D 1060 -4.81 -0.65 20.93
C GLU D 1060 -5.53 -0.57 19.56
N ASN D 1061 -5.30 -1.57 18.71
CA ASN D 1061 -6.11 -1.81 17.49
C ASN D 1061 -5.91 -3.20 16.87
N LYS D 1069 -22.08 -11.45 18.47
CA LYS D 1069 -23.46 -11.92 18.59
C LYS D 1069 -23.62 -12.92 19.74
N PRO D 1070 -24.65 -12.74 20.59
CA PRO D 1070 -24.98 -13.64 21.70
C PRO D 1070 -24.98 -15.15 21.35
N LYS D 1071 -24.50 -15.94 22.31
CA LYS D 1071 -24.43 -17.41 22.22
C LYS D 1071 -25.74 -18.07 22.68
N ALA D 1072 -25.72 -19.40 22.78
CA ALA D 1072 -26.84 -20.16 23.34
C ALA D 1072 -26.34 -21.31 24.22
N ASP D 1073 -27.26 -22.16 24.69
CA ASP D 1073 -26.91 -23.28 25.56
C ASP D 1073 -27.44 -24.61 25.03
N LYS D 1074 -26.57 -25.62 25.02
CA LYS D 1074 -26.93 -26.97 24.59
C LYS D 1074 -26.58 -27.97 25.69
N SER D 1075 -27.21 -27.81 26.85
CA SER D 1075 -27.01 -28.72 27.98
C SER D 1075 -28.23 -28.80 28.91
N ASN D 1076 -28.55 -27.69 29.58
CA ASN D 1076 -29.63 -27.67 30.57
C ASN D 1076 -30.93 -26.98 30.11
N PRO D 1077 -30.96 -25.63 30.08
CA PRO D 1077 -32.25 -24.95 29.88
C PRO D 1077 -32.74 -24.98 28.44
N SER D 1078 -34.06 -24.92 28.27
CA SER D 1078 -34.70 -25.02 26.96
C SER D 1078 -34.61 -23.72 26.13
N HIS D 1079 -33.42 -23.47 25.59
CA HIS D 1079 -33.22 -22.41 24.62
C HIS D 1079 -33.37 -22.99 23.21
N ILE D 1080 -33.38 -22.10 22.22
CA ILE D 1080 -33.36 -22.53 20.82
C ILE D 1080 -32.13 -21.96 20.12
N GLY D 1081 -31.11 -22.82 19.98
CA GLY D 1081 -29.88 -22.47 19.29
C GLY D 1081 -29.95 -22.82 17.81
N ALA D 1082 -29.35 -21.98 16.97
CA ALA D 1082 -29.27 -22.22 15.53
C ALA D 1082 -28.43 -23.47 15.27
N GLN D 1083 -28.90 -24.29 14.32
CA GLN D 1083 -28.30 -25.60 14.06
C GLN D 1083 -27.65 -25.73 12.68
N MET D 1084 -28.13 -24.93 11.73
CA MET D 1084 -27.43 -24.70 10.46
C MET D 1084 -27.15 -23.21 10.31
N PRO D 1085 -25.87 -22.85 10.03
CA PRO D 1085 -25.50 -21.45 9.89
C PRO D 1085 -25.95 -20.87 8.54
N GLY D 1086 -26.67 -19.75 8.58
CA GLY D 1086 -27.20 -19.14 7.37
C GLY D 1086 -27.93 -17.83 7.59
N SER D 1087 -29.03 -17.63 6.88
CA SER D 1087 -29.81 -16.40 6.96
C SER D 1087 -31.25 -16.66 7.41
N VAL D 1088 -31.84 -15.69 8.12
CA VAL D 1088 -33.23 -15.78 8.55
C VAL D 1088 -34.15 -15.28 7.43
N THR D 1089 -35.14 -16.09 7.08
CA THR D 1089 -36.08 -15.74 6.00
C THR D 1089 -37.38 -15.16 6.55
N GLU D 1090 -37.94 -15.82 7.56
CA GLU D 1090 -39.19 -15.35 8.16
C GLU D 1090 -39.25 -15.55 9.68
N VAL D 1091 -39.80 -14.55 10.35
CA VAL D 1091 -40.05 -14.59 11.79
C VAL D 1091 -41.57 -14.56 12.03
N LYS D 1092 -42.09 -15.59 12.69
CA LYS D 1092 -43.52 -15.72 12.93
C LYS D 1092 -43.94 -15.36 14.36
N VAL D 1093 -43.05 -15.64 15.31
CA VAL D 1093 -43.34 -15.44 16.73
C VAL D 1093 -42.87 -14.08 17.26
N SER D 1094 -43.77 -13.37 17.95
CA SER D 1094 -43.50 -12.04 18.49
C SER D 1094 -42.84 -12.13 19.89
N VAL D 1095 -42.83 -11.00 20.61
CA VAL D 1095 -42.27 -10.95 21.97
C VAL D 1095 -43.19 -11.65 22.97
N GLY D 1096 -44.44 -11.15 23.08
CA GLY D 1096 -45.45 -11.73 23.97
C GLY D 1096 -46.56 -12.41 23.21
N GLU D 1097 -46.49 -13.75 23.17
CA GLU D 1097 -47.42 -14.57 22.38
C GLU D 1097 -47.42 -16.01 22.91
N THR D 1098 -48.60 -16.64 22.93
CA THR D 1098 -48.73 -18.02 23.36
C THR D 1098 -48.34 -18.99 22.24
N VAL D 1099 -47.65 -20.07 22.61
CA VAL D 1099 -47.18 -21.08 21.66
C VAL D 1099 -47.41 -22.49 22.18
N LYS D 1100 -47.95 -23.36 21.32
CA LYS D 1100 -48.21 -24.75 21.67
C LYS D 1100 -47.19 -25.70 21.04
N ALA D 1101 -47.41 -27.01 21.20
CA ALA D 1101 -46.48 -28.04 20.75
C ALA D 1101 -46.26 -28.07 19.22
N ASN D 1102 -45.05 -28.43 18.81
CA ASN D 1102 -44.66 -28.58 17.39
C ASN D 1102 -44.78 -27.32 16.52
N GLN D 1103 -45.31 -26.25 17.09
CA GLN D 1103 -45.61 -25.02 16.36
C GLN D 1103 -44.38 -24.42 15.69
N PRO D 1104 -44.46 -24.13 14.37
CA PRO D 1104 -43.39 -23.40 13.70
C PRO D 1104 -43.22 -22.02 14.31
N LEU D 1105 -41.97 -21.56 14.39
CA LEU D 1105 -41.67 -20.28 15.02
C LEU D 1105 -40.79 -19.40 14.12
N LEU D 1106 -39.81 -20.02 13.49
CA LEU D 1106 -38.76 -19.31 12.77
C LEU D 1106 -38.27 -20.06 11.52
N ILE D 1107 -38.43 -19.43 10.36
CA ILE D 1107 -37.99 -20.00 9.09
C ILE D 1107 -36.60 -19.46 8.68
N THR D 1108 -35.60 -20.33 8.74
CA THR D 1108 -34.23 -19.97 8.37
C THR D 1108 -33.73 -20.82 7.20
N GLU D 1109 -32.95 -20.20 6.31
CA GLU D 1109 -32.54 -20.83 5.05
C GLU D 1109 -31.03 -20.85 4.82
N ALA D 1110 -30.53 -21.97 4.31
CA ALA D 1110 -29.15 -22.10 3.87
C ALA D 1110 -29.07 -22.13 2.33
N MET D 1111 -28.15 -22.93 1.79
CA MET D 1111 -27.96 -23.00 0.35
C MET D 1111 -29.03 -23.87 -0.31
N LYS D 1112 -29.02 -25.17 -0.02
CA LYS D 1112 -30.05 -26.09 -0.51
C LYS D 1112 -30.76 -26.71 0.69
N MET D 1113 -30.94 -25.89 1.72
CA MET D 1113 -31.44 -26.37 3.00
C MET D 1113 -32.46 -25.41 3.59
N GLU D 1114 -33.47 -25.96 4.25
CA GLU D 1114 -34.54 -25.16 4.84
C GLU D 1114 -34.98 -25.80 6.17
N THR D 1115 -34.56 -25.19 7.27
CA THR D 1115 -34.98 -25.63 8.60
C THR D 1115 -36.01 -24.66 9.21
N THR D 1116 -37.28 -25.06 9.17
CA THR D 1116 -38.34 -24.32 9.85
C THR D 1116 -38.39 -24.78 11.30
N ILE D 1117 -38.00 -23.87 12.21
CA ILE D 1117 -37.88 -24.19 13.63
C ILE D 1117 -39.25 -24.38 14.33
N GLN D 1118 -39.42 -25.57 14.92
CA GLN D 1118 -40.66 -25.97 15.59
C GLN D 1118 -40.65 -25.62 17.08
N ALA D 1119 -41.66 -26.10 17.79
CA ALA D 1119 -41.76 -25.93 19.24
C ALA D 1119 -41.52 -27.26 19.97
N PRO D 1120 -40.43 -27.32 20.77
CA PRO D 1120 -40.10 -28.52 21.57
C PRO D 1120 -40.97 -28.68 22.82
N PHE D 1121 -41.45 -27.57 23.36
CA PHE D 1121 -42.28 -27.59 24.57
C PHE D 1121 -43.68 -27.01 24.31
N ASP D 1122 -44.22 -26.29 25.30
CA ASP D 1122 -45.57 -25.75 25.24
C ASP D 1122 -45.66 -24.60 26.26
N GLY D 1123 -45.45 -23.37 25.79
CA GLY D 1123 -45.43 -22.21 26.68
C GLY D 1123 -45.45 -20.84 26.03
N VAL D 1124 -44.87 -19.86 26.74
CA VAL D 1124 -44.89 -18.45 26.33
C VAL D 1124 -43.48 -17.95 25.98
N ILE D 1125 -43.39 -17.15 24.91
CA ILE D 1125 -42.12 -16.65 24.39
C ILE D 1125 -41.52 -15.57 25.31
N LYS D 1126 -40.22 -15.68 25.57
CA LYS D 1126 -39.50 -14.71 26.38
C LYS D 1126 -38.82 -13.65 25.49
N GLN D 1127 -38.14 -14.09 24.44
CA GLN D 1127 -37.50 -13.15 23.50
C GLN D 1127 -37.26 -13.70 22.08
N VAL D 1128 -37.06 -12.76 21.15
CA VAL D 1128 -36.67 -13.05 19.76
C VAL D 1128 -35.33 -12.36 19.52
N THR D 1129 -34.35 -13.13 19.04
CA THR D 1129 -32.98 -12.61 18.90
C THR D 1129 -32.56 -12.34 17.45
N VAL D 1130 -33.49 -12.53 16.51
CA VAL D 1130 -33.24 -12.26 15.09
C VAL D 1130 -34.44 -11.61 14.40
N ASN D 1131 -34.17 -10.59 13.58
CA ASN D 1131 -35.19 -9.93 12.77
C ASN D 1131 -35.35 -10.61 11.40
N ASN D 1132 -35.52 -9.80 10.35
CA ASN D 1132 -35.64 -10.30 8.99
C ASN D 1132 -34.37 -10.09 8.17
N GLY D 1133 -33.74 -11.19 7.77
CA GLY D 1133 -32.51 -11.14 6.96
C GLY D 1133 -31.23 -11.18 7.77
N ASP D 1134 -31.35 -11.48 9.07
CA ASP D 1134 -30.21 -11.52 9.97
C ASP D 1134 -29.39 -12.80 9.79
N THR D 1135 -28.06 -12.67 9.88
CA THR D 1135 -27.15 -13.80 9.71
C THR D 1135 -26.86 -14.53 11.03
N ILE D 1136 -27.01 -15.86 11.00
CA ILE D 1136 -26.82 -16.71 12.19
C ILE D 1136 -25.69 -17.72 12.04
N ALA D 1137 -25.02 -18.01 13.15
CA ALA D 1137 -24.00 -19.05 13.24
C ALA D 1137 -24.56 -20.24 14.02
N THR D 1138 -23.79 -21.34 14.08
CA THR D 1138 -24.21 -22.52 14.82
C THR D 1138 -23.98 -22.31 16.31
N GLY D 1139 -25.03 -22.53 17.10
CA GLY D 1139 -24.99 -22.29 18.54
C GLY D 1139 -25.28 -20.84 18.88
N ASP D 1140 -26.33 -20.30 18.28
CA ASP D 1140 -26.75 -18.91 18.49
C ASP D 1140 -28.16 -18.84 19.08
N LEU D 1141 -28.35 -17.96 20.05
CA LEU D 1141 -29.65 -17.77 20.69
C LEU D 1141 -30.66 -17.16 19.73
N LEU D 1142 -31.87 -17.71 19.74
CA LEU D 1142 -32.96 -17.24 18.89
C LEU D 1142 -34.21 -17.00 19.74
N ILE D 1143 -34.68 -18.06 20.38
CA ILE D 1143 -35.78 -17.98 21.36
C ILE D 1143 -35.36 -18.67 22.67
N GLU D 1144 -35.70 -18.05 23.80
CA GLU D 1144 -35.56 -18.73 25.10
C GLU D 1144 -36.94 -19.03 25.68
N ILE D 1145 -37.13 -20.25 26.16
CA ILE D 1145 -38.47 -20.75 26.52
C ILE D 1145 -38.52 -21.58 27.81
N GLU D 1146 -39.57 -21.32 28.60
CA GLU D 1146 -39.95 -22.19 29.71
C GLU D 1146 -41.19 -22.99 29.31
C11 BTI E . 17.48 -18.64 -1.37
O11 BTI E . 18.42 -17.92 -1.68
C10 BTI E . 17.48 -19.35 -0.04
C9 BTI E . 18.52 -20.47 -0.04
C8 BTI E . 17.85 -21.82 0.12
C7 BTI E . 18.83 -22.97 -0.14
C2 BTI E . 18.07 -24.23 -0.51
S1 BTI E . 19.05 -25.69 -0.24
C6 BTI E . 18.06 -26.63 -1.35
C5 BTI E . 17.64 -25.71 -2.48
N3 BTI E . 18.77 -25.69 -3.42
C3 BTI E . 19.32 -24.48 -3.50
O3 BTI E . 20.40 -24.18 -4.20
N2 BTI E . 18.67 -23.62 -2.74
C4 BTI E . 17.61 -24.27 -1.97
MN MN F . 14.69 45.93 5.62
C11 BTI G . 8.27 20.03 -10.55
O11 BTI G . 9.29 20.61 -10.92
C10 BTI G . 6.94 20.31 -11.21
C9 BTI G . 7.03 21.55 -12.10
C8 BTI G . 6.70 22.79 -11.29
C7 BTI G . 7.50 23.97 -11.81
C2 BTI G . 7.26 25.18 -10.90
S1 BTI G . 6.92 26.60 -11.89
C6 BTI G . 7.59 27.74 -10.72
C5 BTI G . 8.56 27.02 -9.80
N3 BTI G . 9.91 27.28 -10.29
C3 BTI G . 10.49 26.17 -10.74
O3 BTI G . 11.71 26.09 -11.24
N2 BTI G . 9.67 25.14 -10.63
C4 BTI G . 8.43 25.49 -9.97
MN MN H . 8.57 -45.70 -16.10
C11 BTI I . -1.97 5.67 26.19
O11 BTI I . -2.94 5.09 26.65
C10 BTI I . -0.58 5.25 26.62
C9 BTI I . -0.44 5.32 28.14
C8 BTI I . 0.38 6.52 28.58
C7 BTI I . -0.18 7.19 29.83
C2 BTI I . 0.31 8.63 29.91
S1 BTI I . 0.87 9.03 31.55
C6 BTI I . 0.75 10.76 31.26
C5 BTI I . -0.38 10.99 30.26
N3 BTI I . -1.57 11.26 31.07
C3 BTI I . -2.45 10.28 30.96
O3 BTI I . -3.62 10.26 31.58
N2 BTI I . -2.01 9.33 30.17
C4 BTI I . -0.73 9.69 29.56
PB ADP J . -49.74 32.40 -27.75
O1B ADP J . -48.99 33.63 -27.29
O2B ADP J . -50.26 31.54 -26.61
O3B ADP J . -49.07 31.64 -28.88
PA ADP J . -51.98 32.23 -29.48
O1A ADP J . -51.16 32.15 -30.75
O2A ADP J . -53.35 32.87 -29.51
O3A ADP J . -51.10 33.01 -28.39
O5' ADP J . -52.18 30.75 -28.85
C5' ADP J . -51.60 29.60 -29.45
C4' ADP J . -52.66 28.64 -30.00
O4' ADP J . -53.92 28.73 -29.31
C3' ADP J . -52.99 28.92 -31.46
O3' ADP J . -52.04 28.29 -32.31
C2' ADP J . -54.38 28.32 -31.60
O2' ADP J . -54.33 26.94 -31.97
C1' ADP J . -55.00 28.45 -30.23
N9 ADP J . -56.00 29.55 -30.24
C8 ADP J . -55.79 30.82 -29.81
N7 ADP J . -56.90 31.58 -29.96
C5 ADP J . -57.86 30.81 -30.51
C6 ADP J . -59.27 30.98 -30.92
N6 ADP J . -59.89 32.19 -30.80
N1 ADP J . -59.92 29.91 -31.45
C2 ADP J . -59.32 28.72 -31.59
N3 ADP J . -58.04 28.48 -31.23
C4 ADP J . -57.26 29.46 -30.68
MN MN K . -24.66 -39.44 -13.70
C11 BTI L . -28.13 -25.83 -6.38
O11 BTI L . -29.13 -25.16 -6.57
C10 BTI L . -27.64 -26.79 -7.44
C9 BTI L . -28.22 -28.17 -7.20
C8 BTI L . -27.25 -29.01 -6.37
C7 BTI L . -27.87 -30.32 -5.92
C2 BTI L . -27.67 -31.40 -6.98
S1 BTI L . -29.21 -31.93 -7.63
C6 BTI L . -28.52 -33.44 -8.25
C5 BTI L . -27.36 -33.85 -7.34
N3 BTI L . -27.92 -34.76 -6.35
C3 BTI L . -27.89 -34.24 -5.15
O3 BTI L . -28.26 -34.88 -4.05
N2 BTI L . -27.43 -33.01 -5.17
C4 BTI L . -26.92 -32.65 -6.49
MN MN M . -0.90 36.10 34.06
#